data_9C4M
#
_entry.id   9C4M
#
_cell.length_a   103.157
_cell.length_b   126.992
_cell.length_c   127.381
_cell.angle_alpha   90.00
_cell.angle_beta   102.96
_cell.angle_gamma   90.00
#
_symmetry.space_group_name_H-M   'P 1 21 1'
#
loop_
_entity.id
_entity.type
_entity.pdbx_description
1 polymer "Inosine-5'-monophosphate dehydrogenase"
2 non-polymer 'INOSINIC ACID'
3 non-polymer N-[4-chloro-3-(morpholin-4-yl)phenyl]-N~2~-[3-(hydroxymethyl)quinolin-6-yl]-L-alaninamide
4 water water
#
_entity_poly.entity_id   1
_entity_poly.type   'polypeptide(L)'
_entity_poly.pdbx_seq_one_letter_code
;MHHHHHHGENLYFQGSMLTIVQEALTFDDVLLLPAYSTVLPKDVSLKTRLTRGIYLNIPLVSAAMDTVTESRMAIAMAQN
GGIGILHKNMDIAAQAAEVRRVKKFEAGKAESYPNSCKDDLGRLRVGAAVGTGADTPSRVEALVEAGVDVIVVDTAHGHS
AGVIERVRWVKQNFPQVQVIGGNIATGDAALALLDAGADAVKVGIGPGSICTTRIVAGIGMPQISAIDSVASALKDQIPL
IADGGIRFSGDMAKAIGAGASTIMVGSLLAGTEEAPGEVEFFQGRYYKAYRGMGSLGAMAGATGSADRYFQDSKAGAEKL
VPEGIEGRVPYKGPMGNIVHQMMGGLRSSMGYTGSAVIEDLRQNAKFVKITSAGMSESHVHDVTITKEAPNYRVG
;
_entity_poly.pdbx_strand_id   A,B,C,D,E,F,G,H
#
# COMPACT_ATOMS: atom_id res chain seq x y z
N MET A 17 -20.38 30.09 -27.83
CA MET A 17 -18.94 29.98 -27.57
C MET A 17 -18.65 30.01 -26.06
N LEU A 18 -17.63 29.25 -25.63
CA LEU A 18 -17.20 29.09 -24.23
C LEU A 18 -16.57 30.33 -23.67
N THR A 19 -17.09 30.80 -22.53
CA THR A 19 -16.57 31.99 -21.87
C THR A 19 -15.62 31.60 -20.75
N ILE A 20 -14.30 31.61 -21.03
CA ILE A 20 -13.27 31.38 -20.02
C ILE A 20 -12.76 32.78 -19.67
N VAL A 21 -13.15 33.26 -18.48
CA VAL A 21 -12.81 34.60 -17.96
C VAL A 21 -11.27 34.76 -17.77
N GLN A 22 -10.62 33.69 -17.24
CA GLN A 22 -9.19 33.66 -16.97
C GLN A 22 -8.73 32.26 -16.59
N GLU A 23 -7.40 32.08 -16.47
CA GLU A 23 -6.82 30.89 -15.91
C GLU A 23 -6.64 31.31 -14.43
N ALA A 24 -7.45 30.69 -13.54
CA ALA A 24 -7.46 31.05 -12.13
C ALA A 24 -6.46 30.25 -11.32
N LEU A 25 -5.79 30.95 -10.36
CA LEU A 25 -4.72 30.40 -9.54
C LEU A 25 -5.07 30.18 -8.10
N THR A 26 -4.52 29.10 -7.55
CA THR A 26 -4.63 28.73 -6.15
C THR A 26 -3.27 28.94 -5.49
N PHE A 27 -3.17 28.70 -4.16
CA PHE A 27 -1.93 28.86 -3.38
C PHE A 27 -0.74 28.12 -3.97
N ASP A 28 -0.92 26.84 -4.35
CA ASP A 28 0.14 25.98 -4.91
C ASP A 28 0.63 26.38 -6.29
N ASP A 29 -0.09 27.26 -6.98
CA ASP A 29 0.29 27.75 -8.31
C ASP A 29 1.33 28.83 -8.28
N VAL A 30 1.52 29.47 -7.12
CA VAL A 30 2.39 30.63 -6.97
C VAL A 30 3.40 30.51 -5.84
N LEU A 31 4.46 31.31 -5.93
CA LEU A 31 5.45 31.48 -4.90
C LEU A 31 5.75 32.97 -4.80
N LEU A 32 5.94 33.47 -3.57
CA LEU A 32 6.33 34.85 -3.35
C LEU A 32 7.82 34.94 -3.61
N LEU A 33 8.25 36.05 -4.19
CA LEU A 33 9.67 36.24 -4.47
C LEU A 33 10.37 36.97 -3.34
N PRO A 34 11.61 36.59 -2.97
CA PRO A 34 12.34 37.40 -1.96
C PRO A 34 12.74 38.76 -2.58
N ALA A 35 12.78 39.81 -1.76
CA ALA A 35 13.07 41.18 -2.17
C ALA A 35 14.09 41.80 -1.21
N TYR A 36 14.61 43.01 -1.56
CA TYR A 36 15.56 43.71 -0.69
C TYR A 36 14.90 43.95 0.68
N SER A 37 15.60 43.57 1.74
CA SER A 37 15.05 43.60 3.08
C SER A 37 15.98 44.18 4.15
N THR A 38 15.43 45.05 5.00
CA THR A 38 16.13 45.65 6.14
C THR A 38 15.38 45.28 7.43
N VAL A 39 14.43 44.34 7.34
CA VAL A 39 13.64 43.94 8.49
C VAL A 39 13.84 42.45 8.80
N LEU A 40 14.01 42.14 10.09
CA LEU A 40 14.16 40.77 10.54
C LEU A 40 12.77 40.26 10.92
N PRO A 41 12.48 38.94 10.73
CA PRO A 41 11.16 38.41 11.10
C PRO A 41 10.63 38.74 12.51
N LYS A 42 11.53 38.80 13.52
CA LYS A 42 11.15 39.12 14.90
C LYS A 42 10.55 40.51 15.08
N ASP A 43 10.92 41.46 14.22
CA ASP A 43 10.52 42.88 14.31
C ASP A 43 9.35 43.29 13.45
N VAL A 44 8.83 42.41 12.59
CA VAL A 44 7.71 42.85 11.73
C VAL A 44 6.39 43.06 12.55
N SER A 45 5.50 43.92 12.03
CA SER A 45 4.21 44.20 12.64
C SER A 45 3.16 43.37 11.91
N LEU A 46 2.41 42.57 12.67
CA LEU A 46 1.34 41.73 12.13
C LEU A 46 -0.05 42.39 12.22
N LYS A 47 -0.09 43.65 12.71
CA LYS A 47 -1.33 44.42 12.89
C LYS A 47 -1.99 44.65 11.54
N THR A 48 -3.32 44.48 11.49
CA THR A 48 -4.11 44.61 10.26
C THR A 48 -5.54 45.04 10.60
N ARG A 49 -6.40 45.21 9.57
CA ARG A 49 -7.80 45.53 9.81
C ARG A 49 -8.71 44.41 9.40
N LEU A 50 -9.67 44.05 10.29
CA LEU A 50 -10.69 43.05 10.04
C LEU A 50 -11.78 43.67 9.14
N THR A 51 -12.26 44.86 9.54
CA THR A 51 -13.28 45.67 8.86
C THR A 51 -12.70 47.08 8.78
N ARG A 52 -13.40 48.06 8.18
N ARG A 52 -13.45 48.04 8.20
CA ARG A 52 -12.83 49.41 8.15
CA ARG A 52 -13.00 49.44 8.10
C ARG A 52 -12.73 50.03 9.56
C ARG A 52 -12.84 50.08 9.50
N GLY A 53 -13.62 49.62 10.48
CA GLY A 53 -13.59 50.10 11.86
C GLY A 53 -12.85 49.23 12.88
N ILE A 54 -12.70 47.90 12.62
CA ILE A 54 -12.04 46.99 13.57
C ILE A 54 -10.63 46.60 13.12
N TYR A 55 -9.65 46.80 14.01
CA TYR A 55 -8.26 46.42 13.76
C TYR A 55 -7.92 45.21 14.64
N LEU A 56 -7.11 44.29 14.10
CA LEU A 56 -6.59 43.11 14.78
C LEU A 56 -5.08 43.25 14.98
N ASN A 57 -4.51 42.51 15.95
CA ASN A 57 -3.05 42.50 16.17
C ASN A 57 -2.34 41.40 15.38
N ILE A 58 -3.11 40.39 14.92
CA ILE A 58 -2.64 39.30 14.06
C ILE A 58 -3.70 39.10 12.92
N PRO A 59 -3.33 38.77 11.65
CA PRO A 59 -4.37 38.64 10.61
C PRO A 59 -5.14 37.32 10.62
N LEU A 60 -5.40 36.76 11.80
CA LEU A 60 -6.06 35.48 11.92
C LEU A 60 -7.45 35.59 12.49
N VAL A 61 -8.40 34.89 11.84
CA VAL A 61 -9.82 34.83 12.21
C VAL A 61 -10.22 33.34 12.26
N SER A 62 -10.91 32.91 13.33
CA SER A 62 -11.35 31.53 13.41
C SER A 62 -12.73 31.38 12.77
N ALA A 63 -12.91 30.30 11.99
CA ALA A 63 -14.13 30.01 11.24
C ALA A 63 -15.40 29.86 12.07
N ALA A 64 -16.53 30.32 11.51
CA ALA A 64 -17.85 30.23 12.14
C ALA A 64 -18.39 28.80 11.89
N MET A 65 -17.80 27.82 12.61
CA MET A 65 -18.10 26.39 12.48
C MET A 65 -18.30 25.77 13.85
N ASP A 66 -19.31 24.88 13.98
CA ASP A 66 -19.65 24.22 15.26
C ASP A 66 -18.56 23.27 15.77
N THR A 67 -17.47 23.07 15.01
CA THR A 67 -16.32 22.26 15.41
C THR A 67 -15.03 23.14 15.49
N VAL A 68 -15.19 24.47 15.36
CA VAL A 68 -14.06 25.43 15.40
C VAL A 68 -14.28 26.54 16.43
N THR A 69 -15.38 27.33 16.34
CA THR A 69 -15.54 28.48 17.21
C THR A 69 -16.84 28.60 18.02
N GLU A 70 -16.65 28.56 19.33
CA GLU A 70 -17.63 28.85 20.37
C GLU A 70 -16.87 29.79 21.30
N SER A 71 -17.45 30.24 22.42
CA SER A 71 -16.84 31.22 23.33
C SER A 71 -15.38 30.91 23.73
N ARG A 72 -15.07 29.63 23.99
CA ARG A 72 -13.72 29.22 24.38
C ARG A 72 -12.65 29.58 23.33
N MET A 73 -12.93 29.29 22.03
CA MET A 73 -12.05 29.59 20.92
C MET A 73 -12.01 31.08 20.70
N ALA A 74 -13.18 31.77 20.74
CA ALA A 74 -13.25 33.21 20.54
C ALA A 74 -12.41 33.99 21.56
N ILE A 75 -12.38 33.52 22.83
CA ILE A 75 -11.58 34.13 23.91
C ILE A 75 -10.09 33.97 23.60
N ALA A 76 -9.65 32.74 23.30
CA ALA A 76 -8.28 32.41 22.94
C ALA A 76 -7.83 33.18 21.68
N MET A 77 -8.72 33.30 20.67
CA MET A 77 -8.44 34.06 19.44
C MET A 77 -8.17 35.54 19.74
N ALA A 78 -9.08 36.18 20.51
CA ALA A 78 -8.96 37.58 20.92
C ALA A 78 -7.73 37.85 21.81
N GLN A 79 -7.39 36.91 22.72
CA GLN A 79 -6.21 37.03 23.59
C GLN A 79 -4.89 37.03 22.81
N ASN A 80 -4.88 36.29 21.68
CA ASN A 80 -3.73 36.14 20.77
C ASN A 80 -3.62 37.29 19.75
N GLY A 81 -4.60 38.19 19.72
CA GLY A 81 -4.58 39.33 18.82
C GLY A 81 -5.57 39.30 17.69
N GLY A 82 -6.20 38.14 17.50
CA GLY A 82 -7.15 37.92 16.43
C GLY A 82 -8.58 38.04 16.89
N ILE A 83 -9.49 37.37 16.18
CA ILE A 83 -10.92 37.39 16.49
C ILE A 83 -11.54 36.05 16.14
N GLY A 84 -12.55 35.67 16.91
CA GLY A 84 -13.33 34.49 16.66
C GLY A 84 -14.68 34.88 16.13
N ILE A 85 -15.22 34.10 15.18
CA ILE A 85 -16.56 34.32 14.66
C ILE A 85 -17.42 33.14 15.18
N LEU A 86 -18.28 33.41 16.17
CA LEU A 86 -19.15 32.39 16.75
C LEU A 86 -20.11 31.84 15.69
N HIS A 87 -20.22 30.51 15.62
CA HIS A 87 -21.10 29.85 14.66
C HIS A 87 -22.59 30.13 14.96
N LYS A 88 -23.44 30.02 13.92
CA LYS A 88 -24.87 30.28 14.00
C LYS A 88 -25.71 28.99 14.14
N ASN A 89 -25.06 27.81 14.34
CA ASN A 89 -25.76 26.54 14.52
C ASN A 89 -26.13 26.33 16.01
N MET A 90 -26.79 27.33 16.55
CA MET A 90 -27.27 27.43 17.92
C MET A 90 -28.38 28.45 17.95
N ASP A 91 -29.31 28.30 18.89
CA ASP A 91 -30.44 29.22 19.00
C ASP A 91 -29.98 30.63 19.44
N ILE A 92 -30.76 31.65 19.06
CA ILE A 92 -30.47 33.07 19.34
C ILE A 92 -29.98 33.31 20.78
N ALA A 93 -30.67 32.73 21.78
CA ALA A 93 -30.29 32.89 23.18
C ALA A 93 -28.93 32.29 23.51
N ALA A 94 -28.64 31.07 22.97
CA ALA A 94 -27.37 30.38 23.17
C ALA A 94 -26.22 31.20 22.59
N GLN A 95 -26.44 31.77 21.37
CA GLN A 95 -25.44 32.58 20.68
C GLN A 95 -25.16 33.89 21.40
N ALA A 96 -26.22 34.58 21.90
CA ALA A 96 -26.11 35.83 22.66
C ALA A 96 -25.35 35.60 23.98
N ALA A 97 -25.58 34.42 24.60
CA ALA A 97 -24.91 34.01 25.83
C ALA A 97 -23.41 33.82 25.58
N GLU A 98 -23.05 33.34 24.37
CA GLU A 98 -21.66 33.12 23.93
C GLU A 98 -20.94 34.45 23.72
N VAL A 99 -21.61 35.45 23.12
CA VAL A 99 -21.06 36.80 22.90
C VAL A 99 -20.74 37.43 24.27
N ARG A 100 -21.71 37.37 25.23
CA ARG A 100 -21.60 37.91 26.59
C ARG A 100 -20.44 37.30 27.33
N ARG A 101 -20.25 35.97 27.18
CA ARG A 101 -19.19 35.18 27.81
C ARG A 101 -17.81 35.68 27.46
N VAL A 102 -17.61 36.15 26.20
CA VAL A 102 -16.34 36.69 25.69
C VAL A 102 -16.19 38.15 26.13
N LYS A 103 -17.26 38.94 25.95
CA LYS A 103 -17.28 40.36 26.32
C LYS A 103 -17.07 40.59 27.82
N LYS A 104 -17.57 39.66 28.68
CA LYS A 104 -17.42 39.77 30.14
C LYS A 104 -16.17 39.05 30.68
N PHE A 105 -15.44 38.33 29.81
CA PHE A 105 -14.25 37.60 30.21
C PHE A 105 -13.15 38.51 30.76
N GLU A 106 -12.62 38.13 31.94
CA GLU A 106 -11.52 38.78 32.64
C GLU A 106 -10.48 37.73 33.00
N ALA A 107 -9.20 38.00 32.70
CA ALA A 107 -8.07 37.09 32.97
C ALA A 107 -7.52 37.28 34.42
N GLY A 108 -6.63 36.38 34.85
CA GLY A 108 -6.02 36.39 36.18
C GLY A 108 -5.04 37.53 36.40
N TYR A 113 -1.55 38.47 28.43
CA TYR A 113 -1.87 38.59 27.01
C TYR A 113 -1.78 40.07 26.58
N PRO A 114 -0.55 40.55 26.25
CA PRO A 114 -0.41 41.99 25.89
C PRO A 114 -0.90 42.33 24.49
N ASN A 115 -0.94 41.33 23.59
CA ASN A 115 -1.39 41.51 22.22
C ASN A 115 -2.89 41.33 22.04
N SER A 116 -3.67 41.29 23.15
CA SER A 116 -5.11 41.13 23.16
C SER A 116 -5.81 42.11 22.22
N CYS A 117 -6.79 41.60 21.48
CA CYS A 117 -7.60 42.40 20.58
C CYS A 117 -8.87 42.78 21.37
N LYS A 118 -8.96 44.05 21.77
CA LYS A 118 -10.03 44.59 22.61
C LYS A 118 -10.74 45.78 22.00
N ASP A 119 -11.98 46.04 22.45
CA ASP A 119 -12.77 47.21 22.04
C ASP A 119 -12.36 48.47 22.85
N ASP A 120 -13.09 49.58 22.66
CA ASP A 120 -12.86 50.85 23.36
C ASP A 120 -13.00 50.76 24.88
N LEU A 121 -13.82 49.82 25.36
CA LEU A 121 -14.11 49.53 26.75
C LEU A 121 -13.11 48.53 27.38
N GLY A 122 -12.10 48.11 26.62
CA GLY A 122 -11.10 47.15 27.06
C GLY A 122 -11.57 45.71 27.14
N ARG A 123 -12.71 45.38 26.50
CA ARG A 123 -13.26 44.03 26.49
C ARG A 123 -12.75 43.28 25.26
N LEU A 124 -12.61 41.94 25.37
CA LEU A 124 -12.19 41.10 24.25
C LEU A 124 -13.18 41.22 23.10
N ARG A 125 -12.68 41.35 21.87
CA ARG A 125 -13.49 41.44 20.66
C ARG A 125 -14.03 40.06 20.26
N VAL A 126 -15.22 40.04 19.66
CA VAL A 126 -15.91 38.83 19.17
C VAL A 126 -16.84 39.18 17.99
N GLY A 127 -17.03 38.20 17.11
CA GLY A 127 -17.94 38.28 15.99
C GLY A 127 -18.94 37.13 16.09
N ALA A 128 -20.05 37.24 15.36
CA ALA A 128 -21.05 36.20 15.33
C ALA A 128 -21.64 36.12 13.93
N ALA A 129 -21.89 34.87 13.48
CA ALA A 129 -22.49 34.61 12.17
C ALA A 129 -24.01 34.65 12.24
N VAL A 130 -24.63 35.15 11.16
CA VAL A 130 -26.08 35.21 10.96
C VAL A 130 -26.39 34.73 9.53
N GLY A 131 -27.59 34.23 9.31
CA GLY A 131 -28.05 33.79 7.99
C GLY A 131 -28.89 34.86 7.34
N THR A 132 -29.83 34.47 6.47
CA THR A 132 -30.74 35.43 5.81
C THR A 132 -32.23 35.10 6.14
N GLY A 133 -32.46 33.94 6.77
CA GLY A 133 -33.77 33.45 7.16
C GLY A 133 -34.55 34.33 8.12
N ALA A 134 -35.79 33.92 8.42
CA ALA A 134 -36.78 34.63 9.27
C ALA A 134 -36.27 35.06 10.64
N ASP A 135 -35.41 34.24 11.28
CA ASP A 135 -34.85 34.50 12.60
C ASP A 135 -33.75 35.59 12.64
N THR A 136 -33.19 35.99 11.47
CA THR A 136 -32.08 36.96 11.38
C THR A 136 -32.36 38.30 12.09
N PRO A 137 -33.52 39.00 11.89
CA PRO A 137 -33.72 40.28 12.62
C PRO A 137 -33.60 40.16 14.14
N SER A 138 -34.15 39.08 14.74
CA SER A 138 -34.10 38.80 16.18
C SER A 138 -32.70 38.41 16.60
N ARG A 139 -32.02 37.60 15.77
CA ARG A 139 -30.66 37.14 16.01
C ARG A 139 -29.69 38.33 16.04
N VAL A 140 -29.76 39.23 15.03
CA VAL A 140 -28.92 40.42 14.93
C VAL A 140 -29.12 41.30 16.18
N GLU A 141 -30.38 41.59 16.52
CA GLU A 141 -30.72 42.41 17.68
C GLU A 141 -30.17 41.85 19.00
N ALA A 142 -30.31 40.53 19.23
CA ALA A 142 -29.80 39.85 20.44
C ALA A 142 -28.28 39.91 20.52
N LEU A 143 -27.60 39.71 19.37
CA LEU A 143 -26.14 39.76 19.31
C LEU A 143 -25.60 41.16 19.54
N VAL A 144 -26.24 42.20 18.96
CA VAL A 144 -25.85 43.62 19.12
C VAL A 144 -26.01 44.02 20.61
N GLU A 145 -27.13 43.60 21.23
CA GLU A 145 -27.48 43.84 22.63
C GLU A 145 -26.44 43.18 23.57
N ALA A 146 -25.95 41.99 23.20
CA ALA A 146 -24.92 41.26 23.95
C ALA A 146 -23.52 41.90 23.80
N GLY A 147 -23.39 42.89 22.91
CA GLY A 147 -22.16 43.65 22.69
C GLY A 147 -21.23 43.16 21.60
N VAL A 148 -21.75 42.33 20.64
CA VAL A 148 -20.98 41.78 19.51
C VAL A 148 -20.32 42.93 18.74
N ASP A 149 -19.06 42.75 18.36
CA ASP A 149 -18.29 43.79 17.66
C ASP A 149 -18.61 43.81 16.19
N VAL A 150 -18.87 42.62 15.61
CA VAL A 150 -19.13 42.45 14.19
C VAL A 150 -20.15 41.34 13.91
N ILE A 151 -21.11 41.66 13.03
CA ILE A 151 -22.11 40.73 12.52
C ILE A 151 -21.56 40.20 11.19
N VAL A 152 -21.49 38.89 11.02
CA VAL A 152 -21.01 38.26 9.79
C VAL A 152 -22.25 37.62 9.12
N VAL A 153 -22.73 38.19 7.99
CA VAL A 153 -23.83 37.61 7.21
C VAL A 153 -23.14 36.49 6.42
N ASP A 154 -23.18 35.31 7.02
CA ASP A 154 -22.51 34.06 6.65
C ASP A 154 -23.36 33.11 5.77
N THR A 155 -22.99 33.02 4.46
CA THR A 155 -23.67 32.17 3.47
C THR A 155 -22.67 31.55 2.46
N ALA A 156 -23.17 30.58 1.67
CA ALA A 156 -22.41 29.93 0.61
C ALA A 156 -22.33 30.84 -0.64
N HIS A 157 -23.27 31.78 -0.78
CA HIS A 157 -23.38 32.65 -1.95
C HIS A 157 -23.75 34.10 -1.59
N GLY A 158 -22.72 34.89 -1.31
CA GLY A 158 -22.86 36.29 -0.94
C GLY A 158 -23.34 37.20 -2.08
N HIS A 159 -23.22 36.72 -3.33
CA HIS A 159 -23.67 37.48 -4.50
C HIS A 159 -25.20 37.26 -4.80
N SER A 160 -25.98 36.92 -3.77
CA SER A 160 -27.44 36.76 -3.90
C SER A 160 -28.13 38.01 -3.36
N ALA A 161 -29.34 38.31 -3.83
CA ALA A 161 -30.10 39.48 -3.37
C ALA A 161 -30.40 39.42 -1.87
N GLY A 162 -30.57 38.20 -1.33
CA GLY A 162 -30.85 37.99 0.08
C GLY A 162 -29.74 38.44 1.01
N VAL A 163 -28.48 38.21 0.59
CA VAL A 163 -27.29 38.58 1.35
C VAL A 163 -27.05 40.08 1.23
N ILE A 164 -27.06 40.61 0.00
CA ILE A 164 -26.88 42.03 -0.28
C ILE A 164 -27.90 42.88 0.50
N GLU A 165 -29.19 42.49 0.51
CA GLU A 165 -30.24 43.22 1.25
C GLU A 165 -30.15 43.05 2.76
N ARG A 166 -29.72 41.85 3.24
CA ARG A 166 -29.54 41.63 4.68
C ARG A 166 -28.35 42.45 5.21
N VAL A 167 -27.29 42.60 4.40
CA VAL A 167 -26.13 43.42 4.72
C VAL A 167 -26.58 44.91 4.88
N ARG A 168 -27.40 45.40 3.92
CA ARG A 168 -27.97 46.76 3.88
C ARG A 168 -28.85 47.02 5.11
N TRP A 169 -29.67 46.03 5.48
CA TRP A 169 -30.57 46.07 6.63
C TRP A 169 -29.78 46.20 7.93
N VAL A 170 -28.74 45.37 8.12
CA VAL A 170 -27.88 45.39 9.33
C VAL A 170 -27.20 46.75 9.49
N LYS A 171 -26.66 47.32 8.38
CA LYS A 171 -25.98 48.61 8.39
C LYS A 171 -26.93 49.78 8.72
N GLN A 172 -28.12 49.80 8.12
CA GLN A 172 -29.12 50.85 8.32
C GLN A 172 -29.77 50.78 9.71
N ASN A 173 -30.06 49.55 10.20
CA ASN A 173 -30.73 49.35 11.49
C ASN A 173 -29.80 49.28 12.69
N PHE A 174 -28.56 48.85 12.49
CA PHE A 174 -27.56 48.73 13.57
C PHE A 174 -26.23 49.38 13.14
N PRO A 175 -26.17 50.71 12.91
CA PRO A 175 -24.88 51.31 12.50
C PRO A 175 -23.75 51.21 13.53
N GLN A 176 -24.09 50.95 14.81
CA GLN A 176 -23.15 50.79 15.92
C GLN A 176 -22.33 49.49 15.87
N VAL A 177 -22.73 48.54 15.01
CA VAL A 177 -22.03 47.26 14.83
C VAL A 177 -21.40 47.23 13.43
N GLN A 178 -20.25 46.54 13.29
CA GLN A 178 -19.59 46.36 12.00
C GLN A 178 -20.24 45.18 11.33
N VAL A 179 -20.32 45.17 9.99
CA VAL A 179 -20.96 44.07 9.24
C VAL A 179 -20.08 43.56 8.10
N ILE A 180 -19.96 42.23 8.00
CA ILE A 180 -19.24 41.51 6.94
C ILE A 180 -20.27 40.74 6.11
N GLY A 181 -20.04 40.71 4.80
CA GLY A 181 -20.85 39.94 3.86
C GLY A 181 -20.01 38.94 3.12
N GLY A 182 -20.54 37.72 2.97
CA GLY A 182 -19.88 36.67 2.21
C GLY A 182 -20.80 35.47 1.98
N ASN A 183 -20.31 34.39 1.33
CA ASN A 183 -18.98 34.32 0.73
C ASN A 183 -19.00 34.70 -0.73
N ILE A 184 -17.90 35.35 -1.17
CA ILE A 184 -17.77 35.83 -2.56
C ILE A 184 -16.46 35.36 -3.20
N ALA A 185 -16.36 35.47 -4.52
CA ALA A 185 -15.18 35.05 -5.26
C ALA A 185 -14.87 36.01 -6.41
N THR A 186 -15.73 37.04 -6.62
CA THR A 186 -15.53 37.98 -7.75
C THR A 186 -15.57 39.43 -7.28
N GLY A 187 -15.01 40.31 -8.10
CA GLY A 187 -15.01 41.75 -7.89
C GLY A 187 -16.40 42.37 -7.97
N ASP A 188 -17.25 41.86 -8.88
CA ASP A 188 -18.65 42.31 -9.02
C ASP A 188 -19.42 42.09 -7.73
N ALA A 189 -19.21 40.92 -7.08
CA ALA A 189 -19.86 40.56 -5.84
C ALA A 189 -19.41 41.51 -4.71
N ALA A 190 -18.09 41.82 -4.65
CA ALA A 190 -17.46 42.75 -3.70
C ALA A 190 -18.07 44.15 -3.79
N LEU A 191 -18.20 44.69 -5.03
CA LEU A 191 -18.80 45.99 -5.32
C LEU A 191 -20.27 46.02 -4.88
N ALA A 192 -21.02 44.94 -5.10
CA ALA A 192 -22.42 44.85 -4.68
C ALA A 192 -22.51 44.95 -3.15
N LEU A 193 -21.66 44.20 -2.42
CA LEU A 193 -21.63 44.23 -0.96
C LEU A 193 -21.10 45.58 -0.42
N LEU A 194 -20.18 46.24 -1.14
CA LEU A 194 -19.63 47.55 -0.77
C LEU A 194 -20.76 48.60 -0.85
N ASP A 195 -21.54 48.56 -1.95
CA ASP A 195 -22.66 49.46 -2.18
C ASP A 195 -23.76 49.27 -1.14
N ALA A 196 -23.99 48.01 -0.69
CA ALA A 196 -24.95 47.66 0.35
C ALA A 196 -24.56 48.24 1.74
N GLY A 197 -23.25 48.45 1.97
CA GLY A 197 -22.74 49.04 3.21
C GLY A 197 -21.83 48.16 4.05
N ALA A 198 -21.35 47.03 3.48
CA ALA A 198 -20.46 46.09 4.19
C ALA A 198 -19.18 46.80 4.58
N ASP A 199 -18.64 46.44 5.76
CA ASP A 199 -17.43 47.02 6.33
C ASP A 199 -16.20 46.20 5.94
N ALA A 200 -16.47 45.00 5.38
CA ALA A 200 -15.50 44.02 4.91
C ALA A 200 -16.26 42.98 4.11
N VAL A 201 -15.54 42.23 3.25
CA VAL A 201 -16.13 41.14 2.48
C VAL A 201 -15.38 39.86 2.79
N LYS A 202 -16.06 38.71 2.81
CA LYS A 202 -15.41 37.43 3.05
C LYS A 202 -15.29 36.64 1.73
N VAL A 203 -14.06 36.28 1.37
CA VAL A 203 -13.73 35.66 0.08
C VAL A 203 -13.47 34.17 0.21
N GLY A 204 -14.16 33.38 -0.61
CA GLY A 204 -13.96 31.93 -0.62
C GLY A 204 -15.16 31.11 -1.07
N ILE A 205 -15.13 30.64 -2.34
CA ILE A 205 -16.13 29.77 -2.94
C ILE A 205 -15.35 28.59 -3.51
N GLY A 206 -15.36 27.48 -2.78
CA GLY A 206 -14.61 26.28 -3.19
C GLY A 206 -13.25 26.02 -2.57
N PRO A 207 -12.52 26.93 -1.83
CA PRO A 207 -11.18 26.54 -1.36
C PRO A 207 -11.13 25.68 -0.08
N GLY A 208 -12.20 25.66 0.72
CA GLY A 208 -12.27 24.93 1.99
C GLY A 208 -11.81 23.50 1.92
N SER A 209 -11.10 23.03 2.97
CA SER A 209 -10.60 21.65 3.08
C SER A 209 -11.72 20.59 3.08
N ILE A 210 -12.86 20.93 3.68
CA ILE A 210 -14.06 20.10 3.80
C ILE A 210 -15.14 20.46 2.75
N CYS A 211 -14.80 21.32 1.77
CA CYS A 211 -15.69 21.77 0.70
C CYS A 211 -15.88 20.73 -0.42
N THR A 212 -17.15 20.46 -0.79
CA THR A 212 -17.50 19.58 -1.91
C THR A 212 -18.37 20.35 -2.92
N THR A 213 -18.42 21.70 -2.81
CA THR A 213 -19.16 22.61 -3.70
C THR A 213 -18.70 22.41 -5.14
N ARG A 214 -17.37 22.29 -5.37
CA ARG A 214 -16.76 22.07 -6.68
C ARG A 214 -17.22 20.77 -7.32
N ILE A 215 -17.42 19.72 -6.51
CA ILE A 215 -17.85 18.39 -6.95
C ILE A 215 -19.38 18.38 -7.18
N VAL A 216 -20.13 18.88 -6.19
CA VAL A 216 -21.58 18.91 -6.16
C VAL A 216 -22.16 19.89 -7.20
N ALA A 217 -21.69 21.14 -7.20
CA ALA A 217 -22.21 22.19 -8.08
C ALA A 217 -21.30 22.56 -9.26
N GLY A 218 -20.04 22.13 -9.26
CA GLY A 218 -19.08 22.45 -10.30
C GLY A 218 -18.71 23.92 -10.32
N ILE A 219 -18.93 24.57 -9.16
CA ILE A 219 -18.77 25.99 -8.87
C ILE A 219 -17.52 26.18 -8.02
N GLY A 220 -16.79 27.27 -8.30
CA GLY A 220 -15.61 27.60 -7.53
C GLY A 220 -14.69 28.59 -8.18
N MET A 221 -13.76 29.11 -7.38
CA MET A 221 -12.76 30.05 -7.82
C MET A 221 -11.47 29.83 -7.05
N PRO A 222 -10.37 29.36 -7.72
CA PRO A 222 -9.07 29.21 -7.03
C PRO A 222 -8.74 30.49 -6.25
N GLN A 223 -8.39 30.30 -4.96
CA GLN A 223 -8.29 31.33 -3.94
C GLN A 223 -7.39 32.55 -4.25
N ILE A 224 -6.22 32.38 -4.87
CA ILE A 224 -5.33 33.50 -5.17
C ILE A 224 -6.01 34.48 -6.16
N SER A 225 -6.69 33.91 -7.17
CA SER A 225 -7.44 34.67 -8.18
C SER A 225 -8.71 35.30 -7.62
N ALA A 226 -9.36 34.63 -6.63
CA ALA A 226 -10.55 35.14 -5.94
C ALA A 226 -10.14 36.39 -5.15
N ILE A 227 -9.05 36.29 -4.33
CA ILE A 227 -8.51 37.40 -3.54
C ILE A 227 -8.15 38.57 -4.47
N ASP A 228 -7.45 38.27 -5.57
CA ASP A 228 -7.06 39.27 -6.56
C ASP A 228 -8.27 40.01 -7.17
N SER A 229 -9.28 39.26 -7.67
CA SER A 229 -10.49 39.80 -8.28
C SER A 229 -11.19 40.77 -7.36
N VAL A 230 -11.36 40.38 -6.09
CA VAL A 230 -12.01 41.14 -5.03
C VAL A 230 -11.20 42.38 -4.64
N ALA A 231 -9.90 42.20 -4.28
CA ALA A 231 -9.00 43.31 -3.90
C ALA A 231 -8.87 44.37 -5.01
N SER A 232 -8.79 43.94 -6.28
CA SER A 232 -8.67 44.86 -7.42
C SER A 232 -9.92 45.73 -7.61
N ALA A 233 -11.12 45.16 -7.37
CA ALA A 233 -12.37 45.89 -7.49
C ALA A 233 -12.55 46.89 -6.33
N LEU A 234 -12.23 46.45 -5.08
CA LEU A 234 -12.40 47.24 -3.85
C LEU A 234 -11.51 48.43 -3.75
N LYS A 235 -10.28 48.37 -4.29
CA LYS A 235 -9.29 49.46 -4.27
C LYS A 235 -9.10 50.01 -2.84
N ASP A 236 -9.02 49.08 -1.88
CA ASP A 236 -8.82 49.27 -0.45
C ASP A 236 -9.91 50.08 0.26
N GLN A 237 -11.12 50.18 -0.34
CA GLN A 237 -12.25 50.89 0.30
C GLN A 237 -12.70 50.15 1.56
N ILE A 238 -12.69 48.81 1.49
CA ILE A 238 -12.99 47.91 2.61
C ILE A 238 -12.02 46.71 2.55
N PRO A 239 -11.59 46.14 3.71
CA PRO A 239 -10.70 44.97 3.67
C PRO A 239 -11.45 43.68 3.30
N LEU A 240 -10.68 42.63 2.94
CA LEU A 240 -11.23 41.32 2.62
C LEU A 240 -10.65 40.25 3.52
N ILE A 241 -11.47 39.26 3.90
CA ILE A 241 -11.03 38.12 4.70
C ILE A 241 -10.86 36.97 3.70
N ALA A 242 -9.63 36.41 3.58
CA ALA A 242 -9.38 35.28 2.69
C ALA A 242 -9.77 34.06 3.50
N ASP A 243 -10.92 33.49 3.16
CA ASP A 243 -11.55 32.38 3.85
C ASP A 243 -11.51 31.02 3.13
N GLY A 244 -10.76 30.08 3.72
CA GLY A 244 -10.66 28.71 3.23
C GLY A 244 -9.39 28.36 2.48
N GLY A 245 -9.01 27.09 2.58
CA GLY A 245 -7.86 26.52 1.87
C GLY A 245 -6.48 26.80 2.41
N ILE A 246 -6.38 27.39 3.60
CA ILE A 246 -5.09 27.68 4.23
C ILE A 246 -4.65 26.39 4.91
N ARG A 247 -3.50 25.87 4.50
CA ARG A 247 -2.93 24.64 5.03
C ARG A 247 -1.66 24.89 5.79
N PHE A 248 -0.86 25.85 5.31
CA PHE A 248 0.43 26.22 5.89
C PHE A 248 0.54 27.72 6.08
N SER A 249 1.51 28.16 6.89
CA SER A 249 1.80 29.57 7.09
C SER A 249 2.10 30.29 5.77
N GLY A 250 2.67 29.58 4.79
CA GLY A 250 2.99 30.12 3.47
C GLY A 250 1.77 30.60 2.69
N ASP A 251 0.62 29.89 2.85
CA ASP A 251 -0.64 30.19 2.21
C ASP A 251 -1.19 31.51 2.72
N MET A 252 -0.92 31.85 4.00
CA MET A 252 -1.34 33.09 4.66
C MET A 252 -0.60 34.28 4.05
N ALA A 253 0.71 34.13 3.88
CA ALA A 253 1.59 35.12 3.27
C ALA A 253 1.15 35.40 1.82
N LYS A 254 0.97 34.34 1.01
CA LYS A 254 0.50 34.40 -0.38
C LYS A 254 -0.85 35.10 -0.46
N ALA A 255 -1.78 34.77 0.47
CA ALA A 255 -3.11 35.38 0.53
C ALA A 255 -3.02 36.91 0.80
N ILE A 256 -2.15 37.33 1.75
CA ILE A 256 -1.93 38.75 2.07
C ILE A 256 -1.24 39.45 0.87
N GLY A 257 -0.25 38.78 0.25
CA GLY A 257 0.44 39.30 -0.93
C GLY A 257 -0.49 39.52 -2.10
N ALA A 258 -1.54 38.66 -2.22
CA ALA A 258 -2.58 38.71 -3.25
C ALA A 258 -3.65 39.79 -2.98
N GLY A 259 -3.67 40.35 -1.76
CA GLY A 259 -4.58 41.44 -1.39
C GLY A 259 -5.41 41.29 -0.13
N ALA A 260 -5.34 40.13 0.55
CA ALA A 260 -6.11 39.89 1.77
C ALA A 260 -5.60 40.71 2.94
N SER A 261 -6.51 41.13 3.85
CA SER A 261 -6.11 41.87 5.05
C SER A 261 -6.06 40.90 6.22
N THR A 262 -6.96 39.90 6.22
CA THR A 262 -7.03 38.85 7.22
C THR A 262 -7.22 37.50 6.52
N ILE A 263 -7.07 36.42 7.30
CA ILE A 263 -7.19 35.02 6.87
C ILE A 263 -8.13 34.28 7.82
N MET A 264 -9.13 33.58 7.26
CA MET A 264 -10.03 32.78 8.07
C MET A 264 -9.65 31.32 7.95
N VAL A 265 -9.51 30.64 9.12
CA VAL A 265 -9.12 29.23 9.15
C VAL A 265 -10.13 28.39 9.93
N GLY A 266 -10.37 27.20 9.41
CA GLY A 266 -11.22 26.21 10.04
C GLY A 266 -10.38 25.04 10.50
N SER A 267 -9.87 24.30 9.52
CA SER A 267 -9.04 23.11 9.65
C SER A 267 -7.89 23.26 10.65
N LEU A 268 -7.09 24.33 10.50
CA LEU A 268 -5.91 24.59 11.33
C LEU A 268 -6.22 24.75 12.81
N LEU A 269 -7.42 25.29 13.14
CA LEU A 269 -7.83 25.47 14.54
C LEU A 269 -8.72 24.34 15.06
N ALA A 270 -9.22 23.48 14.16
CA ALA A 270 -10.00 22.31 14.53
C ALA A 270 -9.03 21.31 15.17
N GLY A 271 -9.46 20.58 16.18
CA GLY A 271 -8.56 19.63 16.85
C GLY A 271 -7.85 20.19 18.07
N THR A 272 -7.81 21.53 18.21
CA THR A 272 -7.17 22.20 19.33
C THR A 272 -8.01 22.05 20.58
N GLU A 273 -7.41 22.26 21.74
CA GLU A 273 -8.08 22.18 23.03
C GLU A 273 -9.32 23.13 23.12
N GLU A 274 -9.17 24.39 22.66
CA GLU A 274 -10.17 25.48 22.68
C GLU A 274 -11.37 25.32 21.69
N ALA A 275 -11.23 24.44 20.69
CA ALA A 275 -12.26 24.17 19.70
C ALA A 275 -13.40 23.34 20.36
N PRO A 276 -14.70 23.50 19.93
CA PRO A 276 -15.77 22.68 20.51
C PRO A 276 -15.56 21.19 20.26
N GLY A 277 -16.11 20.37 21.14
CA GLY A 277 -16.02 18.92 21.05
C GLY A 277 -15.07 18.29 22.03
N GLU A 278 -15.31 17.01 22.33
CA GLU A 278 -14.49 16.22 23.24
C GLU A 278 -13.46 15.46 22.42
N VAL A 279 -12.36 15.08 23.05
CA VAL A 279 -11.32 14.30 22.38
C VAL A 279 -11.74 12.83 22.30
N GLU A 280 -11.57 12.21 21.13
CA GLU A 280 -11.93 10.82 20.92
C GLU A 280 -10.72 9.91 20.72
N PHE A 281 -10.80 8.71 21.28
CA PHE A 281 -9.76 7.69 21.24
C PHE A 281 -10.02 6.75 20.06
N PHE A 282 -9.40 7.02 18.90
CA PHE A 282 -9.57 6.18 17.71
C PHE A 282 -8.23 5.60 17.27
N GLN A 283 -8.13 4.25 17.28
CA GLN A 283 -6.93 3.45 16.94
C GLN A 283 -5.76 3.90 17.83
N GLY A 284 -6.04 3.95 19.14
CA GLY A 284 -5.11 4.38 20.18
C GLY A 284 -4.93 5.89 20.26
N ARG A 285 -4.79 6.53 19.07
CA ARG A 285 -4.58 7.97 18.88
C ARG A 285 -5.80 8.84 19.29
N TYR A 286 -5.55 10.16 19.50
CA TYR A 286 -6.54 11.15 19.93
C TYR A 286 -6.95 12.12 18.80
N TYR A 287 -8.26 12.35 18.65
CA TYR A 287 -8.83 13.19 17.59
C TYR A 287 -9.98 14.04 18.08
N LYS A 288 -10.35 15.05 17.27
CA LYS A 288 -11.55 15.87 17.47
C LYS A 288 -12.28 15.88 16.14
N ALA A 289 -13.61 16.05 16.18
CA ALA A 289 -14.43 16.11 14.99
C ALA A 289 -14.25 17.44 14.28
N TYR A 290 -14.30 17.39 12.95
CA TYR A 290 -14.26 18.55 12.09
C TYR A 290 -15.22 18.31 10.93
N ARG A 291 -16.20 19.19 10.74
CA ARG A 291 -17.19 19.02 9.68
C ARG A 291 -17.59 20.33 9.03
N GLY A 292 -17.96 20.26 7.76
CA GLY A 292 -18.44 21.42 7.01
C GLY A 292 -19.81 21.81 7.55
N MET A 293 -20.17 23.07 7.43
CA MET A 293 -21.47 23.54 7.91
C MET A 293 -22.63 23.13 6.97
N GLY A 294 -22.27 22.71 5.76
CA GLY A 294 -23.18 22.21 4.75
C GLY A 294 -23.10 20.70 4.61
N SER A 295 -22.56 20.02 5.62
CA SER A 295 -22.47 18.56 5.64
C SER A 295 -23.80 18.02 6.14
N LEU A 296 -24.06 16.71 5.95
CA LEU A 296 -25.28 16.04 6.40
C LEU A 296 -25.54 16.26 7.89
N GLY A 297 -24.53 15.95 8.72
CA GLY A 297 -24.57 16.10 10.16
C GLY A 297 -24.85 17.51 10.63
N ALA A 298 -24.16 18.52 10.05
CA ALA A 298 -24.34 19.93 10.41
C ALA A 298 -25.72 20.48 10.00
N MET A 299 -26.26 20.02 8.86
CA MET A 299 -27.58 20.47 8.37
C MET A 299 -28.74 19.87 9.19
N ALA A 300 -28.54 18.64 9.74
CA ALA A 300 -29.50 17.93 10.57
C ALA A 300 -29.25 18.19 12.04
N LEU A 320 -31.55 21.22 0.72
CA LEU A 320 -30.32 21.29 -0.09
C LEU A 320 -29.46 20.05 0.07
N VAL A 321 -28.82 19.61 -1.03
CA VAL A 321 -27.91 18.47 -1.07
C VAL A 321 -26.63 18.87 -0.29
N PRO A 322 -25.97 17.96 0.50
CA PRO A 322 -24.77 18.39 1.23
C PRO A 322 -23.61 18.91 0.37
N GLU A 323 -22.90 19.93 0.84
CA GLU A 323 -21.77 20.50 0.13
C GLU A 323 -20.49 20.51 0.96
N GLY A 324 -20.49 19.72 2.01
CA GLY A 324 -19.35 19.57 2.90
C GLY A 324 -19.25 18.15 3.43
N ILE A 325 -18.04 17.78 3.89
CA ILE A 325 -17.77 16.47 4.47
C ILE A 325 -17.57 16.56 5.99
N GLU A 326 -17.74 15.41 6.67
CA GLU A 326 -17.58 15.26 8.11
C GLU A 326 -16.36 14.38 8.30
N GLY A 327 -15.52 14.75 9.25
CA GLY A 327 -14.29 14.00 9.53
C GLY A 327 -13.71 14.22 10.91
N ARG A 328 -12.51 13.66 11.09
CA ARG A 328 -11.74 13.73 12.32
C ARG A 328 -10.42 14.41 11.99
N VAL A 329 -9.96 15.25 12.91
CA VAL A 329 -8.66 15.91 12.83
C VAL A 329 -7.86 15.51 14.08
N PRO A 330 -6.53 15.36 14.01
CA PRO A 330 -5.76 14.97 15.20
C PRO A 330 -5.84 16.02 16.31
N TYR A 331 -5.77 15.57 17.59
CA TYR A 331 -5.76 16.47 18.74
C TYR A 331 -4.45 17.27 18.66
N LYS A 332 -4.56 18.61 18.73
CA LYS A 332 -3.44 19.53 18.54
C LYS A 332 -2.95 20.18 19.81
N GLY A 333 -3.70 20.05 20.88
CA GLY A 333 -3.35 20.69 22.13
C GLY A 333 -3.77 22.14 22.15
N PRO A 334 -3.19 23.00 23.00
CA PRO A 334 -3.64 24.41 23.05
C PRO A 334 -3.46 25.13 21.72
N MET A 335 -4.49 25.90 21.28
CA MET A 335 -4.47 26.62 20.00
C MET A 335 -3.29 27.61 19.88
N GLY A 336 -2.83 28.14 21.01
CA GLY A 336 -1.72 29.09 21.09
C GLY A 336 -0.47 28.68 20.31
N ASN A 337 -0.13 27.39 20.35
CA ASN A 337 1.02 26.80 19.67
C ASN A 337 0.88 26.85 18.15
N ILE A 338 -0.30 26.48 17.64
CA ILE A 338 -0.62 26.52 16.21
C ILE A 338 -0.53 27.96 15.68
N VAL A 339 -1.13 28.89 16.44
CA VAL A 339 -1.17 30.33 16.13
C VAL A 339 0.27 30.89 16.08
N HIS A 340 1.11 30.55 17.06
N HIS A 340 1.11 30.54 17.06
CA HIS A 340 2.50 31.03 17.09
CA HIS A 340 2.51 30.98 17.13
C HIS A 340 3.34 30.44 15.94
C HIS A 340 3.32 30.44 15.94
N GLN A 341 3.13 29.15 15.60
CA GLN A 341 3.79 28.46 14.49
C GLN A 341 3.43 29.12 13.14
N MET A 342 2.13 29.46 12.96
CA MET A 342 1.58 30.10 11.76
C MET A 342 2.06 31.55 11.61
N MET A 343 1.99 32.32 12.70
CA MET A 343 2.42 33.71 12.72
C MET A 343 3.93 33.86 12.50
N GLY A 344 4.68 32.89 13.04
CA GLY A 344 6.13 32.83 12.92
C GLY A 344 6.58 32.62 11.50
N GLY A 345 5.81 31.81 10.75
CA GLY A 345 6.04 31.59 9.33
C GLY A 345 5.69 32.82 8.51
N LEU A 346 4.62 33.55 8.90
CA LEU A 346 4.23 34.79 8.24
C LEU A 346 5.29 35.90 8.45
N ARG A 347 5.90 35.93 9.65
CA ARG A 347 6.97 36.86 10.02
C ARG A 347 8.21 36.57 9.18
N SER A 348 8.50 35.30 8.92
CA SER A 348 9.60 34.86 8.06
C SER A 348 9.43 35.33 6.65
N SER A 349 8.21 35.21 6.11
N SER A 349 8.20 35.23 6.11
CA SER A 349 7.86 35.66 4.76
CA SER A 349 7.84 35.67 4.75
C SER A 349 8.03 37.16 4.61
C SER A 349 8.04 37.16 4.61
N MET A 350 7.57 37.93 5.62
CA MET A 350 7.68 39.40 5.64
C MET A 350 9.15 39.84 5.74
N GLY A 351 9.95 39.04 6.44
CA GLY A 351 11.40 39.19 6.51
C GLY A 351 12.04 38.99 5.13
N TYR A 352 11.61 37.96 4.34
CA TYR A 352 12.08 37.64 2.98
C TYR A 352 11.66 38.68 1.95
N THR A 353 10.47 39.27 2.10
CA THR A 353 9.90 40.22 1.15
C THR A 353 10.18 41.67 1.51
N GLY A 354 10.85 41.87 2.64
CA GLY A 354 11.18 43.19 3.14
C GLY A 354 9.96 43.99 3.56
N SER A 355 8.94 43.29 4.10
CA SER A 355 7.66 43.82 4.58
C SER A 355 7.68 44.00 6.11
N ALA A 356 7.82 45.26 6.56
CA ALA A 356 7.91 45.64 7.97
C ALA A 356 6.53 45.63 8.62
N VAL A 357 5.49 45.94 7.81
CA VAL A 357 4.08 45.97 8.21
C VAL A 357 3.24 45.14 7.21
N ILE A 358 2.03 44.68 7.62
CA ILE A 358 1.13 43.90 6.75
C ILE A 358 0.88 44.60 5.40
N GLU A 359 0.69 45.93 5.43
CA GLU A 359 0.42 46.75 4.26
C GLU A 359 1.55 46.75 3.24
N ASP A 360 2.81 46.53 3.67
CA ASP A 360 3.93 46.43 2.73
C ASP A 360 3.82 45.14 1.91
N LEU A 361 3.40 44.03 2.56
CA LEU A 361 3.23 42.73 1.88
C LEU A 361 2.07 42.82 0.89
N ARG A 362 0.94 43.43 1.30
CA ARG A 362 -0.27 43.64 0.50
C ARG A 362 -0.05 44.48 -0.78
N GLN A 363 0.89 45.43 -0.73
CA GLN A 363 1.22 46.37 -1.82
C GLN A 363 2.46 46.04 -2.65
N ASN A 364 3.50 45.47 -2.02
CA ASN A 364 4.77 45.23 -2.69
C ASN A 364 5.07 43.76 -3.04
N ALA A 365 4.17 42.81 -2.74
CA ALA A 365 4.41 41.41 -3.09
C ALA A 365 4.49 41.19 -4.60
N LYS A 366 5.52 40.41 -5.01
CA LYS A 366 5.75 39.98 -6.38
C LYS A 366 5.76 38.45 -6.34
N PHE A 367 5.05 37.84 -7.30
CA PHE A 367 4.90 36.39 -7.41
C PHE A 367 5.48 35.84 -8.71
N VAL A 368 5.68 34.53 -8.71
CA VAL A 368 6.02 33.77 -9.91
C VAL A 368 5.00 32.64 -10.00
N LYS A 369 4.56 32.31 -11.23
CA LYS A 369 3.66 31.19 -11.43
C LYS A 369 4.58 29.97 -11.58
N ILE A 370 4.24 28.88 -10.89
CA ILE A 370 5.01 27.64 -10.94
C ILE A 370 4.20 26.57 -11.63
N THR A 371 4.86 25.52 -12.13
CA THR A 371 4.20 24.43 -12.84
C THR A 371 3.90 23.27 -11.87
N SER A 372 3.29 22.19 -12.42
CA SER A 372 2.97 20.94 -11.73
C SER A 372 4.24 20.33 -11.08
N ALA A 373 5.41 20.48 -11.75
CA ALA A 373 6.73 20.02 -11.29
C ALA A 373 7.18 20.76 -10.03
N GLY A 374 6.84 22.04 -9.93
CA GLY A 374 7.14 22.87 -8.77
C GLY A 374 6.09 22.68 -7.68
N MET B 17 4.26 19.93 -40.98
CA MET B 17 4.09 20.65 -39.71
C MET B 17 2.82 20.20 -38.96
N LEU B 18 2.94 20.11 -37.62
CA LEU B 18 1.91 19.64 -36.71
C LEU B 18 0.72 20.58 -36.60
N THR B 19 -0.47 20.03 -36.82
CA THR B 19 -1.72 20.76 -36.74
C THR B 19 -2.38 20.50 -35.39
N ILE B 20 -2.17 21.44 -34.44
CA ILE B 20 -2.84 21.41 -33.13
C ILE B 20 -3.96 22.44 -33.28
N VAL B 21 -5.19 21.94 -33.40
CA VAL B 21 -6.41 22.74 -33.60
C VAL B 21 -6.69 23.67 -32.40
N GLN B 22 -6.45 23.15 -31.17
CA GLN B 22 -6.67 23.89 -29.94
C GLN B 22 -6.14 23.09 -28.74
N GLU B 23 -6.13 23.75 -27.56
CA GLU B 23 -5.88 23.10 -26.30
C GLU B 23 -7.30 22.74 -25.82
N ALA B 24 -7.62 21.44 -25.81
CA ALA B 24 -8.96 20.97 -25.48
C ALA B 24 -9.14 20.72 -23.99
N LEU B 25 -10.33 21.07 -23.47
CA LEU B 25 -10.65 20.99 -22.06
C LEU B 25 -11.67 19.95 -21.69
N THR B 26 -11.45 19.32 -20.53
CA THR B 26 -12.37 18.36 -19.94
C THR B 26 -13.02 19.02 -18.70
N PHE B 27 -13.94 18.30 -18.03
CA PHE B 27 -14.66 18.77 -16.84
C PHE B 27 -13.75 19.31 -15.75
N ASP B 28 -12.67 18.54 -15.40
CA ASP B 28 -11.71 18.91 -14.34
C ASP B 28 -10.84 20.13 -14.65
N ASP B 29 -10.82 20.59 -15.91
CA ASP B 29 -10.04 21.76 -16.33
C ASP B 29 -10.73 23.06 -16.01
N VAL B 30 -12.05 23.02 -15.77
CA VAL B 30 -12.84 24.22 -15.57
C VAL B 30 -13.69 24.21 -14.31
N LEU B 31 -14.12 25.40 -13.91
CA LEU B 31 -15.05 25.60 -12.81
C LEU B 31 -16.00 26.68 -13.25
N LEU B 32 -17.28 26.54 -12.89
CA LEU B 32 -18.29 27.55 -13.18
C LEU B 32 -18.14 28.64 -12.12
N LEU B 33 -18.34 29.88 -12.52
CA LEU B 33 -18.24 31.01 -11.60
C LEU B 33 -19.57 31.36 -10.99
N PRO B 34 -19.63 31.71 -9.69
CA PRO B 34 -20.91 32.20 -9.14
C PRO B 34 -21.22 33.60 -9.73
N ALA B 35 -22.51 33.90 -9.90
CA ALA B 35 -22.99 35.15 -10.46
C ALA B 35 -24.10 35.72 -9.58
N TYR B 36 -24.55 36.96 -9.86
CA TYR B 36 -25.66 37.54 -9.10
C TYR B 36 -26.89 36.64 -9.23
N SER B 37 -27.48 36.30 -8.08
CA SER B 37 -28.59 35.37 -8.03
C SER B 37 -29.79 35.80 -7.18
N THR B 38 -31.00 35.61 -7.73
CA THR B 38 -32.27 35.87 -7.05
C THR B 38 -33.09 34.60 -7.06
N VAL B 39 -32.47 33.45 -7.34
CA VAL B 39 -33.16 32.17 -7.41
C VAL B 39 -32.54 31.18 -6.46
N LEU B 40 -33.38 30.48 -5.70
CA LEU B 40 -32.91 29.45 -4.80
C LEU B 40 -32.90 28.13 -5.55
N PRO B 41 -31.97 27.20 -5.22
CA PRO B 41 -31.96 25.89 -5.88
C PRO B 41 -33.31 25.13 -5.95
N LYS B 42 -34.15 25.19 -4.89
CA LYS B 42 -35.47 24.54 -4.86
C LYS B 42 -36.44 25.03 -5.94
N ASP B 43 -36.29 26.28 -6.40
CA ASP B 43 -37.19 26.92 -7.36
C ASP B 43 -36.74 26.88 -8.80
N VAL B 44 -35.54 26.36 -9.09
CA VAL B 44 -35.07 26.33 -10.47
C VAL B 44 -35.86 25.31 -11.33
N SER B 45 -35.93 25.55 -12.63
CA SER B 45 -36.61 24.64 -13.55
C SER B 45 -35.53 23.85 -14.28
N LEU B 46 -35.66 22.52 -14.25
CA LEU B 46 -34.75 21.57 -14.89
C LEU B 46 -35.28 21.08 -16.24
N LYS B 47 -36.40 21.66 -16.72
CA LYS B 47 -37.03 21.32 -18.00
C LYS B 47 -36.08 21.69 -19.15
N THR B 48 -35.93 20.79 -20.13
CA THR B 48 -35.04 20.97 -21.26
C THR B 48 -35.56 20.23 -22.49
N ARG B 49 -34.83 20.28 -23.62
CA ARG B 49 -35.21 19.51 -24.80
C ARG B 49 -34.20 18.45 -25.14
N LEU B 50 -34.69 17.22 -25.39
CA LEU B 50 -33.89 16.08 -25.81
C LEU B 50 -33.55 16.24 -27.29
N THR B 51 -34.58 16.49 -28.11
CA THR B 51 -34.51 16.71 -29.56
C THR B 51 -35.29 18.00 -29.82
N ARG B 52 -35.39 18.44 -31.08
CA ARG B 52 -36.15 19.66 -31.34
C ARG B 52 -37.66 19.49 -31.07
N GLY B 53 -38.16 18.26 -31.18
CA GLY B 53 -39.55 17.92 -30.89
C GLY B 53 -39.86 17.35 -29.52
N ILE B 54 -38.87 16.71 -28.83
CA ILE B 54 -39.08 16.08 -27.52
C ILE B 54 -38.49 16.90 -26.38
N TYR B 55 -39.33 17.21 -25.37
CA TYR B 55 -38.90 17.92 -24.17
C TYR B 55 -38.88 16.97 -22.99
N LEU B 56 -37.91 17.15 -22.08
CA LEU B 56 -37.75 16.37 -20.86
C LEU B 56 -37.98 17.30 -19.64
N ASN B 57 -38.33 16.73 -18.49
CA ASN B 57 -38.51 17.49 -17.26
C ASN B 57 -37.21 17.60 -16.44
N ILE B 58 -36.23 16.71 -16.73
CA ILE B 58 -34.88 16.70 -16.15
C ILE B 58 -33.87 16.46 -17.29
N PRO B 59 -32.65 17.07 -17.30
CA PRO B 59 -31.73 16.84 -18.44
C PRO B 59 -30.96 15.52 -18.40
N LEU B 60 -31.58 14.45 -17.90
CA LEU B 60 -30.89 13.19 -17.74
C LEU B 60 -31.40 12.12 -18.70
N VAL B 61 -30.46 11.42 -19.35
CA VAL B 61 -30.70 10.36 -20.30
C VAL B 61 -29.86 9.14 -19.88
N SER B 62 -30.46 7.95 -19.84
CA SER B 62 -29.71 6.75 -19.48
C SER B 62 -29.10 6.13 -20.74
N ALA B 63 -27.81 5.73 -20.66
CA ALA B 63 -27.03 5.15 -21.74
C ALA B 63 -27.60 3.88 -22.38
N ALA B 64 -27.45 3.76 -23.72
CA ALA B 64 -27.89 2.60 -24.47
C ALA B 64 -26.84 1.48 -24.29
N MET B 65 -26.83 0.87 -23.09
CA MET B 65 -25.87 -0.15 -22.69
C MET B 65 -26.59 -1.33 -22.03
N ASP B 66 -26.15 -2.57 -22.35
CA ASP B 66 -26.76 -3.80 -21.85
C ASP B 66 -26.60 -3.99 -20.32
N THR B 67 -25.88 -3.08 -19.65
CA THR B 67 -25.71 -3.07 -18.19
C THR B 67 -26.31 -1.77 -17.58
N VAL B 68 -27.00 -0.96 -18.40
CA VAL B 68 -27.62 0.30 -17.94
C VAL B 68 -29.13 0.37 -18.28
N THR B 69 -29.52 0.25 -19.56
CA THR B 69 -30.92 0.47 -19.94
C THR B 69 -31.64 -0.63 -20.72
N GLU B 70 -32.66 -1.18 -20.07
CA GLU B 70 -33.67 -2.09 -20.60
C GLU B 70 -34.99 -1.47 -20.12
N SER B 71 -36.16 -2.08 -20.37
CA SER B 71 -37.47 -1.51 -20.04
C SER B 71 -37.61 -0.99 -18.61
N ARG B 72 -37.07 -1.73 -17.61
CA ARG B 72 -37.11 -1.35 -16.19
C ARG B 72 -36.47 0.02 -15.94
N MET B 73 -35.26 0.26 -16.49
CA MET B 73 -34.56 1.53 -16.36
C MET B 73 -35.27 2.61 -17.15
N ALA B 74 -35.71 2.30 -18.38
CA ALA B 74 -36.41 3.27 -19.23
C ALA B 74 -37.70 3.79 -18.57
N ILE B 75 -38.45 2.91 -17.84
CA ILE B 75 -39.68 3.27 -17.11
C ILE B 75 -39.33 4.24 -15.96
N ALA B 76 -38.35 3.86 -15.12
CA ALA B 76 -37.86 4.66 -14.01
C ALA B 76 -37.33 6.03 -14.48
N MET B 77 -36.59 6.05 -15.62
CA MET B 77 -36.05 7.27 -16.22
C MET B 77 -37.17 8.22 -16.60
N ALA B 78 -38.18 7.71 -17.36
CA ALA B 78 -39.35 8.49 -17.81
C ALA B 78 -40.20 8.99 -16.64
N GLN B 79 -40.39 8.18 -15.58
CA GLN B 79 -41.15 8.55 -14.39
C GLN B 79 -40.52 9.72 -13.63
N ASN B 80 -39.16 9.81 -13.66
CA ASN B 80 -38.36 10.83 -13.01
C ASN B 80 -38.21 12.11 -13.86
N GLY B 81 -38.73 12.09 -15.09
CA GLY B 81 -38.73 13.25 -15.97
C GLY B 81 -37.69 13.23 -17.05
N GLY B 82 -36.95 12.13 -17.15
CA GLY B 82 -35.94 11.93 -18.16
C GLY B 82 -36.38 10.93 -19.20
N ILE B 83 -35.42 10.28 -19.86
CA ILE B 83 -35.68 9.28 -20.88
C ILE B 83 -34.59 8.22 -20.86
N GLY B 84 -34.99 7.00 -21.20
CA GLY B 84 -34.07 5.88 -21.33
C GLY B 84 -33.89 5.56 -22.79
N ILE B 85 -32.65 5.18 -23.18
CA ILE B 85 -32.36 4.75 -24.55
C ILE B 85 -32.08 3.25 -24.46
N LEU B 86 -33.03 2.41 -24.92
CA LEU B 86 -32.89 0.96 -24.88
C LEU B 86 -31.72 0.53 -25.76
N HIS B 87 -30.86 -0.35 -25.21
CA HIS B 87 -29.69 -0.85 -25.93
C HIS B 87 -30.09 -1.73 -27.14
N LYS B 88 -29.20 -1.81 -28.14
CA LYS B 88 -29.40 -2.54 -29.38
C LYS B 88 -28.74 -3.93 -29.36
N ASN B 89 -28.21 -4.38 -28.20
CA ASN B 89 -27.57 -5.69 -28.06
C ASN B 89 -28.63 -6.77 -27.71
N MET B 90 -29.68 -6.81 -28.53
CA MET B 90 -30.82 -7.72 -28.45
C MET B 90 -31.49 -7.71 -29.80
N ASP B 91 -32.13 -8.82 -30.16
CA ASP B 91 -32.80 -8.95 -31.46
C ASP B 91 -33.98 -8.00 -31.61
N ILE B 92 -34.32 -7.63 -32.86
CA ILE B 92 -35.40 -6.69 -33.21
C ILE B 92 -36.71 -6.97 -32.43
N ALA B 93 -37.11 -8.25 -32.27
CA ALA B 93 -38.33 -8.59 -31.53
C ALA B 93 -38.20 -8.30 -30.04
N ALA B 94 -37.05 -8.62 -29.44
CA ALA B 94 -36.77 -8.35 -28.02
C ALA B 94 -36.81 -6.86 -27.73
N GLN B 95 -36.18 -6.06 -28.61
CA GLN B 95 -36.13 -4.60 -28.47
C GLN B 95 -37.50 -3.96 -28.66
N ALA B 96 -38.30 -4.43 -29.65
CA ALA B 96 -39.67 -3.93 -29.90
C ALA B 96 -40.58 -4.25 -28.71
N ALA B 97 -40.37 -5.42 -28.07
CA ALA B 97 -41.11 -5.86 -26.88
C ALA B 97 -40.81 -4.94 -25.70
N GLU B 98 -39.55 -4.48 -25.60
CA GLU B 98 -39.07 -3.54 -24.57
C GLU B 98 -39.68 -2.15 -24.76
N VAL B 99 -39.80 -1.65 -26.02
CA VAL B 99 -40.44 -0.37 -26.33
C VAL B 99 -41.92 -0.44 -25.89
N ARG B 100 -42.63 -1.52 -26.27
CA ARG B 100 -44.05 -1.74 -25.94
C ARG B 100 -44.28 -1.75 -24.45
N ARG B 101 -43.41 -2.46 -23.68
CA ARG B 101 -43.41 -2.60 -22.22
C ARG B 101 -43.41 -1.22 -21.53
N VAL B 102 -42.64 -0.24 -22.08
CA VAL B 102 -42.53 1.13 -21.56
C VAL B 102 -43.77 1.95 -21.98
N LYS B 103 -44.20 1.84 -23.27
CA LYS B 103 -45.38 2.57 -23.77
C LYS B 103 -46.72 2.11 -23.12
N LYS B 104 -46.83 0.80 -22.79
CA LYS B 104 -48.04 0.26 -22.17
C LYS B 104 -48.02 0.34 -20.65
N PHE B 105 -46.89 0.76 -20.05
CA PHE B 105 -46.78 0.86 -18.60
C PHE B 105 -47.76 1.87 -18.00
N GLU B 106 -48.49 1.43 -16.96
CA GLU B 106 -49.43 2.22 -16.18
C GLU B 106 -49.10 2.03 -14.70
N ALA B 107 -49.02 3.16 -13.96
CA ALA B 107 -48.69 3.19 -12.53
C ALA B 107 -49.94 3.00 -11.63
N GLY B 108 -49.71 2.80 -10.33
CA GLY B 108 -50.76 2.61 -9.33
C GLY B 108 -51.60 3.83 -9.04
N TYR B 113 -45.86 9.98 -9.61
CA TYR B 113 -44.80 10.54 -10.46
C TYR B 113 -45.33 11.75 -11.25
N PRO B 114 -45.36 12.95 -10.63
CA PRO B 114 -45.93 14.13 -11.32
C PRO B 114 -45.03 14.71 -12.41
N ASN B 115 -43.71 14.48 -12.31
CA ASN B 115 -42.73 14.97 -13.25
C ASN B 115 -42.48 14.03 -14.42
N SER B 116 -43.35 13.02 -14.61
CA SER B 116 -43.26 12.02 -15.68
C SER B 116 -43.09 12.66 -17.05
N CYS B 117 -42.20 12.09 -17.85
CA CYS B 117 -41.96 12.54 -19.21
C CYS B 117 -42.79 11.63 -20.13
N LYS B 118 -43.89 12.18 -20.68
CA LYS B 118 -44.87 11.46 -21.48
C LYS B 118 -45.09 12.07 -22.86
N ASP B 119 -45.61 11.27 -23.79
CA ASP B 119 -45.97 11.72 -25.15
C ASP B 119 -47.38 12.40 -25.12
N ASP B 120 -47.91 12.78 -26.31
CA ASP B 120 -49.24 13.39 -26.49
C ASP B 120 -50.40 12.51 -26.01
N LEU B 121 -50.20 11.18 -26.04
CA LEU B 121 -51.15 10.16 -25.62
C LEU B 121 -51.05 9.82 -24.12
N GLY B 122 -50.19 10.54 -23.39
CA GLY B 122 -49.97 10.32 -21.97
C GLY B 122 -49.16 9.08 -21.61
N ARG B 123 -48.46 8.48 -22.59
CA ARG B 123 -47.63 7.28 -22.36
C ARG B 123 -46.21 7.71 -22.05
N LEU B 124 -45.49 6.91 -21.23
CA LEU B 124 -44.10 7.17 -20.88
C LEU B 124 -43.26 7.18 -22.15
N ARG B 125 -42.36 8.16 -22.27
CA ARG B 125 -41.43 8.29 -23.39
C ARG B 125 -40.29 7.28 -23.28
N VAL B 126 -39.79 6.80 -24.44
CA VAL B 126 -38.68 5.86 -24.57
C VAL B 126 -37.96 6.07 -25.91
N GLY B 127 -36.66 5.77 -25.92
CA GLY B 127 -35.81 5.79 -27.09
C GLY B 127 -35.21 4.41 -27.28
N ALA B 128 -34.70 4.15 -28.47
CA ALA B 128 -34.04 2.89 -28.77
C ALA B 128 -32.87 3.13 -29.71
N ALA B 129 -31.76 2.43 -29.46
CA ALA B 129 -30.54 2.51 -30.27
C ALA B 129 -30.63 1.57 -31.48
N VAL B 130 -30.06 2.03 -32.60
CA VAL B 130 -29.93 1.27 -33.86
C VAL B 130 -28.50 1.48 -34.38
N GLY B 131 -28.00 0.54 -35.19
CA GLY B 131 -26.69 0.63 -35.82
C GLY B 131 -26.82 1.13 -37.24
N THR B 132 -25.93 0.73 -38.13
CA THR B 132 -26.02 1.14 -39.54
C THR B 132 -26.10 -0.06 -40.52
N GLY B 133 -25.94 -1.28 -39.98
CA GLY B 133 -25.96 -2.55 -40.71
C GLY B 133 -27.27 -2.96 -41.36
N ALA B 134 -27.25 -4.14 -42.00
CA ALA B 134 -28.36 -4.74 -42.76
C ALA B 134 -29.69 -4.83 -42.02
N ASP B 135 -29.67 -5.09 -40.70
CA ASP B 135 -30.84 -5.24 -39.84
C ASP B 135 -31.54 -3.92 -39.49
N THR B 136 -30.88 -2.76 -39.68
CA THR B 136 -31.38 -1.42 -39.30
C THR B 136 -32.74 -1.09 -39.95
N PRO B 137 -32.97 -1.26 -41.28
CA PRO B 137 -34.31 -0.96 -41.83
C PRO B 137 -35.48 -1.70 -41.13
N SER B 138 -35.27 -2.98 -40.76
CA SER B 138 -36.26 -3.82 -40.06
C SER B 138 -36.37 -3.41 -38.61
N ARG B 139 -35.21 -3.09 -37.98
CA ARG B 139 -35.13 -2.66 -36.59
C ARG B 139 -35.90 -1.37 -36.42
N VAL B 140 -35.61 -0.35 -37.24
CA VAL B 140 -36.27 0.96 -37.20
C VAL B 140 -37.76 0.81 -37.34
N GLU B 141 -38.22 0.06 -38.35
CA GLU B 141 -39.63 -0.18 -38.62
C GLU B 141 -40.37 -0.83 -37.45
N ALA B 142 -39.76 -1.86 -36.81
CA ALA B 142 -40.34 -2.56 -35.66
C ALA B 142 -40.44 -1.65 -34.44
N LEU B 143 -39.41 -0.82 -34.21
CA LEU B 143 -39.37 0.11 -33.09
C LEU B 143 -40.40 1.24 -33.28
N VAL B 144 -40.54 1.79 -34.50
CA VAL B 144 -41.52 2.84 -34.82
C VAL B 144 -42.96 2.31 -34.61
N GLU B 145 -43.20 1.07 -35.07
CA GLU B 145 -44.47 0.35 -34.95
C GLU B 145 -44.83 0.11 -33.47
N ALA B 146 -43.82 -0.18 -32.63
CA ALA B 146 -43.99 -0.40 -31.20
C ALA B 146 -44.26 0.92 -30.43
N GLY B 147 -44.13 2.06 -31.12
CA GLY B 147 -44.39 3.38 -30.55
C GLY B 147 -43.22 4.15 -29.97
N VAL B 148 -41.96 3.79 -30.37
CA VAL B 148 -40.74 4.46 -29.92
C VAL B 148 -40.83 5.97 -30.23
N ASP B 149 -40.39 6.80 -29.29
CA ASP B 149 -40.47 8.26 -29.45
C ASP B 149 -39.30 8.81 -30.24
N VAL B 150 -38.12 8.16 -30.08
CA VAL B 150 -36.88 8.57 -30.72
C VAL B 150 -36.01 7.38 -31.09
N ILE B 151 -35.49 7.42 -32.33
CA ILE B 151 -34.51 6.46 -32.85
C ILE B 151 -33.13 7.10 -32.64
N VAL B 152 -32.20 6.36 -32.02
CA VAL B 152 -30.84 6.85 -31.78
C VAL B 152 -29.91 6.03 -32.66
N VAL B 153 -29.36 6.63 -33.73
CA VAL B 153 -28.39 5.96 -34.60
C VAL B 153 -27.08 6.01 -33.80
N ASP B 154 -26.86 4.97 -32.99
CA ASP B 154 -25.78 4.84 -32.04
C ASP B 154 -24.53 4.12 -32.55
N THR B 155 -23.45 4.91 -32.75
CA THR B 155 -22.16 4.43 -33.24
C THR B 155 -21.01 5.10 -32.49
N ALA B 156 -19.81 4.53 -32.64
CA ALA B 156 -18.57 5.07 -32.11
C ALA B 156 -18.13 6.30 -32.94
N HIS B 157 -18.59 6.40 -34.21
CA HIS B 157 -18.15 7.45 -35.15
C HIS B 157 -19.28 7.99 -36.01
N GLY B 158 -19.99 8.98 -35.46
CA GLY B 158 -21.10 9.66 -36.11
C GLY B 158 -20.74 10.41 -37.37
N HIS B 159 -19.44 10.83 -37.51
CA HIS B 159 -18.92 11.57 -38.67
C HIS B 159 -18.54 10.66 -39.88
N SER B 160 -19.20 9.48 -39.99
CA SER B 160 -18.98 8.54 -41.09
C SER B 160 -20.13 8.62 -42.07
N ALA B 161 -19.89 8.41 -43.36
CA ALA B 161 -20.98 8.40 -44.36
C ALA B 161 -22.17 7.50 -43.91
N GLY B 162 -21.86 6.32 -43.34
CA GLY B 162 -22.81 5.31 -42.89
C GLY B 162 -23.88 5.80 -41.94
N VAL B 163 -23.48 6.58 -40.91
CA VAL B 163 -24.36 7.20 -39.91
C VAL B 163 -25.11 8.36 -40.55
N ILE B 164 -24.38 9.20 -41.34
CA ILE B 164 -24.98 10.37 -42.01
C ILE B 164 -26.14 9.95 -42.91
N GLU B 165 -25.95 8.90 -43.74
CA GLU B 165 -27.00 8.42 -44.63
C GLU B 165 -28.10 7.66 -43.92
N ARG B 166 -27.77 6.98 -42.80
CA ARG B 166 -28.77 6.25 -42.01
C ARG B 166 -29.67 7.23 -41.26
N VAL B 167 -29.11 8.38 -40.80
CA VAL B 167 -29.88 9.47 -40.18
C VAL B 167 -30.84 10.03 -41.27
N ARG B 168 -30.34 10.27 -42.52
CA ARG B 168 -31.16 10.77 -43.65
C ARG B 168 -32.30 9.79 -43.97
N TRP B 169 -32.02 8.48 -43.94
CA TRP B 169 -32.96 7.41 -44.23
C TRP B 169 -34.09 7.36 -43.21
N VAL B 170 -33.75 7.42 -41.92
CA VAL B 170 -34.73 7.39 -40.82
C VAL B 170 -35.67 8.61 -40.90
N LYS B 171 -35.12 9.81 -41.18
CA LYS B 171 -35.87 11.05 -41.26
C LYS B 171 -36.84 11.09 -42.46
N GLN B 172 -36.38 10.65 -43.63
CA GLN B 172 -37.19 10.63 -44.85
C GLN B 172 -38.26 9.53 -44.84
N ASN B 173 -37.94 8.34 -44.30
CA ASN B 173 -38.85 7.20 -44.27
C ASN B 173 -39.76 7.15 -43.06
N PHE B 174 -39.34 7.73 -41.92
CA PHE B 174 -40.13 7.74 -40.69
C PHE B 174 -40.16 9.16 -40.10
N PRO B 175 -40.77 10.17 -40.78
CA PRO B 175 -40.79 11.53 -40.22
C PRO B 175 -41.55 11.68 -38.91
N GLN B 176 -42.43 10.72 -38.59
CA GLN B 176 -43.23 10.70 -37.35
C GLN B 176 -42.40 10.39 -36.08
N VAL B 177 -41.15 9.89 -36.24
CA VAL B 177 -40.25 9.57 -35.12
C VAL B 177 -39.10 10.59 -35.12
N GLN B 178 -38.60 10.94 -33.91
CA GLN B 178 -37.45 11.85 -33.78
C GLN B 178 -36.20 11.01 -33.97
N VAL B 179 -35.13 11.59 -34.54
CA VAL B 179 -33.88 10.85 -34.77
C VAL B 179 -32.65 11.60 -34.22
N ILE B 180 -31.77 10.87 -33.53
CA ILE B 180 -30.50 11.35 -32.99
C ILE B 180 -29.36 10.64 -33.73
N GLY B 181 -28.29 11.37 -34.02
CA GLY B 181 -27.08 10.87 -34.65
C GLY B 181 -25.88 11.10 -33.76
N GLY B 182 -24.94 10.16 -33.78
CA GLY B 182 -23.71 10.23 -32.98
C GLY B 182 -22.90 8.95 -33.04
N ASN B 183 -21.78 8.84 -32.31
CA ASN B 183 -21.25 9.91 -31.45
C ASN B 183 -20.31 10.82 -32.20
N ILE B 184 -20.31 12.11 -31.82
CA ILE B 184 -19.49 13.15 -32.46
C ILE B 184 -18.70 13.95 -31.44
N ALA B 185 -17.69 14.70 -31.90
CA ALA B 185 -16.85 15.51 -31.03
C ALA B 185 -16.48 16.85 -31.68
N THR B 186 -16.92 17.09 -32.93
CA THR B 186 -16.58 18.33 -33.63
C THR B 186 -17.81 19.02 -34.19
N GLY B 187 -17.66 20.32 -34.48
CA GLY B 187 -18.68 21.15 -35.09
C GLY B 187 -19.01 20.73 -36.52
N ASP B 188 -17.97 20.32 -37.29
CA ASP B 188 -18.12 19.83 -38.67
C ASP B 188 -19.02 18.60 -38.72
N ALA B 189 -18.85 17.67 -37.75
CA ALA B 189 -19.64 16.45 -37.63
C ALA B 189 -21.10 16.79 -37.32
N ALA B 190 -21.34 17.78 -36.41
CA ALA B 190 -22.66 18.29 -36.01
C ALA B 190 -23.42 18.85 -37.19
N LEU B 191 -22.74 19.69 -38.01
CA LEU B 191 -23.31 20.31 -39.20
C LEU B 191 -23.69 19.26 -40.22
N ALA B 192 -22.86 18.22 -40.38
CA ALA B 192 -23.11 17.12 -41.30
C ALA B 192 -24.38 16.39 -40.89
N LEU B 193 -24.55 16.05 -39.58
CA LEU B 193 -25.74 15.40 -39.04
C LEU B 193 -26.99 16.31 -39.09
N LEU B 194 -26.80 17.65 -38.92
CA LEU B 194 -27.88 18.62 -39.02
C LEU B 194 -28.41 18.65 -40.47
N ASP B 195 -27.49 18.65 -41.45
CA ASP B 195 -27.84 18.62 -42.88
C ASP B 195 -28.60 17.33 -43.27
N ALA B 196 -28.22 16.18 -42.67
CA ALA B 196 -28.87 14.89 -42.92
C ALA B 196 -30.31 14.82 -42.30
N GLY B 197 -30.64 15.73 -41.39
CA GLY B 197 -31.97 15.81 -40.79
C GLY B 197 -32.13 15.38 -39.33
N ALA B 198 -31.00 15.21 -38.61
CA ALA B 198 -31.01 14.83 -37.20
C ALA B 198 -31.76 15.88 -36.39
N ASP B 199 -32.50 15.43 -35.37
CA ASP B 199 -33.28 16.27 -34.47
C ASP B 199 -32.48 16.67 -33.24
N ALA B 200 -31.33 16.02 -33.06
CA ALA B 200 -30.37 16.21 -31.98
C ALA B 200 -29.10 15.46 -32.37
N VAL B 201 -27.98 15.81 -31.73
CA VAL B 201 -26.70 15.12 -31.92
C VAL B 201 -26.19 14.62 -30.58
N LYS B 202 -25.51 13.47 -30.58
CA LYS B 202 -24.95 12.93 -29.34
C LYS B 202 -23.42 13.14 -29.33
N VAL B 203 -22.92 13.85 -28.32
CA VAL B 203 -21.51 14.26 -28.23
C VAL B 203 -20.71 13.42 -27.25
N GLY B 204 -19.57 12.88 -27.70
CA GLY B 204 -18.70 12.09 -26.86
C GLY B 204 -17.86 11.07 -27.58
N ILE B 205 -16.57 11.38 -27.79
CA ILE B 205 -15.54 10.50 -28.38
C ILE B 205 -14.40 10.49 -27.38
N GLY B 206 -14.33 9.44 -26.57
CA GLY B 206 -13.30 9.30 -25.54
C GLY B 206 -13.61 9.69 -24.11
N PRO B 207 -14.73 10.38 -23.70
CA PRO B 207 -14.87 10.72 -22.28
C PRO B 207 -15.37 9.59 -21.34
N GLY B 208 -16.00 8.55 -21.89
CA GLY B 208 -16.57 7.43 -21.14
C GLY B 208 -15.66 6.82 -20.09
N SER B 209 -16.23 6.45 -18.92
CA SER B 209 -15.49 5.83 -17.80
C SER B 209 -14.87 4.48 -18.17
N ILE B 210 -15.55 3.73 -19.05
CA ILE B 210 -15.14 2.41 -19.55
C ILE B 210 -14.51 2.48 -20.96
N CYS B 211 -14.23 3.71 -21.45
CA CYS B 211 -13.65 3.95 -22.77
C CYS B 211 -12.13 3.70 -22.83
N THR B 212 -11.69 2.94 -23.86
CA THR B 212 -10.25 2.71 -24.13
C THR B 212 -9.92 3.16 -25.57
N THR B 213 -10.83 3.92 -26.21
CA THR B 213 -10.66 4.48 -27.57
C THR B 213 -9.40 5.33 -27.63
N ARG B 214 -9.13 6.15 -26.58
CA ARG B 214 -7.97 7.03 -26.48
C ARG B 214 -6.67 6.22 -26.46
N ILE B 215 -6.66 5.05 -25.82
CA ILE B 215 -5.50 4.16 -25.68
C ILE B 215 -5.32 3.33 -26.98
N VAL B 216 -6.42 2.71 -27.45
CA VAL B 216 -6.45 1.84 -28.61
C VAL B 216 -6.22 2.62 -29.94
N ALA B 217 -6.95 3.70 -30.16
CA ALA B 217 -6.90 4.47 -31.40
C ALA B 217 -6.17 5.82 -31.31
N GLY B 218 -5.92 6.31 -30.08
CA GLY B 218 -5.27 7.59 -29.86
C GLY B 218 -6.15 8.74 -30.28
N ILE B 219 -7.46 8.47 -30.32
CA ILE B 219 -8.56 9.32 -30.77
C ILE B 219 -9.35 9.79 -29.57
N GLY B 220 -9.78 11.04 -29.62
CA GLY B 220 -10.58 11.61 -28.55
C GLY B 220 -10.66 13.11 -28.56
N MET B 221 -11.60 13.63 -27.79
CA MET B 221 -11.80 15.06 -27.62
C MET B 221 -12.29 15.33 -26.21
N PRO B 222 -11.47 16.02 -25.36
CA PRO B 222 -11.94 16.38 -24.00
C PRO B 222 -13.32 17.03 -24.08
N GLN B 223 -14.25 16.50 -23.26
CA GLN B 223 -15.69 16.73 -23.31
C GLN B 223 -16.18 18.20 -23.30
N ILE B 224 -15.58 19.10 -22.50
CA ILE B 224 -16.01 20.50 -22.46
C ILE B 224 -15.81 21.16 -23.82
N SER B 225 -14.65 20.88 -24.47
CA SER B 225 -14.28 21.39 -25.78
C SER B 225 -15.12 20.75 -26.89
N ALA B 226 -15.50 19.45 -26.73
CA ALA B 226 -16.36 18.72 -27.68
C ALA B 226 -17.74 19.38 -27.67
N ILE B 227 -18.34 19.59 -26.45
CA ILE B 227 -19.65 20.26 -26.28
C ILE B 227 -19.60 21.65 -26.90
N ASP B 228 -18.56 22.42 -26.58
CA ASP B 228 -18.37 23.76 -27.11
C ASP B 228 -18.31 23.80 -28.63
N SER B 229 -17.45 22.96 -29.25
CA SER B 229 -17.27 22.86 -30.71
C SER B 229 -18.60 22.62 -31.41
N VAL B 230 -19.37 21.63 -30.89
CA VAL B 230 -20.68 21.23 -31.41
C VAL B 230 -21.74 22.33 -31.21
N ALA B 231 -21.92 22.84 -29.97
CA ALA B 231 -22.90 23.89 -29.65
C ALA B 231 -22.65 25.17 -30.45
N SER B 232 -21.37 25.56 -30.64
CA SER B 232 -21.01 26.77 -31.39
C SER B 232 -21.37 26.67 -32.86
N ALA B 233 -21.20 25.47 -33.47
CA ALA B 233 -21.53 25.23 -34.87
C ALA B 233 -23.06 25.20 -35.09
N LEU B 234 -23.81 24.51 -34.18
CA LEU B 234 -25.26 24.32 -34.28
C LEU B 234 -26.07 25.58 -34.12
N LYS B 235 -25.60 26.54 -33.30
CA LYS B 235 -26.27 27.81 -33.03
C LYS B 235 -27.74 27.59 -32.62
N ASP B 236 -27.96 26.59 -31.75
CA ASP B 236 -29.23 26.16 -31.16
C ASP B 236 -30.28 25.67 -32.16
N GLN B 237 -29.88 25.28 -33.39
CA GLN B 237 -30.81 24.75 -34.40
C GLN B 237 -31.36 23.42 -33.93
N ILE B 238 -30.49 22.58 -33.31
CA ILE B 238 -30.85 21.31 -32.70
C ILE B 238 -30.09 21.16 -31.38
N PRO B 239 -30.68 20.48 -30.35
CA PRO B 239 -29.94 20.29 -29.09
C PRO B 239 -28.87 19.19 -29.19
N LEU B 240 -27.95 19.17 -28.20
CA LEU B 240 -26.91 18.15 -28.10
C LEU B 240 -27.00 17.42 -26.77
N ILE B 241 -26.72 16.11 -26.79
CA ILE B 241 -26.68 15.26 -25.59
C ILE B 241 -25.21 15.11 -25.27
N ALA B 242 -24.77 15.62 -24.09
CA ALA B 242 -23.38 15.43 -23.71
C ALA B 242 -23.32 14.03 -23.13
N ASP B 243 -22.66 13.13 -23.85
CA ASP B 243 -22.56 11.72 -23.53
C ASP B 243 -21.16 11.24 -23.09
N GLY B 244 -21.06 10.82 -21.82
CA GLY B 244 -19.85 10.23 -21.25
C GLY B 244 -19.05 11.13 -20.34
N GLY B 245 -18.37 10.52 -19.38
CA GLY B 245 -17.46 11.18 -18.46
C GLY B 245 -18.05 11.93 -17.30
N ILE B 246 -19.36 11.80 -17.06
CA ILE B 246 -20.05 12.45 -15.95
C ILE B 246 -19.81 11.56 -14.72
N ARG B 247 -19.15 12.13 -13.70
CA ARG B 247 -18.85 11.43 -12.45
C ARG B 247 -19.62 12.01 -11.29
N PHE B 248 -19.83 13.34 -11.31
CA PHE B 248 -20.52 14.08 -10.26
C PHE B 248 -21.55 15.03 -10.87
N SER B 249 -22.51 15.51 -10.06
CA SER B 249 -23.51 16.51 -10.45
C SER B 249 -22.88 17.81 -11.01
N GLY B 250 -21.66 18.13 -10.56
CA GLY B 250 -20.90 19.29 -11.03
C GLY B 250 -20.58 19.22 -12.50
N ASP B 251 -20.29 18.00 -13.01
CA ASP B 251 -19.98 17.75 -14.42
C ASP B 251 -21.15 18.07 -15.34
N MET B 252 -22.37 17.88 -14.85
CA MET B 252 -23.66 18.13 -15.51
C MET B 252 -23.87 19.62 -15.68
N ALA B 253 -23.61 20.36 -14.59
CA ALA B 253 -23.70 21.79 -14.53
C ALA B 253 -22.74 22.39 -15.58
N LYS B 254 -21.47 21.93 -15.55
CA LYS B 254 -20.39 22.26 -16.48
C LYS B 254 -20.76 21.94 -17.94
N ALA B 255 -21.29 20.74 -18.19
CA ALA B 255 -21.70 20.32 -19.54
C ALA B 255 -22.82 21.21 -20.08
N ILE B 256 -23.82 21.53 -19.24
CA ILE B 256 -24.91 22.42 -19.63
C ILE B 256 -24.37 23.86 -19.85
N GLY B 257 -23.50 24.34 -18.96
CA GLY B 257 -22.86 25.66 -19.11
C GLY B 257 -22.07 25.80 -20.41
N ALA B 258 -21.47 24.68 -20.87
CA ALA B 258 -20.68 24.55 -22.10
C ALA B 258 -21.56 24.46 -23.37
N GLY B 259 -22.87 24.23 -23.21
CA GLY B 259 -23.83 24.19 -24.31
C GLY B 259 -24.73 22.98 -24.44
N ALA B 260 -24.57 21.96 -23.56
CA ALA B 260 -25.41 20.76 -23.64
C ALA B 260 -26.82 21.03 -23.18
N SER B 261 -27.81 20.35 -23.81
CA SER B 261 -29.22 20.49 -23.40
C SER B 261 -29.56 19.34 -22.46
N THR B 262 -28.97 18.17 -22.66
CA THR B 262 -29.16 16.97 -21.82
C THR B 262 -27.79 16.34 -21.59
N ILE B 263 -27.75 15.35 -20.67
CA ILE B 263 -26.58 14.59 -20.22
C ILE B 263 -26.92 13.10 -20.33
N MET B 264 -26.02 12.29 -20.92
CA MET B 264 -26.20 10.85 -20.95
C MET B 264 -25.22 10.21 -19.98
N VAL B 265 -25.74 9.34 -19.11
CA VAL B 265 -24.92 8.67 -18.11
C VAL B 265 -25.03 7.16 -18.22
N GLY B 266 -23.90 6.51 -18.00
CA GLY B 266 -23.78 5.07 -17.97
C GLY B 266 -23.46 4.62 -16.57
N SER B 267 -22.20 4.87 -16.11
CA SER B 267 -21.70 4.44 -14.78
C SER B 267 -22.55 4.91 -13.60
N LEU B 268 -23.04 6.15 -13.62
CA LEU B 268 -23.87 6.64 -12.52
C LEU B 268 -25.15 5.82 -12.28
N LEU B 269 -25.76 5.30 -13.38
CA LEU B 269 -26.99 4.50 -13.29
C LEU B 269 -26.73 2.99 -13.26
N ALA B 270 -25.50 2.55 -13.58
CA ALA B 270 -25.07 1.16 -13.50
C ALA B 270 -24.99 0.81 -12.00
N GLY B 271 -25.41 -0.40 -11.63
CA GLY B 271 -25.39 -0.85 -10.23
C GLY B 271 -26.67 -0.56 -9.45
N THR B 272 -27.63 0.15 -10.08
CA THR B 272 -28.88 0.49 -9.44
C THR B 272 -29.82 -0.67 -9.63
N GLU B 273 -30.83 -0.77 -8.78
CA GLU B 273 -31.82 -1.83 -8.81
C GLU B 273 -32.44 -2.03 -10.20
N GLU B 274 -32.82 -0.91 -10.87
CA GLU B 274 -33.48 -0.85 -12.20
C GLU B 274 -32.60 -1.23 -13.40
N ALA B 275 -31.27 -1.13 -13.27
CA ALA B 275 -30.31 -1.47 -14.33
C ALA B 275 -30.32 -2.97 -14.60
N PRO B 276 -30.06 -3.46 -15.85
CA PRO B 276 -30.04 -4.91 -16.10
C PRO B 276 -28.94 -5.61 -15.30
N GLY B 277 -29.15 -6.87 -15.00
CA GLY B 277 -28.18 -7.67 -14.25
C GLY B 277 -28.60 -7.95 -12.83
N GLU B 278 -28.11 -9.07 -12.29
CA GLU B 278 -28.38 -9.49 -10.92
C GLU B 278 -27.27 -8.98 -10.03
N VAL B 279 -27.54 -8.84 -8.74
CA VAL B 279 -26.53 -8.41 -7.79
C VAL B 279 -25.62 -9.57 -7.44
N GLU B 280 -24.31 -9.35 -7.47
CA GLU B 280 -23.35 -10.38 -7.15
C GLU B 280 -22.65 -10.11 -5.84
N PHE B 281 -22.50 -11.16 -5.03
CA PHE B 281 -21.84 -11.12 -3.75
C PHE B 281 -20.35 -11.34 -4.02
N PHE B 282 -19.52 -10.30 -3.84
CA PHE B 282 -18.09 -10.39 -4.06
C PHE B 282 -17.31 -9.75 -2.92
N GLN B 283 -16.53 -10.59 -2.17
CA GLN B 283 -15.73 -10.21 -1.01
C GLN B 283 -16.58 -9.46 0.02
N GLY B 284 -17.72 -10.07 0.36
CA GLY B 284 -18.70 -9.51 1.29
C GLY B 284 -19.65 -8.52 0.65
N ARG B 285 -19.09 -7.51 -0.05
CA ARG B 285 -19.81 -6.44 -0.75
C ARG B 285 -20.72 -6.91 -1.89
N TYR B 286 -21.70 -6.07 -2.26
CA TYR B 286 -22.67 -6.30 -3.34
C TYR B 286 -22.36 -5.42 -4.56
N TYR B 287 -22.35 -6.05 -5.75
CA TYR B 287 -22.02 -5.38 -7.00
C TYR B 287 -22.94 -5.74 -8.16
N LYS B 288 -22.88 -4.97 -9.23
CA LYS B 288 -23.52 -5.24 -10.51
C LYS B 288 -22.46 -5.06 -11.59
N ALA B 289 -22.63 -5.74 -12.73
CA ALA B 289 -21.71 -5.65 -13.85
C ALA B 289 -21.93 -4.34 -14.60
N TYR B 290 -20.83 -3.80 -15.12
CA TYR B 290 -20.83 -2.61 -15.95
C TYR B 290 -19.76 -2.79 -17.00
N ARG B 291 -20.15 -2.73 -18.28
CA ARG B 291 -19.20 -2.95 -19.38
C ARG B 291 -19.45 -2.05 -20.56
N GLY B 292 -18.39 -1.73 -21.30
CA GLY B 292 -18.48 -0.95 -22.51
C GLY B 292 -19.16 -1.77 -23.59
N MET B 293 -19.81 -1.12 -24.55
CA MET B 293 -20.48 -1.82 -25.64
C MET B 293 -19.48 -2.35 -26.69
N GLY B 294 -18.26 -1.84 -26.65
CA GLY B 294 -17.15 -2.23 -27.49
C GLY B 294 -16.13 -3.07 -26.73
N SER B 295 -16.55 -3.66 -25.61
CA SER B 295 -15.70 -4.55 -24.82
C SER B 295 -15.77 -5.95 -25.43
N LEU B 296 -14.84 -6.86 -25.06
CA LEU B 296 -14.81 -8.24 -25.55
C LEU B 296 -16.13 -8.96 -25.32
N GLY B 297 -16.61 -8.93 -24.07
CA GLY B 297 -17.87 -9.54 -23.65
C GLY B 297 -19.09 -9.05 -24.41
N ALA B 298 -19.21 -7.71 -24.56
CA ALA B 298 -20.34 -7.10 -25.26
C ALA B 298 -20.34 -7.38 -26.77
N MET B 299 -19.15 -7.46 -27.39
CA MET B 299 -18.99 -7.73 -28.83
C MET B 299 -19.28 -9.20 -29.18
N ALA B 300 -19.02 -10.13 -28.22
CA ALA B 300 -19.24 -11.56 -28.35
C ALA B 300 -20.60 -11.94 -27.74
N LEU B 320 -13.33 -6.17 -35.01
CA LEU B 320 -12.67 -4.98 -34.45
C LEU B 320 -12.06 -5.29 -33.09
N VAL B 321 -10.91 -4.66 -32.77
CA VAL B 321 -10.19 -4.81 -31.49
C VAL B 321 -11.08 -4.10 -30.41
N PRO B 322 -11.20 -4.64 -29.17
CA PRO B 322 -12.07 -3.98 -28.18
C PRO B 322 -11.68 -2.53 -27.84
N GLU B 323 -12.67 -1.67 -27.57
CA GLU B 323 -12.45 -0.28 -27.23
C GLU B 323 -13.10 0.12 -25.91
N GLY B 324 -13.47 -0.89 -25.13
CA GLY B 324 -14.09 -0.71 -23.83
C GLY B 324 -13.68 -1.80 -22.88
N ILE B 325 -13.82 -1.53 -21.57
CA ILE B 325 -13.50 -2.47 -20.51
C ILE B 325 -14.76 -3.03 -19.83
N GLU B 326 -14.62 -4.18 -19.17
CA GLU B 326 -15.69 -4.85 -18.44
C GLU B 326 -15.33 -4.78 -16.96
N GLY B 327 -16.30 -4.48 -16.12
CA GLY B 327 -16.06 -4.35 -14.68
C GLY B 327 -17.29 -4.49 -13.81
N ARG B 328 -17.09 -4.27 -12.50
CA ARG B 328 -18.12 -4.30 -11.45
C ARG B 328 -18.27 -2.90 -10.88
N VAL B 329 -19.51 -2.52 -10.63
CA VAL B 329 -19.89 -1.26 -10.00
C VAL B 329 -20.64 -1.62 -8.70
N PRO B 330 -20.44 -0.87 -7.60
CA PRO B 330 -21.16 -1.21 -6.35
C PRO B 330 -22.66 -1.09 -6.48
N TYR B 331 -23.42 -1.91 -5.72
CA TYR B 331 -24.88 -1.86 -5.73
C TYR B 331 -25.30 -0.52 -5.12
N LYS B 332 -26.20 0.21 -5.80
CA LYS B 332 -26.61 1.57 -5.40
C LYS B 332 -28.07 1.69 -4.98
N GLY B 333 -28.81 0.60 -5.03
CA GLY B 333 -30.22 0.59 -4.65
C GLY B 333 -31.09 1.26 -5.68
N PRO B 334 -32.33 1.70 -5.34
CA PRO B 334 -33.19 2.34 -6.37
C PRO B 334 -32.55 3.55 -7.04
N MET B 335 -32.64 3.63 -8.39
CA MET B 335 -32.07 4.70 -9.21
C MET B 335 -32.56 6.09 -8.79
N GLY B 336 -33.78 6.17 -8.25
CA GLY B 336 -34.40 7.41 -7.80
C GLY B 336 -33.51 8.28 -6.93
N ASN B 337 -32.76 7.65 -6.00
CA ASN B 337 -31.85 8.30 -5.05
C ASN B 337 -30.66 8.97 -5.74
N ILE B 338 -30.04 8.27 -6.69
CA ILE B 338 -28.92 8.75 -7.50
C ILE B 338 -29.38 9.97 -8.33
N VAL B 339 -30.55 9.84 -8.97
CA VAL B 339 -31.17 10.88 -9.80
C VAL B 339 -31.45 12.14 -8.96
N HIS B 340 -32.02 11.98 -7.76
N HIS B 340 -32.02 11.97 -7.75
CA HIS B 340 -32.32 13.10 -6.88
CA HIS B 340 -32.32 13.07 -6.84
C HIS B 340 -31.05 13.80 -6.36
C HIS B 340 -31.05 13.79 -6.38
N GLN B 341 -29.99 13.03 -6.01
CA GLN B 341 -28.68 13.56 -5.58
C GLN B 341 -28.04 14.39 -6.70
N MET B 342 -28.07 13.86 -7.95
CA MET B 342 -27.49 14.50 -9.15
C MET B 342 -28.21 15.77 -9.54
N MET B 343 -29.54 15.69 -9.56
CA MET B 343 -30.39 16.82 -9.93
C MET B 343 -30.37 17.95 -8.88
N GLY B 344 -30.22 17.60 -7.60
CA GLY B 344 -30.14 18.56 -6.51
C GLY B 344 -28.80 19.28 -6.48
N GLY B 345 -27.79 18.66 -7.07
CA GLY B 345 -26.47 19.26 -7.24
C GLY B 345 -26.53 20.27 -8.38
N LEU B 346 -27.21 19.90 -9.49
CA LEU B 346 -27.39 20.77 -10.63
C LEU B 346 -28.25 21.99 -10.23
N ARG B 347 -29.26 21.77 -9.37
CA ARG B 347 -30.11 22.80 -8.79
C ARG B 347 -29.26 23.79 -7.99
N SER B 348 -28.32 23.28 -7.16
CA SER B 348 -27.41 24.09 -6.35
C SER B 348 -26.60 25.02 -7.20
N SER B 349 -26.02 24.46 -8.27
CA SER B 349 -25.22 25.15 -9.28
C SER B 349 -26.04 26.23 -9.97
N MET B 350 -27.33 25.95 -10.23
CA MET B 350 -28.21 26.91 -10.86
C MET B 350 -28.53 28.05 -9.90
N GLY B 351 -28.53 27.75 -8.60
CA GLY B 351 -28.68 28.78 -7.57
C GLY B 351 -27.46 29.70 -7.64
N TYR B 352 -26.25 29.11 -7.59
CA TYR B 352 -24.97 29.81 -7.64
C TYR B 352 -24.78 30.72 -8.86
N THR B 353 -25.29 30.29 -10.03
CA THR B 353 -25.14 31.02 -11.30
C THR B 353 -26.27 31.95 -11.60
N GLY B 354 -27.27 31.93 -10.73
CA GLY B 354 -28.47 32.73 -10.90
C GLY B 354 -29.23 32.30 -12.15
N SER B 355 -29.27 30.97 -12.38
CA SER B 355 -29.95 30.33 -13.51
C SER B 355 -31.28 29.80 -13.00
N ALA B 356 -32.38 30.43 -13.46
CA ALA B 356 -33.75 30.07 -13.07
C ALA B 356 -34.27 28.92 -13.91
N VAL B 357 -33.81 28.86 -15.18
CA VAL B 357 -34.15 27.82 -16.17
C VAL B 357 -32.87 27.25 -16.82
N ILE B 358 -32.94 26.04 -17.40
CA ILE B 358 -31.79 25.40 -18.07
C ILE B 358 -31.13 26.34 -19.09
N GLU B 359 -31.95 27.06 -19.87
CA GLU B 359 -31.51 28.00 -20.90
C GLU B 359 -30.69 29.16 -20.37
N ASP B 360 -30.90 29.54 -19.12
CA ASP B 360 -30.11 30.59 -18.49
C ASP B 360 -28.66 30.13 -18.25
N LEU B 361 -28.49 28.85 -17.84
CA LEU B 361 -27.18 28.24 -17.58
C LEU B 361 -26.42 28.08 -18.89
N ARG B 362 -27.08 27.61 -19.95
CA ARG B 362 -26.51 27.41 -21.28
C ARG B 362 -25.97 28.71 -21.89
N GLN B 363 -26.72 29.80 -21.74
CA GLN B 363 -26.42 31.11 -22.32
C GLN B 363 -25.53 32.03 -21.47
N ASN B 364 -25.70 32.01 -20.14
CA ASN B 364 -24.99 32.94 -19.27
C ASN B 364 -23.84 32.36 -18.45
N ALA B 365 -23.50 31.06 -18.58
CA ALA B 365 -22.39 30.47 -17.81
C ALA B 365 -21.04 31.06 -18.18
N LYS B 366 -20.25 31.40 -17.16
CA LYS B 366 -18.89 31.91 -17.25
C LYS B 366 -18.03 30.93 -16.47
N PHE B 367 -16.90 30.57 -17.06
CA PHE B 367 -15.94 29.60 -16.52
C PHE B 367 -14.59 30.22 -16.26
N VAL B 368 -13.80 29.52 -15.45
CA VAL B 368 -12.38 29.81 -15.26
C VAL B 368 -11.65 28.52 -15.57
N LYS B 369 -10.46 28.64 -16.18
CA LYS B 369 -9.63 27.47 -16.44
C LYS B 369 -8.78 27.31 -15.18
N ILE B 370 -8.69 26.09 -14.67
CA ILE B 370 -7.91 25.81 -13.46
C ILE B 370 -6.69 24.98 -13.84
N THR B 371 -5.66 24.95 -12.98
CA THR B 371 -4.42 24.20 -13.23
C THR B 371 -4.49 22.81 -12.57
N SER B 372 -3.40 22.03 -12.70
CA SER B 372 -3.21 20.72 -12.09
C SER B 372 -3.39 20.80 -10.56
N ALA B 373 -2.93 21.93 -9.93
CA ALA B 373 -3.03 22.19 -8.50
C ALA B 373 -4.50 22.35 -8.04
N GLY B 374 -5.35 22.90 -8.92
CA GLY B 374 -6.77 23.05 -8.67
C GLY B 374 -7.52 21.78 -9.03
N MET C 17 20.51 35.04 -21.51
CA MET C 17 19.10 34.62 -21.36
C MET C 17 18.90 33.16 -21.84
N LEU C 18 17.93 32.46 -21.21
CA LEU C 18 17.55 31.07 -21.46
C LEU C 18 16.91 30.88 -22.83
N THR C 19 17.44 29.92 -23.59
CA THR C 19 16.91 29.59 -24.90
C THR C 19 15.97 28.39 -24.83
N ILE C 20 14.65 28.66 -24.77
CA ILE C 20 13.61 27.63 -24.80
C ILE C 20 13.10 27.68 -26.24
N VAL C 21 13.48 26.66 -27.02
CA VAL C 21 13.15 26.54 -28.45
C VAL C 21 11.61 26.42 -28.66
N GLN C 22 10.95 25.62 -27.79
CA GLN C 22 9.51 25.37 -27.84
C GLN C 22 9.05 24.63 -26.60
N GLU C 23 7.72 24.46 -26.49
CA GLU C 23 7.12 23.59 -25.50
C GLU C 23 6.96 22.28 -26.28
N ALA C 24 7.75 21.27 -25.94
CA ALA C 24 7.76 20.01 -26.64
C ALA C 24 6.74 19.01 -26.10
N LEU C 25 6.07 18.29 -27.01
CA LEU C 25 4.98 17.35 -26.72
C LEU C 25 5.33 15.89 -26.89
N THR C 26 4.77 15.07 -26.01
CA THR C 26 4.88 13.62 -26.03
C THR C 26 3.50 13.06 -26.43
N PHE C 27 3.39 11.71 -26.56
CA PHE C 27 2.15 11.02 -26.94
C PHE C 27 0.94 11.40 -26.09
N ASP C 28 1.11 11.40 -24.75
CA ASP C 28 0.06 11.72 -23.76
C ASP C 28 -0.42 13.17 -23.78
N ASP C 29 0.32 14.07 -24.46
CA ASP C 29 -0.05 15.47 -24.55
C ASP C 29 -1.08 15.75 -25.59
N VAL C 30 -1.26 14.82 -26.52
CA VAL C 30 -2.14 15.01 -27.69
C VAL C 30 -3.16 13.89 -27.89
N LEU C 31 -4.20 14.19 -28.65
CA LEU C 31 -5.20 13.23 -29.10
C LEU C 31 -5.50 13.54 -30.55
N LEU C 32 -5.69 12.50 -31.37
CA LEU C 32 -6.08 12.67 -32.77
C LEU C 32 -7.56 12.95 -32.79
N LEU C 33 -7.98 13.81 -33.71
CA LEU C 33 -9.40 14.15 -33.86
C LEU C 33 -10.10 13.29 -34.86
N PRO C 34 -11.34 12.80 -34.60
CA PRO C 34 -12.08 12.07 -35.66
C PRO C 34 -12.48 13.04 -36.78
N ALA C 35 -12.51 12.53 -38.02
CA ALA C 35 -12.82 13.30 -39.22
C ALA C 35 -13.82 12.56 -40.08
N TYR C 36 -14.32 13.19 -41.16
CA TYR C 36 -15.26 12.54 -42.06
C TYR C 36 -14.62 11.28 -42.65
N SER C 37 -15.33 10.16 -42.58
CA SER C 37 -14.78 8.87 -42.98
C SER C 37 -15.71 8.01 -43.84
N THR C 38 -15.14 7.44 -44.91
CA THR C 38 -15.83 6.50 -45.82
C THR C 38 -15.04 5.19 -45.81
N VAL C 39 -14.26 4.97 -44.74
CA VAL C 39 -13.44 3.80 -44.64
C VAL C 39 -13.66 3.08 -43.30
N LEU C 40 -13.79 1.77 -43.38
CA LEU C 40 -13.90 0.95 -42.18
C LEU C 40 -12.48 0.45 -41.85
N PRO C 41 -12.17 0.29 -40.54
CA PRO C 41 -10.85 -0.20 -40.15
C PRO C 41 -10.33 -1.46 -40.89
N LYS C 42 -11.21 -2.45 -41.20
CA LYS C 42 -10.85 -3.68 -41.92
C LYS C 42 -10.28 -3.44 -43.34
N ASP C 43 -10.68 -2.34 -43.99
CA ASP C 43 -10.33 -2.01 -45.37
C ASP C 43 -9.15 -1.09 -45.53
N VAL C 44 -8.63 -0.51 -44.42
CA VAL C 44 -7.47 0.40 -44.53
C VAL C 44 -6.19 -0.36 -44.93
N SER C 45 -5.27 0.35 -45.62
CA SER C 45 -3.97 -0.16 -46.03
C SER C 45 -2.90 0.33 -45.05
N LEU C 46 -2.14 -0.59 -44.49
CA LEU C 46 -1.07 -0.32 -43.53
C LEU C 46 0.32 -0.31 -44.22
N LYS C 47 0.35 -0.38 -45.57
CA LYS C 47 1.59 -0.36 -46.36
C LYS C 47 2.27 1.00 -46.22
N THR C 48 3.59 0.99 -46.01
CA THR C 48 4.38 2.19 -45.80
C THR C 48 5.83 1.97 -46.30
N ARG C 49 6.70 3.00 -46.16
CA ARG C 49 8.09 2.84 -46.53
C ARG C 49 9.00 2.94 -45.33
N LEU C 50 9.95 1.98 -45.24
CA LEU C 50 10.96 1.93 -44.19
C LEU C 50 12.06 2.95 -44.54
N THR C 51 12.55 2.88 -45.78
CA THR C 51 13.57 3.75 -46.37
C THR C 51 13.02 4.24 -47.70
N ARG C 52 13.74 5.09 -48.43
CA ARG C 52 13.19 5.53 -49.72
C ARG C 52 13.09 4.36 -50.75
N GLY C 53 13.91 3.31 -50.60
CA GLY C 53 13.88 2.11 -51.45
C GLY C 53 13.14 0.90 -50.92
N ILE C 54 12.99 0.76 -49.57
CA ILE C 54 12.30 -0.39 -48.96
C ILE C 54 10.89 -0.05 -48.47
N TYR C 55 9.90 -0.84 -48.90
CA TYR C 55 8.52 -0.70 -48.47
C TYR C 55 8.16 -1.88 -47.57
N LEU C 56 7.35 -1.60 -46.54
CA LEU C 56 6.83 -2.60 -45.59
C LEU C 56 5.31 -2.72 -45.78
N ASN C 57 4.73 -3.85 -45.34
CA ASN C 57 3.28 -4.06 -45.42
C ASN C 57 2.56 -3.58 -44.15
N ILE C 58 3.32 -3.41 -43.04
CA ILE C 58 2.85 -2.89 -41.74
C ILE C 58 3.92 -1.88 -41.25
N PRO C 59 3.55 -0.76 -40.57
CA PRO C 59 4.59 0.20 -40.15
C PRO C 59 5.36 -0.18 -38.88
N LEU C 60 5.60 -1.47 -38.67
CA LEU C 60 6.24 -1.93 -37.46
C LEU C 60 7.64 -2.48 -37.69
N VAL C 61 8.58 -2.03 -36.84
CA VAL C 61 9.99 -2.42 -36.87
C VAL C 61 10.37 -2.88 -35.44
N SER C 62 11.04 -4.03 -35.32
CA SER C 62 11.48 -4.49 -34.01
C SER C 62 12.87 -3.92 -33.68
N ALA C 63 13.04 -3.43 -32.43
CA ALA C 63 14.26 -2.80 -31.95
C ALA C 63 15.54 -3.65 -32.02
N ALA C 64 16.67 -3.00 -32.33
CA ALA C 64 17.98 -3.63 -32.39
C ALA C 64 18.51 -3.78 -30.94
N MET C 65 17.92 -4.73 -30.19
CA MET C 65 18.21 -5.00 -28.78
C MET C 65 18.40 -6.49 -28.55
N ASP C 66 19.40 -6.86 -27.72
CA ASP C 66 19.75 -8.25 -27.44
C ASP C 66 18.64 -9.02 -26.65
N THR C 67 17.55 -8.33 -26.26
CA THR C 67 16.40 -8.92 -25.59
C THR C 67 15.12 -8.77 -26.47
N VAL C 68 15.28 -8.28 -27.71
CA VAL C 68 14.16 -8.07 -28.65
C VAL C 68 14.38 -8.76 -30.00
N THR C 69 15.48 -8.46 -30.72
CA THR C 69 15.65 -9.00 -32.09
C THR C 69 16.93 -9.75 -32.41
N GLU C 70 16.73 -11.02 -32.73
CA GLU C 70 17.71 -11.94 -33.29
C GLU C 70 16.95 -12.59 -34.45
N SER C 71 17.52 -13.56 -35.18
CA SER C 71 16.91 -14.16 -36.38
C SER C 71 15.45 -14.60 -36.19
N ARG C 72 15.11 -15.22 -35.04
CA ARG C 72 13.75 -15.69 -34.74
C ARG C 72 12.70 -14.55 -34.81
N MET C 73 13.01 -13.40 -34.17
CA MET C 73 12.14 -12.23 -34.17
C MET C 73 12.10 -11.59 -35.55
N ALA C 74 13.27 -11.47 -36.21
CA ALA C 74 13.36 -10.87 -37.54
C ALA C 74 12.52 -11.65 -38.58
N ILE C 75 12.47 -13.01 -38.48
CA ILE C 75 11.67 -13.87 -39.36
C ILE C 75 10.19 -13.60 -39.15
N ALA C 76 9.74 -13.65 -37.87
CA ALA C 76 8.37 -13.39 -37.47
C ALA C 76 7.94 -11.96 -37.87
N MET C 77 8.82 -10.96 -37.71
CA MET C 77 8.56 -9.56 -38.10
C MET C 77 8.30 -9.45 -39.60
N ALA C 78 9.21 -10.02 -40.42
CA ALA C 78 9.10 -10.04 -41.89
C ALA C 78 7.87 -10.80 -42.40
N GLN C 79 7.53 -11.93 -41.77
CA GLN C 79 6.34 -12.74 -42.12
C GLN C 79 5.02 -11.97 -41.90
N ASN C 80 5.00 -11.09 -40.88
CA ASN C 80 3.86 -10.25 -40.50
C ASN C 80 3.76 -8.94 -41.32
N GLY C 81 4.74 -8.70 -42.18
CA GLY C 81 4.75 -7.52 -43.05
C GLY C 81 5.72 -6.43 -42.68
N GLY C 82 6.37 -6.58 -41.54
CA GLY C 82 7.34 -5.61 -41.03
C GLY C 82 8.76 -6.04 -41.25
N ILE C 83 9.66 -5.54 -40.40
CA ILE C 83 11.07 -5.85 -40.50
C ILE C 83 11.70 -5.88 -39.11
N GLY C 84 12.70 -6.71 -38.96
CA GLY C 84 13.48 -6.81 -37.73
C GLY C 84 14.83 -6.19 -37.97
N ILE C 85 15.37 -5.51 -36.94
CA ILE C 85 16.71 -4.94 -37.01
C ILE C 85 17.55 -5.76 -36.04
N LEU C 86 18.43 -6.65 -36.56
CA LEU C 86 19.27 -7.50 -35.72
C LEU C 86 20.24 -6.64 -34.89
N HIS C 87 20.33 -6.94 -33.58
CA HIS C 87 21.22 -6.20 -32.69
C HIS C 87 22.70 -6.43 -33.01
N LYS C 88 23.56 -5.46 -32.64
CA LYS C 88 24.99 -5.47 -32.90
C LYS C 88 25.82 -5.98 -31.70
N ASN C 89 25.16 -6.47 -30.63
CA ASN C 89 25.85 -6.99 -29.44
C ASN C 89 26.22 -8.47 -29.61
N MET C 90 26.91 -8.74 -30.70
CA MET C 90 27.42 -10.02 -31.14
C MET C 90 28.48 -9.76 -32.18
N ASP C 91 29.40 -10.70 -32.32
CA ASP C 91 30.53 -10.58 -33.24
C ASP C 91 30.08 -10.64 -34.70
N ILE C 92 30.87 -10.02 -35.60
CA ILE C 92 30.62 -9.92 -37.04
C ILE C 92 30.11 -11.24 -37.64
N ALA C 93 30.77 -12.37 -37.34
CA ALA C 93 30.36 -13.67 -37.86
C ALA C 93 29.00 -14.12 -37.36
N ALA C 94 28.71 -13.90 -36.06
CA ALA C 94 27.41 -14.24 -35.44
C ALA C 94 26.28 -13.47 -36.08
N GLN C 95 26.51 -12.16 -36.33
CA GLN C 95 25.54 -11.27 -36.94
C GLN C 95 25.27 -11.62 -38.39
N ALA C 96 26.33 -11.92 -39.17
CA ALA C 96 26.23 -12.34 -40.59
C ALA C 96 25.47 -13.67 -40.70
N ALA C 97 25.71 -14.59 -39.75
CA ALA C 97 25.04 -15.90 -39.68
C ALA C 97 23.53 -15.71 -39.47
N GLU C 98 23.17 -14.72 -38.63
CA GLU C 98 21.80 -14.34 -38.29
C GLU C 98 21.07 -13.75 -39.49
N VAL C 99 21.75 -12.91 -40.30
CA VAL C 99 21.22 -12.30 -41.54
C VAL C 99 20.86 -13.40 -42.52
N ARG C 100 21.77 -14.40 -42.69
CA ARG C 100 21.62 -15.55 -43.61
C ARG C 100 20.45 -16.44 -43.21
N ARG C 101 20.29 -16.67 -41.90
CA ARG C 101 19.23 -17.45 -41.28
C ARG C 101 17.87 -16.88 -41.74
N VAL C 102 17.75 -15.54 -41.86
CA VAL C 102 16.53 -14.85 -42.30
C VAL C 102 16.43 -14.83 -43.83
N LYS C 103 17.57 -14.62 -44.52
CA LYS C 103 17.61 -14.60 -45.98
C LYS C 103 17.33 -15.96 -46.62
N LYS C 104 17.75 -17.06 -45.95
CA LYS C 104 17.56 -18.43 -46.44
C LYS C 104 16.29 -19.09 -45.89
N PHE C 105 15.57 -18.42 -44.98
CA PHE C 105 14.35 -18.99 -44.40
C PHE C 105 13.26 -19.23 -45.45
N GLU C 106 12.70 -20.46 -45.43
CA GLU C 106 11.60 -20.92 -46.28
C GLU C 106 10.54 -21.53 -45.38
N ALA C 107 9.27 -21.13 -45.59
CA ALA C 107 8.12 -21.60 -44.81
C ALA C 107 7.54 -22.93 -45.36
N GLY C 108 6.64 -23.56 -44.60
CA GLY C 108 5.99 -24.82 -44.94
C GLY C 108 5.00 -24.74 -46.09
N TYR C 113 1.60 -16.91 -44.79
CA TYR C 113 1.97 -15.52 -44.53
C TYR C 113 1.89 -14.72 -45.85
N PRO C 114 0.68 -14.26 -46.26
CA PRO C 114 0.54 -13.53 -47.53
C PRO C 114 1.07 -12.09 -47.48
N ASN C 115 1.10 -11.50 -46.27
CA ASN C 115 1.56 -10.13 -46.07
C ASN C 115 3.06 -10.03 -45.84
N SER C 116 3.83 -11.11 -46.11
CA SER C 116 5.27 -11.18 -45.95
C SER C 116 6.00 -10.03 -46.61
N CYS C 117 7.02 -9.50 -45.93
CA CYS C 117 7.82 -8.43 -46.47
C CYS C 117 9.08 -9.07 -47.03
N LYS C 118 9.18 -9.08 -48.37
CA LYS C 118 10.25 -9.74 -49.12
C LYS C 118 10.98 -8.83 -50.10
N ASP C 119 12.21 -9.20 -50.45
CA ASP C 119 13.03 -8.50 -51.44
C ASP C 119 12.63 -8.93 -52.89
N ASP C 120 13.38 -8.44 -53.90
CA ASP C 120 13.17 -8.75 -55.32
C ASP C 120 13.31 -10.26 -55.64
N LEU C 121 14.12 -10.97 -54.85
CA LEU C 121 14.42 -12.40 -54.95
C LEU C 121 13.40 -13.28 -54.17
N GLY C 122 12.38 -12.66 -53.59
CA GLY C 122 11.35 -13.34 -52.79
C GLY C 122 11.80 -13.80 -51.41
N ARG C 123 12.93 -13.29 -50.91
CA ARG C 123 13.45 -13.66 -49.59
C ARG C 123 12.94 -12.66 -48.55
N LEU C 124 12.77 -13.12 -47.29
CA LEU C 124 12.33 -12.28 -46.19
C LEU C 124 13.34 -11.16 -45.98
N ARG C 125 12.84 -9.93 -45.76
CA ARG C 125 13.66 -8.74 -45.51
C ARG C 125 14.18 -8.74 -44.07
N VAL C 126 15.39 -8.19 -43.87
CA VAL C 126 16.06 -8.05 -42.57
C VAL C 126 17.01 -6.83 -42.60
N GLY C 127 17.20 -6.23 -41.42
CA GLY C 127 18.12 -5.13 -41.17
C GLY C 127 19.10 -5.56 -40.10
N ALA C 128 20.22 -4.84 -40.00
CA ALA C 128 21.23 -5.10 -38.98
C ALA C 128 21.83 -3.80 -38.51
N ALA C 129 22.05 -3.70 -37.20
CA ALA C 129 22.65 -2.52 -36.57
C ALA C 129 24.19 -2.60 -36.63
N VAL C 130 24.83 -1.43 -36.80
CA VAL C 130 26.29 -1.24 -36.78
C VAL C 130 26.59 0.00 -35.92
N GLY C 131 27.79 0.07 -35.36
CA GLY C 131 28.26 1.20 -34.58
C GLY C 131 29.11 2.10 -35.45
N THR C 132 30.06 2.82 -34.84
CA THR C 132 31.00 3.70 -35.57
C THR C 132 32.48 3.26 -35.31
N GLY C 133 32.67 2.32 -34.37
CA GLY C 133 33.97 1.77 -33.99
C GLY C 133 34.75 1.11 -35.10
N ALA C 134 36.01 0.71 -34.79
CA ALA C 134 36.98 0.11 -35.73
C ALA C 134 36.47 -1.09 -36.54
N ASP C 135 35.61 -1.93 -35.93
CA ASP C 135 35.03 -3.13 -36.55
C ASP C 135 33.93 -2.82 -37.60
N THR C 136 33.40 -1.57 -37.66
CA THR C 136 32.29 -1.19 -38.55
C THR C 136 32.56 -1.52 -40.03
N PRO C 137 33.70 -1.14 -40.66
CA PRO C 137 33.89 -1.48 -42.08
C PRO C 137 33.78 -2.98 -42.40
N SER C 138 34.34 -3.85 -41.51
CA SER C 138 34.29 -5.31 -41.66
C SER C 138 32.91 -5.84 -41.40
N ARG C 139 32.22 -5.25 -40.39
CA ARG C 139 30.86 -5.63 -40.01
C ARG C 139 29.91 -5.34 -41.18
N VAL C 140 29.95 -4.09 -41.74
CA VAL C 140 29.12 -3.67 -42.89
C VAL C 140 29.32 -4.62 -44.06
N GLU C 141 30.57 -4.89 -44.42
CA GLU C 141 30.92 -5.79 -45.53
C GLU C 141 30.36 -7.21 -45.35
N ALA C 142 30.49 -7.80 -44.14
CA ALA C 142 29.96 -9.13 -43.83
C ALA C 142 28.42 -9.17 -43.91
N LEU C 143 27.77 -8.11 -43.41
CA LEU C 143 26.32 -8.03 -43.43
C LEU C 143 25.77 -7.86 -44.85
N VAL C 144 26.43 -7.04 -45.70
CA VAL C 144 26.04 -6.80 -47.10
C VAL C 144 26.17 -8.13 -47.89
N GLU C 145 27.26 -8.86 -47.64
CA GLU C 145 27.57 -10.14 -48.25
C GLU C 145 26.52 -11.21 -47.88
N ALA C 146 26.00 -11.17 -46.62
CA ALA C 146 24.97 -12.13 -46.14
C ALA C 146 23.58 -11.85 -46.69
N GLY C 147 23.44 -10.74 -47.41
CA GLY C 147 22.20 -10.32 -48.05
C GLY C 147 21.32 -9.38 -47.26
N VAL C 148 21.90 -8.58 -46.32
CA VAL C 148 21.15 -7.60 -45.49
C VAL C 148 20.51 -6.55 -46.40
N ASP C 149 19.25 -6.21 -46.11
CA ASP C 149 18.49 -5.26 -46.93
C ASP C 149 18.81 -3.83 -46.56
N VAL C 150 19.08 -3.60 -45.25
CA VAL C 150 19.35 -2.28 -44.69
C VAL C 150 20.36 -2.33 -43.55
N ILE C 151 21.34 -1.41 -43.61
CA ILE C 151 22.34 -1.18 -42.57
C ILE C 151 21.79 -0.04 -41.70
N VAL C 152 21.73 -0.24 -40.38
CA VAL C 152 21.25 0.78 -39.45
C VAL C 152 22.47 1.24 -38.64
N VAL C 153 22.97 2.48 -38.89
CA VAL C 153 24.07 3.04 -38.12
C VAL C 153 23.40 3.49 -36.81
N ASP C 154 23.35 2.58 -35.83
CA ASP C 154 22.65 2.77 -34.56
C ASP C 154 23.54 3.30 -33.43
N THR C 155 23.13 4.44 -32.88
CA THR C 155 23.84 5.14 -31.84
C THR C 155 22.87 5.96 -30.98
N ALA C 156 23.39 6.53 -29.88
CA ALA C 156 22.61 7.39 -28.99
C ALA C 156 22.55 8.81 -29.54
N HIS C 157 23.54 9.22 -30.37
CA HIS C 157 23.65 10.58 -30.89
C HIS C 157 23.99 10.64 -32.41
N GLY C 158 22.94 10.64 -33.24
CA GLY C 158 23.03 10.67 -34.71
C GLY C 158 23.58 11.96 -35.28
N HIS C 159 23.44 13.07 -34.52
CA HIS C 159 23.95 14.38 -34.88
C HIS C 159 25.47 14.58 -34.52
N SER C 160 26.24 13.49 -34.58
CA SER C 160 27.67 13.52 -34.33
C SER C 160 28.40 13.24 -35.63
N ALA C 161 29.53 13.96 -35.88
CA ALA C 161 30.34 13.80 -37.09
C ALA C 161 30.65 12.33 -37.41
N GLY C 162 30.82 11.51 -36.35
CA GLY C 162 31.11 10.09 -36.46
C GLY C 162 30.05 9.32 -37.19
N VAL C 163 28.77 9.61 -36.90
CA VAL C 163 27.62 8.95 -37.53
C VAL C 163 27.40 9.53 -38.92
N ILE C 164 27.44 10.87 -39.09
CA ILE C 164 27.25 11.50 -40.41
C ILE C 164 28.27 10.95 -41.44
N GLU C 165 29.55 10.81 -41.03
CA GLU C 165 30.61 10.26 -41.90
C GLU C 165 30.49 8.77 -42.13
N ARG C 166 30.02 7.99 -41.11
CA ARG C 166 29.82 6.55 -41.27
C ARG C 166 28.65 6.29 -42.20
N VAL C 167 27.58 7.10 -42.09
CA VAL C 167 26.42 7.01 -42.98
C VAL C 167 26.89 7.26 -44.46
N ARG C 168 27.74 8.30 -44.69
CA ARG C 168 28.28 8.71 -45.99
C ARG C 168 29.17 7.64 -46.58
N TRP C 169 29.96 6.96 -45.73
CA TRP C 169 30.86 5.86 -46.07
C TRP C 169 30.06 4.64 -46.54
N VAL C 170 29.01 4.24 -45.78
CA VAL C 170 28.15 3.10 -46.14
C VAL C 170 27.47 3.33 -47.51
N LYS C 171 26.97 4.55 -47.76
CA LYS C 171 26.30 4.91 -49.01
C LYS C 171 27.23 4.89 -50.23
N GLN C 172 28.44 5.45 -50.08
CA GLN C 172 29.45 5.53 -51.13
C GLN C 172 30.07 4.17 -51.44
N ASN C 173 30.36 3.36 -50.40
CA ASN C 173 31.01 2.05 -50.53
C ASN C 173 30.08 0.90 -50.79
N PHE C 174 28.82 0.99 -50.33
CA PHE C 174 27.83 -0.06 -50.52
C PHE C 174 26.51 0.53 -51.03
N PRO C 175 26.45 1.11 -52.26
CA PRO C 175 25.19 1.70 -52.73
C PRO C 175 24.04 0.69 -52.93
N GLN C 176 24.36 -0.60 -53.00
CA GLN C 176 23.40 -1.70 -53.17
C GLN C 176 22.56 -2.00 -51.91
N VAL C 177 22.96 -1.45 -50.75
CA VAL C 177 22.26 -1.61 -49.48
C VAL C 177 21.65 -0.27 -49.06
N GLN C 178 20.51 -0.32 -48.37
CA GLN C 178 19.85 0.89 -47.86
C GLN C 178 20.50 1.21 -46.53
N VAL C 179 20.60 2.50 -46.17
CA VAL C 179 21.24 2.90 -44.90
C VAL C 179 20.36 3.88 -44.09
N ILE C 180 20.25 3.61 -42.78
CA ILE C 180 19.51 4.42 -41.80
C ILE C 180 20.54 5.02 -40.83
N GLY C 181 20.35 6.27 -40.45
CA GLY C 181 21.17 6.97 -39.47
C GLY C 181 20.33 7.44 -38.29
N GLY C 182 20.91 7.42 -37.11
CA GLY C 182 20.22 7.83 -35.89
C GLY C 182 21.02 7.50 -34.64
N ASN C 183 20.49 7.81 -33.43
CA ASN C 183 19.18 8.42 -33.21
C ASN C 183 19.23 9.93 -33.18
N ILE C 184 18.15 10.57 -33.68
CA ILE C 184 18.05 12.04 -33.75
C ILE C 184 16.75 12.54 -33.12
N ALA C 185 16.66 13.83 -32.86
CA ALA C 185 15.47 14.43 -32.28
C ALA C 185 15.16 15.80 -32.90
N THR C 186 16.02 16.30 -33.80
CA THR C 186 15.84 17.63 -34.41
C THR C 186 15.88 17.59 -35.92
N GLY C 187 15.32 18.63 -36.55
CA GLY C 187 15.31 18.84 -37.98
C GLY C 187 16.70 19.06 -38.56
N ASP C 188 17.55 19.79 -37.82
CA ASP C 188 18.94 20.07 -38.22
C ASP C 188 19.73 18.76 -38.36
N ALA C 189 19.53 17.81 -37.43
CA ALA C 189 20.17 16.50 -37.42
C ALA C 189 19.71 15.69 -38.62
N ALA C 190 18.39 15.72 -38.95
CA ALA C 190 17.77 15.04 -40.09
C ALA C 190 18.37 15.51 -41.41
N LEU C 191 18.51 16.85 -41.58
CA LEU C 191 19.10 17.47 -42.77
C LEU C 191 20.57 17.07 -42.91
N ALA C 192 21.31 16.98 -41.81
CA ALA C 192 22.71 16.55 -41.82
C ALA C 192 22.81 15.11 -42.33
N LEU C 193 21.93 14.22 -41.82
CA LEU C 193 21.94 12.81 -42.24
C LEU C 193 21.43 12.64 -43.69
N LEU C 194 20.50 13.51 -44.13
CA LEU C 194 19.97 13.52 -45.50
C LEU C 194 21.09 13.87 -46.47
N ASP C 195 21.88 14.92 -46.13
CA ASP C 195 23.01 15.38 -46.95
C ASP C 195 24.12 14.31 -47.03
N ALA C 196 24.25 13.49 -45.96
CA ALA C 196 25.22 12.40 -45.84
C ALA C 196 24.84 11.17 -46.69
N GLY C 197 23.57 11.13 -47.16
CA GLY C 197 23.07 10.07 -48.03
C GLY C 197 22.18 9.01 -47.41
N ALA C 198 21.72 9.25 -46.15
CA ALA C 198 20.81 8.33 -45.44
C ALA C 198 19.52 8.14 -46.27
N ASP C 199 18.98 6.93 -46.24
CA ASP C 199 17.76 6.56 -46.96
C ASP C 199 16.54 6.71 -46.05
N ALA C 200 16.79 6.89 -44.75
CA ALA C 200 15.82 7.10 -43.69
C ALA C 200 16.58 7.59 -42.47
N VAL C 201 15.86 8.17 -41.51
CA VAL C 201 16.43 8.61 -40.23
C VAL C 201 15.65 7.97 -39.11
N LYS C 202 16.32 7.65 -38.01
CA LYS C 202 15.64 7.08 -36.83
C LYS C 202 15.52 8.15 -35.74
N VAL C 203 14.27 8.39 -35.30
CA VAL C 203 13.98 9.47 -34.35
C VAL C 203 13.69 8.97 -32.95
N GLY C 204 14.38 9.53 -31.96
CA GLY C 204 14.20 9.14 -30.57
C GLY C 204 15.38 9.34 -29.66
N ILE C 205 15.35 10.44 -28.87
CA ILE C 205 16.35 10.78 -27.85
C ILE C 205 15.56 10.99 -26.56
N GLY C 206 15.56 9.98 -25.69
CA GLY C 206 14.82 10.03 -24.44
C GLY C 206 13.44 9.39 -24.36
N PRO C 207 12.71 8.94 -25.43
CA PRO C 207 11.36 8.39 -25.17
C PRO C 207 11.30 6.92 -24.72
N GLY C 208 12.37 6.13 -24.91
CA GLY C 208 12.43 4.73 -24.55
C GLY C 208 11.96 4.39 -23.14
N SER C 209 11.25 3.26 -22.98
CA SER C 209 10.72 2.80 -21.69
C SER C 209 11.85 2.49 -20.67
N ILE C 210 13.00 2.01 -21.17
CA ILE C 210 14.19 1.64 -20.39
C ILE C 210 15.27 2.75 -20.43
N CYS C 211 14.94 3.93 -21.00
CA CYS C 211 15.84 5.08 -21.14
C CYS C 211 16.04 5.87 -19.84
N THR C 212 17.32 6.14 -19.48
CA THR C 212 17.66 6.99 -18.33
C THR C 212 18.54 8.16 -18.79
N THR C 213 18.61 8.42 -20.12
CA THR C 213 19.35 9.52 -20.77
C THR C 213 18.89 10.85 -20.19
N ARG C 214 17.56 11.04 -20.01
CA ARG C 214 16.96 12.25 -19.46
C ARG C 214 17.41 12.53 -18.02
N ILE C 215 17.61 11.46 -17.23
CA ILE C 215 18.02 11.53 -15.82
C ILE C 215 19.55 11.72 -15.74
N VAL C 216 20.31 10.89 -16.49
CA VAL C 216 21.76 10.89 -16.51
C VAL C 216 22.35 12.16 -17.17
N ALA C 217 21.90 12.49 -18.38
CA ALA C 217 22.41 13.63 -19.16
C ALA C 217 21.51 14.87 -19.20
N GLY C 218 20.24 14.74 -18.80
CA GLY C 218 19.27 15.84 -18.82
C GLY C 218 18.93 16.24 -20.23
N ILE C 219 19.16 15.30 -21.16
CA ILE C 219 18.99 15.39 -22.62
C ILE C 219 17.76 14.63 -23.05
N GLY C 220 17.06 15.20 -24.00
CA GLY C 220 15.86 14.57 -24.54
C GLY C 220 14.97 15.48 -25.35
N MET C 221 14.02 14.87 -26.01
CA MET C 221 13.02 15.57 -26.81
C MET C 221 11.73 14.76 -26.81
N PRO C 222 10.64 15.29 -26.19
CA PRO C 222 9.33 14.58 -26.23
C PRO C 222 8.99 14.18 -27.67
N GLN C 223 8.67 12.88 -27.84
CA GLN C 223 8.55 12.18 -29.11
C GLN C 223 7.65 12.82 -30.21
N ILE C 224 6.49 13.38 -29.87
CA ILE C 224 5.62 13.98 -30.87
C ILE C 224 6.30 15.18 -31.54
N SER C 225 6.98 16.01 -30.73
CA SER C 225 7.73 17.18 -31.17
C SER C 225 9.00 16.80 -31.92
N ALA C 226 9.65 15.67 -31.54
CA ALA C 226 10.84 15.13 -32.22
C ALA C 226 10.43 14.71 -33.63
N ILE C 227 9.35 13.90 -33.76
CA ILE C 227 8.80 13.45 -35.06
C ILE C 227 8.45 14.67 -35.94
N ASP C 228 7.75 15.64 -35.35
CA ASP C 228 7.36 16.87 -36.03
C ASP C 228 8.57 17.67 -36.56
N SER C 229 9.55 17.94 -35.70
CA SER C 229 10.78 18.67 -36.04
C SER C 229 11.49 18.04 -37.25
N VAL C 230 11.67 16.72 -37.21
CA VAL C 230 12.32 15.92 -38.24
C VAL C 230 11.51 15.88 -39.53
N ALA C 231 10.20 15.50 -39.46
CA ALA C 231 9.32 15.42 -40.64
C ALA C 231 9.20 16.78 -41.35
N SER C 232 9.11 17.88 -40.59
CA SER C 232 8.98 19.24 -41.16
C SER C 232 10.23 19.64 -41.95
N ALA C 233 11.43 19.27 -41.45
CA ALA C 233 12.70 19.57 -42.11
C ALA C 233 12.90 18.72 -43.38
N LEU C 234 12.58 17.40 -43.30
CA LEU C 234 12.76 16.43 -44.40
C LEU C 234 11.87 16.66 -45.59
N LYS C 235 10.64 17.16 -45.38
CA LYS C 235 9.65 17.43 -46.44
C LYS C 235 9.47 16.22 -47.35
N ASP C 236 9.39 15.03 -46.72
CA ASP C 236 9.19 13.70 -47.31
C ASP C 236 10.29 13.25 -48.28
N GLN C 237 11.49 13.83 -48.20
CA GLN C 237 12.62 13.41 -49.05
C GLN C 237 13.04 12.01 -48.68
N ILE C 238 13.04 11.71 -47.36
CA ILE C 238 13.33 10.39 -46.80
C ILE C 238 12.36 10.12 -45.64
N PRO C 239 11.93 8.85 -45.41
CA PRO C 239 11.04 8.58 -44.28
C PRO C 239 11.77 8.55 -42.94
N LEU C 240 10.99 8.64 -41.84
CA LEU C 240 11.53 8.59 -40.49
C LEU C 240 10.93 7.42 -39.71
N ILE C 241 11.73 6.78 -38.85
CA ILE C 241 11.27 5.69 -37.99
C ILE C 241 11.10 6.34 -36.61
N ALA C 242 9.87 6.31 -36.05
CA ALA C 242 9.62 6.87 -34.71
C ALA C 242 10.00 5.75 -33.75
N ASP C 243 11.14 5.93 -33.09
CA ASP C 243 11.75 4.95 -32.21
C ASP C 243 11.72 5.27 -30.70
N GLY C 244 10.96 4.46 -29.96
CA GLY C 244 10.84 4.55 -28.51
C GLY C 244 9.57 5.18 -27.98
N GLY C 245 9.18 4.74 -26.80
CA GLY C 245 8.03 5.27 -26.06
C GLY C 245 6.66 4.84 -26.48
N ILE C 246 6.57 3.85 -27.39
CA ILE C 246 5.29 3.32 -27.84
C ILE C 246 4.83 2.33 -26.78
N ARG C 247 3.68 2.60 -26.15
CA ARG C 247 3.10 1.73 -25.13
C ARG C 247 1.82 1.11 -25.61
N PHE C 248 1.04 1.86 -26.42
CA PHE C 248 -0.26 1.45 -26.95
C PHE C 248 -0.34 1.72 -28.45
N SER C 249 -1.32 1.07 -29.13
CA SER C 249 -1.57 1.24 -30.57
C SER C 249 -1.94 2.68 -30.92
N GLY C 250 -2.46 3.44 -29.95
CA GLY C 250 -2.81 4.84 -30.16
C GLY C 250 -1.60 5.72 -30.31
N ASP C 251 -0.47 5.34 -29.68
CA ASP C 251 0.81 6.03 -29.75
C ASP C 251 1.40 5.96 -31.16
N MET C 252 1.11 4.85 -31.87
CA MET C 252 1.52 4.57 -33.25
C MET C 252 0.78 5.47 -34.21
N ALA C 253 -0.54 5.56 -34.02
CA ALA C 253 -1.45 6.39 -34.79
C ALA C 253 -1.00 7.87 -34.65
N LYS C 254 -0.69 8.28 -33.40
CA LYS C 254 -0.20 9.61 -33.05
C LYS C 254 1.15 9.88 -33.73
N ALA C 255 2.07 8.90 -33.67
CA ALA C 255 3.39 8.99 -34.28
C ALA C 255 3.29 9.14 -35.80
N ILE C 256 2.41 8.36 -36.46
CA ILE C 256 2.20 8.45 -37.92
C ILE C 256 1.52 9.81 -38.26
N GLY C 257 0.54 10.21 -37.47
CA GLY C 257 -0.14 11.50 -37.64
C GLY C 257 0.81 12.68 -37.53
N ALA C 258 1.84 12.55 -36.67
CA ALA C 258 2.89 13.56 -36.44
C ALA C 258 3.98 13.57 -37.55
N GLY C 259 3.99 12.55 -38.42
CA GLY C 259 4.91 12.50 -39.56
C GLY C 259 5.71 11.24 -39.75
N ALA C 260 5.60 10.25 -38.83
CA ALA C 260 6.39 9.01 -38.93
C ALA C 260 5.88 8.13 -40.03
N SER C 261 6.80 7.37 -40.68
CA SER C 261 6.40 6.41 -41.72
C SER C 261 6.33 5.02 -41.11
N THR C 262 7.19 4.75 -40.13
CA THR C 262 7.25 3.49 -39.39
C THR C 262 7.45 3.80 -37.90
N ILE C 263 7.31 2.76 -37.07
CA ILE C 263 7.43 2.80 -35.62
C ILE C 263 8.35 1.68 -35.17
N MET C 264 9.33 2.01 -34.32
CA MET C 264 10.22 1.00 -33.76
C MET C 264 9.81 0.72 -32.32
N VAL C 265 9.67 -0.58 -31.98
CA VAL C 265 9.27 -1.02 -30.64
C VAL C 265 10.26 -1.98 -30.04
N GLY C 266 10.49 -1.81 -28.74
CA GLY C 266 11.34 -2.67 -27.94
C GLY C 266 10.50 -3.43 -26.93
N SER C 267 10.01 -2.72 -25.89
CA SER C 267 9.23 -3.31 -24.79
C SER C 267 7.99 -4.08 -25.23
N LEU C 268 7.24 -3.61 -26.25
CA LEU C 268 6.05 -4.32 -26.73
C LEU C 268 6.35 -5.71 -27.27
N LEU C 269 7.52 -5.92 -27.89
CA LEU C 269 7.92 -7.22 -28.46
C LEU C 269 8.80 -8.04 -27.52
N ALA C 270 9.34 -7.41 -26.46
CA ALA C 270 10.10 -8.07 -25.42
C ALA C 270 9.13 -8.96 -24.63
N GLY C 271 9.57 -10.14 -24.22
CA GLY C 271 8.71 -11.08 -23.51
C GLY C 271 7.94 -12.05 -24.41
N THR C 272 8.01 -11.84 -25.74
CA THR C 272 7.31 -12.71 -26.67
C THR C 272 8.15 -13.95 -26.93
N GLU C 273 7.51 -15.06 -27.33
CA GLU C 273 8.17 -16.34 -27.61
C GLU C 273 9.41 -16.19 -28.50
N GLU C 274 9.26 -15.40 -29.59
CA GLU C 274 10.26 -15.11 -30.64
C GLU C 274 11.46 -14.26 -30.19
N ALA C 275 11.30 -13.44 -29.15
CA ALA C 275 12.35 -12.56 -28.61
C ALA C 275 13.48 -13.38 -27.98
N PRO C 276 14.77 -12.95 -28.03
CA PRO C 276 15.84 -13.73 -27.39
C PRO C 276 15.62 -13.87 -25.87
N GLY C 277 16.17 -14.92 -25.29
CA GLY C 277 16.05 -15.18 -23.87
C GLY C 277 15.10 -16.32 -23.56
N GLU C 278 15.36 -16.98 -22.42
CA GLU C 278 14.53 -18.09 -21.94
C GLU C 278 13.52 -17.52 -20.97
N VAL C 279 12.40 -18.22 -20.78
CA VAL C 279 11.36 -17.79 -19.85
C VAL C 279 11.79 -18.14 -18.43
N GLU C 280 11.68 -17.18 -17.51
CA GLU C 280 12.05 -17.39 -16.12
C GLU C 280 10.83 -17.42 -15.22
N PHE C 281 10.81 -18.37 -14.29
CA PHE C 281 9.75 -18.56 -13.31
C PHE C 281 10.10 -17.66 -12.13
N PHE C 282 9.31 -16.58 -11.93
CA PHE C 282 9.55 -15.66 -10.82
C PHE C 282 8.24 -15.33 -10.10
N GLN C 283 8.15 -15.73 -8.82
CA GLN C 283 6.98 -15.55 -7.94
C GLN C 283 5.71 -16.09 -8.61
N GLY C 284 5.81 -17.34 -9.09
CA GLY C 284 4.74 -18.03 -9.79
C GLY C 284 4.67 -17.69 -11.27
N ARG C 285 4.61 -16.38 -11.57
CA ARG C 285 4.53 -15.82 -12.93
C ARG C 285 5.74 -16.13 -13.83
N TYR C 286 5.54 -16.02 -15.16
CA TYR C 286 6.54 -16.25 -16.19
C TYR C 286 6.99 -14.92 -16.81
N TYR C 287 8.31 -14.74 -16.94
CA TYR C 287 8.92 -13.50 -17.46
C TYR C 287 10.05 -13.76 -18.44
N LYS C 288 10.44 -12.69 -19.16
CA LYS C 288 11.63 -12.64 -20.02
C LYS C 288 12.37 -11.35 -19.70
N ALA C 289 13.69 -11.36 -19.87
CA ALA C 289 14.52 -10.19 -19.60
C ALA C 289 14.35 -9.14 -20.67
N TYR C 290 14.38 -7.88 -20.24
CA TYR C 290 14.32 -6.72 -21.13
C TYR C 290 15.29 -5.68 -20.59
N ARG C 291 16.26 -5.26 -21.39
CA ARG C 291 17.27 -4.30 -20.93
C ARG C 291 17.67 -3.31 -22.00
N GLY C 292 18.07 -2.11 -21.58
CA GLY C 292 18.57 -1.10 -22.50
C GLY C 292 19.93 -1.51 -23.01
N MET C 293 20.30 -1.05 -24.20
CA MET C 293 21.59 -1.37 -24.80
C MET C 293 22.76 -0.60 -24.14
N GLY C 294 22.41 0.44 -23.40
CA GLY C 294 23.33 1.27 -22.64
C GLY C 294 23.24 1.00 -21.14
N SER C 295 22.69 -0.17 -20.77
CA SER C 295 22.59 -0.59 -19.36
C SER C 295 23.91 -1.24 -18.98
N LEU C 296 24.17 -1.42 -17.66
CA LEU C 296 25.40 -2.04 -17.15
C LEU C 296 25.65 -3.41 -17.77
N GLY C 297 24.63 -4.28 -17.69
CA GLY C 297 24.65 -5.64 -18.24
C GLY C 297 24.94 -5.69 -19.73
N ALA C 298 24.27 -4.85 -20.53
CA ALA C 298 24.45 -4.80 -21.99
C ALA C 298 25.82 -4.28 -22.40
N MET C 299 26.37 -3.30 -21.65
CA MET C 299 27.69 -2.71 -21.93
C MET C 299 28.85 -3.67 -21.59
N ALA C 300 28.65 -4.55 -20.59
CA ALA C 300 29.61 -5.54 -20.12
C ALA C 300 29.34 -6.88 -20.77
N LEU C 320 31.68 4.76 -20.47
CA LEU C 320 30.50 5.61 -20.29
C LEU C 320 29.61 5.12 -19.15
N VAL C 321 28.99 6.06 -18.41
CA VAL C 321 28.05 5.77 -17.32
C VAL C 321 26.76 5.17 -17.94
N PRO C 322 26.09 4.16 -17.33
CA PRO C 322 24.89 3.58 -17.99
C PRO C 322 23.76 4.57 -18.24
N GLU C 323 23.05 4.39 -19.37
CA GLU C 323 21.92 5.23 -19.75
C GLU C 323 20.65 4.46 -19.98
N GLY C 324 20.63 3.23 -19.52
CA GLY C 324 19.48 2.34 -19.61
C GLY C 324 19.37 1.45 -18.40
N ILE C 325 18.16 0.92 -18.17
CA ILE C 325 17.89 0.01 -17.06
C ILE C 325 17.67 -1.43 -17.56
N GLU C 326 17.84 -2.39 -16.64
CA GLU C 326 17.66 -3.82 -16.88
C GLU C 326 16.45 -4.23 -16.09
N GLY C 327 15.58 -5.02 -16.70
CA GLY C 327 14.35 -5.48 -16.08
C GLY C 327 13.79 -6.77 -16.65
N ARG C 328 12.59 -7.12 -16.17
CA ARG C 328 11.81 -8.29 -16.55
C ARG C 328 10.50 -7.79 -17.10
N VAL C 329 10.03 -8.45 -18.17
CA VAL C 329 8.74 -8.18 -18.79
C VAL C 329 7.94 -9.48 -18.76
N PRO C 330 6.59 -9.44 -18.58
CA PRO C 330 5.83 -10.70 -18.54
C PRO C 330 5.89 -11.46 -19.86
N TYR C 331 5.81 -12.81 -19.78
CA TYR C 331 5.78 -13.67 -20.96
C TYR C 331 4.49 -13.35 -21.73
N LYS C 332 4.60 -13.04 -23.03
CA LYS C 332 3.48 -12.63 -23.87
C LYS C 332 3.01 -13.67 -24.87
N GLY C 333 3.76 -14.75 -25.03
CA GLY C 333 3.41 -15.78 -25.99
C GLY C 333 3.86 -15.40 -27.38
N PRO C 334 3.31 -16.02 -28.45
CA PRO C 334 3.77 -15.67 -29.81
C PRO C 334 3.56 -14.20 -30.15
N MET C 335 4.58 -13.56 -30.77
CA MET C 335 4.55 -12.13 -31.10
C MET C 335 3.38 -11.74 -32.01
N GLY C 336 2.90 -12.67 -32.83
CA GLY C 336 1.80 -12.47 -33.76
C GLY C 336 0.58 -11.82 -33.17
N ASN C 337 0.22 -12.21 -31.93
CA ASN C 337 -0.94 -11.70 -31.17
C ASN C 337 -0.80 -10.21 -30.82
N ILE C 338 0.38 -9.82 -30.32
CA ILE C 338 0.73 -8.45 -29.97
C ILE C 338 0.67 -7.57 -31.21
N VAL C 339 1.26 -8.04 -32.32
CA VAL C 339 1.31 -7.37 -33.61
C VAL C 339 -0.12 -7.13 -34.14
N HIS C 340 -0.98 -8.16 -34.10
N HIS C 340 -0.98 -8.17 -34.09
CA HIS C 340 -2.36 -8.05 -34.56
CA HIS C 340 -2.38 -8.10 -34.53
C HIS C 340 -3.20 -7.08 -33.70
C HIS C 340 -3.18 -7.07 -33.70
N GLN C 341 -3.03 -7.10 -32.36
CA GLN C 341 -3.68 -6.17 -31.42
C GLN C 341 -3.28 -4.71 -31.71
N MET C 342 -1.97 -4.47 -32.03
CA MET C 342 -1.37 -3.17 -32.31
C MET C 342 -1.82 -2.62 -33.64
N MET C 343 -1.83 -3.48 -34.66
CA MET C 343 -2.26 -3.11 -36.01
C MET C 343 -3.76 -2.85 -36.08
N GLY C 344 -4.54 -3.62 -35.31
CA GLY C 344 -5.99 -3.48 -35.25
C GLY C 344 -6.41 -2.14 -34.68
N GLY C 345 -5.63 -1.65 -33.71
CA GLY C 345 -5.84 -0.35 -33.08
C GLY C 345 -5.57 0.79 -34.04
N LEU C 346 -4.51 0.66 -34.84
CA LEU C 346 -4.10 1.61 -35.87
C LEU C 346 -5.14 1.64 -36.97
N ARG C 347 -5.71 0.47 -37.32
CA ARG C 347 -6.81 0.36 -38.28
C ARG C 347 -8.02 1.14 -37.75
N SER C 348 -8.35 0.98 -36.44
CA SER C 348 -9.45 1.72 -35.79
C SER C 348 -9.27 3.20 -35.92
N SER C 349 -8.08 3.68 -35.59
CA SER C 349 -7.68 5.08 -35.64
C SER C 349 -7.83 5.63 -37.05
N MET C 350 -7.37 4.85 -38.06
CA MET C 350 -7.44 5.23 -39.45
C MET C 350 -8.89 5.31 -39.94
N GLY C 351 -9.72 4.41 -39.40
CA GLY C 351 -11.17 4.43 -39.62
C GLY C 351 -11.76 5.73 -39.10
N TYR C 352 -11.36 6.16 -37.87
CA TYR C 352 -11.81 7.39 -37.21
C TYR C 352 -11.37 8.67 -37.93
N THR C 353 -10.16 8.67 -38.51
CA THR C 353 -9.57 9.82 -39.19
C THR C 353 -9.87 9.87 -40.67
N GLY C 354 -10.57 8.85 -41.16
CA GLY C 354 -10.92 8.69 -42.57
C GLY C 354 -9.68 8.52 -43.42
N SER C 355 -8.66 7.78 -42.89
CA SER C 355 -7.38 7.50 -43.54
C SER C 355 -7.40 6.09 -44.14
N ALA C 356 -7.55 6.00 -45.47
CA ALA C 356 -7.62 4.74 -46.23
C ALA C 356 -6.26 4.12 -46.37
N VAL C 357 -5.20 4.97 -46.44
CA VAL C 357 -3.79 4.58 -46.55
C VAL C 357 -2.94 5.30 -45.50
N ILE C 358 -1.75 4.78 -45.17
CA ILE C 358 -0.83 5.39 -44.17
C ILE C 358 -0.56 6.87 -44.48
N GLU C 359 -0.36 7.19 -45.76
CA GLU C 359 -0.07 8.54 -46.25
C GLU C 359 -1.19 9.53 -45.97
N ASP C 360 -2.46 9.07 -45.87
CA ASP C 360 -3.58 9.96 -45.53
C ASP C 360 -3.48 10.40 -44.08
N LEU C 361 -3.06 9.48 -43.17
CA LEU C 361 -2.91 9.76 -41.74
C LEU C 361 -1.74 10.75 -41.54
N ARG C 362 -0.57 10.52 -42.18
CA ARG C 362 0.59 11.40 -42.13
C ARG C 362 0.31 12.84 -42.62
N GLN C 363 -0.56 13.00 -43.64
CA GLN C 363 -0.89 14.30 -44.27
C GLN C 363 -2.13 15.00 -43.73
N ASN C 364 -3.16 14.26 -43.35
CA ASN C 364 -4.43 14.84 -42.91
C ASN C 364 -4.73 14.78 -41.42
N ALA C 365 -3.81 14.27 -40.57
CA ALA C 365 -4.07 14.21 -39.13
C ALA C 365 -4.14 15.57 -38.49
N LYS C 366 -5.17 15.77 -37.65
CA LYS C 366 -5.40 16.98 -36.85
C LYS C 366 -5.42 16.52 -35.40
N PHE C 367 -4.73 17.25 -34.54
CA PHE C 367 -4.60 16.97 -33.12
C PHE C 367 -5.16 18.07 -32.25
N VAL C 368 -5.38 17.73 -30.99
CA VAL C 368 -5.72 18.69 -29.92
C VAL C 368 -4.69 18.47 -28.82
N LYS C 369 -4.27 19.55 -28.16
CA LYS C 369 -3.36 19.43 -27.02
C LYS C 369 -4.28 19.27 -25.80
N ILE C 370 -3.96 18.32 -24.93
CA ILE C 370 -4.76 18.04 -23.75
C ILE C 370 -3.94 18.40 -22.51
N THR C 371 -4.59 18.57 -21.35
CA THR C 371 -3.92 18.93 -20.10
C THR C 371 -3.68 17.66 -19.25
N SER C 372 -3.09 17.85 -18.06
CA SER C 372 -2.84 16.82 -17.06
C SER C 372 -4.15 16.09 -16.68
N ALA C 373 -5.29 16.83 -16.65
CA ALA C 373 -6.62 16.30 -16.33
C ALA C 373 -7.11 15.34 -17.41
N GLY C 374 -6.74 15.59 -18.67
CA GLY C 374 -7.07 14.74 -19.81
C GLY C 374 -6.07 13.60 -19.92
N MET D 17 -3.91 44.75 -8.18
CA MET D 17 -3.73 43.72 -9.20
C MET D 17 -2.44 42.88 -8.96
N LEU D 18 -2.56 41.56 -9.19
CA LEU D 18 -1.54 40.54 -8.97
C LEU D 18 -0.34 40.69 -9.89
N THR D 19 0.86 40.76 -9.28
CA THR D 19 2.12 40.87 -10.01
C THR D 19 2.77 39.50 -10.14
N ILE D 20 2.54 38.85 -11.30
CA ILE D 20 3.20 37.60 -11.67
C ILE D 20 4.33 38.03 -12.61
N VAL D 21 5.56 37.97 -12.09
CA VAL D 21 6.80 38.38 -12.78
C VAL D 21 7.04 37.48 -14.01
N GLN D 22 6.80 36.16 -13.86
CA GLN D 22 6.99 35.16 -14.92
C GLN D 22 6.45 33.80 -14.49
N GLU D 23 6.45 32.84 -15.42
CA GLU D 23 6.17 31.45 -15.11
C GLU D 23 7.59 30.88 -14.90
N ALA D 24 7.93 30.56 -13.66
CA ALA D 24 9.28 30.11 -13.30
C ALA D 24 9.44 28.60 -13.43
N LEU D 25 10.61 28.18 -13.94
CA LEU D 25 10.93 26.80 -14.24
C LEU D 25 11.95 26.14 -13.34
N THR D 26 11.71 24.86 -13.04
CA THR D 26 12.60 24.02 -12.26
C THR D 26 13.26 23.01 -13.22
N PHE D 27 14.15 22.14 -12.70
CA PHE D 27 14.88 21.14 -13.50
C PHE D 27 13.96 20.24 -14.31
N ASP D 28 12.90 19.69 -13.68
CA ASP D 28 11.93 18.80 -14.33
C ASP D 28 11.05 19.45 -15.41
N ASP D 29 11.06 20.78 -15.51
CA ASP D 29 10.29 21.51 -16.52
C ASP D 29 10.97 21.56 -17.86
N VAL D 30 12.28 21.30 -17.88
CA VAL D 30 13.10 21.44 -19.08
C VAL D 30 13.94 20.21 -19.41
N LEU D 31 14.36 20.13 -20.67
CA LEU D 31 15.29 19.13 -21.16
C LEU D 31 16.27 19.85 -22.09
N LEU D 32 17.53 19.48 -22.03
CA LEU D 32 18.54 20.03 -22.92
C LEU D 32 18.39 19.32 -24.25
N LEU D 33 18.58 20.06 -25.35
CA LEU D 33 18.49 19.46 -26.68
C LEU D 33 19.83 18.96 -27.18
N PRO D 34 19.88 17.78 -27.85
CA PRO D 34 21.16 17.36 -28.47
C PRO D 34 21.48 18.26 -29.67
N ALA D 35 22.79 18.49 -29.91
CA ALA D 35 23.27 19.37 -30.97
C ALA D 35 24.39 18.69 -31.73
N TYR D 36 24.85 19.32 -32.85
CA TYR D 36 25.98 18.78 -33.61
C TYR D 36 27.21 18.66 -32.69
N SER D 37 27.83 17.47 -32.68
CA SER D 37 28.92 17.18 -31.78
C SER D 37 30.12 16.49 -32.40
N THR D 38 31.33 16.97 -32.06
CA THR D 38 32.60 16.37 -32.50
C THR D 38 33.42 16.00 -31.27
N VAL D 39 32.78 15.98 -30.10
CA VAL D 39 33.48 15.68 -28.85
C VAL D 39 32.83 14.47 -28.17
N LEU D 40 33.65 13.56 -27.70
CA LEU D 40 33.18 12.40 -26.98
C LEU D 40 33.19 12.74 -25.49
N PRO D 41 32.25 12.17 -24.70
CA PRO D 41 32.22 12.47 -23.26
C PRO D 41 33.56 12.30 -22.49
N LYS D 42 34.39 11.31 -22.86
CA LYS D 42 35.70 11.09 -22.21
C LYS D 42 36.70 12.27 -22.36
N ASP D 43 36.57 13.06 -23.43
CA ASP D 43 37.46 14.15 -23.79
C ASP D 43 37.00 15.53 -23.39
N VAL D 44 35.82 15.65 -22.79
CA VAL D 44 35.30 16.98 -22.40
C VAL D 44 36.05 17.52 -21.17
N SER D 45 36.21 18.84 -21.09
CA SER D 45 36.87 19.48 -19.96
C SER D 45 35.79 19.97 -18.99
N LEU D 46 35.91 19.57 -17.72
CA LEU D 46 34.99 19.94 -16.65
C LEU D 46 35.52 21.10 -15.81
N LYS D 47 36.63 21.71 -16.23
CA LYS D 47 37.27 22.85 -15.54
C LYS D 47 36.33 24.06 -15.60
N THR D 48 36.18 24.76 -14.47
CA THR D 48 35.28 25.90 -14.33
C THR D 48 35.80 26.87 -13.26
N ARG D 49 35.08 27.98 -13.00
CA ARG D 49 35.47 28.89 -11.93
C ARG D 49 34.44 28.93 -10.84
N LEU D 50 34.94 28.85 -9.58
CA LEU D 50 34.12 28.93 -8.38
C LEU D 50 33.81 30.40 -8.14
N THR D 51 34.85 31.22 -8.21
CA THR D 51 34.81 32.67 -7.99
C THR D 51 35.61 33.31 -9.12
N ARG D 52 35.65 34.64 -9.16
CA ARG D 52 36.39 35.27 -10.26
C ARG D 52 37.91 35.02 -10.18
N GLY D 53 38.42 34.61 -9.00
CA GLY D 53 39.82 34.28 -8.76
C GLY D 53 40.13 32.80 -8.56
N ILE D 54 39.14 31.98 -8.13
CA ILE D 54 39.34 30.54 -7.88
C ILE D 54 38.76 29.67 -8.98
N TYR D 55 39.59 28.78 -9.55
CA TYR D 55 39.16 27.83 -10.57
C TYR D 55 39.12 26.43 -9.97
N LEU D 56 38.15 25.63 -10.40
CA LEU D 56 37.95 24.23 -9.99
C LEU D 56 38.18 23.33 -11.21
N ASN D 57 38.51 22.05 -10.98
CA ASN D 57 38.71 21.07 -12.04
C ASN D 57 37.40 20.33 -12.38
N ILE D 58 36.43 20.37 -11.45
CA ILE D 58 35.08 19.79 -11.60
C ILE D 58 34.07 20.84 -11.06
N PRO D 59 32.85 21.02 -11.67
CA PRO D 59 31.93 22.05 -11.16
C PRO D 59 31.14 21.65 -9.90
N LEU D 60 31.76 20.90 -8.99
CA LEU D 60 31.06 20.41 -7.81
C LEU D 60 31.59 21.04 -6.54
N VAL D 61 30.64 21.47 -5.67
CA VAL D 61 30.88 22.10 -4.38
C VAL D 61 30.04 21.37 -3.33
N SER D 62 30.64 21.00 -2.19
CA SER D 62 29.87 20.33 -1.14
C SER D 62 29.26 21.37 -0.20
N ALA D 63 27.99 21.18 0.16
CA ALA D 63 27.20 22.09 1.00
C ALA D 63 27.77 22.36 2.39
N ALA D 64 27.62 23.61 2.87
CA ALA D 64 28.06 24.02 4.20
C ALA D 64 27.00 23.55 5.22
N MET D 65 26.96 22.23 5.47
CA MET D 65 26.00 21.58 6.35
C MET D 65 26.71 20.64 7.31
N ASP D 66 26.27 20.63 8.59
CA ASP D 66 26.89 19.79 9.64
C ASP D 66 26.70 18.28 9.42
N THR D 67 25.97 17.88 8.35
CA THR D 67 25.79 16.48 7.97
C THR D 67 26.40 16.21 6.56
N VAL D 68 27.11 17.22 5.98
CA VAL D 68 27.72 17.12 4.65
C VAL D 68 29.24 17.45 4.68
N THR D 69 29.64 18.66 5.13
CA THR D 69 31.05 19.06 5.03
C THR D 69 31.75 19.52 6.31
N GLU D 70 32.76 18.75 6.66
CA GLU D 70 33.77 19.03 7.68
C GLU D 70 35.09 18.71 6.97
N SER D 71 36.25 18.80 7.62
CA SER D 71 37.57 18.60 6.99
C SER D 71 37.69 17.32 6.11
N ARG D 72 37.10 16.17 6.52
CA ARG D 72 37.15 14.92 5.76
C ARG D 72 36.56 15.07 4.38
N MET D 73 35.35 15.67 4.30
CA MET D 73 34.67 15.89 3.04
C MET D 73 35.40 16.93 2.23
N ALA D 74 35.82 18.04 2.86
CA ALA D 74 36.53 19.10 2.16
C ALA D 74 37.81 18.60 1.49
N ILE D 75 38.56 17.66 2.14
CA ILE D 75 39.80 17.06 1.59
C ILE D 75 39.45 16.22 0.37
N ALA D 76 38.47 15.30 0.50
CA ALA D 76 37.97 14.45 -0.58
C ALA D 76 37.44 15.28 -1.76
N MET D 77 36.71 16.39 -1.48
CA MET D 77 36.20 17.31 -2.50
C MET D 77 37.32 17.94 -3.30
N ALA D 78 38.33 18.52 -2.62
CA ALA D 78 39.50 19.15 -3.22
C ALA D 78 40.36 18.15 -4.02
N GLN D 79 40.53 16.90 -3.52
CA GLN D 79 41.30 15.85 -4.20
C GLN D 79 40.67 15.44 -5.53
N ASN D 80 39.32 15.50 -5.60
CA ASN D 80 38.52 15.16 -6.77
C ASN D 80 38.38 16.32 -7.77
N GLY D 81 38.93 17.49 -7.44
CA GLY D 81 38.92 18.65 -8.31
C GLY D 81 37.97 19.75 -7.96
N GLY D 82 37.14 19.50 -6.94
CA GLY D 82 36.15 20.45 -6.46
C GLY D 82 36.58 21.18 -5.21
N ILE D 83 35.61 21.63 -4.43
CA ILE D 83 35.87 22.34 -3.19
C ILE D 83 34.77 22.04 -2.17
N GLY D 84 35.16 22.04 -0.91
CA GLY D 84 34.23 21.86 0.20
C GLY D 84 34.06 23.17 0.91
N ILE D 85 32.83 23.46 1.38
CA ILE D 85 32.54 24.65 2.16
C ILE D 85 32.25 24.15 3.59
N LEU D 86 33.18 24.39 4.52
CA LEU D 86 33.02 23.96 5.91
C LEU D 86 31.86 24.69 6.55
N HIS D 87 30.99 23.94 7.25
CA HIS D 87 29.82 24.52 7.91
C HIS D 87 30.23 25.45 9.09
N LYS D 88 29.35 26.39 9.44
CA LYS D 88 29.56 27.37 10.50
C LYS D 88 28.93 26.97 11.84
N ASN D 89 28.35 25.74 11.95
CA ASN D 89 27.73 25.24 13.17
C ASN D 89 28.79 24.59 14.10
N MET D 90 29.84 25.36 14.33
CA MET D 90 30.97 25.05 15.19
C MET D 90 31.59 26.35 15.58
N ASP D 91 32.27 26.37 16.74
CA ASP D 91 32.90 27.60 17.23
C ASP D 91 34.10 28.01 16.38
N ILE D 92 34.45 29.31 16.40
CA ILE D 92 35.54 29.89 15.61
C ILE D 92 36.82 29.02 15.64
N ALA D 93 37.25 28.55 16.82
CA ALA D 93 38.46 27.73 16.94
C ALA D 93 38.32 26.37 16.25
N ALA D 94 37.14 25.72 16.37
CA ALA D 94 36.86 24.44 15.73
C ALA D 94 36.91 24.58 14.23
N GLN D 95 36.31 25.64 13.69
CA GLN D 95 36.26 25.91 12.27
C GLN D 95 37.64 26.25 11.69
N ALA D 96 38.45 27.06 12.41
CA ALA D 96 39.83 27.43 12.02
C ALA D 96 40.72 26.19 12.00
N ALA D 97 40.51 25.25 12.95
CA ALA D 97 41.25 23.99 13.04
C ALA D 97 40.95 23.12 11.82
N GLU D 98 39.67 23.16 11.35
CA GLU D 98 39.19 22.43 10.17
C GLU D 98 39.80 22.96 8.89
N VAL D 99 39.94 24.31 8.76
CA VAL D 99 40.59 24.95 7.62
C VAL D 99 42.06 24.49 7.55
N ARG D 100 42.81 24.59 8.67
CA ARG D 100 44.22 24.17 8.76
C ARG D 100 44.42 22.70 8.41
N ARG D 101 43.51 21.82 8.89
CA ARG D 101 43.49 20.37 8.64
C ARG D 101 43.50 20.06 7.12
N VAL D 102 42.74 20.85 6.32
CA VAL D 102 42.65 20.72 4.87
C VAL D 102 43.90 21.31 4.19
N LYS D 103 44.31 22.51 4.63
CA LYS D 103 45.48 23.24 4.10
C LYS D 103 46.81 22.51 4.35
N LYS D 104 46.93 21.79 5.49
CA LYS D 104 48.14 21.06 5.86
C LYS D 104 48.13 19.60 5.39
N PHE D 105 47.01 19.12 4.83
CA PHE D 105 46.89 17.75 4.36
C PHE D 105 47.88 17.40 3.26
N GLU D 106 48.58 16.26 3.45
CA GLU D 106 49.54 15.66 2.53
C GLU D 106 49.16 14.19 2.36
N ALA D 107 49.11 13.72 1.09
CA ALA D 107 48.75 12.34 0.75
C ALA D 107 49.96 11.37 0.81
N GLY D 108 49.69 10.07 0.73
CA GLY D 108 50.70 9.01 0.77
C GLY D 108 51.61 8.94 -0.44
N TYR D 113 46.02 11.65 -6.84
CA TYR D 113 44.95 12.59 -7.16
C TYR D 113 45.49 13.69 -8.10
N PRO D 114 45.54 13.42 -9.44
CA PRO D 114 46.12 14.41 -10.36
C PRO D 114 45.23 15.63 -10.64
N ASN D 115 43.91 15.46 -10.46
CA ASN D 115 42.93 16.51 -10.68
C ASN D 115 42.67 17.36 -9.45
N SER D 116 43.54 17.27 -8.42
CA SER D 116 43.44 18.03 -7.18
C SER D 116 43.28 19.52 -7.40
N CYS D 117 42.39 20.14 -6.65
CA CYS D 117 42.17 21.59 -6.72
C CYS D 117 43.02 22.21 -5.60
N LYS D 118 44.11 22.90 -6.00
CA LYS D 118 45.10 23.47 -5.08
C LYS D 118 45.33 24.96 -5.28
N ASP D 119 45.84 25.65 -4.23
CA ASP D 119 46.22 27.06 -4.29
C ASP D 119 47.62 27.24 -4.93
N ASP D 120 48.14 28.48 -4.95
CA ASP D 120 49.48 28.82 -5.49
C ASP D 120 50.63 28.10 -4.78
N LEU D 121 50.44 27.77 -3.49
CA LEU D 121 51.38 27.07 -2.62
C LEU D 121 51.29 25.53 -2.72
N GLY D 122 50.43 25.04 -3.61
CA GLY D 122 50.20 23.60 -3.82
C GLY D 122 49.38 22.91 -2.73
N ARG D 123 48.68 23.69 -1.88
CA ARG D 123 47.85 23.15 -0.80
C ARG D 123 46.42 22.97 -1.30
N LEU D 124 45.70 21.97 -0.74
CA LEU D 124 44.31 21.72 -1.09
C LEU D 124 43.46 22.94 -0.76
N ARG D 125 42.56 23.32 -1.69
CA ARG D 125 41.64 24.45 -1.51
C ARG D 125 40.49 24.08 -0.57
N VAL D 126 39.98 25.07 0.18
CA VAL D 126 38.86 24.95 1.12
C VAL D 126 38.13 26.30 1.28
N GLY D 127 36.86 26.22 1.60
CA GLY D 127 36.00 27.34 1.89
C GLY D 127 35.40 27.18 3.26
N ALA D 128 34.87 28.26 3.82
CA ALA D 128 34.21 28.22 5.13
C ALA D 128 33.06 29.18 5.13
N ALA D 129 31.94 28.76 5.74
CA ALA D 129 30.73 29.58 5.87
C ALA D 129 30.81 30.49 7.10
N VAL D 130 30.26 31.71 6.97
CA VAL D 130 30.13 32.71 8.04
C VAL D 130 28.71 33.28 7.99
N GLY D 131 28.23 33.77 9.13
CA GLY D 131 26.92 34.40 9.24
C GLY D 131 27.07 35.91 9.21
N THR D 132 26.13 36.64 9.85
CA THR D 132 26.18 38.11 9.90
C THR D 132 26.24 38.62 11.36
N GLY D 133 26.07 37.70 12.33
CA GLY D 133 26.08 37.97 13.76
C GLY D 133 27.37 38.56 14.30
N ALA D 134 27.38 38.91 15.60
CA ALA D 134 28.50 39.53 16.33
C ALA D 134 29.85 38.82 16.20
N ASP D 135 29.84 37.46 16.10
CA ASP D 135 31.05 36.64 16.00
C ASP D 135 31.73 36.66 14.61
N THR D 136 31.04 37.12 13.55
CA THR D 136 31.52 37.12 12.16
C THR D 136 32.90 37.83 11.99
N PRO D 137 33.16 39.06 12.51
CA PRO D 137 34.51 39.66 12.33
C PRO D 137 35.66 38.79 12.87
N SER D 138 35.47 38.15 14.05
CA SER D 138 36.47 37.26 14.67
C SER D 138 36.57 35.95 13.90
N ARG D 139 35.42 35.42 13.44
CA ARG D 139 35.34 34.20 12.66
C ARG D 139 36.11 34.38 11.35
N VAL D 140 35.83 35.48 10.58
CA VAL D 140 36.49 35.78 9.30
C VAL D 140 37.99 35.86 9.49
N GLU D 141 38.44 36.61 10.50
CA GLU D 141 39.86 36.79 10.79
C GLU D 141 40.57 35.47 11.10
N ALA D 142 39.95 34.59 11.92
CA ALA D 142 40.51 33.28 12.26
C ALA D 142 40.62 32.36 11.06
N LEU D 143 39.58 32.38 10.18
CA LEU D 143 39.55 31.57 8.98
C LEU D 143 40.59 32.04 7.96
N VAL D 144 40.75 33.37 7.76
CA VAL D 144 41.74 33.97 6.84
C VAL D 144 43.17 33.60 7.31
N GLU D 145 43.40 33.69 8.63
CA GLU D 145 44.67 33.37 9.30
C GLU D 145 45.01 31.89 9.11
N ALA D 146 43.99 31.02 9.15
CA ALA D 146 44.15 29.56 8.96
C ALA D 146 44.41 29.19 7.48
N GLY D 147 44.30 30.17 6.58
CA GLY D 147 44.58 30.01 5.16
C GLY D 147 43.41 29.67 4.26
N VAL D 148 42.16 29.96 4.71
CA VAL D 148 40.93 29.70 3.94
C VAL D 148 41.02 30.41 2.58
N ASP D 149 40.60 29.72 1.51
CA ASP D 149 40.68 30.27 0.16
C ASP D 149 39.52 31.17 -0.16
N VAL D 150 38.34 30.85 0.41
CA VAL D 150 37.11 31.58 0.18
C VAL D 150 36.22 31.63 1.43
N ILE D 151 35.71 32.84 1.74
CA ILE D 151 34.74 33.08 2.80
C ILE D 151 33.36 33.05 2.12
N VAL D 152 32.43 32.27 2.65
CA VAL D 152 31.07 32.18 2.11
C VAL D 152 30.13 32.84 3.14
N VAL D 153 29.58 34.04 2.85
CA VAL D 153 28.62 34.72 3.72
C VAL D 153 27.31 34.01 3.37
N ASP D 154 27.02 32.98 4.18
CA ASP D 154 26.01 31.95 4.04
C ASP D 154 24.75 32.18 4.88
N THR D 155 23.69 32.66 4.21
CA THR D 155 22.37 32.95 4.81
C THR D 155 21.22 32.45 3.93
N ALA D 156 19.99 32.49 4.49
CA ALA D 156 18.75 32.13 3.80
C ALA D 156 18.31 33.28 2.87
N HIS D 157 18.78 34.52 3.13
CA HIS D 157 18.35 35.70 2.38
C HIS D 157 19.50 36.68 2.12
N GLY D 158 20.21 36.44 1.02
CA GLY D 158 21.35 37.26 0.57
C GLY D 158 20.96 38.66 0.13
N HIS D 159 19.67 38.87 -0.21
CA HIS D 159 19.18 40.20 -0.62
C HIS D 159 18.83 41.10 0.61
N SER D 160 19.39 40.76 1.78
CA SER D 160 19.21 41.53 3.01
C SER D 160 20.37 42.48 3.16
N ALA D 161 20.12 43.69 3.66
CA ALA D 161 21.16 44.69 3.94
C ALA D 161 22.36 44.12 4.73
N GLY D 162 22.07 43.26 5.71
CA GLY D 162 23.06 42.64 6.58
C GLY D 162 24.09 41.82 5.85
N VAL D 163 23.66 41.07 4.82
CA VAL D 163 24.54 40.19 4.03
C VAL D 163 25.33 41.03 3.04
N ILE D 164 24.68 41.99 2.40
CA ILE D 164 25.34 42.90 1.46
C ILE D 164 26.51 43.63 2.14
N GLU D 165 26.27 44.24 3.34
CA GLU D 165 27.33 44.96 4.10
C GLU D 165 28.40 44.02 4.65
N ARG D 166 28.00 42.79 5.02
CA ARG D 166 29.01 41.83 5.48
C ARG D 166 29.93 41.43 4.33
N VAL D 167 29.35 41.25 3.10
CA VAL D 167 30.10 40.98 1.87
C VAL D 167 31.10 42.16 1.62
N ARG D 168 30.61 43.43 1.71
CA ARG D 168 31.39 44.67 1.52
C ARG D 168 32.58 44.74 2.48
N TRP D 169 32.31 44.41 3.77
CA TRP D 169 33.26 44.39 4.91
C TRP D 169 34.37 43.37 4.69
N VAL D 170 34.01 42.11 4.32
CA VAL D 170 34.99 41.03 4.07
C VAL D 170 35.94 41.43 2.93
N LYS D 171 35.40 42.02 1.83
CA LYS D 171 36.17 42.44 0.67
C LYS D 171 37.15 43.58 0.97
N GLN D 172 36.69 44.60 1.71
CA GLN D 172 37.50 45.77 2.08
C GLN D 172 38.55 45.43 3.15
N ASN D 173 38.20 44.59 4.14
CA ASN D 173 39.10 44.24 5.24
C ASN D 173 40.02 43.07 4.96
N PHE D 174 39.59 42.14 4.09
CA PHE D 174 40.39 40.96 3.74
C PHE D 174 40.43 40.77 2.22
N PRO D 175 41.05 41.70 1.44
CA PRO D 175 41.08 41.52 -0.02
C PRO D 175 41.84 40.28 -0.51
N GLN D 176 42.72 39.71 0.34
CA GLN D 176 43.52 38.52 0.05
C GLN D 176 42.70 37.21 -0.01
N VAL D 177 41.44 37.24 0.47
CA VAL D 177 40.52 36.09 0.46
C VAL D 177 39.38 36.37 -0.54
N GLN D 178 38.87 35.30 -1.19
CA GLN D 178 37.73 35.43 -2.10
C GLN D 178 36.47 35.38 -1.25
N VAL D 179 35.39 36.09 -1.66
CA VAL D 179 34.15 36.11 -0.90
C VAL D 179 32.92 35.80 -1.78
N ILE D 180 32.03 34.94 -1.27
CA ILE D 180 30.76 34.57 -1.90
C ILE D 180 29.63 35.11 -1.01
N GLY D 181 28.55 35.56 -1.63
CA GLY D 181 27.34 36.02 -0.98
C GLY D 181 26.14 35.24 -1.45
N GLY D 182 25.18 35.08 -0.56
CA GLY D 182 23.95 34.34 -0.85
C GLY D 182 23.14 34.07 0.40
N ASN D 183 21.98 33.36 0.28
CA ASN D 183 21.46 32.82 -0.97
C ASN D 183 20.53 33.78 -1.66
N ILE D 184 20.55 33.76 -3.01
CA ILE D 184 19.74 34.66 -3.84
C ILE D 184 18.96 33.90 -4.89
N ALA D 185 17.94 34.54 -5.48
CA ALA D 185 17.11 33.93 -6.50
C ALA D 185 16.75 34.91 -7.61
N THR D 186 17.20 36.18 -7.51
CA THR D 186 16.87 37.21 -8.52
C THR D 186 18.09 37.92 -9.02
N GLY D 187 17.97 38.55 -10.19
CA GLY D 187 19.01 39.37 -10.81
C GLY D 187 19.34 40.64 -10.03
N ASP D 188 18.30 41.25 -9.43
CA ASP D 188 18.44 42.46 -8.58
C ASP D 188 19.33 42.16 -7.39
N ALA D 189 19.15 40.96 -6.76
CA ALA D 189 19.92 40.52 -5.61
C ALA D 189 21.36 40.31 -6.00
N ALA D 190 21.58 39.70 -7.21
CA ALA D 190 22.89 39.43 -7.78
C ALA D 190 23.69 40.71 -7.96
N LEU D 191 23.06 41.75 -8.57
CA LEU D 191 23.64 43.06 -8.82
C LEU D 191 24.01 43.76 -7.52
N ALA D 192 23.19 43.61 -6.47
CA ALA D 192 23.46 44.23 -5.19
C ALA D 192 24.70 43.60 -4.55
N LEU D 193 24.86 42.26 -4.67
CA LEU D 193 26.02 41.55 -4.14
C LEU D 193 27.29 41.82 -4.99
N LEU D 194 27.11 42.03 -6.31
CA LEU D 194 28.19 42.36 -7.22
C LEU D 194 28.76 43.75 -6.87
N ASP D 195 27.85 44.72 -6.62
CA ASP D 195 28.22 46.08 -6.23
C ASP D 195 28.95 46.14 -4.88
N ALA D 196 28.60 45.25 -3.92
CA ALA D 196 29.27 45.14 -2.62
C ALA D 196 30.70 44.55 -2.74
N GLY D 197 30.98 43.82 -3.82
CA GLY D 197 32.31 43.27 -4.06
C GLY D 197 32.44 41.77 -4.02
N ALA D 198 31.29 41.03 -4.07
CA ALA D 198 31.30 39.56 -4.07
C ALA D 198 32.05 39.06 -5.28
N ASP D 199 32.78 37.94 -5.12
CA ASP D 199 33.58 37.32 -6.19
C ASP D 199 32.78 36.23 -6.91
N ALA D 200 31.63 35.88 -6.33
CA ALA D 200 30.66 34.91 -6.84
C ALA D 200 29.39 35.10 -6.02
N VAL D 201 28.26 34.59 -6.54
CA VAL D 201 26.97 34.62 -5.83
C VAL D 201 26.45 33.22 -5.72
N LYS D 202 25.77 32.88 -4.62
CA LYS D 202 25.20 31.55 -4.46
C LYS D 202 23.66 31.63 -4.66
N VAL D 203 23.15 30.83 -5.62
CA VAL D 203 21.76 30.85 -6.05
C VAL D 203 20.94 29.70 -5.49
N GLY D 204 19.80 30.01 -4.89
CA GLY D 204 18.92 28.99 -4.34
C GLY D 204 18.09 29.39 -3.15
N ILE D 205 16.79 29.69 -3.42
CA ILE D 205 15.78 30.02 -2.41
C ILE D 205 14.62 29.06 -2.67
N GLY D 206 14.54 28.00 -1.87
CA GLY D 206 13.51 26.99 -2.02
C GLY D 206 13.82 25.70 -2.78
N PRO D 207 14.93 25.48 -3.54
CA PRO D 207 15.07 24.20 -4.26
C PRO D 207 15.57 23.00 -3.42
N GLY D 208 16.19 23.24 -2.27
CA GLY D 208 16.75 22.21 -1.39
C GLY D 208 15.84 21.03 -1.10
N SER D 209 16.39 19.80 -1.06
CA SER D 209 15.64 18.57 -0.77
C SER D 209 15.02 18.55 0.63
N ILE D 210 15.69 19.20 1.60
CA ILE D 210 15.28 19.31 3.00
C ILE D 210 14.65 20.70 3.31
N CYS D 211 14.39 21.50 2.26
CA CYS D 211 13.82 22.84 2.38
C CYS D 211 12.31 22.84 2.62
N THR D 212 11.85 23.62 3.62
CA THR D 212 10.44 23.82 3.91
C THR D 212 10.10 25.33 3.87
N THR D 213 11.01 26.15 3.31
CA THR D 213 10.85 27.61 3.12
C THR D 213 9.59 27.90 2.32
N ARG D 214 9.33 27.13 1.25
CA ARG D 214 8.16 27.27 0.39
C ARG D 214 6.86 27.03 1.15
N ILE D 215 6.86 26.09 2.13
CA ILE D 215 5.71 25.71 2.93
C ILE D 215 5.53 26.72 4.08
N VAL D 216 6.61 27.02 4.80
CA VAL D 216 6.65 27.90 5.95
C VAL D 216 6.42 29.39 5.56
N ALA D 217 7.17 29.90 4.58
CA ALA D 217 7.10 31.30 4.17
C ALA D 217 6.36 31.56 2.84
N GLY D 218 6.16 30.52 2.04
CA GLY D 218 5.50 30.65 0.73
C GLY D 218 6.37 31.39 -0.26
N ILE D 219 7.68 31.36 0.03
CA ILE D 219 8.79 32.01 -0.66
C ILE D 219 9.59 30.99 -1.44
N GLY D 220 10.01 31.38 -2.62
CA GLY D 220 10.83 30.51 -3.44
C GLY D 220 10.91 30.92 -4.90
N MET D 221 11.84 30.29 -5.59
CA MET D 221 12.07 30.51 -7.01
C MET D 221 12.56 29.24 -7.64
N PRO D 222 11.75 28.61 -8.55
CA PRO D 222 12.20 27.41 -9.27
C PRO D 222 13.58 27.64 -9.86
N GLN D 223 14.50 26.69 -9.57
CA GLN D 223 15.94 26.79 -9.76
C GLN D 223 16.44 27.19 -11.17
N ILE D 224 15.83 26.67 -12.26
CA ILE D 224 16.28 26.99 -13.63
C ILE D 224 16.08 28.50 -13.89
N SER D 225 14.93 29.05 -13.45
CA SER D 225 14.59 30.46 -13.56
C SER D 225 15.42 31.35 -12.65
N ALA D 226 15.80 30.83 -11.46
CA ALA D 226 16.65 31.54 -10.50
C ALA D 226 18.04 31.71 -11.12
N ILE D 227 18.63 30.60 -11.66
CA ILE D 227 19.93 30.61 -12.34
C ILE D 227 19.90 31.59 -13.52
N ASP D 228 18.84 31.52 -14.33
CA ASP D 228 18.66 32.38 -15.49
C ASP D 228 18.61 33.86 -15.11
N SER D 229 17.76 34.23 -14.15
CA SER D 229 17.58 35.60 -13.66
C SER D 229 18.92 36.21 -13.22
N VAL D 230 19.69 35.44 -12.42
CA VAL D 230 20.99 35.82 -11.88
C VAL D 230 22.05 35.93 -12.98
N ALA D 231 22.23 34.86 -13.82
CA ALA D 231 23.21 34.85 -14.89
C ALA D 231 22.98 35.98 -15.92
N SER D 232 21.71 36.28 -16.25
CA SER D 232 21.36 37.32 -17.21
C SER D 232 21.72 38.73 -16.69
N ALA D 233 21.57 38.96 -15.38
CA ALA D 233 21.90 40.25 -14.75
C ALA D 233 23.43 40.42 -14.63
N LEU D 234 24.15 39.34 -14.23
CA LEU D 234 25.60 39.36 -14.02
C LEU D 234 26.43 39.55 -15.27
N LYS D 235 25.94 39.07 -16.43
CA LYS D 235 26.64 39.17 -17.72
C LYS D 235 28.10 38.71 -17.62
N ASP D 236 28.31 37.59 -16.89
CA ASP D 236 29.57 36.89 -16.63
C ASP D 236 30.62 37.71 -15.88
N GLN D 237 30.21 38.77 -15.15
CA GLN D 237 31.14 39.59 -14.35
C GLN D 237 31.69 38.76 -13.22
N ILE D 238 30.82 37.94 -12.59
CA ILE D 238 31.18 37.00 -11.53
C ILE D 238 30.41 35.70 -11.75
N PRO D 239 30.99 34.52 -11.40
CA PRO D 239 30.24 33.26 -11.56
C PRO D 239 29.17 33.04 -10.48
N LEU D 240 28.23 32.10 -10.75
CA LEU D 240 27.19 31.75 -9.80
C LEU D 240 27.26 30.26 -9.44
N ILE D 241 26.97 29.94 -8.16
CA ILE D 241 26.93 28.56 -7.68
C ILE D 241 25.44 28.21 -7.63
N ALA D 242 25.00 27.18 -8.40
CA ALA D 242 23.60 26.74 -8.39
C ALA D 242 23.50 25.81 -7.19
N ASP D 243 22.88 26.30 -6.12
CA ASP D 243 22.76 25.64 -4.85
C ASP D 243 21.37 25.10 -4.49
N GLY D 244 21.26 23.77 -4.42
CA GLY D 244 20.04 23.05 -4.03
C GLY D 244 19.25 22.42 -5.16
N GLY D 245 18.55 21.34 -4.83
CA GLY D 245 17.65 20.63 -5.72
C GLY D 245 18.24 19.71 -6.78
N ILE D 246 19.54 19.45 -6.70
CA ILE D 246 20.24 18.55 -7.62
C ILE D 246 20.00 17.13 -7.11
N ARG D 247 19.35 16.29 -7.95
CA ARG D 247 19.03 14.91 -7.61
C ARG D 247 19.79 13.95 -8.48
N PHE D 248 20.02 14.32 -9.76
CA PHE D 248 20.70 13.50 -10.75
C PHE D 248 21.75 14.34 -11.51
N SER D 249 22.66 13.66 -12.25
CA SER D 249 23.68 14.32 -13.05
C SER D 249 23.10 15.20 -14.17
N GLY D 250 21.87 14.90 -14.59
CA GLY D 250 21.15 15.67 -15.60
C GLY D 250 20.75 17.04 -15.11
N ASP D 251 20.56 17.21 -13.79
CA ASP D 251 20.20 18.49 -13.19
C ASP D 251 21.38 19.48 -13.26
N MET D 252 22.61 18.92 -13.20
CA MET D 252 23.88 19.66 -13.22
C MET D 252 24.09 20.21 -14.59
N ALA D 253 23.83 19.37 -15.59
CA ALA D 253 23.94 19.70 -17.00
C ALA D 253 23.01 20.89 -17.31
N LYS D 254 21.73 20.77 -16.91
CA LYS D 254 20.65 21.76 -17.05
C LYS D 254 20.99 23.05 -16.31
N ALA D 255 21.53 22.95 -15.06
CA ALA D 255 21.95 24.10 -14.26
C ALA D 255 23.08 24.89 -14.95
N ILE D 256 24.08 24.19 -15.51
CA ILE D 256 25.20 24.82 -16.25
C ILE D 256 24.66 25.43 -17.56
N GLY D 257 23.78 24.72 -18.27
CA GLY D 257 23.15 25.22 -19.49
C GLY D 257 22.35 26.49 -19.27
N ALA D 258 21.73 26.62 -18.06
CA ALA D 258 20.95 27.77 -17.62
C ALA D 258 21.83 28.96 -17.16
N GLY D 259 23.14 28.73 -16.98
CA GLY D 259 24.09 29.79 -16.64
C GLY D 259 24.99 29.57 -15.44
N ALA D 260 24.84 28.45 -14.71
CA ALA D 260 25.67 28.19 -13.52
C ALA D 260 27.09 27.84 -13.90
N SER D 261 28.07 28.22 -13.07
CA SER D 261 29.47 27.85 -13.31
C SER D 261 29.81 26.63 -12.46
N THR D 262 29.20 26.52 -11.27
CA THR D 262 29.35 25.40 -10.35
C THR D 262 27.98 24.99 -9.80
N ILE D 263 27.94 23.84 -9.11
CA ILE D 263 26.76 23.26 -8.50
C ILE D 263 27.07 22.89 -7.06
N MET D 264 26.21 23.31 -6.11
CA MET D 264 26.37 22.93 -4.71
C MET D 264 25.39 21.81 -4.38
N VAL D 265 25.90 20.74 -3.74
CA VAL D 265 25.09 19.58 -3.37
C VAL D 265 25.18 19.28 -1.89
N GLY D 266 24.06 18.90 -1.32
CA GLY D 266 23.94 18.48 0.07
C GLY D 266 23.60 17.01 0.09
N SER D 267 22.41 16.70 -0.38
CA SER D 267 21.78 15.38 -0.45
C SER D 267 22.67 14.27 -1.00
N LEU D 268 23.26 14.48 -2.18
CA LEU D 268 24.11 13.50 -2.86
C LEU D 268 25.36 13.14 -2.11
N LEU D 269 25.91 14.09 -1.37
CA LEU D 269 27.13 13.81 -0.61
C LEU D 269 26.85 13.36 0.82
N ALA D 270 25.61 13.56 1.31
CA ALA D 270 25.15 13.10 2.62
C ALA D 270 25.06 11.57 2.54
N GLY D 271 25.42 10.88 3.62
CA GLY D 271 25.40 9.41 3.66
C GLY D 271 26.68 8.74 3.19
N THR D 272 27.61 9.54 2.61
CA THR D 272 28.91 9.05 2.17
C THR D 272 29.83 8.87 3.37
N GLU D 273 30.91 8.12 3.20
CA GLU D 273 31.90 7.82 4.22
C GLU D 273 32.54 9.11 4.80
N GLU D 274 32.89 10.06 3.92
CA GLU D 274 33.58 11.32 4.22
C GLU D 274 32.71 12.40 4.88
N ALA D 275 31.37 12.25 4.82
CA ALA D 275 30.41 13.18 5.41
C ALA D 275 30.42 13.03 6.94
N PRO D 276 30.17 14.11 7.74
CA PRO D 276 30.13 13.95 9.20
C PRO D 276 29.02 13.01 9.66
N GLY D 277 29.24 12.38 10.81
CA GLY D 277 28.27 11.45 11.39
C GLY D 277 28.65 10.00 11.23
N GLU D 278 28.20 9.17 12.17
CA GLU D 278 28.47 7.74 12.15
C GLU D 278 27.33 7.04 11.46
N VAL D 279 27.61 5.86 10.94
CA VAL D 279 26.59 5.03 10.30
C VAL D 279 25.66 4.51 11.38
N GLU D 280 24.38 4.44 11.06
CA GLU D 280 23.40 3.86 11.95
C GLU D 280 22.72 2.67 11.31
N PHE D 281 22.58 1.60 12.09
CA PHE D 281 21.93 0.37 11.68
C PHE D 281 20.44 0.56 11.97
N PHE D 282 19.62 0.67 10.92
CA PHE D 282 18.18 0.84 11.07
C PHE D 282 17.42 -0.07 10.13
N GLN D 283 16.66 -1.04 10.72
CA GLN D 283 15.85 -2.06 10.04
C GLN D 283 16.71 -2.82 9.03
N GLY D 284 17.87 -3.31 9.51
CA GLY D 284 18.84 -4.03 8.71
C GLY D 284 19.78 -3.13 7.94
N ARG D 285 19.21 -2.18 7.17
CA ARG D 285 19.92 -1.20 6.34
C ARG D 285 20.82 -0.23 7.13
N TYR D 286 21.80 0.37 6.42
CA TYR D 286 22.76 1.34 6.96
C TYR D 286 22.44 2.76 6.47
N TYR D 287 22.42 3.72 7.40
CA TYR D 287 22.07 5.11 7.10
C TYR D 287 23.01 6.10 7.77
N LYS D 288 22.96 7.34 7.32
CA LYS D 288 23.61 8.47 7.95
C LYS D 288 22.53 9.57 8.06
N ALA D 289 22.71 10.48 9.00
CA ALA D 289 21.79 11.60 9.22
C ALA D 289 22.01 12.68 8.18
N TYR D 290 20.92 13.31 7.78
CA TYR D 290 20.93 14.44 6.87
C TYR D 290 19.86 15.43 7.34
N ARG D 291 20.26 16.66 7.64
CA ARG D 291 19.31 17.67 8.13
C ARG D 291 19.56 19.06 7.58
N GLY D 292 18.50 19.85 7.47
CA GLY D 292 18.61 21.24 7.06
C GLY D 292 19.28 22.04 8.14
N MET D 293 19.94 23.14 7.77
CA MET D 293 20.63 24.01 8.73
C MET D 293 19.63 24.89 9.53
N GLY D 294 18.41 24.97 9.02
CA GLY D 294 17.30 25.68 9.64
C GLY D 294 16.28 24.73 10.24
N SER D 295 16.69 23.49 10.50
CA SER D 295 15.83 22.49 11.13
C SER D 295 15.90 22.70 12.65
N LEU D 296 14.97 22.10 13.41
CA LEU D 296 14.93 22.21 14.87
C LEU D 296 16.25 21.78 15.51
N GLY D 297 16.72 20.59 15.16
CA GLY D 297 17.96 20.02 15.64
C GLY D 297 19.19 20.86 15.36
N ALA D 298 19.33 21.37 14.11
CA ALA D 298 20.47 22.21 13.71
C ALA D 298 20.46 23.58 14.39
N MET D 299 19.27 24.16 14.63
CA MET D 299 19.14 25.49 15.29
C MET D 299 19.43 25.41 16.80
N ALA D 300 19.13 24.24 17.43
CA ALA D 300 19.37 23.96 18.85
C ALA D 300 20.72 23.27 19.05
N LEU D 320 13.41 31.88 15.44
CA LEU D 320 12.80 31.63 14.13
C LEU D 320 12.17 30.24 14.06
N VAL D 321 11.04 30.12 13.34
CA VAL D 321 10.33 28.85 13.10
C VAL D 321 11.21 28.00 12.15
N PRO D 322 11.33 26.65 12.34
CA PRO D 322 12.20 25.87 11.44
C PRO D 322 11.83 25.94 9.97
N GLU D 323 12.83 25.93 9.08
CA GLU D 323 12.62 25.98 7.63
C GLU D 323 13.27 24.81 6.91
N GLY D 324 13.63 23.80 7.66
CA GLY D 324 14.24 22.58 7.14
C GLY D 324 13.81 21.37 7.92
N ILE D 325 13.96 20.19 7.31
CA ILE D 325 13.62 18.92 7.95
C ILE D 325 14.88 18.11 8.32
N GLU D 326 14.73 17.16 9.25
CA GLU D 326 15.79 16.26 9.70
C GLU D 326 15.41 14.88 9.23
N GLY D 327 16.39 14.14 8.71
CA GLY D 327 16.17 12.80 8.19
C GLY D 327 17.37 11.92 8.12
N ARG D 328 17.17 10.73 7.53
CA ARG D 328 18.17 9.69 7.30
C ARG D 328 18.34 9.55 5.78
N VAL D 329 19.58 9.33 5.35
CA VAL D 329 19.93 9.05 3.95
C VAL D 329 20.67 7.71 3.92
N PRO D 330 20.47 6.84 2.89
CA PRO D 330 21.18 5.55 2.88
C PRO D 330 22.69 5.73 2.81
N TYR D 331 23.43 4.81 3.45
CA TYR D 331 24.89 4.78 3.42
C TYR D 331 25.31 4.48 1.97
N LYS D 332 26.21 5.34 1.41
CA LYS D 332 26.64 5.36 0.00
C LYS D 332 28.10 5.01 -0.21
N GLY D 333 28.81 4.74 0.86
CA GLY D 333 30.22 4.41 0.80
C GLY D 333 31.09 5.60 0.45
N PRO D 334 32.27 5.36 -0.20
CA PRO D 334 33.18 6.49 -0.50
C PRO D 334 32.57 7.51 -1.45
N MET D 335 32.64 8.81 -1.09
CA MET D 335 32.10 9.90 -1.90
C MET D 335 32.63 9.90 -3.33
N GLY D 336 33.83 9.34 -3.55
CA GLY D 336 34.46 9.24 -4.86
C GLY D 336 33.58 8.62 -5.93
N ASN D 337 32.84 7.54 -5.57
CA ASN D 337 31.91 6.79 -6.44
C ASN D 337 30.73 7.65 -6.91
N ILE D 338 30.11 8.40 -6.00
CA ILE D 338 28.98 9.31 -6.27
C ILE D 338 29.46 10.43 -7.21
N VAL D 339 30.64 11.04 -6.89
CA VAL D 339 31.29 12.12 -7.65
C VAL D 339 31.56 11.67 -9.09
N HIS D 340 32.13 10.46 -9.27
N HIS D 340 32.14 10.46 -9.27
CA HIS D 340 32.43 9.92 -10.59
CA HIS D 340 32.44 9.87 -10.57
C HIS D 340 31.17 9.63 -11.41
C HIS D 340 31.16 9.65 -11.40
N GLN D 341 30.10 9.09 -10.77
CA GLN D 341 28.79 8.86 -11.40
C GLN D 341 28.18 10.19 -11.89
N MET D 342 28.28 11.28 -11.09
CA MET D 342 27.74 12.62 -11.39
C MET D 342 28.47 13.31 -12.52
N MET D 343 29.80 13.27 -12.48
CA MET D 343 30.62 13.92 -13.52
C MET D 343 30.57 13.15 -14.82
N GLY D 344 30.34 11.85 -14.74
CA GLY D 344 30.22 10.97 -15.91
C GLY D 344 28.97 11.29 -16.69
N GLY D 345 27.89 11.58 -15.95
CA GLY D 345 26.61 11.98 -16.52
C GLY D 345 26.70 13.34 -17.17
N LEU D 346 27.45 14.26 -16.52
CA LEU D 346 27.66 15.60 -17.07
C LEU D 346 28.49 15.52 -18.36
N ARG D 347 29.54 14.67 -18.35
CA ARG D 347 30.37 14.43 -19.54
C ARG D 347 29.49 13.96 -20.71
N SER D 348 28.56 13.00 -20.46
CA SER D 348 27.56 12.50 -21.43
C SER D 348 26.76 13.62 -22.05
N SER D 349 26.20 14.53 -21.20
N SER D 349 26.21 14.54 -21.20
CA SER D 349 25.42 15.69 -21.62
CA SER D 349 25.42 15.72 -21.62
C SER D 349 26.25 16.62 -22.51
C SER D 349 26.25 16.61 -22.52
N MET D 350 27.53 16.85 -22.14
CA MET D 350 28.45 17.70 -22.89
C MET D 350 28.76 17.07 -24.24
N GLY D 351 28.82 15.73 -24.29
CA GLY D 351 28.97 14.96 -25.52
C GLY D 351 27.77 15.17 -26.42
N TYR D 352 26.53 15.09 -25.87
CA TYR D 352 25.26 15.29 -26.59
C TYR D 352 25.07 16.72 -27.12
N THR D 353 25.60 17.73 -26.40
CA THR D 353 25.42 19.14 -26.75
C THR D 353 26.58 19.71 -27.52
N GLY D 354 27.56 18.86 -27.78
CA GLY D 354 28.77 19.23 -28.49
C GLY D 354 29.59 20.25 -27.75
N SER D 355 29.62 20.13 -26.41
CA SER D 355 30.31 21.01 -25.46
C SER D 355 31.66 20.42 -25.07
N ALA D 356 32.74 21.01 -25.61
CA ALA D 356 34.11 20.54 -25.34
C ALA D 356 34.59 21.03 -23.99
N VAL D 357 34.12 22.23 -23.59
CA VAL D 357 34.44 22.88 -22.30
C VAL D 357 33.16 23.33 -21.59
N ILE D 358 33.23 23.58 -20.25
CA ILE D 358 32.07 24.04 -19.45
C ILE D 358 31.41 25.28 -20.07
N GLU D 359 32.24 26.22 -20.55
CA GLU D 359 31.81 27.47 -21.15
C GLU D 359 30.98 27.30 -22.42
N ASP D 360 31.19 26.20 -23.18
CA ASP D 360 30.38 25.91 -24.37
C ASP D 360 28.94 25.56 -23.97
N LEU D 361 28.78 24.80 -22.85
CA LEU D 361 27.47 24.40 -22.35
C LEU D 361 26.73 25.65 -21.82
N ARG D 362 27.39 26.51 -21.07
CA ARG D 362 26.82 27.75 -20.54
C ARG D 362 26.31 28.69 -21.62
N GLN D 363 27.06 28.84 -22.71
CA GLN D 363 26.77 29.75 -23.80
C GLN D 363 25.89 29.18 -24.92
N ASN D 364 26.04 27.89 -25.25
CA ASN D 364 25.33 27.32 -26.40
C ASN D 364 24.16 26.40 -26.08
N ALA D 365 23.82 26.16 -24.80
CA ALA D 365 22.71 25.27 -24.46
C ALA D 365 21.37 25.78 -24.92
N LYS D 366 20.57 24.88 -25.54
CA LYS D 366 19.20 25.12 -26.01
C LYS D 366 18.32 24.11 -25.30
N PHE D 367 17.19 24.60 -24.78
CA PHE D 367 16.22 23.82 -24.01
C PHE D 367 14.86 23.73 -24.67
N VAL D 368 14.07 22.76 -24.22
CA VAL D 368 12.66 22.65 -24.55
C VAL D 368 11.92 22.61 -23.23
N LYS D 369 10.73 23.21 -23.18
CA LYS D 369 9.89 23.13 -22.00
C LYS D 369 9.05 21.88 -22.19
N ILE D 370 8.92 21.07 -21.15
CA ILE D 370 8.14 19.84 -21.20
C ILE D 370 6.94 19.97 -20.30
N THR D 371 5.90 19.16 -20.48
CA THR D 371 4.68 19.23 -19.65
C THR D 371 4.77 18.19 -18.52
N SER D 372 3.70 18.11 -17.69
CA SER D 372 3.54 17.15 -16.60
C SER D 372 3.68 15.70 -17.11
N ALA D 373 3.17 15.43 -18.36
CA ALA D 373 3.24 14.14 -19.04
C ALA D 373 4.68 13.73 -19.37
N GLY D 374 5.53 14.71 -19.66
CA GLY D 374 6.95 14.50 -19.95
C GLY D 374 7.75 14.41 -18.67
N MET E 17 20.48 -32.34 24.50
CA MET E 17 19.04 -32.17 24.26
C MET E 17 18.54 -30.78 24.71
N LEU E 18 17.63 -30.21 23.92
CA LEU E 18 17.06 -28.87 24.11
C LEU E 18 16.17 -28.76 25.36
N THR E 19 16.49 -27.77 26.20
CA THR E 19 15.75 -27.50 27.42
C THR E 19 14.73 -26.39 27.17
N ILE E 20 13.47 -26.78 26.88
CA ILE E 20 12.35 -25.86 26.73
C ILE E 20 11.62 -25.95 28.07
N VAL E 21 11.77 -24.89 28.89
CA VAL E 21 11.21 -24.79 30.24
C VAL E 21 9.66 -24.86 30.21
N GLN E 22 9.05 -24.19 29.23
CA GLN E 22 7.59 -24.12 29.03
C GLN E 22 7.26 -23.42 27.71
N GLU E 23 5.98 -23.42 27.34
CA GLU E 23 5.48 -22.61 26.25
C GLU E 23 5.02 -21.34 26.99
N ALA E 24 5.71 -20.24 26.78
CA ALA E 24 5.47 -18.98 27.44
C ALA E 24 4.45 -18.10 26.71
N LEU E 25 3.57 -17.46 27.50
CA LEU E 25 2.45 -16.67 27.02
C LEU E 25 2.59 -15.18 27.25
N THR E 26 2.10 -14.42 26.28
CA THR E 26 2.01 -12.96 26.35
C THR E 26 0.52 -12.58 26.53
N PHE E 27 0.22 -11.26 26.65
CA PHE E 27 -1.13 -10.73 26.83
C PHE E 27 -2.11 -11.20 25.78
N ASP E 28 -1.73 -11.16 24.48
CA ASP E 28 -2.58 -11.56 23.35
C ASP E 28 -2.87 -13.06 23.25
N ASP E 29 -2.16 -13.88 24.04
CA ASP E 29 -2.37 -15.33 24.06
C ASP E 29 -3.54 -15.74 24.92
N VAL E 30 -3.98 -14.85 25.81
CA VAL E 30 -4.99 -15.16 26.84
C VAL E 30 -6.13 -14.19 26.90
N LEU E 31 -7.23 -14.62 27.48
CA LEU E 31 -8.40 -13.81 27.77
C LEU E 31 -8.90 -14.21 29.16
N LEU E 32 -9.36 -13.24 29.94
CA LEU E 32 -9.94 -13.51 31.25
C LEU E 32 -11.39 -13.96 31.03
N LEU E 33 -11.84 -14.88 31.88
CA LEU E 33 -13.20 -15.38 31.80
C LEU E 33 -14.15 -14.62 32.71
N PRO E 34 -15.38 -14.29 32.24
CA PRO E 34 -16.36 -13.68 33.15
C PRO E 34 -16.84 -14.71 34.19
N ALA E 35 -17.21 -14.23 35.39
CA ALA E 35 -17.61 -15.07 36.52
C ALA E 35 -18.81 -14.47 37.22
N TYR E 36 -19.41 -15.21 38.20
CA TYR E 36 -20.52 -14.71 39.00
C TYR E 36 -20.06 -13.40 39.68
N SER E 37 -20.86 -12.34 39.53
CA SER E 37 -20.52 -11.02 40.02
C SER E 37 -21.66 -10.29 40.72
N THR E 38 -21.32 -9.62 41.84
CA THR E 38 -22.25 -8.82 42.64
C THR E 38 -21.84 -7.37 42.78
N VAL E 39 -20.56 -7.07 42.55
CA VAL E 39 -20.06 -5.70 42.69
C VAL E 39 -19.96 -5.08 41.29
N LEU E 40 -20.38 -3.82 41.17
CA LEU E 40 -20.41 -3.09 39.91
C LEU E 40 -19.07 -2.41 39.68
N PRO E 41 -18.64 -2.21 38.38
CA PRO E 41 -17.37 -1.51 38.12
C PRO E 41 -17.13 -0.21 38.92
N LYS E 42 -18.17 0.62 39.10
CA LYS E 42 -18.08 1.88 39.88
C LYS E 42 -17.69 1.69 41.34
N ASP E 43 -17.99 0.50 41.91
CA ASP E 43 -17.78 0.20 43.33
C ASP E 43 -16.57 -0.62 43.66
N VAL E 44 -15.76 -1.04 42.65
CA VAL E 44 -14.61 -1.88 42.91
C VAL E 44 -13.48 -1.03 43.45
N SER E 45 -12.62 -1.65 44.25
CA SER E 45 -11.48 -0.98 44.85
C SER E 45 -10.23 -1.29 44.01
N LEU E 46 -9.51 -0.25 43.60
CA LEU E 46 -8.27 -0.37 42.81
C LEU E 46 -7.01 -0.23 43.70
N LYS E 47 -7.19 -0.16 45.04
CA LYS E 47 -6.11 -0.07 46.01
C LYS E 47 -5.25 -1.35 45.97
N THR E 48 -3.92 -1.17 45.99
CA THR E 48 -2.95 -2.27 45.90
C THR E 48 -1.64 -1.86 46.60
N ARG E 49 -0.64 -2.77 46.59
CA ARG E 49 0.66 -2.45 47.18
C ARG E 49 1.75 -2.40 46.13
N LEU E 50 2.59 -1.33 46.18
CA LEU E 50 3.74 -1.15 45.32
C LEU E 50 4.88 -2.03 45.82
N THR E 51 5.15 -1.93 47.14
CA THR E 51 6.19 -2.69 47.87
C THR E 51 5.48 -3.26 49.10
N ARG E 52 6.19 -4.03 49.96
CA ARG E 52 5.50 -4.54 51.16
C ARG E 52 5.09 -3.43 52.13
N GLY E 53 5.81 -2.30 52.12
CA GLY E 53 5.52 -1.13 52.95
C GLY E 53 4.73 -0.01 52.30
N ILE E 54 4.76 0.13 50.96
CA ILE E 54 4.04 1.21 50.25
C ILE E 54 2.77 0.71 49.54
N TYR E 55 1.64 1.36 49.82
CA TYR E 55 0.36 1.07 49.18
C TYR E 55 0.00 2.20 48.22
N LEU E 56 -0.66 1.86 47.11
CA LEU E 56 -1.13 2.78 46.07
C LEU E 56 -2.63 2.72 46.02
N ASN E 57 -3.28 3.77 45.46
CA ASN E 57 -4.74 3.81 45.32
C ASN E 57 -5.17 3.29 43.97
N ILE E 58 -4.25 3.23 43.01
CA ILE E 58 -4.42 2.70 41.64
C ILE E 58 -3.19 1.86 41.31
N PRO E 59 -3.31 0.71 40.59
CA PRO E 59 -2.10 -0.12 40.33
C PRO E 59 -1.21 0.40 39.19
N LEU E 60 -1.05 1.72 39.06
CA LEU E 60 -0.28 2.29 37.96
C LEU E 60 0.99 2.98 38.43
N VAL E 61 2.10 2.69 37.73
CA VAL E 61 3.44 3.24 37.98
C VAL E 61 3.99 3.78 36.65
N SER E 62 4.54 5.01 36.66
CA SER E 62 5.13 5.56 35.44
C SER E 62 6.62 5.15 35.34
N ALA E 63 7.06 4.75 34.14
CA ALA E 63 8.41 4.28 33.85
C ALA E 63 9.54 5.27 34.15
N ALA E 64 10.69 4.77 34.64
CA ALA E 64 11.88 5.57 34.92
C ALA E 64 12.63 5.80 33.59
N MET E 65 12.03 6.69 32.75
CA MET E 65 12.53 7.00 31.41
C MET E 65 12.59 8.51 31.21
N ASP E 66 13.66 9.01 30.55
CA ASP E 66 13.87 10.45 30.32
C ASP E 66 12.85 11.08 29.37
N THR E 67 11.93 10.28 28.82
CA THR E 67 10.83 10.75 27.97
C THR E 67 9.46 10.42 28.62
N VAL E 68 9.46 9.91 29.87
CA VAL E 68 8.23 9.55 30.60
C VAL E 68 8.13 10.24 31.99
N THR E 69 9.13 10.08 32.88
CA THR E 69 8.98 10.58 34.26
C THR E 69 10.10 11.47 34.81
N GLU E 70 9.70 12.70 35.09
CA GLU E 70 10.45 13.72 35.81
C GLU E 70 9.43 14.22 36.86
N SER E 71 9.75 15.24 37.66
CA SER E 71 8.89 15.71 38.76
C SER E 71 7.42 15.98 38.35
N ARG E 72 7.20 16.58 37.17
CA ARG E 72 5.87 16.88 36.66
C ARG E 72 4.97 15.63 36.54
N MET E 73 5.50 14.55 35.93
CA MET E 73 4.80 13.28 35.78
C MET E 73 4.62 12.61 37.13
N ALA E 74 5.68 12.60 37.98
CA ALA E 74 5.63 11.99 39.30
C ALA E 74 4.54 12.63 40.20
N ILE E 75 4.36 13.98 40.11
CA ILE E 75 3.32 14.71 40.87
C ILE E 75 1.94 14.28 40.40
N ALA E 76 1.71 14.29 39.07
CA ALA E 76 0.46 13.88 38.43
C ALA E 76 0.13 12.43 38.75
N MET E 77 1.15 11.53 38.73
CA MET E 77 0.99 10.12 39.06
C MET E 77 0.50 9.94 40.49
N ALA E 78 1.17 10.58 41.47
CA ALA E 78 0.83 10.53 42.90
C ALA E 78 -0.55 11.12 43.18
N GLN E 79 -0.94 12.22 42.50
CA GLN E 79 -2.25 12.88 42.66
C GLN E 79 -3.39 11.98 42.23
N ASN E 80 -3.14 11.12 41.22
CA ASN E 80 -4.09 10.17 40.65
C ASN E 80 -4.15 8.82 41.44
N GLY E 81 -3.31 8.68 42.45
CA GLY E 81 -3.29 7.50 43.31
C GLY E 81 -2.15 6.52 43.07
N GLY E 82 -1.35 6.79 42.05
CA GLY E 82 -0.22 5.96 41.68
C GLY E 82 1.09 6.53 42.16
N ILE E 83 2.18 6.20 41.45
CA ILE E 83 3.52 6.67 41.79
C ILE E 83 4.35 6.80 40.52
N GLY E 84 5.26 7.76 40.54
CA GLY E 84 6.21 7.97 39.46
C GLY E 84 7.59 7.54 39.91
N ILE E 85 8.37 6.99 38.98
CA ILE E 85 9.76 6.61 39.27
C ILE E 85 10.62 7.54 38.45
N LEU E 86 11.30 8.49 39.10
CA LEU E 86 12.16 9.46 38.44
C LEU E 86 13.33 8.76 37.78
N HIS E 87 13.60 9.10 36.50
CA HIS E 87 14.72 8.51 35.75
C HIS E 87 16.08 8.91 36.33
N LYS E 88 17.10 8.08 36.10
CA LYS E 88 18.46 8.27 36.59
C LYS E 88 19.41 8.94 35.55
N ASN E 89 18.87 9.41 34.43
CA ASN E 89 19.67 10.02 33.36
C ASN E 89 19.80 11.54 33.59
N MET E 90 20.21 11.90 34.79
CA MET E 90 20.48 13.24 35.28
C MET E 90 21.48 13.14 36.42
N ASP E 91 22.25 14.20 36.72
CA ASP E 91 23.22 14.10 37.82
C ASP E 91 22.54 13.95 39.19
N ILE E 92 23.32 13.60 40.21
CA ILE E 92 22.82 13.34 41.57
C ILE E 92 22.01 14.53 42.13
N ALA E 93 22.53 15.76 42.01
CA ALA E 93 21.87 16.99 42.50
C ALA E 93 20.55 17.26 41.79
N ALA E 94 20.51 17.08 40.46
CA ALA E 94 19.33 17.30 39.64
C ALA E 94 18.24 16.30 40.04
N GLN E 95 18.61 15.01 40.30
CA GLN E 95 17.68 13.96 40.69
C GLN E 95 17.12 14.17 42.05
N ALA E 96 17.96 14.46 43.06
CA ALA E 96 17.53 14.76 44.44
C ALA E 96 16.61 15.99 44.44
N ALA E 97 16.89 17.00 43.57
CA ALA E 97 16.05 18.20 43.41
C ALA E 97 14.68 17.82 42.87
N GLU E 98 14.61 16.77 42.03
CA GLU E 98 13.35 16.27 41.47
C GLU E 98 12.51 15.58 42.55
N VAL E 99 13.14 14.75 43.41
CA VAL E 99 12.51 14.10 44.58
C VAL E 99 11.89 15.16 45.52
N ARG E 100 12.65 16.23 45.85
N ARG E 100 12.66 16.22 45.83
CA ARG E 100 12.16 17.28 46.74
CA ARG E 100 12.22 17.33 46.71
C ARG E 100 10.99 18.06 46.14
C ARG E 100 11.01 18.07 46.14
N ARG E 101 11.00 18.30 44.81
CA ARG E 101 9.92 18.96 44.05
C ARG E 101 8.57 18.23 44.25
N VAL E 102 8.56 16.88 44.21
CA VAL E 102 7.37 16.04 44.40
C VAL E 102 6.95 16.04 45.88
N LYS E 103 7.92 15.82 46.78
CA LYS E 103 7.73 15.74 48.23
C LYS E 103 7.19 17.04 48.86
N LYS E 104 7.64 18.23 48.41
CA LYS E 104 7.14 19.48 49.01
C LYS E 104 6.07 20.17 48.15
N PHE E 105 5.47 19.45 47.18
CA PHE E 105 4.39 19.99 46.34
C PHE E 105 3.10 20.07 47.15
N GLU E 106 2.41 21.22 47.03
CA GLU E 106 1.12 21.52 47.65
C GLU E 106 0.18 22.05 46.56
N ALA E 107 -1.05 21.53 46.53
CA ALA E 107 -2.07 21.92 45.55
C ALA E 107 -2.88 23.19 45.98
N GLY E 108 -3.65 23.77 45.04
CA GLY E 108 -4.46 24.97 45.26
C GLY E 108 -5.64 24.80 46.20
N TYR E 113 -7.76 16.42 44.61
CA TYR E 113 -7.23 15.08 44.37
C TYR E 113 -7.42 14.23 45.64
N PRO E 114 -8.63 13.64 45.83
CA PRO E 114 -8.88 12.85 47.05
C PRO E 114 -8.21 11.48 47.07
N ASN E 115 -7.91 10.93 45.88
CA ASN E 115 -7.25 9.63 45.75
C ASN E 115 -5.72 9.72 45.78
N SER E 116 -5.15 10.86 46.17
CA SER E 116 -3.70 11.11 46.27
C SER E 116 -2.98 10.02 47.05
N CYS E 117 -1.83 9.59 46.52
CA CYS E 117 -1.00 8.60 47.15
C CYS E 117 0.08 9.39 47.93
N LYS E 118 -0.04 9.38 49.26
CA LYS E 118 0.82 10.15 50.17
C LYS E 118 1.49 9.30 51.25
N ASP E 119 2.60 9.79 51.81
CA ASP E 119 3.31 9.17 52.92
C ASP E 119 2.62 9.51 54.29
N ASP E 120 3.24 9.09 55.41
CA ASP E 120 2.74 9.35 56.78
C ASP E 120 2.63 10.84 57.12
N LEU E 121 3.48 11.65 56.49
CA LEU E 121 3.58 13.11 56.64
C LEU E 121 2.63 13.88 55.71
N GLY E 122 1.80 13.16 54.95
CA GLY E 122 0.86 13.72 54.00
C GLY E 122 1.47 14.27 52.72
N ARG E 123 2.74 13.90 52.42
CA ARG E 123 3.43 14.37 51.22
C ARG E 123 3.22 13.37 50.09
N LEU E 124 3.17 13.85 48.81
CA LEU E 124 3.04 12.98 47.64
C LEU E 124 4.21 12.01 47.56
N ARG E 125 3.90 10.73 47.31
CA ARG E 125 4.91 9.69 47.19
C ARG E 125 5.65 9.79 45.86
N VAL E 126 6.93 9.40 45.84
CA VAL E 126 7.82 9.37 44.68
C VAL E 126 8.90 8.27 44.84
N GLY E 127 9.35 7.76 43.71
CA GLY E 127 10.43 6.82 43.60
C GLY E 127 11.52 7.40 42.71
N ALA E 128 12.72 6.84 42.79
CA ALA E 128 13.85 7.26 41.95
C ALA E 128 14.68 6.04 41.57
N ALA E 129 15.14 6.02 40.32
CA ALA E 129 15.97 4.94 39.80
C ALA E 129 17.44 5.21 40.09
N VAL E 130 18.22 4.12 40.31
CA VAL E 130 19.69 4.13 40.51
C VAL E 130 20.25 2.96 39.70
N GLY E 131 21.52 3.07 39.31
CA GLY E 131 22.21 2.01 38.59
C GLY E 131 23.04 1.18 39.54
N THR E 132 24.15 0.61 39.05
CA THR E 132 25.08 -0.19 39.87
C THR E 132 26.50 0.42 39.86
N GLY E 133 26.72 1.42 38.98
CA GLY E 133 27.98 2.15 38.82
C GLY E 133 28.46 2.89 40.06
N ALA E 134 29.68 3.46 39.95
CA ALA E 134 30.43 4.15 41.01
C ALA E 134 29.69 5.27 41.74
N ASP E 135 28.78 5.98 41.06
CA ASP E 135 28.00 7.09 41.64
C ASP E 135 26.82 6.67 42.50
N THR E 136 26.41 5.39 42.43
CA THR E 136 25.26 4.84 43.17
C THR E 136 25.29 5.15 44.64
N PRO E 137 26.37 4.81 45.42
CA PRO E 137 26.32 5.10 46.87
C PRO E 137 25.96 6.55 47.22
N SER E 138 26.54 7.52 46.48
CA SER E 138 26.27 8.95 46.65
C SER E 138 24.87 9.31 46.19
N ARG E 139 24.41 8.69 45.07
CA ARG E 139 23.09 8.90 44.50
C ARG E 139 22.04 8.45 45.50
N VAL E 140 22.15 7.19 46.02
CA VAL E 140 21.21 6.62 47.01
C VAL E 140 21.10 7.52 48.23
N GLU E 141 22.23 7.93 48.79
CA GLU E 141 22.29 8.79 49.97
C GLU E 141 21.58 10.13 49.74
N ALA E 142 21.81 10.78 48.59
CA ALA E 142 21.18 12.06 48.23
C ALA E 142 19.67 11.92 48.07
N LEU E 143 19.21 10.81 47.47
CA LEU E 143 17.79 10.56 47.24
C LEU E 143 17.06 10.29 48.54
N VAL E 144 17.65 9.53 49.47
CA VAL E 144 17.07 9.22 50.78
C VAL E 144 16.97 10.51 51.64
N GLU E 145 18.01 11.34 51.57
CA GLU E 145 18.09 12.64 52.25
C GLU E 145 17.00 13.58 51.70
N ALA E 146 16.71 13.45 50.40
CA ALA E 146 15.67 14.22 49.72
C ALA E 146 14.23 13.74 50.07
N GLY E 147 14.13 12.61 50.77
CA GLY E 147 12.86 12.07 51.23
C GLY E 147 12.19 11.06 50.33
N VAL E 148 12.93 10.52 49.30
CA VAL E 148 12.43 9.49 48.37
C VAL E 148 11.78 8.33 49.16
N ASP E 149 10.63 7.87 48.68
CA ASP E 149 9.90 6.80 49.36
C ASP E 149 10.43 5.43 49.02
N VAL E 150 10.92 5.28 47.76
CA VAL E 150 11.42 4.03 47.24
C VAL E 150 12.60 4.22 46.27
N ILE E 151 13.67 3.43 46.48
CA ILE E 151 14.85 3.37 45.60
C ILE E 151 14.58 2.19 44.64
N VAL E 152 14.74 2.42 43.34
CA VAL E 152 14.54 1.37 42.35
C VAL E 152 15.89 1.10 41.70
N VAL E 153 16.46 -0.11 41.88
CA VAL E 153 17.74 -0.52 41.24
C VAL E 153 17.33 -0.98 39.83
N ASP E 154 17.40 -0.04 38.87
CA ASP E 154 16.92 -0.05 37.49
C ASP E 154 17.91 -0.58 36.44
N THR E 155 17.80 -1.88 36.09
CA THR E 155 18.71 -2.48 35.11
C THR E 155 17.98 -3.41 34.14
N ALA E 156 18.69 -3.84 33.09
CA ALA E 156 18.19 -4.79 32.09
C ALA E 156 18.24 -6.24 32.67
N HIS E 157 19.06 -6.48 33.69
CA HIS E 157 19.29 -7.81 34.24
C HIS E 157 19.42 -7.79 35.77
N GLY E 158 18.30 -7.87 36.47
CA GLY E 158 18.23 -7.91 37.92
C GLY E 158 18.71 -9.21 38.54
N HIS E 159 18.89 -10.28 37.72
CA HIS E 159 19.39 -11.59 38.19
C HIS E 159 20.91 -11.57 38.17
N SER E 160 21.49 -10.40 37.85
CA SER E 160 22.94 -10.25 37.87
C SER E 160 23.40 -10.00 39.33
N ALA E 161 24.57 -10.55 39.68
CA ALA E 161 25.21 -10.42 40.98
C ALA E 161 25.32 -8.96 41.39
N GLY E 162 25.67 -8.10 40.42
CA GLY E 162 25.81 -6.66 40.57
C GLY E 162 24.57 -5.98 41.11
N VAL E 163 23.39 -6.40 40.62
CA VAL E 163 22.10 -5.85 41.04
C VAL E 163 21.68 -6.44 42.40
N ILE E 164 21.71 -7.80 42.55
CA ILE E 164 21.35 -8.53 43.79
C ILE E 164 22.16 -7.93 44.96
N GLU E 165 23.43 -7.58 44.72
CA GLU E 165 24.25 -7.06 45.79
C GLU E 165 24.08 -5.56 46.04
N ARG E 166 23.71 -4.77 45.02
CA ARG E 166 23.37 -3.35 45.22
C ARG E 166 22.03 -3.22 45.98
N VAL E 167 21.08 -4.15 45.74
CA VAL E 167 19.80 -4.21 46.45
C VAL E 167 20.08 -4.47 47.95
N ARG E 168 20.98 -5.42 48.28
CA ARG E 168 21.39 -5.78 49.65
C ARG E 168 22.04 -4.60 50.36
N TRP E 169 22.91 -3.86 49.66
CA TRP E 169 23.60 -2.69 50.15
C TRP E 169 22.60 -1.59 50.53
N VAL E 170 21.62 -1.29 49.64
CA VAL E 170 20.58 -0.28 49.90
C VAL E 170 19.74 -0.64 51.13
N LYS E 171 19.33 -1.91 51.27
CA LYS E 171 18.52 -2.39 52.39
C LYS E 171 19.27 -2.34 53.73
N GLN E 172 20.55 -2.76 53.74
CA GLN E 172 21.39 -2.76 54.95
C GLN E 172 21.80 -1.34 55.38
N ASN E 173 22.14 -0.48 54.41
CA ASN E 173 22.60 0.87 54.71
C ASN E 173 21.49 1.91 54.87
N PHE E 174 20.33 1.69 54.22
CA PHE E 174 19.18 2.62 54.28
C PHE E 174 17.89 1.85 54.55
N PRO E 175 17.72 1.21 55.73
CA PRO E 175 16.48 0.45 56.00
C PRO E 175 15.20 1.30 56.04
N GLN E 176 15.34 2.62 56.22
CA GLN E 176 14.22 3.58 56.27
C GLN E 176 13.55 3.82 54.91
N VAL E 177 14.19 3.37 53.79
CA VAL E 177 13.66 3.51 52.43
C VAL E 177 13.26 2.13 51.91
N GLN E 178 12.21 2.08 51.04
CA GLN E 178 11.80 0.84 50.41
C GLN E 178 12.70 0.65 49.18
N VAL E 179 12.99 -0.62 48.81
CA VAL E 179 13.86 -0.87 47.65
C VAL E 179 13.23 -1.92 46.69
N ILE E 180 13.27 -1.61 45.39
CA ILE E 180 12.79 -2.48 44.31
C ILE E 180 14.04 -2.92 43.50
N GLY E 181 14.05 -4.20 43.08
CA GLY E 181 15.09 -4.80 42.26
C GLY E 181 14.50 -5.27 40.95
N GLY E 182 15.25 -5.09 39.87
CA GLY E 182 14.81 -5.51 38.54
C GLY E 182 15.83 -5.24 37.45
N ASN E 183 15.54 -5.62 36.20
CA ASN E 183 14.34 -6.33 35.77
C ASN E 183 14.54 -7.82 35.73
N ILE E 184 13.49 -8.58 36.04
CA ILE E 184 13.52 -10.05 36.09
C ILE E 184 12.39 -10.68 35.26
N ALA E 185 12.51 -11.99 35.00
CA ALA E 185 11.51 -12.70 34.21
C ALA E 185 11.27 -14.13 34.75
N THR E 186 12.02 -14.56 35.78
CA THR E 186 11.89 -15.91 36.34
C THR E 186 11.69 -15.89 37.85
N GLY E 187 11.19 -17.02 38.38
CA GLY E 187 10.99 -17.23 39.80
C GLY E 187 12.29 -17.30 40.59
N ASP E 188 13.33 -17.90 39.99
CA ASP E 188 14.68 -17.98 40.57
C ASP E 188 15.25 -16.59 40.83
N ALA E 189 15.05 -15.66 39.87
CA ALA E 189 15.50 -14.28 39.95
C ALA E 189 14.81 -13.55 41.09
N ALA E 190 13.49 -13.74 41.22
CA ALA E 190 12.63 -13.18 42.27
C ALA E 190 13.11 -13.61 43.67
N LEU E 191 13.36 -14.92 43.85
CA LEU E 191 13.85 -15.51 45.10
C LEU E 191 15.21 -14.94 45.49
N ALA E 192 16.14 -14.73 44.51
CA ALA E 192 17.46 -14.11 44.78
C ALA E 192 17.31 -12.66 45.28
N LEU E 193 16.40 -11.88 44.62
CA LEU E 193 16.13 -10.51 45.05
C LEU E 193 15.42 -10.46 46.40
N LEU E 194 14.51 -11.43 46.68
CA LEU E 194 13.80 -11.55 47.97
C LEU E 194 14.82 -11.80 49.07
N ASP E 195 15.78 -12.70 48.85
CA ASP E 195 16.87 -13.01 49.76
C ASP E 195 17.76 -11.79 49.98
N ALA E 196 17.99 -10.98 48.94
CA ALA E 196 18.80 -9.75 49.04
C ALA E 196 18.15 -8.66 49.91
N GLY E 197 16.83 -8.75 50.08
CA GLY E 197 16.05 -7.83 50.90
C GLY E 197 15.14 -6.87 50.17
N ALA E 198 14.89 -7.11 48.86
CA ALA E 198 14.00 -6.30 48.04
C ALA E 198 12.61 -6.31 48.64
N ASP E 199 11.91 -5.17 48.57
CA ASP E 199 10.55 -4.99 49.09
C ASP E 199 9.50 -5.24 48.01
N ALA E 200 9.98 -5.37 46.75
CA ALA E 200 9.21 -5.66 45.55
C ALA E 200 10.20 -5.99 44.46
N VAL E 201 9.71 -6.67 43.40
CA VAL E 201 10.54 -7.02 42.24
C VAL E 201 9.86 -6.47 41.00
N LYS E 202 10.66 -6.02 40.01
CA LYS E 202 10.12 -5.49 38.77
C LYS E 202 10.31 -6.51 37.65
N VAL E 203 9.20 -6.93 37.04
CA VAL E 203 9.15 -7.98 36.04
C VAL E 203 9.06 -7.46 34.61
N GLY E 204 9.97 -7.91 33.74
CA GLY E 204 9.95 -7.52 32.35
C GLY E 204 11.29 -7.58 31.65
N ILE E 205 11.52 -8.66 30.88
CA ILE E 205 12.70 -8.86 30.02
C ILE E 205 12.14 -9.14 28.63
N GLY E 206 12.16 -8.14 27.77
CA GLY E 206 11.63 -8.26 26.41
C GLY E 206 10.22 -7.77 26.11
N PRO E 207 9.29 -7.41 27.05
CA PRO E 207 7.94 -7.00 26.60
C PRO E 207 7.79 -5.55 26.12
N GLY E 208 8.72 -4.66 26.48
CA GLY E 208 8.69 -3.24 26.15
C GLY E 208 8.43 -2.92 24.69
N SER E 209 7.65 -1.87 24.42
CA SER E 209 7.30 -1.44 23.06
C SER E 209 8.52 -0.98 22.25
N ILE E 210 9.52 -0.40 22.92
CA ILE E 210 10.78 0.10 22.35
C ILE E 210 11.95 -0.88 22.57
N CYS E 211 11.65 -2.11 23.06
CA CYS E 211 12.63 -3.15 23.34
C CYS E 211 13.15 -3.89 22.10
N THR E 212 14.50 -4.04 21.98
CA THR E 212 15.12 -4.82 20.92
C THR E 212 16.05 -5.90 21.53
N THR E 213 15.92 -6.15 22.85
CA THR E 213 16.65 -7.18 23.61
C THR E 213 16.46 -8.56 22.97
N ARG E 214 15.23 -8.89 22.56
CA ARG E 214 14.88 -10.16 21.90
C ARG E 214 15.62 -10.33 20.57
N ILE E 215 15.81 -9.25 19.82
CA ILE E 215 16.48 -9.24 18.51
C ILE E 215 18.01 -9.24 18.71
N VAL E 216 18.51 -8.36 19.58
CA VAL E 216 19.93 -8.18 19.87
C VAL E 216 20.54 -9.39 20.63
N ALA E 217 19.90 -9.81 21.72
CA ALA E 217 20.43 -10.89 22.56
C ALA E 217 19.70 -12.23 22.44
N GLY E 218 18.50 -12.24 21.83
CA GLY E 218 17.67 -13.44 21.69
C GLY E 218 17.14 -13.92 23.02
N ILE E 219 17.09 -12.97 23.98
CA ILE E 219 16.69 -13.10 25.38
C ILE E 219 15.32 -12.50 25.58
N GLY E 220 14.51 -13.15 26.41
CA GLY E 220 13.18 -12.65 26.70
C GLY E 220 12.24 -13.66 27.32
N MET E 221 11.12 -13.16 27.82
CA MET E 221 10.10 -13.98 28.42
C MET E 221 8.74 -13.33 28.22
N PRO E 222 7.83 -13.96 27.40
CA PRO E 222 6.46 -13.40 27.25
C PRO E 222 5.86 -13.09 28.62
N GLN E 223 5.35 -11.84 28.76
CA GLN E 223 4.95 -11.19 30.00
C GLN E 223 3.97 -11.94 30.93
N ILE E 224 2.94 -12.62 30.41
CA ILE E 224 1.99 -13.36 31.26
C ILE E 224 2.71 -14.47 32.01
N SER E 225 3.61 -15.17 31.30
CA SER E 225 4.41 -16.26 31.87
C SER E 225 5.49 -15.76 32.82
N ALA E 226 6.05 -14.55 32.55
CA ALA E 226 7.04 -13.91 33.41
C ALA E 226 6.39 -13.59 34.73
N ILE E 227 5.20 -12.92 34.71
CA ILE E 227 4.42 -12.56 35.91
C ILE E 227 4.09 -13.84 36.69
N ASP E 228 3.58 -14.86 36.00
CA ASP E 228 3.25 -16.14 36.61
C ASP E 228 4.44 -16.81 37.31
N SER E 229 5.58 -16.95 36.61
CA SER E 229 6.82 -17.56 37.14
C SER E 229 7.25 -16.87 38.44
N VAL E 230 7.27 -15.52 38.43
CA VAL E 230 7.66 -14.67 39.55
C VAL E 230 6.66 -14.76 40.72
N ALA E 231 5.34 -14.54 40.44
CA ALA E 231 4.28 -14.60 41.46
C ALA E 231 4.21 -15.96 42.15
N SER E 232 4.37 -17.06 41.40
CA SER E 232 4.33 -18.40 41.94
C SER E 232 5.50 -18.70 42.88
N ALA E 233 6.69 -18.16 42.58
CA ALA E 233 7.87 -18.34 43.43
C ALA E 233 7.77 -17.52 44.71
N LEU E 234 7.30 -16.24 44.60
CA LEU E 234 7.19 -15.29 45.71
C LEU E 234 6.18 -15.65 46.76
N LYS E 235 5.08 -16.31 46.37
CA LYS E 235 3.98 -16.74 47.26
C LYS E 235 3.51 -15.58 48.14
N ASP E 236 3.38 -14.39 47.51
CA ASP E 236 2.94 -13.11 48.06
C ASP E 236 3.82 -12.54 49.19
N GLN E 237 5.08 -12.97 49.28
CA GLN E 237 6.00 -12.45 50.31
C GLN E 237 6.30 -10.98 50.03
N ILE E 238 6.47 -10.65 48.74
CA ILE E 238 6.69 -9.28 48.25
C ILE E 238 5.88 -9.11 46.95
N PRO E 239 5.34 -7.90 46.66
CA PRO E 239 4.62 -7.72 45.39
C PRO E 239 5.54 -7.60 44.18
N LEU E 240 4.95 -7.72 42.97
CA LEU E 240 5.70 -7.57 41.72
C LEU E 240 5.06 -6.47 40.87
N ILE E 241 5.90 -5.72 40.15
CA ILE E 241 5.48 -4.68 39.21
C ILE E 241 5.60 -5.30 37.83
N ALA E 242 4.48 -5.43 37.09
CA ALA E 242 4.50 -5.95 35.72
C ALA E 242 4.90 -4.77 34.82
N ASP E 243 6.15 -4.78 34.37
CA ASP E 243 6.78 -3.71 33.61
C ASP E 243 7.02 -4.01 32.12
N GLY E 244 6.32 -3.27 31.27
CA GLY E 244 6.47 -3.35 29.82
C GLY E 244 5.37 -4.09 29.09
N GLY E 245 5.12 -3.66 27.85
CA GLY E 245 4.17 -4.29 26.93
C GLY E 245 2.70 -4.05 27.14
N ILE E 246 2.34 -3.10 28.02
CA ILE E 246 0.96 -2.73 28.28
C ILE E 246 0.55 -1.76 27.17
N ARG E 247 -0.48 -2.12 26.41
CA ARG E 247 -0.98 -1.30 25.32
C ARG E 247 -2.37 -0.81 25.61
N PHE E 248 -3.19 -1.65 26.27
CA PHE E 248 -4.60 -1.35 26.60
C PHE E 248 -4.90 -1.71 28.05
N SER E 249 -6.07 -1.28 28.56
CA SER E 249 -6.51 -1.57 29.92
C SER E 249 -6.76 -3.06 30.14
N GLY E 250 -7.02 -3.79 29.05
CA GLY E 250 -7.22 -5.24 29.06
C GLY E 250 -5.96 -5.94 29.51
N ASP E 251 -4.80 -5.44 29.03
CA ASP E 251 -3.44 -5.88 29.38
C ASP E 251 -3.18 -5.80 30.88
N MET E 252 -3.66 -4.74 31.52
CA MET E 252 -3.47 -4.47 32.94
C MET E 252 -4.20 -5.49 33.79
N ALA E 253 -5.50 -5.70 33.44
CA ALA E 253 -6.41 -6.67 34.03
C ALA E 253 -5.80 -8.08 33.93
N LYS E 254 -5.25 -8.46 32.76
CA LYS E 254 -4.58 -9.72 32.53
C LYS E 254 -3.30 -9.84 33.38
N ALA E 255 -2.51 -8.78 33.47
CA ALA E 255 -1.29 -8.77 34.28
C ALA E 255 -1.62 -8.96 35.76
N ILE E 256 -2.68 -8.31 36.27
CA ILE E 256 -3.11 -8.47 37.67
C ILE E 256 -3.68 -9.90 37.89
N GLY E 257 -4.48 -10.39 36.94
CA GLY E 257 -5.01 -11.75 36.98
C GLY E 257 -3.93 -12.81 37.02
N ALA E 258 -2.79 -12.53 36.36
CA ALA E 258 -1.62 -13.40 36.28
C ALA E 258 -0.73 -13.32 37.56
N GLY E 259 -0.99 -12.36 38.45
CA GLY E 259 -0.28 -12.23 39.71
C GLY E 259 0.35 -10.89 40.04
N ALA E 260 0.31 -9.91 39.11
CA ALA E 260 0.92 -8.58 39.35
C ALA E 260 0.14 -7.80 40.37
N SER E 261 0.84 -6.97 41.18
CA SER E 261 0.16 -6.09 42.15
C SER E 261 0.03 -4.70 41.54
N THR E 262 1.00 -4.30 40.70
CA THR E 262 1.03 -3.02 39.97
C THR E 262 1.50 -3.25 38.53
N ILE E 263 1.37 -2.21 37.70
CA ILE E 263 1.74 -2.19 36.30
C ILE E 263 2.58 -0.96 36.00
N MET E 264 3.73 -1.14 35.33
CA MET E 264 4.57 -0.02 34.94
C MET E 264 4.39 0.26 33.45
N VAL E 265 4.16 1.54 33.10
CA VAL E 265 3.92 1.95 31.72
C VAL E 265 4.88 3.04 31.29
N GLY E 266 5.34 2.93 30.05
CA GLY E 266 6.20 3.90 29.41
C GLY E 266 5.45 4.57 28.28
N SER E 267 5.19 3.81 27.19
N SER E 267 5.19 3.80 27.19
CA SER E 267 4.53 4.29 25.97
CA SER E 267 4.53 4.28 25.97
C SER E 267 3.20 4.98 26.20
C SER E 267 3.19 4.97 26.22
N LEU E 268 2.32 4.40 27.06
CA LEU E 268 1.00 4.97 27.38
C LEU E 268 1.04 6.38 27.97
N LEU E 269 2.08 6.68 28.79
CA LEU E 269 2.25 7.99 29.41
C LEU E 269 3.20 8.92 28.62
N ALA E 270 3.93 8.36 27.64
CA ALA E 270 4.78 9.14 26.74
C ALA E 270 3.86 9.93 25.81
N GLY E 271 4.23 11.16 25.52
CA GLY E 271 3.42 12.02 24.65
C GLY E 271 2.39 12.85 25.39
N THR E 272 2.25 12.63 26.71
CA THR E 272 1.31 13.39 27.54
C THR E 272 1.96 14.72 27.93
N GLU E 273 1.12 15.72 28.27
CA GLU E 273 1.55 17.05 28.66
C GLU E 273 2.62 17.03 29.77
N GLU E 274 2.41 16.18 30.81
CA GLU E 274 3.26 16.02 32.00
C GLU E 274 4.62 15.32 31.75
N ALA E 275 4.71 14.50 30.68
CA ALA E 275 5.93 13.78 30.30
C ALA E 275 7.02 14.76 29.88
N PRO E 276 8.33 14.46 30.12
CA PRO E 276 9.38 15.41 29.69
C PRO E 276 9.41 15.59 28.18
N GLY E 277 9.87 16.77 27.77
CA GLY E 277 9.98 17.13 26.37
C GLY E 277 8.96 18.13 25.90
N GLU E 278 9.31 18.82 24.81
CA GLU E 278 8.47 19.81 24.15
C GLU E 278 7.74 19.09 23.02
N VAL E 279 6.59 19.63 22.63
CA VAL E 279 5.83 19.09 21.53
C VAL E 279 6.46 19.54 20.21
N GLU E 280 6.62 18.61 19.28
CA GLU E 280 7.20 18.92 17.98
C GLU E 280 6.15 18.83 16.87
N PHE E 281 6.21 19.81 15.98
CA PHE E 281 5.32 19.90 14.83
C PHE E 281 5.97 19.09 13.72
N PHE E 282 5.37 17.95 13.36
CA PHE E 282 5.91 17.09 12.31
C PHE E 282 4.80 16.64 11.37
N GLN E 283 4.89 17.09 10.09
CA GLN E 283 3.94 16.82 9.00
C GLN E 283 2.50 17.20 9.43
N GLY E 284 2.37 18.42 9.96
CA GLY E 284 1.11 18.94 10.45
C GLY E 284 0.81 18.53 11.88
N ARG E 285 0.86 17.20 12.15
CA ARG E 285 0.60 16.58 13.45
C ARG E 285 1.58 16.99 14.56
N TYR E 286 1.16 16.82 15.84
CA TYR E 286 1.92 17.14 17.06
C TYR E 286 2.41 15.85 17.75
N TYR E 287 3.70 15.81 18.09
CA TYR E 287 4.35 14.65 18.71
C TYR E 287 5.27 14.99 19.86
N LYS E 288 5.70 13.94 20.58
CA LYS E 288 6.71 14.02 21.63
C LYS E 288 7.66 12.83 21.43
N ALA E 289 8.90 13.00 21.85
CA ALA E 289 9.90 11.94 21.76
C ALA E 289 9.61 10.85 22.78
N TYR E 290 9.87 9.61 22.37
CA TYR E 290 9.80 8.44 23.22
C TYR E 290 10.96 7.51 22.81
N ARG E 291 11.84 7.18 23.76
CA ARG E 291 13.01 6.35 23.46
C ARG E 291 13.35 5.39 24.59
N GLY E 292 13.93 4.24 24.24
CA GLY E 292 14.39 3.28 25.22
C GLY E 292 15.59 3.84 25.98
N MET E 293 15.80 3.38 27.21
CA MET E 293 16.93 3.84 28.00
C MET E 293 18.27 3.22 27.56
N GLY E 294 18.17 2.14 26.77
CA GLY E 294 19.30 1.43 26.16
C GLY E 294 19.42 1.73 24.67
N SER E 295 18.82 2.84 24.22
CA SER E 295 18.91 3.28 22.83
C SER E 295 20.19 4.09 22.67
N LEU E 296 20.65 4.31 21.42
CA LEU E 296 21.86 5.11 21.13
C LEU E 296 21.82 6.49 21.78
N GLY E 297 20.74 7.24 21.54
CA GLY E 297 20.53 8.57 22.10
C GLY E 297 20.56 8.63 23.62
N ALA E 298 19.85 7.69 24.28
CA ALA E 298 19.80 7.64 25.75
C ALA E 298 21.13 7.25 26.38
N MET E 299 21.91 6.34 25.73
CA MET E 299 23.21 5.87 26.21
C MET E 299 24.29 6.95 26.08
N ALA E 300 24.19 7.82 25.05
CA ALA E 300 25.09 8.93 24.77
C ALA E 300 24.59 10.22 25.38
N LEU E 320 28.22 -1.41 25.51
CA LEU E 320 27.12 -2.29 25.08
C LEU E 320 26.47 -1.81 23.78
N VAL E 321 26.06 -2.76 22.92
CA VAL E 321 25.32 -2.46 21.68
C VAL E 321 23.88 -1.98 22.12
N PRO E 322 23.22 -1.02 21.42
CA PRO E 322 21.89 -0.59 21.87
C PRO E 322 20.84 -1.70 21.92
N GLU E 323 19.93 -1.62 22.90
CA GLU E 323 18.85 -2.61 23.06
C GLU E 323 17.47 -1.99 23.06
N GLY E 324 17.40 -0.75 22.60
CA GLY E 324 16.16 0.00 22.49
C GLY E 324 16.16 0.90 21.29
N ILE E 325 14.96 1.33 20.88
CA ILE E 325 14.77 2.22 19.74
C ILE E 325 14.32 3.62 20.18
N GLU E 326 14.53 4.62 19.32
CA GLU E 326 14.15 6.01 19.55
C GLU E 326 13.05 6.34 18.57
N GLY E 327 12.03 7.05 19.04
CA GLY E 327 10.90 7.43 18.21
C GLY E 327 10.09 8.60 18.70
N ARG E 328 8.97 8.82 18.02
CA ARG E 328 7.99 9.86 18.27
C ARG E 328 6.65 9.18 18.59
N VAL E 329 5.92 9.74 19.56
CA VAL E 329 4.58 9.29 19.93
C VAL E 329 3.64 10.49 19.76
N PRO E 330 2.36 10.30 19.36
CA PRO E 330 1.47 11.47 19.21
C PRO E 330 1.22 12.18 20.53
N TYR E 331 1.00 13.52 20.47
CA TYR E 331 0.67 14.32 21.64
C TYR E 331 -0.69 13.84 22.18
N LYS E 332 -0.75 13.51 23.47
CA LYS E 332 -1.95 12.94 24.10
C LYS E 332 -2.71 13.89 25.02
N GLY E 333 -2.13 15.04 25.33
CA GLY E 333 -2.76 15.99 26.22
C GLY E 333 -2.55 15.61 27.67
N PRO E 334 -3.38 16.10 28.62
CA PRO E 334 -3.14 15.75 30.04
C PRO E 334 -3.21 14.27 30.34
N MET E 335 -2.22 13.76 31.10
CA MET E 335 -2.11 12.34 31.45
C MET E 335 -3.36 11.81 32.19
N GLY E 336 -4.04 12.67 32.94
CA GLY E 336 -5.25 12.33 33.70
C GLY E 336 -6.30 11.55 32.93
N ASN E 337 -6.53 11.92 31.66
CA ASN E 337 -7.50 11.29 30.75
C ASN E 337 -7.13 9.85 30.42
N ILE E 338 -5.85 9.61 30.10
CA ILE E 338 -5.28 8.30 29.79
C ILE E 338 -5.44 7.40 31.01
N VAL E 339 -5.07 7.90 32.19
CA VAL E 339 -5.14 7.22 33.47
C VAL E 339 -6.60 6.81 33.80
N HIS E 340 -7.57 7.73 33.62
N HIS E 340 -7.56 7.73 33.62
CA HIS E 340 -8.98 7.45 33.88
CA HIS E 340 -8.99 7.49 33.84
C HIS E 340 -9.56 6.40 32.90
C HIS E 340 -9.53 6.40 32.91
N GLN E 341 -9.18 6.46 31.60
CA GLN E 341 -9.58 5.48 30.58
C GLN E 341 -9.02 4.08 30.93
N MET E 342 -7.75 4.01 31.35
CA MET E 342 -7.07 2.81 31.79
C MET E 342 -7.73 2.21 33.04
N MET E 343 -8.02 3.06 34.05
CA MET E 343 -8.63 2.57 35.29
C MET E 343 -10.06 2.15 35.06
N GLY E 344 -10.80 2.91 34.25
CA GLY E 344 -12.17 2.58 33.87
C GLY E 344 -12.28 1.22 33.22
N GLY E 345 -11.33 0.89 32.34
CA GLY E 345 -11.25 -0.42 31.70
C GLY E 345 -10.97 -1.53 32.69
N LEU E 346 -10.09 -1.26 33.67
CA LEU E 346 -9.79 -2.22 34.73
C LEU E 346 -11.00 -2.44 35.65
N ARG E 347 -11.82 -1.39 35.90
CA ARG E 347 -13.03 -1.48 36.73
C ARG E 347 -14.03 -2.39 36.06
N SER E 348 -14.17 -2.29 34.74
CA SER E 348 -15.05 -3.15 33.96
C SER E 348 -14.67 -4.61 34.06
N SER E 349 -13.37 -4.91 33.94
N SER E 349 -13.36 -4.92 33.94
CA SER E 349 -12.84 -6.27 34.02
CA SER E 349 -12.83 -6.28 34.03
C SER E 349 -13.15 -6.90 35.37
C SER E 349 -13.16 -6.91 35.37
N MET E 350 -13.02 -6.11 36.45
CA MET E 350 -13.28 -6.54 37.81
C MET E 350 -14.78 -6.76 38.00
N GLY E 351 -15.59 -5.98 37.28
CA GLY E 351 -17.03 -6.14 37.25
C GLY E 351 -17.39 -7.46 36.61
N TYR E 352 -16.75 -7.79 35.46
CA TYR E 352 -16.95 -9.05 34.71
C TYR E 352 -16.49 -10.28 35.49
N THR E 353 -15.35 -10.18 36.22
CA THR E 353 -14.77 -11.30 36.95
C THR E 353 -15.30 -11.46 38.38
N GLY E 354 -16.14 -10.52 38.81
CA GLY E 354 -16.66 -10.50 40.17
C GLY E 354 -15.57 -10.26 41.20
N SER E 355 -14.61 -9.36 40.86
CA SER E 355 -13.49 -8.99 41.72
C SER E 355 -13.82 -7.61 42.34
N ALA E 356 -14.13 -7.60 43.65
CA ALA E 356 -14.50 -6.38 44.39
C ALA E 356 -13.26 -5.55 44.76
N VAL E 357 -12.12 -6.24 44.95
CA VAL E 357 -10.81 -5.67 45.29
C VAL E 357 -9.72 -6.26 44.37
N ILE E 358 -8.55 -5.58 44.26
CA ILE E 358 -7.42 -6.03 43.42
C ILE E 358 -7.02 -7.48 43.74
N GLU E 359 -6.98 -7.82 45.03
CA GLU E 359 -6.61 -9.14 45.54
C GLU E 359 -7.53 -10.26 45.07
N ASP E 360 -8.81 -9.97 44.79
CA ASP E 360 -9.73 -10.98 44.27
C ASP E 360 -9.35 -11.35 42.82
N LEU E 361 -8.94 -10.34 42.02
CA LEU E 361 -8.54 -10.53 40.64
C LEU E 361 -7.27 -11.35 40.60
N ARG E 362 -6.30 -11.02 41.49
CA ARG E 362 -5.00 -11.68 41.64
C ARG E 362 -5.08 -13.14 42.02
N GLN E 363 -6.08 -13.51 42.83
CA GLN E 363 -6.28 -14.85 43.36
C GLN E 363 -7.31 -15.71 42.63
N ASN E 364 -8.41 -15.10 42.14
CA ASN E 364 -9.51 -15.85 41.52
C ASN E 364 -9.63 -15.77 40.00
N ALA E 365 -8.70 -15.09 39.30
CA ALA E 365 -8.77 -15.01 37.84
C ALA E 365 -8.60 -16.36 37.17
N LYS E 366 -9.43 -16.65 36.17
CA LYS E 366 -9.40 -17.85 35.34
C LYS E 366 -9.26 -17.36 33.91
N PHE E 367 -8.36 -17.98 33.17
CA PHE E 367 -8.04 -17.63 31.79
C PHE E 367 -8.33 -18.74 30.82
N VAL E 368 -8.38 -18.39 29.53
CA VAL E 368 -8.43 -19.33 28.43
C VAL E 368 -7.28 -18.95 27.50
N LYS E 369 -6.63 -19.95 26.90
CA LYS E 369 -5.59 -19.68 25.94
C LYS E 369 -6.31 -19.58 24.59
N ILE E 370 -5.96 -18.57 23.80
CA ILE E 370 -6.59 -18.36 22.50
C ILE E 370 -5.55 -18.63 21.42
N THR E 371 -5.99 -18.87 20.16
CA THR E 371 -5.09 -19.14 19.03
C THR E 371 -4.85 -17.86 18.22
N SER E 372 -4.06 -17.98 17.14
CA SER E 372 -3.77 -16.92 16.16
C SER E 372 -5.07 -16.35 15.56
N ALA E 373 -6.10 -17.22 15.37
CA ALA E 373 -7.43 -16.85 14.85
C ALA E 373 -8.18 -15.92 15.82
N GLY E 374 -7.99 -16.14 17.13
CA GLY E 374 -8.58 -15.34 18.20
C GLY E 374 -7.77 -14.09 18.44
N MET F 17 -0.05 -44.69 7.84
CA MET F 17 -0.19 -43.65 8.86
C MET F 17 0.97 -42.64 8.82
N LEU F 18 0.67 -41.36 9.05
CA LEU F 18 1.60 -40.23 8.99
C LEU F 18 2.63 -40.26 10.10
N THR F 19 3.92 -40.22 9.72
CA THR F 19 5.03 -40.19 10.67
C THR F 19 5.50 -38.76 10.85
N ILE F 20 5.03 -38.11 11.94
CA ILE F 20 5.48 -36.79 12.36
C ILE F 20 6.47 -37.06 13.48
N VAL F 21 7.76 -36.89 13.17
CA VAL F 21 8.90 -37.13 14.07
C VAL F 21 8.85 -36.23 15.31
N GLN F 22 8.50 -34.94 15.11
CA GLN F 22 8.37 -33.93 16.17
C GLN F 22 7.77 -32.65 15.61
N GLU F 23 7.48 -31.68 16.49
CA GLU F 23 7.10 -30.35 16.07
C GLU F 23 8.45 -29.63 16.10
N ALA F 24 8.97 -29.28 14.91
CA ALA F 24 10.28 -28.67 14.75
C ALA F 24 10.24 -27.15 14.87
N LEU F 25 11.27 -26.61 15.55
CA LEU F 25 11.39 -25.19 15.88
C LEU F 25 12.46 -24.46 15.13
N THR F 26 12.17 -23.21 14.78
CA THR F 26 13.11 -22.28 14.19
C THR F 26 13.48 -21.22 15.25
N PHE F 27 14.38 -20.27 14.90
CA PHE F 27 14.84 -19.20 15.78
C PHE F 27 13.70 -18.39 16.42
N ASP F 28 12.70 -17.98 15.61
CA ASP F 28 11.57 -17.17 16.06
C ASP F 28 10.59 -17.90 16.99
N ASP F 29 10.70 -19.22 17.12
CA ASP F 29 9.85 -20.02 17.99
C ASP F 29 10.30 -19.99 19.43
N VAL F 30 11.55 -19.61 19.68
CA VAL F 30 12.17 -19.68 21.00
C VAL F 30 12.82 -18.39 21.46
N LEU F 31 13.02 -18.28 22.78
CA LEU F 31 13.75 -17.18 23.40
C LEU F 31 14.59 -17.80 24.50
N LEU F 32 15.80 -17.27 24.67
CA LEU F 32 16.69 -17.73 25.74
C LEU F 32 16.28 -17.02 27.01
N LEU F 33 16.37 -17.75 28.14
CA LEU F 33 16.02 -17.21 29.44
C LEU F 33 17.21 -16.60 30.16
N PRO F 34 17.05 -15.45 30.84
CA PRO F 34 18.15 -14.94 31.66
C PRO F 34 18.39 -15.83 32.88
N ALA F 35 19.63 -15.88 33.37
CA ALA F 35 20.04 -16.70 34.51
C ALA F 35 20.96 -15.91 35.44
N TYR F 36 21.30 -16.48 36.62
CA TYR F 36 22.21 -15.84 37.55
C TYR F 36 23.55 -15.60 36.83
N SER F 37 24.06 -14.36 36.92
CA SER F 37 25.25 -13.96 36.19
C SER F 37 26.27 -13.17 37.03
N THR F 38 27.56 -13.52 36.89
CA THR F 38 28.66 -12.82 37.56
C THR F 38 29.65 -12.31 36.51
N VAL F 39 29.44 -12.65 35.24
CA VAL F 39 30.36 -12.23 34.18
C VAL F 39 29.67 -11.24 33.25
N LEU F 40 30.32 -10.09 33.03
CA LEU F 40 29.80 -9.00 32.22
C LEU F 40 30.07 -9.26 30.77
N PRO F 41 29.21 -8.73 29.84
CA PRO F 41 29.45 -8.94 28.41
C PRO F 41 30.87 -8.66 27.91
N LYS F 42 31.51 -7.57 28.40
CA LYS F 42 32.88 -7.17 28.02
C LYS F 42 33.95 -8.22 28.31
N ASP F 43 33.73 -9.06 29.33
CA ASP F 43 34.67 -10.07 29.80
C ASP F 43 34.42 -11.50 29.31
N VAL F 44 33.34 -11.73 28.56
CA VAL F 44 33.04 -13.10 28.12
C VAL F 44 34.05 -13.55 27.07
N SER F 45 34.25 -14.87 26.98
CA SER F 45 35.14 -15.43 25.95
C SER F 45 34.27 -15.97 24.83
N LEU F 46 34.56 -15.54 23.58
CA LEU F 46 33.87 -15.99 22.36
C LEU F 46 34.65 -17.11 21.62
N LYS F 47 35.73 -17.61 22.23
CA LYS F 47 36.57 -18.66 21.64
C LYS F 47 35.75 -19.97 21.56
N THR F 48 35.87 -20.68 20.43
CA THR F 48 35.14 -21.91 20.16
C THR F 48 35.94 -22.80 19.18
N ARG F 49 35.39 -23.97 18.81
CA ARG F 49 36.05 -24.83 17.83
C ARG F 49 35.23 -24.97 16.55
N LEU F 50 35.92 -24.82 15.41
CA LEU F 50 35.34 -24.98 14.09
C LEU F 50 35.20 -26.48 13.79
N THR F 51 36.29 -27.23 14.00
CA THR F 51 36.43 -28.68 13.81
C THR F 51 37.08 -29.21 15.10
N ARG F 52 37.32 -30.53 15.24
CA ARG F 52 37.95 -31.02 16.47
C ARG F 52 39.38 -30.54 16.63
N GLY F 53 40.05 -30.25 15.52
CA GLY F 53 41.43 -29.75 15.50
C GLY F 53 41.59 -28.24 15.32
N ILE F 54 40.58 -27.53 14.74
CA ILE F 54 40.67 -26.07 14.51
C ILE F 54 39.83 -25.26 15.49
N TYR F 55 40.45 -24.29 16.16
CA TYR F 55 39.78 -23.38 17.09
C TYR F 55 39.71 -21.99 16.49
N LEU F 56 38.59 -21.28 16.76
CA LEU F 56 38.34 -19.91 16.31
C LEU F 56 38.26 -19.00 17.54
N ASN F 57 38.49 -17.69 17.36
CA ASN F 57 38.39 -16.71 18.43
C ASN F 57 37.00 -16.11 18.55
N ILE F 58 36.19 -16.23 17.48
CA ILE F 58 34.79 -15.81 17.40
C ILE F 58 34.00 -16.95 16.70
N PRO F 59 32.75 -17.28 17.10
CA PRO F 59 32.03 -18.39 16.42
C PRO F 59 31.43 -18.05 15.04
N LEU F 60 32.12 -17.26 14.24
CA LEU F 60 31.59 -16.82 12.95
C LEU F 60 32.37 -17.37 11.78
N VAL F 61 31.63 -17.88 10.78
CA VAL F 61 32.18 -18.47 9.54
C VAL F 61 31.45 -17.83 8.35
N SER F 62 32.19 -17.40 7.32
CA SER F 62 31.56 -16.84 6.12
C SER F 62 31.24 -17.94 5.11
N ALA F 63 30.05 -17.87 4.51
CA ALA F 63 29.52 -18.86 3.58
C ALA F 63 30.35 -19.06 2.30
N ALA F 64 30.41 -20.32 1.81
CA ALA F 64 31.13 -20.67 0.59
C ALA F 64 30.22 -20.33 -0.61
N MET F 65 30.10 -19.01 -0.87
CA MET F 65 29.23 -18.45 -1.91
C MET F 65 29.97 -17.44 -2.74
N ASP F 66 29.76 -17.46 -4.08
CA ASP F 66 30.44 -16.56 -5.04
C ASP F 66 30.06 -15.07 -4.87
N THR F 67 29.14 -14.76 -3.96
CA THR F 67 28.74 -13.39 -3.62
C THR F 67 29.07 -13.08 -2.13
N VAL F 68 29.77 -14.01 -1.44
CA VAL F 68 30.14 -13.84 -0.02
C VAL F 68 31.66 -14.01 0.23
N THR F 69 32.26 -15.16 -0.14
CA THR F 69 33.65 -15.43 0.22
C THR F 69 34.62 -15.79 -0.90
N GLU F 70 35.60 -14.91 -1.07
CA GLU F 70 36.78 -15.06 -1.90
C GLU F 70 37.92 -14.66 -0.97
N SER F 71 39.18 -14.62 -1.42
CA SER F 71 40.33 -14.32 -0.56
C SER F 71 40.17 -13.05 0.32
N ARG F 72 39.59 -11.97 -0.24
CA ARG F 72 39.37 -10.71 0.47
C ARG F 72 38.53 -10.89 1.75
N MET F 73 37.39 -11.60 1.64
CA MET F 73 36.51 -11.90 2.78
C MET F 73 37.18 -12.88 3.73
N ALA F 74 37.84 -13.93 3.19
CA ALA F 74 38.52 -14.93 4.02
C ALA F 74 39.61 -14.30 4.91
N ILE F 75 40.35 -13.28 4.37
CA ILE F 75 41.40 -12.57 5.11
C ILE F 75 40.78 -11.77 6.24
N ALA F 76 39.75 -10.96 5.92
CA ALA F 76 39.00 -10.16 6.89
C ALA F 76 38.36 -11.03 7.97
N MET F 77 37.78 -12.20 7.59
CA MET F 77 37.20 -13.16 8.53
C MET F 77 38.22 -13.68 9.53
N ALA F 78 39.38 -14.17 9.04
CA ALA F 78 40.50 -14.68 9.85
C ALA F 78 41.11 -13.62 10.76
N GLN F 79 41.24 -12.36 10.28
CA GLN F 79 41.78 -11.23 11.06
C GLN F 79 40.88 -10.88 12.24
N ASN F 80 39.55 -11.08 12.09
CA ASN F 80 38.52 -10.83 13.10
C ASN F 80 38.32 -12.00 14.10
N GLY F 81 39.04 -13.10 13.88
CA GLY F 81 39.00 -14.28 14.76
C GLY F 81 38.23 -15.45 14.24
N GLY F 82 37.58 -15.28 13.10
CA GLY F 82 36.76 -16.31 12.47
C GLY F 82 37.48 -16.98 11.31
N ILE F 83 36.72 -17.52 10.37
CA ILE F 83 37.27 -18.22 9.21
C ILE F 83 36.35 -18.03 8.01
N GLY F 84 36.94 -17.98 6.83
CA GLY F 84 36.21 -17.91 5.58
C GLY F 84 36.29 -19.24 4.87
N ILE F 85 35.20 -19.63 4.20
CA ILE F 85 35.19 -20.84 3.38
C ILE F 85 35.12 -20.38 1.94
N LEU F 86 36.24 -20.49 1.19
CA LEU F 86 36.29 -20.07 -0.21
C LEU F 86 35.34 -20.92 -1.05
N HIS F 87 34.53 -20.25 -1.89
CA HIS F 87 33.58 -20.94 -2.77
C HIS F 87 34.29 -21.81 -3.84
N LYS F 88 33.59 -22.84 -4.32
CA LYS F 88 34.09 -23.79 -5.32
C LYS F 88 33.66 -23.43 -6.77
N ASN F 89 33.03 -22.26 -6.97
CA ASN F 89 32.58 -21.82 -8.29
C ASN F 89 33.72 -21.07 -9.03
N MET F 90 34.87 -21.76 -9.11
CA MET F 90 36.12 -21.35 -9.78
C MET F 90 36.95 -22.59 -10.12
N ASP F 91 37.86 -22.49 -11.11
CA ASP F 91 38.69 -23.64 -11.48
C ASP F 91 39.72 -23.95 -10.39
N ILE F 92 40.19 -25.22 -10.34
CA ILE F 92 41.14 -25.73 -9.35
C ILE F 92 42.32 -24.75 -9.11
N ALA F 93 42.95 -24.25 -10.20
CA ALA F 93 44.07 -23.32 -10.11
C ALA F 93 43.70 -21.98 -9.45
N ALA F 94 42.52 -21.43 -9.80
CA ALA F 94 42.01 -20.18 -9.25
C ALA F 94 41.74 -20.31 -7.76
N GLN F 95 41.16 -21.46 -7.36
CA GLN F 95 40.84 -21.73 -5.95
C GLN F 95 42.08 -21.90 -5.11
N ALA F 96 43.08 -22.65 -5.63
CA ALA F 96 44.38 -22.87 -4.96
C ALA F 96 45.13 -21.54 -4.79
N ALA F 97 45.03 -20.61 -5.78
CA ALA F 97 45.63 -19.27 -5.71
C ALA F 97 44.98 -18.45 -4.60
N GLU F 98 43.66 -18.61 -4.41
CA GLU F 98 42.88 -17.94 -3.35
C GLU F 98 43.30 -18.44 -1.98
N VAL F 99 43.53 -19.77 -1.81
CA VAL F 99 44.02 -20.35 -0.54
C VAL F 99 45.38 -19.75 -0.22
N ARG F 100 46.28 -19.73 -1.19
CA ARG F 100 47.64 -19.17 -1.00
C ARG F 100 47.61 -17.71 -0.63
N ARG F 101 46.79 -16.92 -1.34
CA ARG F 101 46.60 -15.48 -1.12
C ARG F 101 46.30 -15.18 0.37
N VAL F 102 45.50 -16.05 1.03
CA VAL F 102 45.13 -15.94 2.45
C VAL F 102 46.29 -16.41 3.33
N LYS F 103 46.89 -17.58 3.02
CA LYS F 103 47.99 -18.18 3.77
C LYS F 103 49.27 -17.33 3.77
N LYS F 104 49.54 -16.58 2.67
CA LYS F 104 50.73 -15.73 2.51
C LYS F 104 50.50 -14.27 2.92
N PHE F 105 49.25 -13.92 3.26
CA PHE F 105 48.92 -12.55 3.67
C PHE F 105 49.64 -12.13 4.94
N GLU F 106 50.24 -10.94 4.88
CA GLU F 106 50.95 -10.26 5.98
C GLU F 106 50.42 -8.83 6.08
N ALA F 107 50.09 -8.38 7.29
CA ALA F 107 49.57 -7.04 7.55
C ALA F 107 50.70 -5.96 7.71
N GLY F 108 50.30 -4.68 7.78
CA GLY F 108 51.21 -3.55 7.93
C GLY F 108 51.87 -3.43 9.30
N TYR F 113 45.47 -6.52 14.42
CA TYR F 113 44.49 -7.61 14.55
C TYR F 113 44.97 -8.64 15.59
N PRO F 114 44.75 -8.37 16.91
CA PRO F 114 45.26 -9.29 17.94
C PRO F 114 44.44 -10.57 18.08
N ASN F 115 43.16 -10.52 17.66
CA ASN F 115 42.27 -11.68 17.74
C ASN F 115 42.31 -12.57 16.49
N SER F 116 43.32 -12.39 15.63
CA SER F 116 43.55 -13.17 14.41
C SER F 116 43.50 -14.68 14.64
N CYS F 117 42.83 -15.38 13.75
CA CYS F 117 42.73 -16.83 13.79
C CYS F 117 43.82 -17.37 12.85
N LYS F 118 44.87 -17.95 13.43
CA LYS F 118 46.05 -18.42 12.71
C LYS F 118 46.39 -19.89 13.00
N ASP F 119 47.15 -20.51 12.09
CA ASP F 119 47.64 -21.88 12.25
C ASP F 119 48.92 -21.89 13.14
N ASP F 120 49.55 -23.07 13.30
CA ASP F 120 50.79 -23.26 14.08
C ASP F 120 51.99 -22.44 13.57
N LEU F 121 51.98 -22.14 12.26
CA LEU F 121 52.99 -21.37 11.53
C LEU F 121 52.71 -19.85 11.55
N GLY F 122 51.69 -19.43 12.29
CA GLY F 122 51.27 -18.03 12.39
C GLY F 122 50.61 -17.46 11.15
N ARG F 123 50.14 -18.31 10.23
CA ARG F 123 49.47 -17.86 8.99
C ARG F 123 47.96 -17.84 9.22
N LEU F 124 47.26 -16.89 8.53
CA LEU F 124 45.79 -16.78 8.62
C LEU F 124 45.14 -18.07 8.17
N ARG F 125 44.14 -18.54 8.93
CA ARG F 125 43.41 -19.75 8.60
C ARG F 125 42.39 -19.50 7.46
N VAL F 126 42.14 -20.52 6.64
CA VAL F 126 41.20 -20.52 5.52
C VAL F 126 40.66 -21.95 5.27
N GLY F 127 39.44 -22.00 4.74
CA GLY F 127 38.77 -23.20 4.32
C GLY F 127 38.41 -23.07 2.86
N ALA F 128 38.15 -24.20 2.20
CA ALA F 128 37.74 -24.22 0.79
C ALA F 128 36.70 -25.30 0.58
N ALA F 129 35.70 -24.98 -0.24
CA ALA F 129 34.62 -25.91 -0.56
C ALA F 129 35.00 -26.79 -1.73
N VAL F 130 34.54 -28.06 -1.70
CA VAL F 130 34.68 -29.05 -2.75
C VAL F 130 33.31 -29.74 -2.95
N GLY F 131 33.08 -30.27 -4.15
CA GLY F 131 31.87 -30.99 -4.47
C GLY F 131 32.13 -32.48 -4.39
N THR F 132 31.39 -33.27 -5.20
CA THR F 132 31.58 -34.73 -5.26
C THR F 132 31.91 -35.18 -6.69
N GLY F 133 31.84 -34.24 -7.66
CA GLY F 133 32.16 -34.44 -9.07
C GLY F 133 33.56 -34.93 -9.38
N ALA F 134 33.81 -35.24 -10.66
CA ALA F 134 35.05 -35.80 -11.21
C ALA F 134 36.32 -35.02 -10.89
N ASP F 135 36.22 -33.68 -10.78
CA ASP F 135 37.35 -32.78 -10.49
C ASP F 135 37.79 -32.78 -9.03
N THR F 136 36.94 -33.31 -8.11
CA THR F 136 37.18 -33.30 -6.66
C THR F 136 38.54 -33.83 -6.25
N PRO F 137 38.99 -35.06 -6.66
CA PRO F 137 40.31 -35.53 -6.23
C PRO F 137 41.48 -34.57 -6.53
N SER F 138 41.48 -33.95 -7.73
CA SER F 138 42.50 -32.99 -8.16
C SER F 138 42.36 -31.68 -7.39
N ARG F 139 41.08 -31.26 -7.18
CA ARG F 139 40.76 -30.05 -6.42
C ARG F 139 41.30 -30.17 -5.00
N VAL F 140 40.94 -31.27 -4.27
CA VAL F 140 41.37 -31.52 -2.88
C VAL F 140 42.87 -31.47 -2.79
N GLU F 141 43.57 -32.19 -3.67
CA GLU F 141 45.03 -32.25 -3.70
C GLU F 141 45.68 -30.86 -3.86
N ALA F 142 45.16 -30.03 -4.79
CA ALA F 142 45.68 -28.68 -5.04
C ALA F 142 45.45 -27.75 -3.84
N LEU F 143 44.28 -27.87 -3.18
CA LEU F 143 43.94 -27.07 -2.01
C LEU F 143 44.80 -27.44 -0.80
N VAL F 144 45.04 -28.75 -0.57
CA VAL F 144 45.87 -29.26 0.54
C VAL F 144 47.32 -28.77 0.36
N GLU F 145 47.82 -28.87 -0.88
CA GLU F 145 49.16 -28.43 -1.28
C GLU F 145 49.34 -26.92 -1.06
N ALA F 146 48.26 -26.12 -1.33
CA ALA F 146 48.22 -24.67 -1.14
C ALA F 146 48.17 -24.27 0.34
N GLY F 147 48.03 -25.26 1.23
CA GLY F 147 48.03 -25.08 2.68
C GLY F 147 46.68 -24.84 3.34
N VAL F 148 45.55 -25.22 2.66
CA VAL F 148 44.19 -25.07 3.20
C VAL F 148 44.10 -25.76 4.57
N ASP F 149 43.44 -25.11 5.52
CA ASP F 149 43.33 -25.65 6.87
C ASP F 149 42.24 -26.68 6.97
N VAL F 150 41.15 -26.47 6.21
CA VAL F 150 39.99 -27.33 6.22
C VAL F 150 39.33 -27.46 4.84
N ILE F 151 39.02 -28.71 4.45
CA ILE F 151 38.29 -29.04 3.22
C ILE F 151 36.81 -29.15 3.66
N VAL F 152 35.92 -28.43 2.97
CA VAL F 152 34.47 -28.50 3.25
C VAL F 152 33.81 -29.23 2.07
N VAL F 153 33.33 -30.47 2.27
CA VAL F 153 32.59 -31.21 1.23
C VAL F 153 31.17 -30.57 1.28
N ASP F 154 30.95 -29.57 0.40
CA ASP F 154 29.85 -28.62 0.27
C ASP F 154 28.69 -29.01 -0.70
N THR F 155 27.61 -29.57 -0.13
CA THR F 155 26.43 -30.00 -0.90
C THR F 155 25.09 -29.63 -0.22
N ALA F 156 24.01 -29.85 -0.95
CA ALA F 156 22.65 -29.65 -0.47
C ALA F 156 22.22 -30.86 0.39
N HIS F 157 22.88 -32.03 0.25
CA HIS F 157 22.50 -33.27 0.92
C HIS F 157 23.70 -34.10 1.40
N GLY F 158 24.18 -33.84 2.61
CA GLY F 158 25.30 -34.55 3.22
C GLY F 158 24.99 -35.98 3.64
N HIS F 159 23.70 -36.34 3.71
CA HIS F 159 23.31 -37.70 4.07
C HIS F 159 23.28 -38.64 2.83
N SER F 160 23.77 -38.15 1.69
CA SER F 160 23.84 -38.96 0.48
C SER F 160 25.12 -39.79 0.56
N ALA F 161 25.10 -41.01 -0.02
CA ALA F 161 26.24 -41.92 -0.01
C ALA F 161 27.47 -41.26 -0.65
N GLY F 162 27.25 -40.48 -1.72
CA GLY F 162 28.29 -39.74 -2.41
C GLY F 162 29.09 -38.81 -1.52
N VAL F 163 28.42 -38.08 -0.64
CA VAL F 163 29.06 -37.13 0.28
C VAL F 163 29.76 -37.91 1.39
N ILE F 164 29.11 -38.94 1.98
CA ILE F 164 29.72 -39.77 3.03
C ILE F 164 31.03 -40.39 2.51
N GLU F 165 30.99 -40.95 1.28
CA GLU F 165 32.15 -41.53 0.60
C GLU F 165 33.26 -40.54 0.30
N ARG F 166 32.91 -39.32 -0.14
CA ARG F 166 33.91 -38.28 -0.40
C ARG F 166 34.57 -37.78 0.90
N VAL F 167 33.80 -37.69 2.00
CA VAL F 167 34.31 -37.29 3.32
C VAL F 167 35.36 -38.31 3.78
N ARG F 168 35.05 -39.62 3.67
CA ARG F 168 35.91 -40.78 3.99
C ARG F 168 37.22 -40.74 3.17
N TRP F 169 37.09 -40.50 1.87
CA TRP F 169 38.20 -40.40 0.93
C TRP F 169 39.17 -39.30 1.35
N VAL F 170 38.65 -38.08 1.65
CA VAL F 170 39.46 -36.93 2.07
C VAL F 170 40.23 -37.24 3.36
N LYS F 171 39.55 -37.87 4.36
CA LYS F 171 40.16 -38.22 5.64
C LYS F 171 41.26 -39.30 5.52
N GLN F 172 41.02 -40.34 4.70
CA GLN F 172 41.97 -41.43 4.48
C GLN F 172 43.16 -40.99 3.62
N ASN F 173 42.93 -40.17 2.58
CA ASN F 173 43.97 -39.75 1.66
C ASN F 173 44.72 -38.49 2.09
N PHE F 174 44.08 -37.61 2.88
CA PHE F 174 44.68 -36.36 3.35
C PHE F 174 44.43 -36.18 4.86
N PRO F 175 44.99 -37.07 5.73
CA PRO F 175 44.76 -36.90 7.19
C PRO F 175 45.31 -35.62 7.80
N GLN F 176 46.26 -34.95 7.12
CA GLN F 176 46.89 -33.71 7.55
C GLN F 176 45.96 -32.47 7.43
N VAL F 177 44.81 -32.60 6.75
CA VAL F 177 43.82 -31.52 6.61
C VAL F 177 42.56 -31.89 7.40
N GLN F 178 41.85 -30.86 7.92
CA GLN F 178 40.58 -31.10 8.61
C GLN F 178 39.48 -31.18 7.55
N VAL F 179 38.44 -31.99 7.78
CA VAL F 179 37.36 -32.12 6.79
C VAL F 179 35.97 -31.93 7.46
N ILE F 180 35.08 -31.18 6.78
CA ILE F 180 33.70 -30.91 7.19
C ILE F 180 32.81 -31.55 6.11
N GLY F 181 31.70 -32.14 6.56
CA GLY F 181 30.69 -32.72 5.69
C GLY F 181 29.34 -32.08 5.94
N GLY F 182 28.56 -31.93 4.89
CA GLY F 182 27.23 -31.32 4.97
C GLY F 182 26.60 -31.12 3.60
N ASN F 183 25.39 -30.53 3.53
CA ASN F 183 24.60 -30.06 4.67
C ASN F 183 23.67 -31.12 5.22
N ILE F 184 23.45 -31.10 6.54
CA ILE F 184 22.61 -32.09 7.24
C ILE F 184 21.57 -31.40 8.14
N ALA F 185 20.57 -32.15 8.57
CA ALA F 185 19.49 -31.63 9.42
C ALA F 185 19.07 -32.65 10.48
N THR F 186 19.64 -33.88 10.47
CA THR F 186 19.25 -34.93 11.43
C THR F 186 20.46 -35.52 12.15
N GLY F 187 20.20 -36.18 13.28
CA GLY F 187 21.18 -36.89 14.09
C GLY F 187 21.76 -38.10 13.39
N ASP F 188 20.93 -38.82 12.62
CA ASP F 188 21.34 -39.98 11.82
C ASP F 188 22.40 -39.57 10.80
N ALA F 189 22.20 -38.41 10.14
CA ALA F 189 23.12 -37.87 9.14
C ALA F 189 24.46 -37.51 9.77
N ALA F 190 24.43 -36.90 10.97
CA ALA F 190 25.59 -36.54 11.78
C ALA F 190 26.44 -37.76 12.14
N LEU F 191 25.79 -38.83 12.64
CA LEU F 191 26.44 -40.09 12.99
C LEU F 191 27.09 -40.76 11.76
N ALA F 192 26.41 -40.69 10.59
CA ALA F 192 26.95 -41.24 9.34
C ALA F 192 28.24 -40.50 8.94
N LEU F 193 28.24 -39.16 9.05
CA LEU F 193 29.42 -38.34 8.72
C LEU F 193 30.54 -38.51 9.79
N LEU F 194 30.15 -38.71 11.05
CA LEU F 194 31.09 -38.93 12.13
C LEU F 194 31.83 -40.25 11.87
N ASP F 195 31.10 -41.30 11.48
CA ASP F 195 31.68 -42.61 11.16
C ASP F 195 32.58 -42.54 9.93
N ALA F 196 32.25 -41.66 8.95
CA ALA F 196 33.03 -41.40 7.74
C ALA F 196 34.38 -40.69 8.03
N GLY F 197 34.49 -40.06 9.20
CA GLY F 197 35.70 -39.40 9.66
C GLY F 197 35.69 -37.88 9.64
N ALA F 198 34.51 -37.26 9.47
CA ALA F 198 34.36 -35.80 9.46
C ALA F 198 34.84 -35.24 10.79
N ASP F 199 35.48 -34.07 10.76
CA ASP F 199 36.01 -33.38 11.93
C ASP F 199 35.00 -32.38 12.51
N ALA F 200 33.93 -32.14 11.74
CA ALA F 200 32.80 -31.28 12.04
C ALA F 200 31.71 -31.57 11.01
N VAL F 201 30.47 -31.21 11.33
CA VAL F 201 29.34 -31.35 10.42
C VAL F 201 28.70 -30.00 10.21
N LYS F 202 28.18 -29.74 8.99
CA LYS F 202 27.52 -28.47 8.72
C LYS F 202 26.01 -28.68 8.67
N VAL F 203 25.27 -27.96 9.52
CA VAL F 203 23.83 -28.12 9.70
C VAL F 203 23.02 -27.04 9.00
N GLY F 204 22.05 -27.46 8.18
CA GLY F 204 21.17 -26.52 7.48
C GLY F 204 20.57 -27.03 6.19
N ILE F 205 19.30 -27.47 6.25
CA ILE F 205 18.50 -27.91 5.09
C ILE F 205 17.22 -27.06 5.13
N GLY F 206 17.16 -26.01 4.34
CA GLY F 206 16.00 -25.12 4.33
C GLY F 206 16.05 -23.81 5.10
N PRO F 207 17.02 -23.47 6.02
CA PRO F 207 16.91 -22.18 6.71
C PRO F 207 17.42 -20.94 5.96
N GLY F 208 18.24 -21.13 4.92
CA GLY F 208 18.84 -20.05 4.13
C GLY F 208 17.87 -18.99 3.66
N SER F 209 18.33 -17.72 3.63
CA SER F 209 17.50 -16.58 3.19
C SER F 209 17.14 -16.66 1.70
N ILE F 210 18.02 -17.25 0.89
CA ILE F 210 17.86 -17.41 -0.56
C ILE F 210 17.42 -18.86 -0.95
N CYS F 211 17.12 -19.70 0.06
CA CYS F 211 16.72 -21.09 -0.09
C CYS F 211 15.28 -21.25 -0.56
N THR F 212 15.06 -22.02 -1.66
CA THR F 212 13.71 -22.34 -2.14
C THR F 212 13.48 -23.88 -2.08
N THR F 213 14.43 -24.63 -1.47
CA THR F 213 14.40 -26.10 -1.27
C THR F 213 13.06 -26.57 -0.68
N ARG F 214 12.53 -25.84 0.31
CA ARG F 214 11.25 -26.10 0.95
C ARG F 214 10.08 -26.02 -0.03
N ILE F 215 10.14 -25.11 -1.00
CA ILE F 215 9.10 -24.89 -2.01
C ILE F 215 9.28 -25.91 -3.16
N VAL F 216 10.50 -26.05 -3.66
CA VAL F 216 10.84 -26.94 -4.77
C VAL F 216 10.71 -28.46 -4.38
N ALA F 217 11.33 -28.86 -3.28
CA ALA F 217 11.34 -30.26 -2.85
C ALA F 217 10.41 -30.60 -1.65
N GLY F 218 9.91 -29.58 -0.93
CA GLY F 218 9.07 -29.78 0.25
C GLY F 218 9.85 -30.40 1.39
N ILE F 219 11.19 -30.21 1.32
CA ILE F 219 12.22 -30.72 2.22
C ILE F 219 12.73 -29.61 3.11
N GLY F 220 13.01 -29.97 4.36
CA GLY F 220 13.57 -29.02 5.30
C GLY F 220 13.43 -29.40 6.76
N MET F 221 14.14 -28.64 7.58
CA MET F 221 14.11 -28.81 9.02
C MET F 221 14.35 -27.47 9.69
N PRO F 222 13.33 -26.93 10.43
CA PRO F 222 13.55 -25.67 11.19
C PRO F 222 14.83 -25.76 12.02
N GLN F 223 15.69 -24.73 11.87
CA GLN F 223 17.07 -24.68 12.33
C GLN F 223 17.36 -25.02 13.81
N ILE F 224 16.54 -24.57 14.77
CA ILE F 224 16.77 -24.86 16.19
C ILE F 224 16.68 -26.37 16.46
N SER F 225 15.69 -27.03 15.83
CA SER F 225 15.47 -28.46 15.93
C SER F 225 16.54 -29.27 15.17
N ALA F 226 17.06 -28.71 14.04
CA ALA F 226 18.14 -29.33 13.26
C ALA F 226 19.39 -29.36 14.10
N ILE F 227 19.78 -28.19 14.71
CA ILE F 227 20.93 -28.07 15.61
C ILE F 227 20.80 -29.05 16.78
N ASP F 228 19.62 -29.08 17.41
CA ASP F 228 19.34 -29.98 18.52
C ASP F 228 19.50 -31.46 18.15
N SER F 229 18.89 -31.89 17.04
CA SER F 229 18.93 -33.28 16.56
C SER F 229 20.36 -33.73 16.37
N VAL F 230 21.17 -32.89 15.71
CA VAL F 230 22.58 -33.14 15.41
C VAL F 230 23.45 -33.14 16.68
N ALA F 231 23.36 -32.07 17.53
CA ALA F 231 24.13 -31.96 18.78
C ALA F 231 23.85 -33.11 19.75
N SER F 232 22.58 -33.54 19.85
CA SER F 232 22.19 -34.63 20.74
C SER F 232 22.78 -35.97 20.31
N ALA F 233 22.87 -36.22 18.99
CA ALA F 233 23.44 -37.45 18.44
C ALA F 233 24.97 -37.48 18.60
N LEU F 234 25.64 -36.34 18.33
CA LEU F 234 27.11 -36.22 18.36
C LEU F 234 27.72 -36.36 19.72
N LYS F 235 27.01 -35.89 20.78
CA LYS F 235 27.46 -35.93 22.17
C LYS F 235 28.86 -35.33 22.33
N ASP F 236 29.07 -34.19 21.62
CA ASP F 236 30.28 -33.37 21.55
C ASP F 236 31.53 -34.08 20.99
N GLN F 237 31.35 -35.18 20.24
CA GLN F 237 32.48 -35.89 19.63
C GLN F 237 33.14 -35.01 18.57
N ILE F 238 32.31 -34.28 17.81
CA ILE F 238 32.74 -33.32 16.78
C ILE F 238 31.82 -32.10 16.85
N PRO F 239 32.33 -30.88 16.59
CA PRO F 239 31.44 -29.70 16.62
C PRO F 239 30.53 -29.61 15.38
N LEU F 240 29.48 -28.76 15.45
CA LEU F 240 28.59 -28.51 14.33
C LEU F 240 28.59 -27.02 14.00
N ILE F 241 28.49 -26.71 12.69
CA ILE F 241 28.37 -25.33 12.19
C ILE F 241 26.89 -25.12 11.87
N ALA F 242 26.22 -24.16 12.54
CA ALA F 242 24.80 -23.85 12.27
C ALA F 242 24.81 -22.92 11.07
N ASP F 243 24.43 -23.47 9.92
CA ASP F 243 24.48 -22.82 8.63
C ASP F 243 23.11 -22.43 8.03
N GLY F 244 22.90 -21.11 7.92
CA GLY F 244 21.70 -20.53 7.31
C GLY F 244 20.67 -19.99 8.28
N GLY F 245 19.96 -18.97 7.83
CA GLY F 245 18.84 -18.36 8.54
C GLY F 245 19.15 -17.42 9.68
N ILE F 246 20.42 -17.04 9.84
CA ILE F 246 20.84 -16.08 10.86
C ILE F 246 20.55 -14.68 10.29
N ARG F 247 19.73 -13.91 11.01
CA ARG F 247 19.34 -12.56 10.60
C ARG F 247 19.86 -11.51 11.55
N PHE F 248 19.91 -11.83 12.84
CA PHE F 248 20.34 -10.92 13.91
C PHE F 248 21.31 -11.63 14.87
N SER F 249 21.94 -10.85 15.77
CA SER F 249 22.84 -11.40 16.79
C SER F 249 22.11 -12.36 17.77
N GLY F 250 20.81 -12.13 17.98
CA GLY F 250 19.98 -12.98 18.80
C GLY F 250 19.90 -14.40 18.28
N ASP F 251 19.92 -14.55 16.93
CA ASP F 251 19.85 -15.84 16.23
C ASP F 251 21.07 -16.68 16.51
N MET F 252 22.22 -16.02 16.58
CA MET F 252 23.53 -16.59 16.87
C MET F 252 23.57 -17.23 18.24
N ALA F 253 23.11 -16.48 19.27
CA ALA F 253 23.00 -16.91 20.67
C ALA F 253 22.10 -18.15 20.83
N LYS F 254 20.93 -18.13 20.20
CA LYS F 254 19.93 -19.23 20.19
C LYS F 254 20.53 -20.49 19.55
N ALA F 255 21.25 -20.33 18.43
CA ALA F 255 21.92 -21.42 17.73
C ALA F 255 23.00 -22.07 18.63
N ILE F 256 23.81 -21.25 19.36
CA ILE F 256 24.85 -21.76 20.29
C ILE F 256 24.18 -22.43 21.51
N GLY F 257 23.12 -21.82 22.02
CA GLY F 257 22.34 -22.38 23.12
C GLY F 257 21.72 -23.73 22.78
N ALA F 258 21.33 -23.91 21.50
CA ALA F 258 20.76 -25.13 20.95
C ALA F 258 21.79 -26.23 20.67
N GLY F 259 23.09 -25.88 20.71
CA GLY F 259 24.17 -26.84 20.53
C GLY F 259 25.25 -26.54 19.52
N ALA F 260 25.12 -25.44 18.76
CA ALA F 260 26.10 -25.10 17.72
C ALA F 260 27.39 -24.62 18.34
N SER F 261 28.53 -24.90 17.69
CA SER F 261 29.82 -24.41 18.16
C SER F 261 30.19 -23.16 17.37
N THR F 262 29.76 -23.08 16.10
CA THR F 262 29.97 -21.94 15.20
C THR F 262 28.68 -21.68 14.42
N ILE F 263 28.65 -20.54 13.71
CA ILE F 263 27.55 -20.07 12.90
C ILE F 263 28.07 -19.66 11.53
N MET F 264 27.42 -20.17 10.45
CA MET F 264 27.78 -19.77 9.10
C MET F 264 26.76 -18.76 8.57
N VAL F 265 27.26 -17.65 8.02
CA VAL F 265 26.41 -16.59 7.49
C VAL F 265 26.74 -16.28 6.02
N GLY F 266 25.69 -16.03 5.25
CA GLY F 266 25.76 -15.62 3.87
C GLY F 266 25.29 -14.20 3.73
N SER F 267 23.99 -13.96 3.94
CA SER F 267 23.34 -12.66 3.73
C SER F 267 23.89 -11.54 4.60
N LEU F 268 24.24 -11.82 5.86
CA LEU F 268 24.81 -10.80 6.73
C LEU F 268 26.13 -10.23 6.23
N LEU F 269 26.97 -11.07 5.57
CA LEU F 269 28.25 -10.64 5.04
C LEU F 269 28.20 -10.23 3.56
N ALA F 270 27.09 -10.55 2.86
CA ALA F 270 26.85 -10.14 1.49
C ALA F 270 26.58 -8.63 1.51
N GLY F 271 27.10 -7.92 0.51
CA GLY F 271 26.95 -6.47 0.41
C GLY F 271 28.03 -5.69 1.12
N THR F 272 28.91 -6.38 1.85
CA THR F 272 30.04 -5.75 2.54
C THR F 272 31.15 -5.49 1.50
N GLU F 273 32.09 -4.58 1.81
CA GLU F 273 33.20 -4.18 0.94
C GLU F 273 34.03 -5.36 0.45
N GLU F 274 34.38 -6.26 1.37
CA GLU F 274 35.21 -7.45 1.21
C GLU F 274 34.53 -8.57 0.39
N ALA F 275 33.19 -8.60 0.38
CA ALA F 275 32.44 -9.60 -0.36
C ALA F 275 32.68 -9.44 -1.86
N PRO F 276 32.71 -10.55 -2.68
CA PRO F 276 32.92 -10.39 -4.13
C PRO F 276 31.82 -9.57 -4.79
N GLY F 277 32.17 -8.90 -5.89
CA GLY F 277 31.24 -8.08 -6.64
C GLY F 277 31.48 -6.60 -6.51
N GLU F 278 31.04 -5.85 -7.51
CA GLU F 278 31.14 -4.40 -7.57
C GLU F 278 29.86 -3.81 -7.04
N VAL F 279 29.91 -2.57 -6.53
CA VAL F 279 28.71 -1.90 -6.05
C VAL F 279 27.91 -1.35 -7.24
N GLU F 280 26.61 -1.60 -7.25
CA GLU F 280 25.75 -1.12 -8.32
C GLU F 280 24.80 -0.04 -7.84
N PHE F 281 24.65 1.00 -8.67
CA PHE F 281 23.79 2.14 -8.41
C PHE F 281 22.40 1.78 -8.93
N PHE F 282 21.42 1.69 -8.04
CA PHE F 282 20.05 1.35 -8.42
C PHE F 282 19.01 2.07 -7.56
N GLN F 283 18.24 2.98 -8.20
CA GLN F 283 17.18 3.82 -7.58
C GLN F 283 17.78 4.73 -6.50
N GLY F 284 18.89 5.38 -6.86
CA GLY F 284 19.63 6.27 -5.97
C GLY F 284 20.53 5.52 -5.01
N ARG F 285 20.04 4.35 -4.48
CA ARG F 285 20.71 3.47 -3.53
C ARG F 285 21.84 2.62 -4.13
N TYR F 286 22.77 2.16 -3.26
CA TYR F 286 23.93 1.32 -3.58
C TYR F 286 23.70 -0.12 -3.12
N TYR F 287 23.97 -1.10 -4.01
CA TYR F 287 23.76 -2.52 -3.74
C TYR F 287 24.90 -3.42 -4.22
N LYS F 288 24.89 -4.67 -3.75
CA LYS F 288 25.75 -5.74 -4.21
C LYS F 288 24.86 -6.96 -4.46
N ALA F 289 25.26 -7.81 -5.41
CA ALA F 289 24.52 -9.02 -5.72
C ALA F 289 24.69 -10.06 -4.63
N TYR F 290 23.60 -10.79 -4.37
CA TYR F 290 23.56 -11.91 -3.46
C TYR F 290 22.70 -13.00 -4.08
N ARG F 291 23.24 -14.19 -4.28
CA ARG F 291 22.49 -15.28 -4.91
C ARG F 291 22.81 -16.65 -4.31
N GLY F 292 21.85 -17.56 -4.41
CA GLY F 292 22.06 -18.93 -3.96
C GLY F 292 23.01 -19.65 -4.88
N MET F 293 23.76 -20.64 -4.38
CA MET F 293 24.65 -21.41 -5.25
C MET F 293 23.87 -22.42 -6.14
N GLY F 294 22.60 -22.64 -5.80
CA GLY F 294 21.68 -23.47 -6.56
C GLY F 294 20.70 -22.63 -7.35
N SER F 295 21.02 -21.35 -7.57
CA SER F 295 20.17 -20.45 -8.37
C SER F 295 20.53 -20.63 -9.83
N LEU F 296 19.68 -20.16 -10.76
CA LEU F 296 19.92 -20.25 -12.21
C LEU F 296 21.28 -19.68 -12.61
N GLY F 297 21.55 -18.43 -12.19
CA GLY F 297 22.80 -17.74 -12.47
C GLY F 297 24.04 -18.45 -11.96
N ALA F 298 24.00 -18.94 -10.71
CA ALA F 298 25.13 -19.65 -10.09
C ALA F 298 25.40 -21.02 -10.72
N MET F 299 24.33 -21.74 -11.15
CA MET F 299 24.43 -23.06 -11.79
C MET F 299 24.96 -22.97 -13.23
N ALA F 300 24.68 -21.85 -13.93
CA ALA F 300 25.14 -21.56 -15.28
C ALA F 300 26.43 -20.74 -15.27
N LEU F 320 19.46 -30.24 -12.74
CA LEU F 320 18.57 -30.02 -11.58
C LEU F 320 17.85 -28.69 -11.67
N VAL F 321 16.57 -28.65 -11.20
CA VAL F 321 15.77 -27.42 -11.13
C VAL F 321 16.43 -26.47 -10.06
N PRO F 322 16.46 -25.12 -10.24
CA PRO F 322 17.07 -24.25 -9.23
C PRO F 322 16.43 -24.35 -7.84
N GLU F 323 17.25 -24.23 -6.78
CA GLU F 323 16.78 -24.28 -5.41
C GLU F 323 17.16 -23.04 -4.61
N GLY F 324 17.53 -21.98 -5.31
CA GLY F 324 17.91 -20.72 -4.72
C GLY F 324 17.50 -19.56 -5.60
N ILE F 325 17.39 -18.37 -5.01
CA ILE F 325 17.03 -17.14 -5.71
C ILE F 325 18.23 -16.19 -5.85
N GLU F 326 18.14 -15.27 -6.82
CA GLU F 326 19.17 -14.27 -7.09
C GLU F 326 18.59 -12.93 -6.71
N GLY F 327 19.40 -12.09 -6.09
CA GLY F 327 18.96 -10.77 -5.70
C GLY F 327 20.07 -9.79 -5.43
N ARG F 328 19.68 -8.66 -4.88
CA ARG F 328 20.52 -7.55 -4.47
C ARG F 328 20.36 -7.39 -2.97
N VAL F 329 21.44 -7.01 -2.30
CA VAL F 329 21.48 -6.67 -0.88
C VAL F 329 22.09 -5.26 -0.81
N PRO F 330 21.67 -4.42 0.17
CA PRO F 330 22.25 -3.06 0.26
C PRO F 330 23.73 -3.09 0.58
N TYR F 331 24.49 -2.08 0.08
CA TYR F 331 25.91 -1.91 0.39
C TYR F 331 26.03 -1.66 1.89
N LYS F 332 26.88 -2.44 2.59
CA LYS F 332 27.03 -2.37 4.04
C LYS F 332 28.34 -1.73 4.51
N GLY F 333 29.28 -1.56 3.60
CA GLY F 333 30.58 -0.99 3.94
C GLY F 333 31.50 -2.05 4.51
N PRO F 334 32.45 -1.67 5.39
CA PRO F 334 33.40 -2.68 5.94
C PRO F 334 32.71 -3.80 6.69
N MET F 335 33.11 -5.06 6.45
CA MET F 335 32.53 -6.20 7.16
C MET F 335 32.78 -6.14 8.67
N GLY F 336 33.90 -5.53 9.08
CA GLY F 336 34.30 -5.38 10.48
C GLY F 336 33.21 -4.88 11.41
N ASN F 337 32.40 -3.88 10.95
CA ASN F 337 31.27 -3.27 11.67
C ASN F 337 30.14 -4.27 11.94
N ILE F 338 29.76 -5.05 10.92
CA ILE F 338 28.72 -6.07 11.01
C ILE F 338 29.15 -7.13 12.03
N VAL F 339 30.40 -7.59 11.92
CA VAL F 339 31.00 -8.60 12.78
C VAL F 339 31.00 -8.12 14.25
N HIS F 340 31.41 -6.85 14.49
N HIS F 340 31.42 -6.85 14.50
CA HIS F 340 31.46 -6.29 15.85
CA HIS F 340 31.47 -6.24 15.82
C HIS F 340 30.06 -6.13 16.46
C HIS F 340 30.07 -6.14 16.45
N GLN F 341 29.06 -5.70 15.66
CA GLN F 341 27.65 -5.59 16.08
C GLN F 341 27.09 -6.96 16.48
N MET F 342 27.41 -8.01 15.72
CA MET F 342 26.99 -9.39 15.99
C MET F 342 27.60 -9.94 17.26
N MET F 343 28.93 -9.83 17.40
CA MET F 343 29.64 -10.32 18.58
C MET F 343 29.25 -9.52 19.82
N GLY F 344 28.92 -8.25 19.62
CA GLY F 344 28.43 -7.37 20.67
C GLY F 344 27.10 -7.85 21.24
N GLY F 345 26.21 -8.29 20.38
CA GLY F 345 24.92 -8.85 20.77
C GLY F 345 25.05 -10.22 21.41
N LEU F 346 25.99 -11.07 20.91
CA LEU F 346 26.25 -12.39 21.50
C LEU F 346 26.88 -12.22 22.89
N ARG F 347 27.70 -11.17 23.06
CA ARG F 347 28.31 -10.83 24.35
C ARG F 347 27.25 -10.50 25.36
N SER F 348 26.21 -9.70 24.97
CA SER F 348 25.07 -9.34 25.83
C SER F 348 24.29 -10.56 26.26
N SER F 349 23.98 -11.48 25.32
N SER F 349 23.98 -11.50 25.32
CA SER F 349 23.24 -12.72 25.58
CA SER F 349 23.23 -12.74 25.58
C SER F 349 23.95 -13.59 26.60
C SER F 349 23.96 -13.59 26.61
N MET F 350 25.29 -13.71 26.45
CA MET F 350 26.15 -14.48 27.35
C MET F 350 26.19 -13.84 28.73
N GLY F 351 26.07 -12.49 28.77
CA GLY F 351 25.99 -11.71 30.00
C GLY F 351 24.67 -11.97 30.70
N TYR F 352 23.55 -12.06 29.95
CA TYR F 352 22.21 -12.36 30.45
C TYR F 352 22.07 -13.80 30.96
N THR F 353 22.68 -14.77 30.25
CA THR F 353 22.61 -16.19 30.58
C THR F 353 23.66 -16.63 31.63
N GLY F 354 24.60 -15.74 31.97
CA GLY F 354 25.69 -16.02 32.91
C GLY F 354 26.65 -17.04 32.35
N SER F 355 26.91 -16.91 31.05
CA SER F 355 27.83 -17.75 30.27
C SER F 355 29.14 -16.99 30.13
N ALA F 356 30.19 -17.44 30.84
CA ALA F 356 31.52 -16.80 30.81
C ALA F 356 32.30 -17.21 29.54
N VAL F 357 32.00 -18.43 29.03
CA VAL F 357 32.63 -19.02 27.84
C VAL F 357 31.56 -19.61 26.92
N ILE F 358 31.87 -19.81 25.62
CA ILE F 358 30.91 -20.37 24.64
C ILE F 358 30.30 -21.69 25.12
N GLU F 359 31.12 -22.55 25.74
CA GLU F 359 30.72 -23.86 26.24
C GLU F 359 29.67 -23.77 27.34
N ASP F 360 29.64 -22.69 28.13
CA ASP F 360 28.61 -22.50 29.16
C ASP F 360 27.25 -22.27 28.51
N LEU F 361 27.21 -21.50 27.39
CA LEU F 361 25.99 -21.20 26.66
C LEU F 361 25.46 -22.49 26.03
N ARG F 362 26.36 -23.28 25.40
CA ARG F 362 26.04 -24.56 24.76
C ARG F 362 25.43 -25.58 25.70
N GLN F 363 25.93 -25.66 26.94
CA GLN F 363 25.53 -26.61 27.96
C GLN F 363 24.43 -26.15 28.93
N ASN F 364 24.41 -24.88 29.30
CA ASN F 364 23.48 -24.39 30.31
C ASN F 364 22.32 -23.52 29.81
N ALA F 365 22.16 -23.33 28.48
CA ALA F 365 21.05 -22.52 27.97
C ALA F 365 19.69 -23.17 28.23
N LYS F 366 18.73 -22.35 28.70
CA LYS F 366 17.35 -22.73 28.95
C LYS F 366 16.50 -21.84 28.07
N PHE F 367 15.54 -22.44 27.38
CA PHE F 367 14.64 -21.75 26.44
C PHE F 367 13.19 -21.82 26.88
N VAL F 368 12.37 -20.96 26.25
CA VAL F 368 10.92 -20.98 26.34
C VAL F 368 10.43 -21.00 24.90
N LYS F 369 9.36 -21.76 24.63
CA LYS F 369 8.74 -21.75 23.31
C LYS F 369 7.72 -20.61 23.35
N ILE F 370 7.69 -19.78 22.32
CA ILE F 370 6.78 -18.65 22.26
C ILE F 370 5.76 -18.90 21.14
N THR F 371 4.63 -18.19 21.15
CA THR F 371 3.58 -18.36 20.11
C THR F 371 3.74 -17.29 19.03
N SER F 372 2.84 -17.29 18.02
CA SER F 372 2.82 -16.29 16.95
C SER F 372 2.63 -14.85 17.52
N ALA F 373 1.87 -14.73 18.64
CA ALA F 373 1.64 -13.48 19.34
C ALA F 373 2.93 -12.91 19.97
N GLY F 374 3.83 -13.80 20.42
CA GLY F 374 5.12 -13.45 20.99
C GLY F 374 6.14 -13.20 19.90
N MET G 17 -21.11 -32.25 24.18
CA MET G 17 -19.67 -32.01 24.16
C MET G 17 -19.10 -32.07 22.72
N LEU G 18 -18.15 -31.16 22.45
CA LEU G 18 -17.49 -30.96 21.16
C LEU G 18 -16.60 -32.13 20.74
N THR G 19 -16.86 -32.64 19.53
CA THR G 19 -16.11 -33.73 18.92
C THR G 19 -15.06 -33.14 17.97
N ILE G 20 -13.81 -33.03 18.45
CA ILE G 20 -12.67 -32.63 17.64
C ILE G 20 -11.94 -33.94 17.37
N VAL G 21 -12.07 -34.43 16.12
CA VAL G 21 -11.50 -35.71 15.68
C VAL G 21 -9.97 -35.70 15.76
N GLN G 22 -9.36 -34.57 15.33
CA GLN G 22 -7.91 -34.38 15.34
C GLN G 22 -7.54 -32.93 15.01
N GLU G 23 -6.24 -32.60 15.13
CA GLU G 23 -5.71 -31.34 14.65
C GLU G 23 -5.25 -31.73 13.22
N ALA G 24 -5.95 -31.23 12.21
CA ALA G 24 -5.72 -31.53 10.81
C ALA G 24 -4.70 -30.63 10.16
N LEU G 25 -3.82 -31.22 9.34
CA LEU G 25 -2.69 -30.55 8.70
C LEU G 25 -2.82 -30.37 7.22
N THR G 26 -2.33 -29.23 6.73
CA THR G 26 -2.25 -28.90 5.32
C THR G 26 -0.75 -28.98 4.90
N PHE G 27 -0.45 -28.72 3.60
CA PHE G 27 0.90 -28.77 3.04
C PHE G 27 1.88 -27.89 3.80
N ASP G 28 1.50 -26.64 4.09
CA ASP G 28 2.35 -25.66 4.80
C ASP G 28 2.65 -26.00 6.25
N ASP G 29 1.93 -26.95 6.84
CA ASP G 29 2.13 -27.36 8.23
C ASP G 29 3.28 -28.32 8.40
N VAL G 30 3.72 -28.96 7.30
CA VAL G 30 4.73 -30.03 7.34
C VAL G 30 5.86 -29.82 6.38
N LEU G 31 6.98 -30.51 6.66
CA LEU G 31 8.14 -30.56 5.80
C LEU G 31 8.65 -32.00 5.81
N LEU G 32 9.10 -32.49 4.67
CA LEU G 32 9.67 -33.82 4.57
C LEU G 32 11.12 -33.75 5.07
N LEU G 33 11.57 -34.82 5.72
CA LEU G 33 12.93 -34.87 6.23
C LEU G 33 13.88 -35.54 5.26
N PRO G 34 15.12 -35.01 5.09
CA PRO G 34 16.10 -35.74 4.27
C PRO G 34 16.54 -37.04 4.98
N ALA G 35 16.90 -38.05 4.20
CA ALA G 35 17.29 -39.38 4.71
C ALA G 35 18.50 -39.89 3.95
N TYR G 36 19.08 -41.04 4.40
CA TYR G 36 20.18 -41.67 3.71
C TYR G 36 19.76 -41.97 2.26
N SER G 37 20.59 -41.55 1.30
CA SER G 37 20.26 -41.65 -0.11
C SER G 37 21.37 -42.18 -1.00
N THR G 38 21.03 -43.11 -1.91
CA THR G 38 21.97 -43.68 -2.89
C THR G 38 21.45 -43.40 -4.30
N VAL G 39 20.31 -42.69 -4.40
CA VAL G 39 19.69 -42.36 -5.68
C VAL G 39 19.74 -40.91 -6.01
N LEU G 40 20.05 -40.64 -7.27
CA LEU G 40 20.18 -39.30 -7.81
C LEU G 40 18.87 -38.87 -8.41
N PRO G 41 18.41 -37.60 -8.21
CA PRO G 41 17.13 -37.17 -8.79
C PRO G 41 16.87 -37.62 -10.24
N LYS G 42 17.91 -37.57 -11.12
CA LYS G 42 17.81 -38.01 -12.53
C LYS G 42 17.44 -39.48 -12.71
N ASP G 43 17.83 -40.36 -11.74
CA ASP G 43 17.64 -41.82 -11.81
C ASP G 43 16.44 -42.36 -11.09
N VAL G 44 15.61 -41.49 -10.49
CA VAL G 44 14.43 -41.94 -9.77
C VAL G 44 13.31 -42.28 -10.73
N SER G 45 12.40 -43.19 -10.32
CA SER G 45 11.26 -43.57 -11.13
C SER G 45 10.03 -42.83 -10.64
N LEU G 46 9.33 -42.14 -11.55
CA LEU G 46 8.08 -41.41 -11.25
C LEU G 46 6.81 -42.22 -11.60
N LYS G 47 6.98 -43.49 -11.99
CA LYS G 47 5.88 -44.39 -12.35
C LYS G 47 5.02 -44.68 -11.11
N THR G 48 3.69 -44.65 -11.30
CA THR G 48 2.70 -44.85 -10.22
C THR G 48 1.40 -45.41 -10.79
N ARG G 49 0.40 -45.64 -9.94
CA ARG G 49 -0.90 -46.11 -10.40
C ARG G 49 -1.99 -45.09 -10.16
N LEU G 50 -2.81 -44.86 -11.21
CA LEU G 50 -3.97 -43.97 -11.17
C LEU G 50 -5.12 -44.70 -10.46
N THR G 51 -5.40 -45.93 -10.90
CA THR G 51 -6.42 -46.84 -10.38
C THR G 51 -5.72 -48.19 -10.16
N ARG G 52 -6.44 -49.22 -9.68
CA ARG G 52 -5.82 -50.54 -9.49
C ARG G 52 -5.37 -51.18 -10.83
N GLY G 53 -6.05 -50.83 -11.92
CA GLY G 53 -5.75 -51.33 -13.25
C GLY G 53 -4.96 -50.41 -14.15
N ILE G 54 -5.00 -49.06 -13.93
CA ILE G 54 -4.27 -48.07 -14.76
C ILE G 54 -3.00 -47.53 -14.08
N TYR G 55 -1.87 -47.63 -14.77
CA TYR G 55 -0.59 -47.10 -14.31
C TYR G 55 -0.21 -45.89 -15.15
N LEU G 56 0.43 -44.88 -14.51
CA LEU G 56 0.91 -43.65 -15.13
C LEU G 56 2.42 -43.62 -15.06
N ASN G 57 3.07 -42.83 -15.93
CA ASN G 57 4.53 -42.69 -15.94
C ASN G 57 4.98 -41.54 -15.06
N ILE G 58 4.06 -40.61 -14.76
CA ILE G 58 4.25 -39.45 -13.87
C ILE G 58 3.00 -39.35 -12.96
N PRO G 59 3.12 -38.99 -11.66
CA PRO G 59 1.90 -38.93 -10.80
C PRO G 59 1.00 -37.69 -11.00
N LEU G 60 0.87 -37.21 -12.22
CA LEU G 60 0.11 -35.99 -12.48
C LEU G 60 -1.17 -36.25 -13.28
N VAL G 61 -2.28 -35.65 -12.82
CA VAL G 61 -3.62 -35.74 -13.42
C VAL G 61 -4.16 -34.30 -13.59
N SER G 62 -4.70 -33.98 -14.78
CA SER G 62 -5.28 -32.65 -14.99
C SER G 62 -6.78 -32.65 -14.59
N ALA G 63 -7.22 -31.60 -13.87
CA ALA G 63 -8.57 -31.45 -13.33
C ALA G 63 -9.70 -31.46 -14.35
N ALA G 64 -10.86 -32.05 -13.99
CA ALA G 64 -12.06 -32.10 -14.85
C ALA G 64 -12.80 -30.76 -14.75
N MET G 65 -12.18 -29.72 -15.36
CA MET G 65 -12.67 -28.33 -15.32
C MET G 65 -12.71 -27.74 -16.72
N ASP G 66 -13.77 -26.99 -17.03
CA ASP G 66 -13.98 -26.36 -18.35
C ASP G 66 -12.94 -25.29 -18.71
N THR G 67 -12.01 -24.98 -17.79
CA THR G 67 -10.90 -24.02 -18.00
C THR G 67 -9.53 -24.75 -17.85
N VAL G 68 -9.55 -26.11 -17.69
CA VAL G 68 -8.34 -26.91 -17.53
C VAL G 68 -8.23 -28.06 -18.57
N THR G 69 -9.24 -28.97 -18.65
CA THR G 69 -9.11 -30.14 -19.50
C THR G 69 -10.23 -30.41 -20.51
N GLU G 70 -9.81 -30.37 -21.78
CA GLU G 70 -10.55 -30.77 -22.96
C GLU G 70 -9.55 -31.65 -23.71
N SER G 71 -9.88 -32.17 -24.91
CA SER G 71 -9.02 -33.10 -25.65
C SER G 71 -7.56 -32.64 -25.80
N ARG G 72 -7.32 -31.34 -26.07
CA ARG G 72 -5.98 -30.77 -26.23
C ARG G 72 -5.08 -30.99 -25.00
N MET G 73 -5.61 -30.69 -23.79
CA MET G 73 -4.92 -30.89 -22.52
C MET G 73 -4.75 -32.38 -22.24
N ALA G 74 -5.82 -33.19 -22.45
CA ALA G 74 -5.78 -34.62 -22.22
C ALA G 74 -4.69 -35.32 -23.08
N ILE G 75 -4.49 -34.87 -24.34
CA ILE G 75 -3.46 -35.41 -25.25
C ILE G 75 -2.07 -35.08 -24.71
N ALA G 76 -1.82 -33.80 -24.38
CA ALA G 76 -0.57 -33.30 -23.80
C ALA G 76 -0.26 -34.00 -22.46
N MET G 77 -1.29 -34.23 -21.61
CA MET G 77 -1.16 -34.93 -20.33
C MET G 77 -0.67 -36.36 -20.54
N ALA G 78 -1.36 -37.11 -21.42
CA ALA G 78 -1.02 -38.51 -21.76
C ALA G 78 0.37 -38.64 -22.42
N GLN G 79 0.76 -37.68 -23.29
CA GLN G 79 2.08 -37.66 -23.96
C GLN G 79 3.22 -37.49 -22.98
N ASN G 80 2.96 -36.75 -21.87
CA ASN G 80 3.92 -36.47 -20.79
C ASN G 80 3.99 -37.58 -19.72
N GLY G 81 3.14 -38.59 -19.84
CA GLY G 81 3.12 -39.73 -18.93
C GLY G 81 1.99 -39.75 -17.94
N GLY G 82 1.19 -38.70 -17.92
CA GLY G 82 0.05 -38.56 -17.03
C GLY G 82 -1.27 -38.87 -17.71
N ILE G 83 -2.36 -38.28 -17.19
CA ILE G 83 -3.70 -38.48 -17.74
C ILE G 83 -4.53 -37.22 -17.53
N GLY G 84 -5.43 -36.98 -18.48
CA GLY G 84 -6.38 -35.88 -18.39
C GLY G 84 -7.77 -36.41 -18.08
N ILE G 85 -8.55 -35.68 -17.28
CA ILE G 85 -9.94 -36.03 -16.98
C ILE G 85 -10.79 -34.98 -17.67
N LEU G 86 -11.47 -35.36 -18.78
CA LEU G 86 -12.31 -34.44 -19.55
C LEU G 86 -13.49 -34.00 -18.72
N HIS G 87 -13.75 -32.68 -18.70
CA HIS G 87 -14.86 -32.11 -17.96
C HIS G 87 -16.25 -32.55 -18.50
N LYS G 88 -17.27 -32.54 -17.63
CA LYS G 88 -18.64 -32.96 -17.97
C LYS G 88 -19.57 -31.79 -18.34
N ASN G 89 -19.02 -30.57 -18.47
CA ASN G 89 -19.79 -29.38 -18.78
C ASN G 89 -19.92 -29.21 -20.31
N MET G 90 -20.35 -30.30 -20.95
CA MET G 90 -20.65 -30.48 -22.37
C MET G 90 -21.65 -31.64 -22.57
N ASP G 91 -22.41 -31.65 -23.68
CA ASP G 91 -23.38 -32.74 -23.91
C ASP G 91 -22.68 -34.08 -24.20
N ILE G 92 -23.39 -35.19 -23.96
CA ILE G 92 -22.89 -36.57 -24.10
C ILE G 92 -22.11 -36.80 -25.41
N ALA G 93 -22.66 -36.32 -26.55
CA ALA G 93 -22.03 -36.43 -27.87
C ALA G 93 -20.71 -35.65 -27.94
N ALA G 94 -20.68 -34.41 -27.41
CA ALA G 94 -19.48 -33.55 -27.38
C ALA G 94 -18.39 -34.19 -26.55
N GLN G 95 -18.74 -34.74 -25.38
CA GLN G 95 -17.79 -35.42 -24.50
C GLN G 95 -17.24 -36.70 -25.09
N ALA G 96 -18.11 -37.53 -25.72
CA ALA G 96 -17.71 -38.78 -26.39
C ALA G 96 -16.77 -38.48 -27.56
N ALA G 97 -16.98 -37.34 -28.25
CA ALA G 97 -16.15 -36.87 -29.37
C ALA G 97 -14.77 -36.50 -28.87
N GLU G 98 -14.69 -35.94 -27.65
CA GLU G 98 -13.44 -35.56 -26.97
C GLU G 98 -12.66 -36.80 -26.56
N VAL G 99 -13.34 -37.86 -26.07
CA VAL G 99 -12.69 -39.15 -25.72
C VAL G 99 -12.06 -39.75 -26.99
N ARG G 100 -12.84 -39.80 -28.08
CA ARG G 100 -12.36 -40.36 -29.34
C ARG G 100 -11.18 -39.62 -29.91
N ARG G 101 -11.22 -38.27 -29.89
CA ARG G 101 -10.16 -37.36 -30.31
C ARG G 101 -8.79 -37.70 -29.66
N VAL G 102 -8.82 -38.09 -28.36
CA VAL G 102 -7.62 -38.49 -27.60
C VAL G 102 -7.19 -39.90 -27.97
N LYS G 103 -8.15 -40.86 -28.00
CA LYS G 103 -7.91 -42.28 -28.32
C LYS G 103 -7.40 -42.51 -29.74
N LYS G 104 -7.81 -41.66 -30.70
CA LYS G 104 -7.43 -41.76 -32.11
C LYS G 104 -6.23 -40.90 -32.48
N PHE G 105 -5.73 -40.10 -31.54
CA PHE G 105 -4.58 -39.23 -31.78
C PHE G 105 -3.31 -40.02 -32.09
N GLU G 106 -2.63 -39.62 -33.17
CA GLU G 106 -1.36 -40.18 -33.64
C GLU G 106 -0.38 -39.03 -33.84
N ALA G 107 0.85 -39.18 -33.31
CA ALA G 107 1.92 -38.17 -33.40
C ALA G 107 2.73 -38.27 -34.72
N GLY G 108 3.59 -37.27 -34.97
CA GLY G 108 4.43 -37.18 -36.17
C GLY G 108 5.54 -38.19 -36.24
N TYR G 113 7.57 -38.58 -27.94
CA TYR G 113 7.05 -38.72 -26.58
C TYR G 113 7.25 -40.17 -26.09
N PRO G 114 8.45 -40.51 -25.57
CA PRO G 114 8.70 -41.91 -25.15
C PRO G 114 8.02 -42.30 -23.84
N ASN G 115 7.71 -41.29 -22.98
CA ASN G 115 7.07 -41.53 -21.69
C ASN G 115 5.54 -41.52 -21.77
N SER G 116 4.98 -41.59 -22.98
CA SER G 116 3.53 -41.61 -23.24
C SER G 116 2.80 -42.63 -22.39
N CYS G 117 1.66 -42.24 -21.84
CA CYS G 117 0.80 -43.12 -21.06
C CYS G 117 -0.26 -43.66 -22.02
N LYS G 118 -0.13 -44.93 -22.38
CA LYS G 118 -0.99 -45.60 -23.36
C LYS G 118 -1.66 -46.86 -22.82
N ASP G 119 -2.77 -47.27 -23.45
CA ASP G 119 -3.48 -48.51 -23.14
C ASP G 119 -2.80 -49.74 -23.80
N ASP G 120 -3.42 -50.93 -23.70
CA ASP G 120 -2.94 -52.19 -24.27
C ASP G 120 -2.82 -52.16 -25.80
N LEU G 121 -3.65 -51.32 -26.45
CA LEU G 121 -3.74 -51.09 -27.88
C LEU G 121 -2.78 -50.00 -28.38
N GLY G 122 -1.96 -49.46 -27.49
CA GLY G 122 -1.01 -48.39 -27.79
C GLY G 122 -1.62 -47.00 -28.00
N ARG G 123 -2.88 -46.79 -27.57
CA ARG G 123 -3.58 -45.50 -27.71
C ARG G 123 -3.39 -44.67 -26.45
N LEU G 124 -3.37 -43.33 -26.58
CA LEU G 124 -3.24 -42.42 -25.44
C LEU G 124 -4.39 -42.63 -24.47
N ARG G 125 -4.09 -42.69 -23.17
CA ARG G 125 -5.09 -42.85 -22.11
C ARG G 125 -5.84 -41.53 -21.85
N VAL G 126 -7.10 -41.64 -21.43
CA VAL G 126 -8.00 -40.52 -21.11
C VAL G 126 -9.08 -40.95 -20.11
N GLY G 127 -9.53 -39.99 -19.32
CA GLY G 127 -10.61 -40.14 -18.38
C GLY G 127 -11.69 -39.13 -18.69
N ALA G 128 -12.90 -39.36 -18.17
CA ALA G 128 -14.02 -38.44 -18.35
C ALA G 128 -14.85 -38.40 -17.10
N ALA G 129 -15.29 -37.22 -16.72
CA ALA G 129 -16.12 -37.02 -15.54
C ALA G 129 -17.57 -37.20 -15.91
N VAL G 130 -18.37 -37.71 -14.94
CA VAL G 130 -19.83 -37.91 -14.97
C VAL G 130 -20.42 -37.44 -13.63
N GLY G 131 -21.68 -37.04 -13.64
CA GLY G 131 -22.38 -36.63 -12.44
C GLY G 131 -23.25 -37.76 -11.93
N THR G 132 -24.35 -37.42 -11.22
CA THR G 132 -25.28 -38.43 -10.69
C THR G 132 -26.71 -38.21 -11.25
N GLY G 133 -26.89 -37.10 -11.99
CA GLY G 133 -28.14 -36.73 -12.64
C GLY G 133 -28.65 -37.71 -13.67
N ALA G 134 -29.86 -37.42 -14.22
CA ALA G 134 -30.58 -38.26 -15.18
C ALA G 134 -29.80 -38.71 -16.41
N ASP G 135 -28.87 -37.87 -16.95
CA ASP G 135 -28.14 -38.22 -18.18
C ASP G 135 -26.93 -39.13 -17.98
N THR G 136 -26.59 -39.44 -16.71
CA THR G 136 -25.43 -40.25 -16.34
C THR G 136 -25.43 -41.60 -17.01
N PRO G 137 -26.52 -42.42 -16.98
CA PRO G 137 -26.47 -43.74 -17.65
C PRO G 137 -26.11 -43.70 -19.15
N SER G 138 -26.69 -42.76 -19.89
CA SER G 138 -26.43 -42.55 -21.32
C SER G 138 -25.01 -42.02 -21.54
N ARG G 139 -24.57 -41.08 -20.65
CA ARG G 139 -23.24 -40.48 -20.67
C ARG G 139 -22.18 -41.57 -20.49
N VAL G 140 -22.32 -42.42 -19.44
CA VAL G 140 -21.38 -43.51 -19.15
C VAL G 140 -21.25 -44.43 -20.35
N GLU G 141 -22.39 -44.88 -20.89
CA GLU G 141 -22.44 -45.77 -22.04
C GLU G 141 -21.73 -45.18 -23.28
N ALA G 142 -21.97 -43.88 -23.59
CA ALA G 142 -21.34 -43.20 -24.73
C ALA G 142 -19.82 -43.07 -24.55
N LEU G 143 -19.37 -42.75 -23.31
CA LEU G 143 -17.95 -42.64 -23.00
C LEU G 143 -17.23 -43.97 -23.06
N VAL G 144 -17.85 -45.06 -22.55
CA VAL G 144 -17.28 -46.42 -22.59
C VAL G 144 -17.13 -46.88 -24.06
N GLU G 145 -18.17 -46.62 -24.87
CA GLU G 145 -18.21 -46.94 -26.30
C GLU G 145 -17.12 -46.18 -27.07
N ALA G 146 -16.84 -44.91 -26.67
CA ALA G 146 -15.78 -44.08 -27.26
C ALA G 146 -14.35 -44.55 -26.87
N GLY G 147 -14.27 -45.51 -25.94
CA GLY G 147 -13.01 -46.09 -25.50
C GLY G 147 -12.34 -45.48 -24.28
N VAL G 148 -13.11 -44.68 -23.46
CA VAL G 148 -12.61 -44.05 -22.24
C VAL G 148 -11.96 -45.10 -21.34
N ASP G 149 -10.81 -44.77 -20.76
CA ASP G 149 -10.07 -45.70 -19.92
C ASP G 149 -10.62 -45.74 -18.52
N VAL G 150 -11.10 -44.57 -18.03
CA VAL G 150 -11.63 -44.41 -16.69
C VAL G 150 -12.80 -43.43 -16.63
N ILE G 151 -13.87 -43.85 -15.93
CA ILE G 151 -15.05 -43.03 -15.65
C ILE G 151 -14.77 -42.42 -14.26
N VAL G 152 -14.89 -41.09 -14.15
CA VAL G 152 -14.72 -40.37 -12.89
C VAL G 152 -16.10 -39.86 -12.47
N VAL G 153 -16.65 -40.42 -11.40
CA VAL G 153 -17.94 -39.97 -10.84
C VAL G 153 -17.51 -38.74 -10.02
N ASP G 154 -17.60 -37.54 -10.65
CA ASP G 154 -17.12 -36.26 -10.13
C ASP G 154 -18.16 -35.37 -9.43
N THR G 155 -18.04 -35.30 -8.09
CA THR G 155 -18.95 -34.52 -7.23
C THR G 155 -18.18 -33.84 -6.07
N ALA G 156 -18.88 -32.91 -5.39
CA ALA G 156 -18.40 -32.18 -4.22
C ALA G 156 -18.44 -33.10 -2.97
N HIS G 157 -19.27 -34.17 -3.00
CA HIS G 157 -19.48 -35.05 -1.86
C HIS G 157 -19.59 -36.53 -2.26
N GLY G 158 -18.46 -37.19 -2.36
CA GLY G 158 -18.37 -38.62 -2.70
C GLY G 158 -18.94 -39.57 -1.65
N HIS G 159 -19.10 -39.07 -0.38
CA HIS G 159 -19.64 -39.86 0.74
C HIS G 159 -21.17 -39.82 0.73
N SER G 160 -21.78 -39.20 -0.30
CA SER G 160 -23.23 -39.19 -0.46
C SER G 160 -23.66 -40.51 -1.07
N ALA G 161 -24.84 -41.02 -0.67
CA ALA G 161 -25.47 -42.25 -1.15
C ALA G 161 -25.55 -42.28 -2.69
N GLY G 162 -25.87 -41.14 -3.29
CA GLY G 162 -25.96 -40.97 -4.74
C GLY G 162 -24.71 -41.34 -5.49
N VAL G 163 -23.55 -40.92 -4.98
CA VAL G 163 -22.24 -41.21 -5.56
C VAL G 163 -21.87 -42.68 -5.34
N ILE G 164 -21.96 -43.18 -4.08
CA ILE G 164 -21.61 -44.58 -3.77
C ILE G 164 -22.41 -45.52 -4.69
N GLU G 165 -23.69 -45.17 -4.94
CA GLU G 165 -24.61 -45.94 -5.78
C GLU G 165 -24.31 -45.83 -7.26
N ARG G 166 -23.94 -44.63 -7.72
CA ARG G 166 -23.54 -44.44 -9.11
C ARG G 166 -22.24 -45.16 -9.40
N VAL G 167 -21.30 -45.19 -8.41
CA VAL G 167 -20.02 -45.89 -8.53
C VAL G 167 -20.29 -47.40 -8.69
N ARG G 168 -21.19 -47.95 -7.86
CA ARG G 168 -21.62 -49.36 -7.85
C ARG G 168 -22.26 -49.75 -9.19
N TRP G 169 -23.13 -48.88 -9.72
CA TRP G 169 -23.80 -49.04 -11.00
C TRP G 169 -22.80 -49.12 -12.16
N VAL G 170 -21.81 -48.18 -12.20
CA VAL G 170 -20.77 -48.15 -13.24
C VAL G 170 -19.94 -49.44 -13.22
N LYS G 171 -19.55 -49.92 -12.03
CA LYS G 171 -18.74 -51.14 -11.86
C LYS G 171 -19.48 -52.41 -12.27
N GLN G 172 -20.76 -52.53 -11.88
CA GLN G 172 -21.60 -53.68 -12.20
C GLN G 172 -22.02 -53.73 -13.67
N ASN G 173 -22.35 -52.56 -14.26
CA ASN G 173 -22.80 -52.47 -15.64
C ASN G 173 -21.68 -52.34 -16.68
N PHE G 174 -20.52 -51.79 -16.30
CA PHE G 174 -19.39 -51.59 -17.20
C PHE G 174 -18.09 -52.04 -16.53
N PRO G 175 -17.93 -53.36 -16.23
CA PRO G 175 -16.68 -53.82 -15.59
C PRO G 175 -15.41 -53.63 -16.44
N GLN G 176 -15.56 -53.43 -17.76
CA GLN G 176 -14.45 -53.24 -18.71
C GLN G 176 -13.79 -51.85 -18.60
N VAL G 177 -14.40 -50.91 -17.84
CA VAL G 177 -13.86 -49.57 -17.62
C VAL G 177 -13.45 -49.44 -16.15
N GLN G 178 -12.42 -48.61 -15.87
CA GLN G 178 -12.02 -48.33 -14.49
C GLN G 178 -12.92 -47.21 -13.98
N VAL G 179 -13.22 -47.19 -12.66
CA VAL G 179 -14.10 -46.15 -12.11
C VAL G 179 -13.48 -45.51 -10.86
N ILE G 180 -13.52 -44.18 -10.82
CA ILE G 180 -13.05 -43.37 -9.69
C ILE G 180 -14.27 -42.71 -9.03
N GLY G 181 -14.31 -42.71 -7.70
CA GLY G 181 -15.33 -42.06 -6.89
C GLY G 181 -14.73 -40.92 -6.05
N GLY G 182 -15.52 -39.86 -5.86
CA GLY G 182 -15.10 -38.69 -5.08
C GLY G 182 -16.03 -37.48 -5.20
N ASN G 183 -15.72 -36.36 -4.50
CA ASN G 183 -14.54 -36.14 -3.64
C ASN G 183 -14.75 -36.50 -2.20
N ILE G 184 -13.71 -37.02 -1.56
CA ILE G 184 -13.75 -37.46 -0.16
C ILE G 184 -12.62 -36.85 0.68
N ALA G 185 -12.74 -36.94 2.01
CA ALA G 185 -11.74 -36.38 2.92
C ALA G 185 -11.52 -37.28 4.14
N THR G 186 -12.29 -38.39 4.25
CA THR G 186 -12.16 -39.28 5.42
C THR G 186 -11.96 -40.73 5.01
N GLY G 187 -11.46 -41.54 5.94
CA GLY G 187 -11.25 -42.97 5.76
C GLY G 187 -12.55 -43.75 5.64
N ASP G 188 -13.60 -43.33 6.37
CA ASP G 188 -14.94 -43.92 6.31
C ASP G 188 -15.51 -43.80 4.91
N ALA G 189 -15.31 -42.63 4.26
CA ALA G 189 -15.78 -42.34 2.90
C ALA G 189 -15.05 -43.25 1.90
N ALA G 190 -13.73 -43.42 2.07
CA ALA G 190 -12.86 -44.28 1.25
C ALA G 190 -13.31 -45.74 1.30
N LEU G 191 -13.56 -46.27 2.51
CA LEU G 191 -14.06 -47.63 2.73
C LEU G 191 -15.43 -47.84 2.07
N ALA G 192 -16.33 -46.82 2.16
CA ALA G 192 -17.65 -46.90 1.51
C ALA G 192 -17.51 -46.98 -0.01
N LEU G 193 -16.60 -46.16 -0.60
CA LEU G 193 -16.34 -46.18 -2.03
C LEU G 193 -15.60 -47.47 -2.47
N LEU G 194 -14.75 -48.03 -1.61
CA LEU G 194 -14.04 -49.30 -1.85
C LEU G 194 -15.07 -50.44 -1.92
N ASP G 195 -16.03 -50.47 -0.97
N ASP G 195 -16.03 -50.47 -0.97
CA ASP G 195 -17.10 -51.47 -0.93
CA ASP G 195 -17.12 -51.44 -0.91
C ASP G 195 -18.04 -51.31 -2.12
C ASP G 195 -18.00 -51.32 -2.15
N ALA G 196 -18.17 -50.09 -2.65
CA ALA G 196 -18.98 -49.79 -3.84
C ALA G 196 -18.36 -50.37 -5.15
N GLY G 197 -17.04 -50.62 -5.13
CA GLY G 197 -16.26 -51.17 -6.24
C GLY G 197 -15.37 -50.18 -6.96
N ALA G 198 -15.13 -48.98 -6.36
CA ALA G 198 -14.25 -47.95 -6.95
C ALA G 198 -12.84 -48.53 -7.10
N ASP G 199 -12.15 -48.14 -8.18
CA ASP G 199 -10.80 -48.59 -8.50
C ASP G 199 -9.75 -47.64 -7.97
N ALA G 200 -10.19 -46.44 -7.58
CA ALA G 200 -9.41 -45.35 -7.01
C ALA G 200 -10.38 -44.46 -6.31
N VAL G 201 -9.86 -43.53 -5.53
CA VAL G 201 -10.69 -42.64 -4.70
C VAL G 201 -10.08 -41.24 -4.77
N LYS G 202 -10.87 -40.21 -5.09
CA LYS G 202 -10.34 -38.86 -5.25
C LYS G 202 -10.51 -38.06 -3.95
N VAL G 203 -9.40 -37.54 -3.40
CA VAL G 203 -9.36 -36.87 -2.10
C VAL G 203 -9.27 -35.35 -2.23
N GLY G 204 -10.16 -34.64 -1.56
CA GLY G 204 -10.15 -33.18 -1.56
C GLY G 204 -11.49 -32.52 -1.33
N ILE G 205 -11.73 -32.07 -0.06
CA ILE G 205 -12.90 -31.29 0.36
C ILE G 205 -12.36 -30.01 1.00
N GLY G 206 -12.36 -28.93 0.25
CA GLY G 206 -11.83 -27.66 0.72
C GLY G 206 -10.41 -27.24 0.35
N PRO G 207 -9.48 -28.05 -0.25
CA PRO G 207 -8.14 -27.49 -0.51
C PRO G 207 -7.97 -26.65 -1.79
N GLY G 208 -8.89 -26.77 -2.76
CA GLY G 208 -8.85 -26.06 -4.04
C GLY G 208 -8.58 -24.57 -3.93
N SER G 209 -7.79 -24.02 -4.88
CA SER G 209 -7.44 -22.59 -4.93
C SER G 209 -8.66 -21.68 -5.16
N ILE G 210 -9.65 -22.18 -5.91
CA ILE G 210 -10.90 -21.49 -6.25
C ILE G 210 -12.09 -21.97 -5.35
N CYS G 211 -11.80 -22.77 -4.31
CA CYS G 211 -12.79 -23.33 -3.39
C CYS G 211 -13.30 -22.32 -2.34
N THR G 212 -14.64 -22.23 -2.18
CA THR G 212 -15.27 -21.41 -1.15
C THR G 212 -16.20 -22.27 -0.27
N THR G 213 -16.08 -23.63 -0.38
CA THR G 213 -16.83 -24.62 0.41
C THR G 213 -16.64 -24.39 1.91
N ARG G 214 -15.39 -24.08 2.34
CA ARG G 214 -15.05 -23.79 3.74
C ARG G 214 -15.78 -22.56 4.26
N ILE G 215 -15.97 -21.54 3.42
CA ILE G 215 -16.61 -20.28 3.77
C ILE G 215 -18.13 -20.45 3.71
N VAL G 216 -18.64 -21.03 2.62
CA VAL G 216 -20.07 -21.23 2.36
C VAL G 216 -20.69 -22.28 3.34
N ALA G 217 -20.07 -23.46 3.47
CA ALA G 217 -20.60 -24.57 4.27
C ALA G 217 -19.87 -24.83 5.59
N GLY G 218 -18.68 -24.26 5.77
CA GLY G 218 -17.87 -24.45 6.97
C GLY G 218 -17.34 -25.86 7.07
N ILE G 219 -17.29 -26.52 5.89
CA ILE G 219 -16.89 -27.90 5.64
C ILE G 219 -15.52 -27.95 5.03
N GLY G 220 -14.73 -28.94 5.43
CA GLY G 220 -13.40 -29.10 4.88
C GLY G 220 -12.47 -29.95 5.72
N MET G 221 -11.35 -30.29 5.10
CA MET G 221 -10.33 -31.11 5.74
C MET G 221 -8.98 -30.75 5.15
N PRO G 222 -8.06 -30.15 5.97
CA PRO G 222 -6.69 -29.87 5.49
C PRO G 222 -6.10 -31.10 4.82
N GLN G 223 -5.58 -30.89 3.59
CA GLN G 223 -5.20 -31.92 2.62
C GLN G 223 -4.23 -33.02 3.08
N ILE G 224 -3.20 -32.71 3.89
CA ILE G 224 -2.24 -33.72 4.35
C ILE G 224 -2.97 -34.75 5.23
N SER G 225 -3.86 -34.26 6.11
CA SER G 225 -4.67 -35.09 7.01
C SER G 225 -5.76 -35.87 6.27
N ALA G 226 -6.31 -35.29 5.17
CA ALA G 226 -7.30 -35.93 4.32
C ALA G 226 -6.65 -37.14 3.64
N ILE G 227 -5.45 -36.93 3.01
CA ILE G 227 -4.67 -37.98 2.36
C ILE G 227 -4.35 -39.09 3.38
N ASP G 228 -3.86 -38.70 4.56
CA ASP G 228 -3.53 -39.63 5.63
C ASP G 228 -4.74 -40.48 6.09
N SER G 229 -5.88 -39.83 6.40
CA SER G 229 -7.10 -40.51 6.83
C SER G 229 -7.53 -41.59 5.83
N VAL G 230 -7.54 -41.22 4.52
CA VAL G 230 -7.92 -42.08 3.40
C VAL G 230 -6.91 -43.22 3.19
N ALA G 231 -5.61 -42.91 3.06
CA ALA G 231 -4.56 -43.89 2.86
C ALA G 231 -4.49 -44.93 3.98
N SER G 232 -4.67 -44.50 5.24
CA SER G 232 -4.63 -45.37 6.41
C SER G 232 -5.80 -46.38 6.43
N ALA G 233 -6.99 -45.94 5.97
CA ALA G 233 -8.15 -46.80 5.90
C ALA G 233 -8.06 -47.82 4.76
N LEU G 234 -7.57 -47.37 3.57
CA LEU G 234 -7.48 -48.19 2.35
C LEU G 234 -6.47 -49.30 2.43
N LYS G 235 -5.37 -49.10 3.17
CA LYS G 235 -4.29 -50.07 3.33
C LYS G 235 -3.81 -50.60 1.99
N ASP G 236 -3.66 -49.68 1.03
CA ASP G 236 -3.21 -49.87 -0.36
C ASP G 236 -4.10 -50.78 -1.23
N GLN G 237 -5.36 -51.01 -0.85
CA GLN G 237 -6.28 -51.84 -1.65
C GLN G 237 -6.57 -51.17 -2.98
N ILE G 238 -6.77 -49.84 -2.94
CA ILE G 238 -6.96 -48.99 -4.12
C ILE G 238 -6.15 -47.68 -3.92
N PRO G 239 -5.59 -47.08 -5.02
CA PRO G 239 -4.85 -45.82 -4.85
C PRO G 239 -5.77 -44.62 -4.63
N LEU G 240 -5.19 -43.48 -4.19
CA LEU G 240 -5.94 -42.24 -4.01
C LEU G 240 -5.30 -41.12 -4.84
N ILE G 241 -6.14 -40.23 -5.39
CA ILE G 241 -5.69 -39.05 -6.13
C ILE G 241 -5.81 -37.88 -5.17
N ALA G 242 -4.69 -37.18 -4.85
CA ALA G 242 -4.72 -36.00 -3.98
C ALA G 242 -5.10 -34.84 -4.86
N ASP G 243 -6.35 -34.41 -4.71
CA ASP G 243 -6.98 -33.37 -5.54
C ASP G 243 -7.21 -32.00 -4.86
N GLY G 244 -6.50 -30.99 -5.34
CA GLY G 244 -6.65 -29.62 -4.89
C GLY G 244 -5.55 -29.12 -3.97
N GLY G 245 -5.28 -27.81 -4.06
CA GLY G 245 -4.35 -27.11 -3.19
C GLY G 245 -2.87 -27.25 -3.49
N ILE G 246 -2.51 -27.85 -4.64
CA ILE G 246 -1.12 -28.00 -5.05
C ILE G 246 -0.71 -26.67 -5.70
N ARG G 247 0.31 -26.02 -5.13
CA ARG G 247 0.81 -24.75 -5.62
C ARG G 247 2.21 -24.88 -6.17
N PHE G 248 3.03 -25.75 -5.54
CA PHE G 248 4.43 -25.98 -5.91
C PHE G 248 4.75 -27.46 -5.97
N SER G 249 5.89 -27.80 -6.58
CA SER G 249 6.40 -29.18 -6.66
C SER G 249 6.61 -29.84 -5.29
N GLY G 250 6.83 -29.03 -4.26
CA GLY G 250 7.02 -29.50 -2.87
C GLY G 250 5.75 -30.10 -2.30
N ASP G 251 4.58 -29.53 -2.67
CA ASP G 251 3.24 -29.97 -2.26
C ASP G 251 2.96 -31.40 -2.75
N MET G 252 3.45 -31.72 -3.95
CA MET G 252 3.32 -33.00 -4.63
C MET G 252 4.05 -34.10 -3.88
N ALA G 253 5.31 -33.80 -3.48
CA ALA G 253 6.22 -34.64 -2.71
C ALA G 253 5.59 -34.95 -1.34
N LYS G 254 5.07 -33.90 -0.67
CA LYS G 254 4.35 -33.97 0.60
C LYS G 254 3.10 -34.82 0.46
N ALA G 255 2.31 -34.62 -0.59
CA ALA G 255 1.08 -35.40 -0.84
C ALA G 255 1.40 -36.89 -1.04
N ILE G 256 2.45 -37.22 -1.82
CA ILE G 256 2.87 -38.61 -2.06
C ILE G 256 3.42 -39.21 -0.74
N GLY G 257 4.23 -38.44 0.00
CA GLY G 257 4.76 -38.84 1.31
C GLY G 257 3.67 -39.16 2.32
N ALA G 258 2.54 -38.42 2.24
CA ALA G 258 1.34 -38.58 3.08
C ALA G 258 0.47 -39.80 2.68
N GLY G 259 0.72 -40.39 1.51
CA GLY G 259 0.01 -41.57 1.03
C GLY G 259 -0.63 -41.53 -0.34
N ALA G 260 -0.57 -40.37 -1.06
CA ALA G 260 -1.18 -40.24 -2.38
C ALA G 260 -0.40 -41.01 -3.41
N SER G 261 -1.10 -41.54 -4.44
CA SER G 261 -0.42 -42.24 -5.54
C SER G 261 -0.27 -41.28 -6.71
N THR G 262 -1.22 -40.36 -6.88
CA THR G 262 -1.24 -39.34 -7.91
C THR G 262 -1.71 -38.01 -7.30
N ILE G 263 -1.58 -36.94 -8.09
CA ILE G 263 -1.93 -35.58 -7.74
C ILE G 263 -2.76 -34.97 -8.84
N MET G 264 -3.91 -34.38 -8.49
CA MET G 264 -4.74 -33.67 -9.46
C MET G 264 -4.53 -32.17 -9.32
N VAL G 265 -4.28 -31.50 -10.46
CA VAL G 265 -4.05 -30.05 -10.50
C VAL G 265 -5.02 -29.35 -11.45
N GLY G 266 -5.49 -28.19 -11.01
CA GLY G 266 -6.34 -27.30 -11.78
C GLY G 266 -5.58 -26.04 -12.12
N SER G 267 -5.33 -25.19 -11.10
N SER G 267 -5.33 -25.20 -11.10
CA SER G 267 -4.66 -23.89 -11.23
CA SER G 267 -4.65 -23.90 -11.23
C SER G 267 -3.32 -23.94 -11.95
C SER G 267 -3.32 -23.95 -11.95
N LEU G 268 -2.45 -24.93 -11.62
CA LEU G 268 -1.13 -25.07 -12.24
C LEU G 268 -1.15 -25.26 -13.75
N LEU G 269 -2.20 -25.96 -14.27
CA LEU G 269 -2.36 -26.20 -15.71
C LEU G 269 -3.29 -25.20 -16.39
N ALA G 270 -4.03 -24.40 -15.61
CA ALA G 270 -4.88 -23.32 -16.12
C ALA G 270 -3.93 -22.21 -16.61
N GLY G 271 -4.24 -21.60 -17.76
CA GLY G 271 -3.41 -20.55 -18.34
C GLY G 271 -2.35 -21.07 -19.30
N THR G 272 -2.22 -22.39 -19.42
CA THR G 272 -1.29 -23.00 -20.38
C THR G 272 -1.96 -22.99 -21.75
N GLU G 273 -1.15 -23.07 -22.82
CA GLU G 273 -1.60 -23.06 -24.22
C GLU G 273 -2.68 -24.11 -24.49
N GLU G 274 -2.47 -25.37 -23.98
CA GLU G 274 -3.32 -26.56 -24.13
C GLU G 274 -4.66 -26.52 -23.37
N ALA G 275 -4.76 -25.67 -22.32
CA ALA G 275 -5.98 -25.48 -21.52
C ALA G 275 -7.07 -24.81 -22.36
N PRO G 276 -8.39 -25.11 -22.15
CA PRO G 276 -9.42 -24.44 -22.94
C PRO G 276 -9.43 -22.93 -22.72
N GLY G 277 -9.92 -22.22 -23.74
CA GLY G 277 -10.05 -20.79 -23.72
C GLY G 277 -9.02 -20.05 -24.55
N GLU G 278 -9.38 -18.82 -24.90
CA GLU G 278 -8.54 -17.91 -25.68
C GLU G 278 -7.77 -17.04 -24.70
N VAL G 279 -6.62 -16.52 -25.14
CA VAL G 279 -5.84 -15.61 -24.32
C VAL G 279 -6.47 -14.21 -24.37
N GLU G 280 -6.63 -13.58 -23.22
CA GLU G 280 -7.20 -12.24 -23.15
C GLU G 280 -6.17 -11.20 -22.76
N PHE G 281 -6.19 -10.06 -23.45
CA PHE G 281 -5.31 -8.93 -23.22
C PHE G 281 -5.97 -8.08 -22.13
N PHE G 282 -5.38 -8.05 -20.94
CA PHE G 282 -5.92 -7.27 -19.83
C PHE G 282 -4.80 -6.49 -19.12
N GLN G 283 -4.89 -5.14 -19.19
CA GLN G 283 -3.93 -4.18 -18.62
C GLN G 283 -2.49 -4.50 -19.09
N GLY G 284 -2.34 -4.66 -20.41
CA GLY G 284 -1.08 -5.00 -21.05
C GLY G 284 -0.80 -6.49 -21.06
N ARG G 285 -0.87 -7.12 -19.86
CA ARG G 285 -0.63 -8.55 -19.63
C ARG G 285 -1.61 -9.50 -20.34
N TYR G 286 -1.19 -10.77 -20.52
CA TYR G 286 -1.95 -11.85 -21.16
C TYR G 286 -2.44 -12.85 -20.12
N TYR G 287 -3.74 -13.20 -20.19
CA TYR G 287 -4.39 -14.10 -19.24
C TYR G 287 -5.31 -15.14 -19.89
N LYS G 288 -5.69 -16.15 -19.10
CA LYS G 288 -6.72 -17.13 -19.45
C LYS G 288 -7.66 -17.22 -18.25
N ALA G 289 -8.93 -17.56 -18.50
CA ALA G 289 -9.92 -17.71 -17.45
C ALA G 289 -9.67 -19.02 -16.68
N TYR G 290 -9.93 -18.96 -15.39
CA TYR G 290 -9.87 -20.08 -14.49
C TYR G 290 -11.03 -19.93 -13.50
N ARG G 291 -11.92 -20.92 -13.45
CA ARG G 291 -13.09 -20.85 -12.58
C ARG G 291 -13.44 -22.20 -11.96
N GLY G 292 -14.03 -22.18 -10.76
CA GLY G 292 -14.50 -23.37 -10.10
C GLY G 292 -15.69 -23.94 -10.84
N MET G 293 -15.92 -25.24 -10.73
CA MET G 293 -17.07 -25.88 -11.39
C MET G 293 -18.40 -25.61 -10.68
N GLY G 294 -18.30 -25.12 -9.44
CA GLY G 294 -19.42 -24.72 -8.59
C GLY G 294 -19.54 -23.22 -8.49
N SER G 295 -18.92 -22.49 -9.42
CA SER G 295 -19.00 -21.03 -9.46
C SER G 295 -20.28 -20.65 -10.21
N LEU G 296 -20.72 -19.38 -10.10
CA LEU G 296 -21.93 -18.89 -10.77
C LEU G 296 -21.90 -19.14 -12.28
N GLY G 297 -20.80 -18.71 -12.92
CA GLY G 297 -20.59 -18.89 -14.36
C GLY G 297 -20.63 -20.33 -14.83
N ALA G 298 -19.93 -21.24 -14.12
CA ALA G 298 -19.89 -22.66 -14.46
C ALA G 298 -21.22 -23.38 -14.26
N MET G 299 -22.00 -22.99 -13.23
CA MET G 299 -23.31 -23.58 -12.91
C MET G 299 -24.37 -23.16 -13.93
N ALA G 300 -24.25 -21.91 -14.47
CA ALA G 300 -25.15 -21.33 -15.48
C ALA G 300 -24.63 -21.58 -16.89
N LEU G 320 -28.36 -24.74 -5.92
CA LEU G 320 -27.34 -24.61 -4.88
C LEU G 320 -26.64 -23.26 -4.94
N VAL G 321 -26.25 -22.72 -3.76
CA VAL G 321 -25.47 -21.48 -3.63
C VAL G 321 -24.03 -21.77 -4.21
N PRO G 322 -23.37 -20.83 -4.95
CA PRO G 322 -22.03 -21.14 -5.49
C PRO G 322 -20.98 -21.49 -4.43
N GLU G 323 -20.08 -22.43 -4.77
CA GLU G 323 -19.01 -22.84 -3.85
C GLU G 323 -17.62 -22.69 -4.45
N GLY G 324 -17.54 -21.90 -5.51
CA GLY G 324 -16.29 -21.62 -6.20
C GLY G 324 -16.27 -20.21 -6.75
N ILE G 325 -15.07 -19.71 -7.03
CA ILE G 325 -14.86 -18.37 -7.60
C ILE G 325 -14.40 -18.43 -9.06
N GLU G 326 -14.59 -17.31 -9.78
CA GLU G 326 -14.19 -17.16 -11.18
C GLU G 326 -13.08 -16.12 -11.20
N GLY G 327 -12.06 -16.39 -11.99
CA GLY G 327 -10.93 -15.47 -12.13
C GLY G 327 -10.15 -15.61 -13.42
N ARG G 328 -8.98 -15.00 -13.41
CA ARG G 328 -8.02 -14.97 -14.50
C ARG G 328 -6.70 -15.46 -13.93
N VAL G 329 -5.98 -16.24 -14.73
CA VAL G 329 -4.66 -16.74 -14.40
C VAL G 329 -3.72 -16.25 -15.53
N PRO G 330 -2.43 -15.91 -15.23
CA PRO G 330 -1.53 -15.46 -16.31
C PRO G 330 -1.29 -16.55 -17.35
N TYR G 331 -1.05 -16.12 -18.62
CA TYR G 331 -0.74 -17.03 -19.71
C TYR G 331 0.62 -17.67 -19.38
N LYS G 332 0.71 -19.00 -19.42
CA LYS G 332 1.91 -19.75 -19.03
C LYS G 332 2.65 -20.40 -20.19
N GLY G 333 2.06 -20.39 -21.37
CA GLY G 333 2.69 -21.01 -22.54
C GLY G 333 2.49 -22.51 -22.56
N PRO G 334 3.31 -23.30 -23.29
CA PRO G 334 3.06 -24.77 -23.35
C PRO G 334 3.12 -25.44 -21.97
N MET G 335 2.15 -26.32 -21.70
CA MET G 335 2.01 -27.02 -20.43
C MET G 335 3.26 -27.87 -20.10
N GLY G 336 3.95 -28.35 -21.13
CA GLY G 336 5.15 -29.18 -21.01
C GLY G 336 6.20 -28.65 -20.06
N ASN G 337 6.41 -27.32 -20.05
CA ASN G 337 7.38 -26.60 -19.20
C ASN G 337 7.00 -26.69 -17.72
N ILE G 338 5.72 -26.46 -17.41
CA ILE G 338 5.17 -26.53 -16.06
C ILE G 338 5.33 -27.96 -15.52
N VAL G 339 4.98 -28.94 -16.34
CA VAL G 339 5.05 -30.36 -16.03
C VAL G 339 6.50 -30.78 -15.74
N HIS G 340 7.46 -30.35 -16.57
N HIS G 340 7.46 -30.34 -16.57
CA HIS G 340 8.87 -30.69 -16.38
CA HIS G 340 8.88 -30.64 -16.42
C HIS G 340 9.46 -30.03 -15.11
C HIS G 340 9.43 -30.03 -15.12
N GLN G 341 9.10 -28.76 -14.82
CA GLN G 341 9.51 -28.04 -13.61
C GLN G 341 8.95 -28.75 -12.35
N MET G 342 7.67 -29.15 -12.38
CA MET G 342 7.01 -29.88 -11.30
C MET G 342 7.65 -31.24 -11.03
N MET G 343 7.85 -32.04 -12.09
CA MET G 343 8.46 -33.37 -11.96
C MET G 343 9.91 -33.27 -11.53
N GLY G 344 10.58 -32.21 -11.99
CA GLY G 344 11.95 -31.88 -11.63
C GLY G 344 12.10 -31.76 -10.13
N GLY G 345 11.28 -30.91 -9.51
CA GLY G 345 11.22 -30.73 -8.06
C GLY G 345 10.86 -32.00 -7.28
N LEU G 346 10.01 -32.87 -7.85
CA LEU G 346 9.64 -34.16 -7.24
C LEU G 346 10.84 -35.11 -7.22
N ARG G 347 11.64 -35.11 -8.31
CA ARG G 347 12.86 -35.92 -8.44
C ARG G 347 13.84 -35.48 -7.35
N SER G 348 14.03 -34.17 -7.21
CA SER G 348 14.86 -33.59 -6.13
C SER G 348 14.47 -34.10 -4.74
N SER G 349 13.16 -34.11 -4.41
N SER G 349 13.15 -34.11 -4.42
CA SER G 349 12.63 -34.58 -3.13
CA SER G 349 12.61 -34.59 -3.13
C SER G 349 12.94 -36.05 -2.89
C SER G 349 12.95 -36.05 -2.89
N MET G 350 12.80 -36.88 -3.93
CA MET G 350 13.07 -38.30 -3.89
C MET G 350 14.56 -38.54 -3.66
N GLY G 351 15.40 -37.70 -4.28
CA GLY G 351 16.85 -37.69 -4.08
C GLY G 351 17.18 -37.39 -2.63
N TYR G 352 16.51 -36.37 -2.02
CA TYR G 352 16.69 -36.01 -0.61
C TYR G 352 16.22 -37.09 0.38
N THR G 353 15.11 -37.74 0.09
CA THR G 353 14.50 -38.75 0.96
C THR G 353 15.01 -40.18 0.71
N GLY G 354 15.85 -40.35 -0.31
CA GLY G 354 16.41 -41.64 -0.71
C GLY G 354 15.35 -42.58 -1.25
N SER G 355 14.42 -42.01 -2.03
CA SER G 355 13.31 -42.71 -2.63
C SER G 355 13.60 -42.97 -4.10
N ALA G 356 13.94 -44.22 -4.45
CA ALA G 356 14.24 -44.67 -5.81
C ALA G 356 12.96 -44.78 -6.69
N VAL G 357 11.82 -45.10 -6.07
CA VAL G 357 10.50 -45.26 -6.73
C VAL G 357 9.44 -44.48 -5.94
N ILE G 358 8.24 -44.26 -6.53
CA ILE G 358 7.13 -43.54 -5.87
C ILE G 358 6.72 -44.24 -4.55
N GLU G 359 6.66 -45.57 -4.53
CA GLU G 359 6.33 -46.37 -3.35
C GLU G 359 7.32 -46.21 -2.21
N ASP G 360 8.58 -45.85 -2.51
CA ASP G 360 9.54 -45.60 -1.45
C ASP G 360 9.11 -44.33 -0.68
N LEU G 361 8.67 -43.29 -1.42
CA LEU G 361 8.26 -42.00 -0.87
C LEU G 361 6.96 -42.14 -0.11
N ARG G 362 6.07 -43.03 -0.59
CA ARG G 362 4.76 -43.31 0.01
C ARG G 362 4.89 -44.01 1.34
N GLN G 363 5.77 -45.01 1.39
CA GLN G 363 5.99 -45.88 2.53
C GLN G 363 7.02 -45.37 3.55
N ASN G 364 8.12 -44.74 3.09
CA ASN G 364 9.20 -44.36 3.99
C ASN G 364 9.32 -42.88 4.37
N ALA G 365 8.42 -41.99 3.89
CA ALA G 365 8.51 -40.57 4.21
C ALA G 365 8.31 -40.27 5.70
N LYS G 366 9.17 -39.40 6.25
CA LYS G 366 9.12 -38.93 7.64
C LYS G 366 8.99 -37.42 7.56
N PHE G 367 8.07 -36.87 8.37
CA PHE G 367 7.76 -35.44 8.39
C PHE G 367 8.05 -34.81 9.74
N VAL G 368 8.10 -33.48 9.75
CA VAL G 368 8.14 -32.66 10.94
C VAL G 368 7.01 -31.67 10.81
N LYS G 369 6.33 -31.37 11.93
CA LYS G 369 5.29 -30.35 11.93
C LYS G 369 6.03 -29.03 12.19
N ILE G 370 5.69 -27.99 11.43
CA ILE G 370 6.32 -26.69 11.58
C ILE G 370 5.29 -25.71 12.11
N THR G 371 5.71 -24.59 12.69
CA THR G 371 4.78 -23.57 13.23
C THR G 371 4.57 -22.44 12.21
N SER G 372 3.78 -21.43 12.58
CA SER G 372 3.49 -20.22 11.81
C SER G 372 4.82 -19.49 11.45
N ALA G 373 5.82 -19.53 12.37
CA ALA G 373 7.15 -18.94 12.19
C ALA G 373 7.95 -19.65 11.08
N GLY G 374 7.75 -20.97 10.94
CA GLY G 374 8.38 -21.77 9.91
C GLY G 374 7.62 -21.67 8.61
N MET H 17 -0.12 -19.66 40.78
CA MET H 17 -0.03 -20.39 39.51
C MET H 17 -1.24 -20.09 38.61
N LEU H 18 -0.95 -19.91 37.32
CA LEU H 18 -1.89 -19.56 36.24
C LEU H 18 -2.94 -20.64 35.97
N THR H 19 -4.21 -20.22 36.02
CA THR H 19 -5.35 -21.06 35.75
C THR H 19 -5.81 -20.85 34.30
N ILE H 20 -5.36 -21.75 33.40
CA ILE H 20 -5.80 -21.80 32.01
C ILE H 20 -6.81 -22.94 31.99
N VAL H 21 -8.09 -22.58 31.88
CA VAL H 21 -9.24 -23.49 31.89
C VAL H 21 -9.19 -24.46 30.69
N GLN H 22 -8.83 -23.92 29.51
CA GLN H 22 -8.72 -24.66 28.26
C GLN H 22 -8.10 -23.77 27.17
N GLU H 23 -7.79 -24.36 26.01
CA GLU H 23 -7.41 -23.62 24.83
C GLU H 23 -8.77 -23.46 24.14
N ALA H 24 -9.28 -22.23 24.09
CA ALA H 24 -10.60 -21.92 23.56
C ALA H 24 -10.57 -21.62 22.09
N LEU H 25 -11.60 -22.13 21.37
CA LEU H 25 -11.69 -22.06 19.91
C LEU H 25 -12.75 -21.13 19.38
N THR H 26 -12.43 -20.47 18.27
CA THR H 26 -13.36 -19.63 17.54
C THR H 26 -13.74 -20.35 16.23
N PHE H 27 -14.62 -19.75 15.39
CA PHE H 27 -15.07 -20.30 14.11
C PHE H 27 -13.93 -20.69 13.18
N ASP H 28 -12.93 -19.81 13.01
CA ASP H 28 -11.77 -20.03 12.14
C ASP H 28 -10.81 -21.13 12.61
N ASP H 29 -10.96 -21.61 13.83
CA ASP H 29 -10.12 -22.67 14.37
C ASP H 29 -10.56 -24.05 13.96
N VAL H 30 -11.82 -24.18 13.52
CA VAL H 30 -12.45 -25.46 13.22
C VAL H 30 -13.08 -25.55 11.84
N LEU H 31 -13.29 -26.78 11.37
CA LEU H 31 -14.01 -27.09 10.14
C LEU H 31 -14.88 -28.31 10.43
N LEU H 32 -16.07 -28.32 9.86
CA LEU H 32 -16.97 -29.46 10.00
C LEU H 32 -16.54 -30.53 9.01
N LEU H 33 -16.66 -31.79 9.40
CA LEU H 33 -16.28 -32.89 8.53
C LEU H 33 -17.46 -33.43 7.72
N PRO H 34 -17.28 -33.75 6.43
CA PRO H 34 -18.38 -34.38 5.69
C PRO H 34 -18.63 -35.81 6.20
N ALA H 35 -19.88 -36.27 6.11
CA ALA H 35 -20.29 -37.59 6.61
C ALA H 35 -21.20 -38.29 5.58
N TYR H 36 -21.60 -39.55 5.89
CA TYR H 36 -22.51 -40.30 5.03
C TYR H 36 -23.83 -39.52 4.94
N SER H 37 -24.32 -39.30 3.71
CA SER H 37 -25.49 -38.47 3.47
C SER H 37 -26.50 -39.05 2.48
N THR H 38 -27.78 -39.01 2.85
CA THR H 38 -28.90 -39.44 1.98
C THR H 38 -29.86 -38.28 1.77
N VAL H 39 -29.54 -37.12 2.36
CA VAL H 39 -30.40 -35.94 2.28
C VAL H 39 -29.73 -34.85 1.46
N LEU H 40 -30.50 -34.30 0.52
CA LEU H 40 -30.01 -33.25 -0.34
C LEU H 40 -30.28 -31.93 0.33
N PRO H 41 -29.41 -30.90 0.11
CA PRO H 41 -29.65 -29.58 0.70
C PRO H 41 -31.07 -29.01 0.56
N LYS H 42 -31.74 -29.21 -0.59
CA LYS H 42 -33.10 -28.71 -0.85
C LYS H 42 -34.17 -29.31 0.07
N ASP H 43 -33.96 -30.53 0.58
CA ASP H 43 -34.94 -31.29 1.38
C ASP H 43 -34.74 -31.20 2.87
N VAL H 44 -33.72 -30.48 3.28
CA VAL H 44 -33.31 -30.32 4.65
C VAL H 44 -34.30 -29.40 5.42
N SER H 45 -34.51 -29.69 6.71
CA SER H 45 -35.38 -28.86 7.55
C SER H 45 -34.50 -27.92 8.39
N LEU H 46 -34.81 -26.63 8.34
CA LEU H 46 -34.11 -25.57 9.07
C LEU H 46 -34.89 -25.13 10.34
N LYS H 47 -35.97 -25.83 10.65
CA LYS H 47 -36.82 -25.56 11.82
C LYS H 47 -36.01 -25.84 13.11
N THR H 48 -36.11 -24.94 14.08
CA THR H 48 -35.39 -25.00 15.34
C THR H 48 -36.20 -24.30 16.44
N ARG H 49 -35.66 -24.24 17.67
CA ARG H 49 -36.32 -23.54 18.75
C ARG H 49 -35.51 -22.36 19.23
N LEU H 50 -36.20 -21.21 19.41
CA LEU H 50 -35.62 -19.98 19.94
C LEU H 50 -35.49 -20.10 21.45
N THR H 51 -36.59 -20.50 22.11
CA THR H 51 -36.73 -20.70 23.55
C THR H 51 -37.37 -22.08 23.70
N ARG H 52 -37.59 -22.57 24.93
CA ARG H 52 -38.24 -23.89 25.08
C ARG H 52 -39.68 -23.88 24.55
N GLY H 53 -40.35 -22.72 24.57
CA GLY H 53 -41.71 -22.55 24.10
C GLY H 53 -41.88 -22.00 22.70
N ILE H 54 -40.88 -21.24 22.17
CA ILE H 54 -40.96 -20.64 20.83
C ILE H 54 -40.11 -21.38 19.79
N TYR H 55 -40.73 -21.79 18.67
CA TYR H 55 -40.05 -22.43 17.56
C TYR H 55 -39.95 -21.48 16.37
N LEU H 56 -38.83 -21.56 15.63
CA LEU H 56 -38.56 -20.76 14.45
C LEU H 56 -38.50 -21.70 13.24
N ASN H 57 -38.71 -21.16 12.02
CA ASN H 57 -38.62 -21.95 10.79
C ASN H 57 -37.23 -21.90 10.20
N ILE H 58 -36.41 -20.91 10.61
CA ILE H 58 -35.00 -20.74 10.23
C ILE H 58 -34.21 -20.36 11.53
N PRO H 59 -32.95 -20.82 11.73
CA PRO H 59 -32.24 -20.48 12.98
C PRO H 59 -31.64 -19.06 13.06
N LEU H 60 -32.32 -18.07 12.49
CA LEU H 60 -31.79 -16.72 12.44
C LEU H 60 -32.56 -15.73 13.29
N VAL H 61 -31.81 -14.91 14.06
CA VAL H 61 -32.36 -13.88 14.96
C VAL H 61 -31.61 -12.57 14.66
N SER H 62 -32.35 -11.45 14.50
CA SER H 62 -31.69 -10.15 14.28
C SER H 62 -31.38 -9.48 15.62
N ALA H 63 -30.17 -8.91 15.73
CA ALA H 63 -29.64 -8.27 16.94
C ALA H 63 -30.46 -7.09 17.48
N ALA H 64 -30.54 -6.96 18.82
CA ALA H 64 -31.24 -5.86 19.49
C ALA H 64 -30.32 -4.62 19.48
N MET H 65 -30.17 -4.02 18.28
CA MET H 65 -29.29 -2.87 18.03
C MET H 65 -30.03 -1.79 17.27
N ASP H 66 -29.81 -0.51 17.65
CA ASP H 66 -30.48 0.64 17.04
C ASP H 66 -30.09 0.87 15.57
N THR H 67 -29.15 0.08 15.03
CA THR H 67 -28.76 0.12 13.61
C THR H 67 -29.09 -1.24 12.90
N VAL H 68 -29.79 -2.15 13.60
CA VAL H 68 -30.17 -3.47 13.07
C VAL H 68 -31.70 -3.74 13.16
N THR H 69 -32.30 -3.68 14.39
CA THR H 69 -33.72 -4.07 14.52
C THR H 69 -34.68 -3.08 15.16
N GLU H 70 -35.65 -2.67 14.34
CA GLU H 70 -36.82 -1.92 14.71
C GLU H 70 -37.97 -2.71 14.04
N SER H 71 -39.24 -2.24 14.12
CA SER H 71 -40.40 -2.99 13.60
C SER H 71 -40.22 -3.49 12.15
N ARG H 72 -39.63 -2.66 11.25
CA ARG H 72 -39.41 -3.02 9.84
C ARG H 72 -38.59 -4.31 9.68
N MET H 73 -37.44 -4.40 10.41
CA MET H 73 -36.57 -5.56 10.38
C MET H 73 -37.26 -6.75 11.06
N ALA H 74 -37.92 -6.52 12.22
CA ALA H 74 -38.62 -7.58 12.95
C ALA H 74 -39.72 -8.24 12.09
N ILE H 75 -40.46 -7.44 11.26
CA ILE H 75 -41.51 -7.95 10.37
C ILE H 75 -40.87 -8.84 9.30
N ALA H 76 -39.83 -8.33 8.60
CA ALA H 76 -39.08 -9.05 7.57
C ALA H 76 -38.45 -10.34 8.14
N MET H 77 -37.89 -10.29 9.37
CA MET H 77 -37.31 -11.46 10.05
C MET H 77 -38.36 -12.55 10.27
N ALA H 78 -39.53 -12.19 10.87
CA ALA H 78 -40.65 -13.10 11.13
C ALA H 78 -41.26 -13.69 9.86
N GLN H 79 -41.37 -12.88 8.78
CA GLN H 79 -41.89 -13.33 7.48
C GLN H 79 -41.01 -14.40 6.83
N ASN H 80 -39.68 -14.32 7.07
CA ASN H 80 -38.67 -15.26 6.57
C ASN H 80 -38.51 -16.51 7.45
N GLY H 81 -39.23 -16.56 8.57
CA GLY H 81 -39.23 -17.71 9.47
C GLY H 81 -38.45 -17.56 10.75
N GLY H 82 -37.76 -16.44 10.89
CA GLY H 82 -36.94 -16.10 12.05
C GLY H 82 -37.67 -15.15 12.99
N ILE H 83 -36.91 -14.39 13.77
CA ILE H 83 -37.45 -13.45 14.74
C ILE H 83 -36.51 -12.24 14.88
N GLY H 84 -37.11 -11.09 15.15
CA GLY H 84 -36.36 -9.87 15.43
C GLY H 84 -36.45 -9.54 16.91
N ILE H 85 -35.36 -9.00 17.48
CA ILE H 85 -35.34 -8.55 18.88
C ILE H 85 -35.25 -7.03 18.81
N LEU H 86 -36.35 -6.32 19.13
CA LEU H 86 -36.39 -4.86 19.11
C LEU H 86 -35.45 -4.29 20.14
N HIS H 87 -34.62 -3.31 19.72
CA HIS H 87 -33.67 -2.66 20.63
C HIS H 87 -34.35 -1.85 21.75
N LYS H 88 -33.65 -1.67 22.87
CA LYS H 88 -34.16 -0.96 24.06
C LYS H 88 -33.73 0.53 24.11
N ASN H 89 -33.08 1.04 23.04
CA ASN H 89 -32.61 2.41 22.99
C ASN H 89 -33.72 3.34 22.47
N MET H 90 -34.89 3.26 23.14
CA MET H 90 -36.12 4.03 22.93
C MET H 90 -36.98 3.99 24.20
N ASP H 91 -37.89 4.97 24.36
CA ASP H 91 -38.74 5.03 25.56
C ASP H 91 -39.79 3.91 25.54
N ILE H 92 -40.31 3.58 26.74
CA ILE H 92 -41.26 2.49 27.00
C ILE H 92 -42.40 2.48 25.99
N ALA H 93 -43.01 3.65 25.75
CA ALA H 93 -44.12 3.82 24.82
C ALA H 93 -43.72 3.54 23.36
N ALA H 94 -42.55 4.06 22.93
CA ALA H 94 -42.03 3.87 21.56
C ALA H 94 -41.77 2.40 21.30
N GLN H 95 -41.18 1.68 22.29
CA GLN H 95 -40.89 0.26 22.17
C GLN H 95 -42.14 -0.59 22.09
N ALA H 96 -43.16 -0.29 22.94
CA ALA H 96 -44.46 -0.98 22.98
C ALA H 96 -45.20 -0.78 21.65
N ALA H 97 -45.08 0.43 21.05
CA ALA H 97 -45.66 0.78 19.73
C ALA H 97 -45.02 -0.07 18.63
N GLU H 98 -43.72 -0.38 18.76
CA GLU H 98 -42.95 -1.23 17.82
C GLU H 98 -43.39 -2.67 17.91
N VAL H 99 -43.64 -3.18 19.15
CA VAL H 99 -44.14 -4.55 19.37
C VAL H 99 -45.52 -4.68 18.68
N ARG H 100 -46.42 -3.70 18.91
CA ARG H 100 -47.78 -3.73 18.33
C ARG H 100 -47.76 -3.66 16.84
N ARG H 101 -46.89 -2.83 16.26
CA ARG H 101 -46.69 -2.68 14.82
C ARG H 101 -46.41 -4.05 14.14
N VAL H 102 -45.62 -4.92 14.81
CA VAL H 102 -45.25 -6.26 14.31
C VAL H 102 -46.41 -7.22 14.52
N LYS H 103 -47.01 -7.23 15.72
CA LYS H 103 -48.13 -8.11 16.10
C LYS H 103 -49.40 -7.86 15.27
N LYS H 104 -49.67 -6.61 14.87
CA LYS H 104 -50.85 -6.22 14.09
C LYS H 104 -50.61 -6.23 12.58
N PHE H 105 -49.35 -6.45 12.14
CA PHE H 105 -49.01 -6.46 10.71
C PHE H 105 -49.74 -7.56 9.96
N GLU H 106 -50.34 -7.20 8.82
CA GLU H 106 -51.04 -8.09 7.90
C GLU H 106 -50.50 -7.85 6.48
N ALA H 107 -50.17 -8.94 5.76
CA ALA H 107 -49.64 -8.88 4.39
C ALA H 107 -50.78 -8.83 3.32
N GLY H 108 -50.39 -8.60 2.05
CA GLY H 108 -51.31 -8.51 0.92
C GLY H 108 -51.95 -9.82 0.52
N TYR H 113 -45.52 -15.27 1.98
CA TYR H 113 -44.57 -15.71 3.02
C TYR H 113 -45.08 -16.98 3.73
N PRO H 114 -44.86 -18.17 3.12
CA PRO H 114 -45.41 -19.41 3.73
C PRO H 114 -44.61 -19.90 4.94
N ASN H 115 -43.31 -19.51 5.03
CA ASN H 115 -42.46 -19.90 6.14
C ASN H 115 -42.52 -18.95 7.32
N SER H 116 -43.51 -18.04 7.36
CA SER H 116 -43.72 -17.07 8.44
C SER H 116 -43.70 -17.70 9.82
N CYS H 117 -43.00 -17.05 10.74
CA CYS H 117 -42.93 -17.48 12.14
C CYS H 117 -44.01 -16.68 12.90
N LYS H 118 -45.08 -17.37 13.27
CA LYS H 118 -46.27 -16.79 13.92
C LYS H 118 -46.61 -17.45 15.25
N ASP H 119 -47.36 -16.74 16.09
CA ASP H 119 -47.87 -17.24 17.37
C ASP H 119 -49.16 -18.10 17.14
N ASP H 120 -49.81 -18.56 18.23
CA ASP H 120 -51.04 -19.35 18.19
C ASP H 120 -52.22 -18.63 17.55
N LEU H 121 -52.20 -17.29 17.61
CA LEU H 121 -53.20 -16.37 17.05
C LEU H 121 -52.93 -15.99 15.58
N GLY H 122 -51.89 -16.58 14.99
CA GLY H 122 -51.48 -16.32 13.61
C GLY H 122 -50.80 -14.98 13.38
N ARG H 123 -50.34 -14.31 14.45
CA ARG H 123 -49.65 -13.02 14.36
C ARG H 123 -48.14 -13.25 14.26
N LEU H 124 -47.41 -12.36 13.55
CA LEU H 124 -45.96 -12.43 13.42
C LEU H 124 -45.32 -12.34 14.80
N ARG H 125 -44.32 -13.19 15.06
CA ARG H 125 -43.59 -13.21 16.33
C ARG H 125 -42.58 -12.05 16.39
N VAL H 126 -42.33 -11.55 17.63
CA VAL H 126 -41.38 -10.49 17.93
C VAL H 126 -40.84 -10.63 19.37
N GLY H 127 -39.62 -10.12 19.58
CA GLY H 127 -38.97 -10.04 20.87
C GLY H 127 -38.59 -8.61 21.13
N ALA H 128 -38.30 -8.27 22.40
CA ALA H 128 -37.88 -6.93 22.79
C ALA H 128 -36.85 -7.04 23.90
N ALA H 129 -35.83 -6.17 23.85
CA ALA H 129 -34.77 -6.11 24.83
C ALA H 129 -35.15 -5.22 25.97
N VAL H 130 -34.70 -5.59 27.19
CA VAL H 130 -34.83 -4.82 28.44
C VAL H 130 -33.48 -4.85 29.16
N GLY H 131 -33.24 -3.83 29.98
CA GLY H 131 -32.03 -3.73 30.79
C GLY H 131 -32.31 -4.19 32.21
N THR H 132 -31.57 -3.66 33.19
CA THR H 132 -31.77 -4.02 34.60
C THR H 132 -32.10 -2.76 35.42
N GLY H 133 -32.04 -1.59 34.77
CA GLY H 133 -32.34 -0.27 35.32
C GLY H 133 -33.74 -0.09 35.87
N ALA H 134 -33.98 1.09 36.45
CA ALA H 134 -35.22 1.47 37.12
C ALA H 134 -36.50 1.39 36.29
N ASP H 135 -36.44 1.71 34.97
CA ASP H 135 -37.61 1.68 34.09
C ASP H 135 -38.04 0.27 33.62
N THR H 136 -37.21 -0.77 33.90
CA THR H 136 -37.42 -2.17 33.48
C THR H 136 -38.79 -2.71 33.90
N PRO H 137 -39.21 -2.67 35.21
CA PRO H 137 -40.55 -3.21 35.55
C PRO H 137 -41.69 -2.65 34.69
N SER H 138 -41.68 -1.33 34.41
CA SER H 138 -42.68 -0.64 33.58
C SER H 138 -42.53 -1.03 32.12
N ARG H 139 -41.26 -1.15 31.65
CA ARG H 139 -40.93 -1.54 30.28
C ARG H 139 -41.46 -2.95 30.02
N VAL H 140 -41.13 -3.93 30.89
CA VAL H 140 -41.58 -5.34 30.77
C VAL H 140 -43.09 -5.41 30.68
N GLU H 141 -43.80 -4.72 31.61
CA GLU H 141 -45.25 -4.70 31.67
C GLU H 141 -45.87 -4.15 30.37
N ALA H 142 -45.32 -3.05 29.82
CA ALA H 142 -45.82 -2.43 28.58
C ALA H 142 -45.59 -3.36 27.37
N LEU H 143 -44.44 -4.04 27.33
CA LEU H 143 -44.12 -4.95 26.23
C LEU H 143 -44.98 -6.21 26.26
N VAL H 144 -45.25 -6.77 27.46
CA VAL H 144 -46.11 -7.95 27.65
C VAL H 144 -47.55 -7.62 27.22
N GLU H 145 -48.04 -6.44 27.64
CA GLU H 145 -49.37 -5.91 27.30
C GLU H 145 -49.51 -5.71 25.78
N ALA H 146 -48.42 -5.27 25.09
CA ALA H 146 -48.38 -5.05 23.66
C ALA H 146 -48.35 -6.37 22.87
N GLY H 147 -48.21 -7.50 23.58
CA GLY H 147 -48.23 -8.83 23.00
C GLY H 147 -46.89 -9.44 22.61
N VAL H 148 -45.75 -8.90 23.14
CA VAL H 148 -44.39 -9.40 22.88
C VAL H 148 -44.33 -10.91 23.19
N ASP H 149 -43.67 -11.66 22.32
CA ASP H 149 -43.57 -13.12 22.48
C ASP H 149 -42.50 -13.51 23.45
N VAL H 150 -41.40 -12.72 23.47
CA VAL H 150 -40.23 -12.97 24.31
C VAL H 150 -39.56 -11.68 24.81
N ILE H 151 -39.25 -11.65 26.12
CA ILE H 151 -38.50 -10.57 26.76
C ILE H 151 -37.05 -11.03 26.78
N VAL H 152 -36.13 -10.18 26.29
CA VAL H 152 -34.69 -10.48 26.28
C VAL H 152 -34.02 -9.54 27.30
N VAL H 153 -33.57 -10.08 28.45
CA VAL H 153 -32.84 -9.29 29.46
C VAL H 153 -31.43 -9.21 28.87
N ASP H 154 -31.19 -8.11 28.15
CA ASP H 154 -30.02 -7.83 27.31
C ASP H 154 -28.92 -6.99 27.97
N THR H 155 -27.80 -7.66 28.30
CA THR H 155 -26.64 -7.06 28.94
C THR H 155 -25.32 -7.65 28.43
N ALA H 156 -24.19 -7.02 28.81
CA ALA H 156 -22.84 -7.45 28.50
C ALA H 156 -22.43 -8.61 29.42
N HIS H 157 -23.10 -8.78 30.58
CA HIS H 157 -22.76 -9.77 31.59
C HIS H 157 -23.99 -10.40 32.27
N GLY H 158 -24.48 -11.50 31.72
CA GLY H 158 -25.64 -12.23 32.25
C GLY H 158 -25.35 -13.06 33.48
N HIS H 159 -24.06 -13.22 33.81
CA HIS H 159 -23.66 -13.94 35.03
C HIS H 159 -23.61 -12.98 36.23
N SER H 160 -24.09 -11.72 36.06
CA SER H 160 -24.20 -10.74 37.15
C SER H 160 -25.49 -11.01 37.90
N ALA H 161 -25.46 -10.89 39.26
CA ALA H 161 -26.61 -11.06 40.13
C ALA H 161 -27.82 -10.23 39.65
N GLY H 162 -27.57 -9.01 39.18
CA GLY H 162 -28.58 -8.09 38.63
C GLY H 162 -29.38 -8.65 37.48
N VAL H 163 -28.71 -9.38 36.55
CA VAL H 163 -29.39 -10.00 35.40
C VAL H 163 -30.12 -11.29 35.83
N ILE H 164 -29.50 -12.12 36.70
CA ILE H 164 -30.08 -13.37 37.20
C ILE H 164 -31.37 -13.02 37.94
N GLU H 165 -31.30 -12.00 38.80
CA GLU H 165 -32.46 -11.52 39.56
C GLU H 165 -33.56 -10.91 38.69
N ARG H 166 -33.20 -10.21 37.60
CA ARG H 166 -34.19 -9.64 36.69
C ARG H 166 -34.86 -10.72 35.84
N VAL H 167 -34.11 -11.78 35.44
CA VAL H 167 -34.67 -12.92 34.69
C VAL H 167 -35.74 -13.60 35.57
N ARG H 168 -35.41 -13.86 36.86
CA ARG H 168 -36.29 -14.48 37.87
C ARG H 168 -37.56 -13.67 38.03
N TRP H 169 -37.44 -12.35 38.19
CA TRP H 169 -38.54 -11.42 38.34
C TRP H 169 -39.49 -11.49 37.14
N VAL H 170 -38.95 -11.47 35.90
CA VAL H 170 -39.76 -11.55 34.67
C VAL H 170 -40.55 -12.86 34.61
N LYS H 171 -39.90 -14.00 34.94
CA LYS H 171 -40.53 -15.33 34.93
C LYS H 171 -41.64 -15.48 35.99
N GLN H 172 -41.40 -14.97 37.21
CA GLN H 172 -42.35 -15.04 38.32
C GLN H 172 -43.54 -14.09 38.13
N ASN H 173 -43.27 -12.86 37.64
CA ASN H 173 -44.32 -11.86 37.46
C ASN H 173 -45.06 -11.93 36.13
N PHE H 174 -44.42 -12.47 35.07
CA PHE H 174 -45.01 -12.58 33.73
C PHE H 174 -44.78 -13.98 33.16
N PRO H 175 -45.35 -15.05 33.76
CA PRO H 175 -45.13 -16.41 33.23
C PRO H 175 -45.66 -16.66 31.81
N GLN H 176 -46.59 -15.81 31.35
CA GLN H 176 -47.20 -15.88 30.01
C GLN H 176 -46.24 -15.48 28.86
N VAL H 177 -45.09 -14.85 29.19
CA VAL H 177 -44.09 -14.43 28.21
C VAL H 177 -42.85 -15.31 28.35
N GLN H 178 -42.13 -15.55 27.23
CA GLN H 178 -40.88 -16.30 27.27
C GLN H 178 -39.78 -15.30 27.64
N VAL H 179 -38.74 -15.75 28.36
CA VAL H 179 -37.65 -14.85 28.78
C VAL H 179 -36.26 -15.44 28.43
N ILE H 180 -35.38 -14.60 27.86
CA ILE H 180 -33.99 -14.93 27.52
C ILE H 180 -33.10 -14.09 28.42
N GLY H 181 -32.00 -14.70 28.88
CA GLY H 181 -30.98 -14.06 29.69
C GLY H 181 -29.63 -14.14 29.00
N GLY H 182 -28.82 -13.11 29.20
CA GLY H 182 -27.49 -13.05 28.63
C GLY H 182 -26.83 -11.70 28.83
N ASN H 183 -25.63 -11.48 28.25
CA ASN H 183 -24.88 -12.47 27.47
C ASN H 183 -23.97 -13.28 28.36
N ILE H 184 -23.73 -14.55 27.97
CA ILE H 184 -22.90 -15.48 28.73
C ILE H 184 -21.86 -16.18 27.85
N ALA H 185 -20.87 -16.81 28.49
CA ALA H 185 -19.80 -17.49 27.77
C ALA H 185 -19.41 -18.81 28.46
N THR H 186 -20.00 -19.11 29.64
CA THR H 186 -19.64 -20.34 30.38
C THR H 186 -20.87 -21.15 30.76
N GLY H 187 -20.65 -22.43 31.07
CA GLY H 187 -21.66 -23.36 31.53
C GLY H 187 -22.24 -23.00 32.88
N ASP H 188 -21.39 -22.48 33.81
CA ASP H 188 -21.81 -22.01 35.12
C ASP H 188 -22.83 -20.89 35.01
N ALA H 189 -22.62 -19.96 34.06
CA ALA H 189 -23.50 -18.82 33.80
C ALA H 189 -24.84 -19.32 33.27
N ALA H 190 -24.82 -20.31 32.36
CA ALA H 190 -26.01 -20.97 31.76
C ALA H 190 -26.89 -21.63 32.84
N LEU H 191 -26.25 -22.39 33.76
CA LEU H 191 -26.91 -23.07 34.88
C LEU H 191 -27.54 -22.05 35.82
N ALA H 192 -26.85 -20.91 36.07
CA ALA H 192 -27.38 -19.85 36.92
C ALA H 192 -28.66 -19.25 36.31
N LEU H 193 -28.64 -18.98 35.00
CA LEU H 193 -29.79 -18.44 34.27
C LEU H 193 -30.92 -19.48 34.14
N LEU H 194 -30.58 -20.78 34.03
CA LEU H 194 -31.54 -21.88 33.96
C LEU H 194 -32.30 -21.97 35.29
N ASP H 195 -31.58 -21.87 36.41
CA ASP H 195 -32.17 -21.92 37.75
C ASP H 195 -33.07 -20.68 38.00
N ALA H 196 -32.71 -19.52 37.41
CA ALA H 196 -33.48 -18.27 37.50
C ALA H 196 -34.82 -18.37 36.72
N GLY H 197 -34.92 -19.31 35.79
CA GLY H 197 -36.13 -19.54 35.02
C GLY H 197 -36.10 -19.15 33.56
N ALA H 198 -34.90 -18.83 33.02
CA ALA H 198 -34.73 -18.45 31.61
C ALA H 198 -35.21 -19.57 30.71
N ASP H 199 -35.82 -19.22 29.59
CA ASP H 199 -36.35 -20.15 28.59
C ASP H 199 -35.35 -20.43 27.49
N ALA H 200 -34.25 -19.64 27.48
CA ALA H 200 -33.12 -19.71 26.57
C ALA H 200 -32.04 -18.84 27.14
N VAL H 201 -30.79 -19.05 26.70
CA VAL H 201 -29.66 -18.23 27.10
C VAL H 201 -29.00 -17.67 25.85
N LYS H 202 -28.45 -16.46 25.93
CA LYS H 202 -27.78 -15.87 24.79
C LYS H 202 -26.26 -15.90 25.04
N VAL H 203 -25.51 -16.54 24.11
CA VAL H 203 -24.08 -16.76 24.24
C VAL H 203 -23.26 -15.79 23.40
N GLY H 204 -22.33 -15.08 24.03
CA GLY H 204 -21.46 -14.18 23.30
C GLY H 204 -20.85 -13.06 24.10
N ILE H 205 -19.62 -13.31 24.62
CA ILE H 205 -18.81 -12.35 25.36
C ILE H 205 -17.47 -12.25 24.62
N GLY H 206 -17.39 -11.26 23.74
CA GLY H 206 -16.21 -10.98 22.92
C GLY H 206 -16.25 -11.28 21.43
N PRO H 207 -17.21 -12.04 20.84
CA PRO H 207 -17.08 -12.35 19.41
C PRO H 207 -17.59 -11.28 18.42
N GLY H 208 -18.42 -10.34 18.87
CA GLY H 208 -19.00 -9.28 18.05
C GLY H 208 -18.02 -8.55 17.16
N SER H 209 -18.42 -8.22 15.91
CA SER H 209 -17.58 -7.51 14.94
C SER H 209 -17.19 -6.10 15.42
N ILE H 210 -18.10 -5.44 16.15
CA ILE H 210 -17.93 -4.08 16.72
C ILE H 210 -17.53 -4.12 18.22
N CYS H 211 -17.20 -5.31 18.75
CA CYS H 211 -16.81 -5.54 20.15
C CYS H 211 -15.37 -5.12 20.46
N THR H 212 -15.17 -4.33 21.54
CA THR H 212 -13.85 -3.95 22.03
C THR H 212 -13.68 -4.38 23.50
N THR H 213 -14.60 -5.24 24.01
CA THR H 213 -14.58 -5.81 25.38
C THR H 213 -13.25 -6.51 25.65
N ARG H 214 -12.73 -7.27 24.67
CA ARG H 214 -11.44 -7.98 24.77
C ARG H 214 -10.27 -7.02 24.95
N ILE H 215 -10.33 -5.85 24.33
CA ILE H 215 -9.27 -4.82 24.37
C ILE H 215 -9.41 -3.99 25.66
N VAL H 216 -10.63 -3.53 25.93
CA VAL H 216 -10.98 -2.69 27.08
C VAL H 216 -10.85 -3.46 28.44
N ALA H 217 -11.47 -4.64 28.54
CA ALA H 217 -11.51 -5.42 29.78
C ALA H 217 -10.60 -6.67 29.79
N GLY H 218 -10.14 -7.10 28.62
CA GLY H 218 -9.28 -8.30 28.50
C GLY H 218 -10.08 -9.56 28.77
N ILE H 219 -11.40 -9.44 28.61
CA ILE H 219 -12.45 -10.41 28.87
C ILE H 219 -12.98 -10.97 27.56
N GLY H 220 -13.27 -12.27 27.57
CA GLY H 220 -13.82 -12.91 26.39
C GLY H 220 -13.69 -14.41 26.38
N MET H 221 -14.39 -14.98 25.42
CA MET H 221 -14.40 -16.41 25.22
C MET H 221 -14.63 -16.70 23.73
N PRO H 222 -13.60 -17.27 23.03
CA PRO H 222 -13.81 -17.66 21.60
C PRO H 222 -15.11 -18.47 21.46
N GLN H 223 -15.95 -18.04 20.51
CA GLN H 223 -17.34 -18.44 20.32
C GLN H 223 -17.64 -19.95 20.24
N ILE H 224 -16.81 -20.77 19.56
CA ILE H 224 -17.06 -22.21 19.46
C ILE H 224 -17.00 -22.86 20.84
N SER H 225 -16.02 -22.44 21.65
CA SER H 225 -15.81 -22.94 23.01
C SER H 225 -16.88 -22.42 23.98
N ALA H 226 -17.39 -21.18 23.74
CA ALA H 226 -18.45 -20.57 24.53
C ALA H 226 -19.72 -21.38 24.32
N ILE H 227 -20.08 -21.65 23.03
CA ILE H 227 -21.24 -22.46 22.66
C ILE H 227 -21.15 -23.85 23.29
N ASP H 228 -19.97 -24.48 23.17
CA ASP H 228 -19.71 -25.81 23.72
C ASP H 228 -19.90 -25.86 25.24
N SER H 229 -19.27 -24.93 25.97
CA SER H 229 -19.34 -24.82 27.43
C SER H 229 -20.80 -24.74 27.91
N VAL H 230 -21.59 -23.88 27.25
CA VAL H 230 -22.99 -23.62 27.55
C VAL H 230 -23.87 -24.84 27.19
N ALA H 231 -23.77 -25.35 25.95
CA ALA H 231 -24.55 -26.51 25.49
C ALA H 231 -24.31 -27.77 26.33
N SER H 232 -23.05 -28.00 26.74
CA SER H 232 -22.68 -29.16 27.56
C SER H 232 -23.30 -29.10 28.95
N ALA H 233 -23.39 -27.88 29.55
CA ALA H 233 -23.96 -27.69 30.88
C ALA H 233 -25.49 -27.83 30.84
N LEU H 234 -26.13 -27.24 29.81
CA LEU H 234 -27.60 -27.20 29.66
C LEU H 234 -28.23 -28.54 29.39
N LYS H 235 -27.54 -29.43 28.67
CA LYS H 235 -28.03 -30.78 28.33
C LYS H 235 -29.42 -30.73 27.71
N ASP H 236 -29.61 -29.75 26.79
CA ASP H 236 -30.81 -29.44 26.03
C ASP H 236 -32.05 -29.09 26.88
N GLN H 237 -31.87 -28.65 28.13
CA GLN H 237 -32.99 -28.24 28.99
C GLN H 237 -33.62 -26.97 28.41
N ILE H 238 -32.75 -26.06 27.91
CA ILE H 238 -33.15 -24.82 27.26
C ILE H 238 -32.21 -24.58 26.07
N PRO H 239 -32.68 -24.00 24.94
CA PRO H 239 -31.78 -23.73 23.81
C PRO H 239 -30.88 -22.51 24.06
N LEU H 240 -29.81 -22.37 23.24
CA LEU H 240 -28.91 -21.24 23.32
C LEU H 240 -28.87 -20.51 21.97
N ILE H 241 -28.75 -19.18 22.03
CA ILE H 241 -28.62 -18.32 20.85
C ILE H 241 -27.13 -17.99 20.75
N ALA H 242 -26.47 -18.36 19.64
CA ALA H 242 -25.04 -18.06 19.43
C ALA H 242 -25.03 -16.64 18.87
N ASP H 243 -24.65 -15.69 19.71
CA ASP H 243 -24.68 -14.27 19.43
C ASP H 243 -23.31 -13.60 19.23
N GLY H 244 -23.08 -13.15 18.00
CA GLY H 244 -21.86 -12.43 17.64
C GLY H 244 -20.83 -13.21 16.86
N GLY H 245 -20.12 -12.51 16.00
CA GLY H 245 -19.01 -13.05 15.22
C GLY H 245 -19.31 -13.89 14.00
N ILE H 246 -20.59 -13.91 13.59
CA ILE H 246 -21.01 -14.63 12.39
C ILE H 246 -20.70 -13.71 11.20
N ARG H 247 -19.86 -14.19 10.28
CA ARG H 247 -19.45 -13.44 9.10
C ARG H 247 -19.98 -14.10 7.85
N PHE H 248 -20.03 -15.45 7.84
CA PHE H 248 -20.45 -16.25 6.69
C PHE H 248 -21.42 -17.34 7.12
N SER H 249 -22.08 -17.98 6.12
CA SER H 249 -22.98 -19.10 6.33
C SER H 249 -22.28 -20.33 6.98
N GLY H 250 -20.96 -20.46 6.78
CA GLY H 250 -20.16 -21.52 7.37
C GLY H 250 -20.12 -21.44 8.88
N ASP H 251 -20.03 -20.19 9.40
CA ASP H 251 -20.01 -19.82 10.83
C ASP H 251 -21.29 -20.30 11.53
N MET H 252 -22.44 -20.15 10.86
CA MET H 252 -23.74 -20.57 11.33
C MET H 252 -23.80 -22.09 11.53
N ALA H 253 -23.36 -22.86 10.51
CA ALA H 253 -23.27 -24.32 10.49
C ALA H 253 -22.35 -24.80 11.61
N LYS H 254 -21.21 -24.13 11.78
CA LYS H 254 -20.22 -24.41 12.81
C LYS H 254 -20.82 -24.21 14.21
N ALA H 255 -21.52 -23.08 14.41
CA ALA H 255 -22.20 -22.71 15.66
C ALA H 255 -23.27 -23.74 16.03
N ILE H 256 -24.08 -24.19 15.04
CA ILE H 256 -25.13 -25.21 15.28
C ILE H 256 -24.47 -26.56 15.59
N GLY H 257 -23.42 -26.93 14.86
CA GLY H 257 -22.66 -28.14 15.13
C GLY H 257 -22.06 -28.18 16.52
N ALA H 258 -21.65 -26.98 17.04
CA ALA H 258 -21.08 -26.81 18.39
C ALA H 258 -22.15 -26.83 19.51
N GLY H 259 -23.44 -26.77 19.14
CA GLY H 259 -24.54 -26.84 20.09
C GLY H 259 -25.60 -25.76 20.05
N ALA H 260 -25.42 -24.71 19.21
CA ALA H 260 -26.41 -23.63 19.15
C ALA H 260 -27.69 -24.07 18.50
N SER H 261 -28.84 -23.50 18.95
CA SER H 261 -30.13 -23.79 18.33
C SER H 261 -30.46 -22.68 17.34
N THR H 262 -30.03 -21.45 17.63
CA THR H 262 -30.22 -20.27 16.78
C THR H 262 -28.92 -19.44 16.75
N ILE H 263 -28.87 -18.49 15.84
CA ILE H 263 -27.76 -17.59 15.63
C ILE H 263 -28.26 -16.16 15.60
N MET H 264 -27.61 -15.27 16.37
CA MET H 264 -27.97 -13.85 16.34
C MET H 264 -26.93 -13.09 15.51
N VAL H 265 -27.43 -12.24 14.59
CA VAL H 265 -26.56 -11.46 13.71
C VAL H 265 -26.86 -9.97 13.81
N GLY H 266 -25.81 -9.17 13.78
CA GLY H 266 -25.87 -7.73 13.77
C GLY H 266 -25.36 -7.22 12.44
N SER H 267 -24.04 -7.34 12.20
N SER H 267 -24.05 -7.34 12.21
CA SER H 267 -23.35 -6.86 11.00
CA SER H 267 -23.35 -6.87 11.01
C SER H 267 -23.97 -7.34 9.68
C SER H 267 -23.97 -7.34 9.69
N LEU H 268 -24.28 -8.65 9.58
CA LEU H 268 -24.87 -9.24 8.36
C LEU H 268 -26.20 -8.61 7.93
N LEU H 269 -27.03 -8.16 8.91
CA LEU H 269 -28.31 -7.52 8.63
C LEU H 269 -28.22 -5.98 8.66
N ALA H 270 -27.11 -5.41 9.16
CA ALA H 270 -26.86 -3.97 9.13
C ALA H 270 -26.61 -3.60 7.66
N GLY H 271 -27.17 -2.48 7.20
CA GLY H 271 -26.99 -2.03 5.82
C GLY H 271 -28.04 -2.51 4.85
N THR H 272 -28.95 -3.38 5.30
CA THR H 272 -30.05 -3.84 4.47
C THR H 272 -31.12 -2.74 4.49
N GLU H 273 -32.03 -2.73 3.50
CA GLU H 273 -33.10 -1.74 3.33
C GLU H 273 -33.99 -1.60 4.58
N GLU H 274 -34.28 -2.75 5.28
CA GLU H 274 -35.16 -2.87 6.46
C GLU H 274 -34.53 -2.43 7.80
N ALA H 275 -33.19 -2.46 7.91
CA ALA H 275 -32.50 -2.03 9.12
C ALA H 275 -32.77 -0.52 9.34
N PRO H 276 -32.73 -0.02 10.61
CA PRO H 276 -32.94 1.42 10.82
C PRO H 276 -31.84 2.26 10.19
N GLY H 277 -32.20 3.49 9.85
CA GLY H 277 -31.27 4.44 9.27
C GLY H 277 -31.45 4.69 7.79
N GLU H 278 -31.00 5.86 7.36
CA GLU H 278 -31.07 6.27 5.95
C GLU H 278 -29.74 5.91 5.29
N VAL H 279 -29.77 5.74 3.97
CA VAL H 279 -28.55 5.47 3.22
C VAL H 279 -27.74 6.75 3.03
N GLU H 280 -26.44 6.67 3.27
CA GLU H 280 -25.57 7.83 3.10
C GLU H 280 -24.62 7.64 1.91
N PHE H 281 -24.47 8.71 1.14
CA PHE H 281 -23.60 8.76 -0.02
C PHE H 281 -22.20 9.15 0.47
N PHE H 282 -21.25 8.22 0.42
CA PHE H 282 -19.89 8.48 0.86
C PHE H 282 -18.87 7.93 -0.12
N GLN H 283 -18.08 8.84 -0.75
CA GLN H 283 -17.05 8.54 -1.76
C GLN H 283 -17.65 7.72 -2.92
N GLY H 284 -18.78 8.20 -3.44
CA GLY H 284 -19.52 7.55 -4.52
C GLY H 284 -20.45 6.46 -4.01
N ARG H 285 -19.91 5.50 -3.22
CA ARG H 285 -20.61 4.37 -2.64
C ARG H 285 -21.73 4.74 -1.65
N TYR H 286 -22.68 3.78 -1.43
CA TYR H 286 -23.83 3.90 -0.54
C TYR H 286 -23.61 3.05 0.73
N TYR H 287 -23.85 3.66 1.90
CA TYR H 287 -23.65 3.02 3.21
C TYR H 287 -24.78 3.26 4.20
N LYS H 288 -24.78 2.47 5.29
CA LYS H 288 -25.65 2.66 6.45
C LYS H 288 -24.77 2.59 7.70
N ALA H 289 -25.18 3.29 8.76
CA ALA H 289 -24.45 3.27 10.03
C ALA H 289 -24.62 1.94 10.74
N TYR H 290 -23.55 1.49 11.38
CA TYR H 290 -23.54 0.29 12.21
C TYR H 290 -22.69 0.59 13.42
N ARG H 291 -23.26 0.47 14.63
CA ARG H 291 -22.53 0.76 15.86
C ARG H 291 -22.88 -0.18 16.99
N GLY H 292 -21.90 -0.43 17.87
CA GLY H 292 -22.11 -1.22 19.08
C GLY H 292 -23.05 -0.50 20.02
N MET H 293 -23.76 -1.25 20.87
CA MET H 293 -24.69 -0.63 21.84
C MET H 293 -23.94 -0.02 23.04
N GLY H 294 -22.67 -0.38 23.19
CA GLY H 294 -21.77 0.13 24.21
C GLY H 294 -20.76 1.08 23.62
N SER H 295 -21.06 1.65 22.45
CA SER H 295 -20.20 2.64 21.80
C SER H 295 -20.54 4.02 22.37
N LEU H 296 -19.67 5.03 22.19
CA LEU H 296 -19.90 6.39 22.67
C LEU H 296 -21.24 6.96 22.20
N GLY H 297 -21.48 6.90 20.88
CA GLY H 297 -22.72 7.37 20.27
C GLY H 297 -23.98 6.73 20.80
N ALA H 298 -23.98 5.37 20.94
CA ALA H 298 -25.13 4.61 21.45
C ALA H 298 -25.41 4.88 22.93
N MET H 299 -24.34 5.06 23.75
CA MET H 299 -24.45 5.33 25.19
C MET H 299 -24.97 6.76 25.47
N ALA H 300 -24.65 7.72 24.58
CA ALA H 300 -25.07 9.13 24.66
C ALA H 300 -26.32 9.38 23.84
N LEU H 320 -19.59 4.14 32.41
CA LEU H 320 -18.72 3.08 31.89
C LEU H 320 -17.94 3.52 30.66
N VAL H 321 -16.70 3.04 30.51
CA VAL H 321 -15.86 3.31 29.33
C VAL H 321 -16.52 2.55 28.11
N PRO H 322 -16.52 3.11 26.87
CA PRO H 322 -17.14 2.39 25.73
C PRO H 322 -16.50 1.02 25.46
N GLU H 323 -17.35 0.05 25.04
CA GLU H 323 -16.88 -1.29 24.72
C GLU H 323 -17.26 -1.72 23.32
N GLY H 324 -17.62 -0.76 22.50
CA GLY H 324 -17.99 -0.97 21.10
C GLY H 324 -17.55 0.17 20.23
N ILE H 325 -17.46 -0.09 18.93
CA ILE H 325 -17.07 0.92 17.93
C ILE H 325 -18.26 1.33 17.05
N GLU H 326 -18.14 2.51 16.42
CA GLU H 326 -19.15 3.06 15.52
C GLU H 326 -18.54 3.04 14.12
N GLY H 327 -19.34 2.68 13.13
CA GLY H 327 -18.89 2.63 11.75
C GLY H 327 -19.99 2.71 10.71
N ARG H 328 -19.59 2.46 9.46
CA ARG H 328 -20.42 2.40 8.27
C ARG H 328 -20.29 1.02 7.68
N VAL H 329 -21.39 0.49 7.16
CA VAL H 329 -21.40 -0.79 6.48
C VAL H 329 -22.00 -0.54 5.08
N PRO H 330 -21.59 -1.27 4.02
CA PRO H 330 -22.16 -1.01 2.68
C PRO H 330 -23.66 -1.32 2.63
N TYR H 331 -24.41 -0.57 1.76
CA TYR H 331 -25.83 -0.80 1.55
C TYR H 331 -25.97 -2.19 0.89
N LYS H 332 -26.78 -3.07 1.48
CA LYS H 332 -26.96 -4.44 1.00
C LYS H 332 -28.26 -4.69 0.21
N GLY H 333 -29.21 -3.77 0.26
CA GLY H 333 -30.48 -3.96 -0.41
C GLY H 333 -31.45 -4.74 0.45
N PRO H 334 -32.52 -5.36 -0.12
CA PRO H 334 -33.46 -6.10 0.76
C PRO H 334 -32.84 -7.23 1.55
N MET H 335 -33.16 -7.31 2.85
CA MET H 335 -32.63 -8.33 3.76
C MET H 335 -32.90 -9.78 3.30
N GLY H 336 -33.97 -9.99 2.54
CA GLY H 336 -34.37 -11.30 2.03
C GLY H 336 -33.27 -12.06 1.32
N ASN H 337 -32.46 -11.36 0.50
CA ASN H 337 -31.34 -11.91 -0.29
C ASN H 337 -30.22 -12.47 0.59
N ILE H 338 -29.84 -11.71 1.63
CA ILE H 338 -28.82 -12.08 2.62
C ILE H 338 -29.27 -13.37 3.34
N VAL H 339 -30.53 -13.36 3.80
CA VAL H 339 -31.16 -14.45 4.52
C VAL H 339 -31.17 -15.73 3.68
N HIS H 340 -31.57 -15.63 2.39
N HIS H 340 -31.57 -15.62 2.38
CA HIS H 340 -31.62 -16.77 1.48
CA HIS H 340 -31.62 -16.74 1.44
C HIS H 340 -30.22 -17.35 1.18
C HIS H 340 -30.23 -17.34 1.20
N GLN H 341 -29.22 -16.48 0.97
CA GLN H 341 -27.81 -16.88 0.77
C GLN H 341 -27.28 -17.63 2.01
N MET H 342 -27.58 -17.12 3.21
CA MET H 342 -27.14 -17.71 4.48
C MET H 342 -27.76 -19.09 4.74
N MET H 343 -29.08 -19.19 4.54
CA MET H 343 -29.79 -20.43 4.74
C MET H 343 -29.35 -21.46 3.68
N GLY H 344 -29.07 -20.96 2.47
CA GLY H 344 -28.58 -21.76 1.37
C GLY H 344 -27.24 -22.39 1.67
N GLY H 345 -26.38 -21.66 2.36
CA GLY H 345 -25.08 -22.16 2.78
C GLY H 345 -25.22 -23.22 3.84
N LEU H 346 -26.15 -23.02 4.81
CA LEU H 346 -26.42 -23.97 5.88
C LEU H 346 -27.03 -25.30 5.37
N ARG H 347 -27.94 -25.23 4.37
CA ARG H 347 -28.53 -26.40 3.72
C ARG H 347 -27.42 -27.25 3.10
N SER H 348 -26.46 -26.60 2.37
CA SER H 348 -25.28 -27.24 1.78
C SER H 348 -24.47 -27.98 2.84
N SER H 349 -24.21 -27.35 4.01
N SER H 349 -24.21 -27.36 4.01
CA SER H 349 -23.48 -27.95 5.12
CA SER H 349 -23.49 -27.96 5.14
C SER H 349 -24.21 -29.19 5.67
C SER H 349 -24.22 -29.19 5.67
N MET H 350 -25.55 -29.09 5.80
CA MET H 350 -26.41 -30.17 6.29
C MET H 350 -26.44 -31.33 5.31
N GLY H 351 -26.40 -31.01 4.02
CA GLY H 351 -26.24 -31.99 2.95
C GLY H 351 -24.91 -32.71 3.11
N TYR H 352 -23.78 -31.97 3.28
CA TYR H 352 -22.43 -32.54 3.49
C TYR H 352 -22.30 -33.41 4.74
N THR H 353 -22.93 -32.98 5.84
CA THR H 353 -22.88 -33.67 7.14
C THR H 353 -23.92 -34.79 7.27
N GLY H 354 -24.85 -34.88 6.30
CA GLY H 354 -25.95 -35.84 6.31
C GLY H 354 -26.92 -35.54 7.44
N SER H 355 -27.18 -34.24 7.67
CA SER H 355 -28.08 -33.75 8.71
C SER H 355 -29.42 -33.35 8.05
N ALA H 356 -30.47 -34.18 8.22
CA ALA H 356 -31.78 -33.93 7.60
C ALA H 356 -32.57 -32.82 8.30
N VAL H 357 -32.29 -32.67 9.60
CA VAL H 357 -32.90 -31.67 10.49
C VAL H 357 -31.83 -30.97 11.32
N ILE H 358 -32.11 -29.76 11.84
CA ILE H 358 -31.17 -28.97 12.68
C ILE H 358 -30.59 -29.82 13.82
N GLU H 359 -31.43 -30.60 14.49
CA GLU H 359 -31.06 -31.46 15.61
C GLU H 359 -30.02 -32.53 15.25
N ASP H 360 -29.98 -33.00 14.00
CA ASP H 360 -28.96 -33.96 13.57
C ASP H 360 -27.58 -33.29 13.55
N LEU H 361 -27.52 -32.01 13.09
CA LEU H 361 -26.28 -31.24 13.01
C LEU H 361 -25.78 -30.98 14.41
N ARG H 362 -26.68 -30.57 15.33
CA ARG H 362 -26.39 -30.27 16.74
C ARG H 362 -25.80 -31.46 17.51
N GLN H 363 -26.30 -32.65 17.24
CA GLN H 363 -25.93 -33.89 17.92
C GLN H 363 -24.82 -34.72 17.25
N ASN H 364 -24.78 -34.76 15.92
CA ASN H 364 -23.84 -35.62 15.19
C ASN H 364 -22.67 -34.92 14.52
N ALA H 365 -22.51 -33.59 14.66
CA ALA H 365 -21.40 -32.88 14.02
C ALA H 365 -20.05 -33.30 14.59
N LYS H 366 -19.08 -33.53 13.70
CA LYS H 366 -17.69 -33.88 14.01
C LYS H 366 -16.84 -32.79 13.38
N PHE H 367 -15.87 -32.30 14.15
CA PHE H 367 -14.97 -31.21 13.73
C PHE H 367 -13.53 -31.65 13.70
N VAL H 368 -12.71 -30.84 13.02
CA VAL H 368 -11.26 -30.95 13.04
C VAL H 368 -10.75 -29.59 13.45
N LYS H 369 -9.67 -29.54 14.24
CA LYS H 369 -9.04 -28.28 14.59
C LYS H 369 -8.02 -28.03 13.48
N ILE H 370 -7.97 -26.80 12.98
CA ILE H 370 -7.04 -26.43 11.91
C ILE H 370 -6.03 -25.44 12.47
N THR H 371 -4.87 -25.27 11.78
CA THR H 371 -3.82 -24.35 12.25
C THR H 371 -3.96 -22.99 11.52
N SER H 372 -3.04 -22.06 11.82
CA SER H 372 -2.92 -20.74 11.20
C SER H 372 -2.76 -20.87 9.66
N ALA H 373 -2.05 -21.94 9.19
CA ALA H 373 -1.85 -22.26 7.77
C ALA H 373 -3.16 -22.62 7.08
N GLY H 374 -4.08 -23.28 7.81
CA GLY H 374 -5.39 -23.66 7.30
C GLY H 374 -6.36 -22.51 7.42
#